data_7ELB
#
_entry.id   7ELB
#
_cell.length_a   1.00
_cell.length_b   1.00
_cell.length_c   1.00
_cell.angle_alpha   90.00
_cell.angle_beta   90.00
_cell.angle_gamma   90.00
#
_symmetry.space_group_name_H-M   'P 1'
#
loop_
_entity.id
_entity.type
_entity.pdbx_description
1 polymer 'RNA-directed RNA polymerase L'
2 polymer 'RING finger protein Z'
3 non-polymer 'MANGANESE (II) ION'
4 non-polymer 'ZINC ION'
#
loop_
_entity_poly.entity_id
_entity_poly.type
_entity_poly.pdbx_seq_one_letter_code
_entity_poly.pdbx_strand_id
1 'polypeptide(L)'
;MDEYVQELKGLIRKHIPERCEFGHQKVTFLSQVHPSPLLTEGFKLLSSLVELESCEAHACQANTDQRFVDVILSDNGILC
PTLPKVIPDGFKLTGKTLILLETFVRVNPDEFEKKWKADMSKLLNLKHDLQKSGVTLVPIVDGRSNYNNRFVADWVIERI
RWLLIEILKASKSMLEIDIEDQEYQRLIHSLSNVKNQSLGLENLEHLKRNSLDYDERLNESLFIGLKGDIRESTVREELI
KLKLWFKDEVFSKGLGKFKLTDRRELLESLSSLGAHLDSDVSSCPFCNNKLMEIVYNVTFSCVERTDGVATVDQQFSTTH
SNIEKHYLSVLSLCNKIKGLKVFNTRRNTLLFLDLIMVNLMVDISDSCQDAIESLRKSGLIVGQMVMLVNDRVLDILEAV
KLIRKKIGTNPNWVKNCSKILERSHPEIWHHLSTLIKQPDFNSLISIAQHLVSDRPIMRYSVERGSDKICRHKLFQEMSS
FEQMRLFKTLSSISLSLINSMKTSFSSRLLVNEREFSKYFGNVRLRECYAQRFYLAESLVGFLFYQKTGERSRCYSVYLS
DNGVMSEQGSFYCDPKRFFLPVFSDEVLAGMCEEMTSWLDFDTGLMNDTGPILRLLVLAILCSPSKRNQTFLQGLRYFLM
AFANQIHHIDLTSKLVVECKSSSEVVVQRLAVGLFIRLLSGESDASLFFSRRFKYLLNVSYLCHLITKETPDRLTDQIKC
FEKFIEPKVKFGCAVVNPSLNGKLTVDQEDIMINGLKKFFSKSLRDTEDVQTPGVCKELLNYCVSLFNRGKLKVSGELKN
NPFRPNITSTALDLSSNKSVVIPKLDELGNILSTYDKEKLVSACVSSMAERFKTKGRYNLDPDSTDYLILKNLTGLVSAG
PKAKSTQEELSLMYEALTEEQVESFNEIKHDVQVALAKMADNSVNTRTKNLGRADNSVKNGNNPLDNLWSPFGVMKEIRA
EVSLHEVKDFDPDVLPPEVYKELCDAVYKSSEKCNFFLEGVLDVCPLGLLLKNLTTSSYVDEEYFMCFKYLLIQGHFDQK
LGSYEHKSRSRLGFTDETLRLKDEVRLSIRESNSEAIADKLDKSYFTNAALRNLCFYSEDSPTEFTSISSNSGNLKFGLS
YKEQVGSNRELYVGDLNTKLMTRLVEDFSEAVGNSMKYTCLNSEKEFERAICDMKMAVNNGDLSCSYDHSKWGPTMSPAL
FLALLQMLELRTPVDRSKIDLDSVKSILKWHLHKVVEVPINVAEAYCIGKLKRSLGLMGCGSTSLSEEFFHQTMQLNGQI
PSHIMSVLDMGQGILHNTSDLYGLITEQFLCYALDLLYDVIPVSYTSSDDQITLIKTPSLDIEGGSDAAEWLEMICFHEF
LSSKLNKFVSPKSVIGTFVAEFKSRFFVMGEETPLLTKFVAAALHNVKCKTPTQLSETIDTICDQCIANGVSTKIVTRIS
KRVNQLIRYSGYGETPFGAIEDQDVKDWVDGSRGYRLQRKIEAIFHDDKETSFIRNCARKVFNDIKRGRIFEENLINLIG
RGGDEALTGFLQYAGCSEQEVNRVLNYRWVNLSSFGDLRLVLRTKLMTSRRVLEREEVPTLIKTLQSKLSRNFTKGVKKI
LAESINKSAFQSSVASGFIGFCKSMGSKCVRDGKGGFLYIKEVYSGVSACTCEICALKPKIIYCNNSLNKVSQFSKPILW
DYFSLVLTNACELGEWVFSTVKEPQKPLVLNNQNFFWAVKPKVVRQIEDQLGMNHVLQSIRRNYPVLFDEHLTPFMNDLQ
VSRTMDSGRLKFLDVCIALDMMNENLGIISHLLKTRDNSVYIVKQSDCALAHIRQSSYTDWELGLSPQQICTNFKTQLVL
SSMVNPLVLSTSCLKSFFWFNEVLELEDDSQIELAELTDFALMVKNQNVSRAMFVEDIAMGYVVSNFEGVRISLSNVMVD
GVQLPPQEKAPDIGELFGLKAENVIVGLVVQIDHVRMSTKFKLKRKMVYSFSLECIMDVGEIQNKEVILKVVAVDQSVSG
SGGNHMLLDGVSVVASLPLFTGQASFDLAAMLIESNLAGSNDNFLMRNVTLDLGGFSPELSDKYSYRLSGPENQEDPLVL
KDGAFYVGGERLSTYKVEFTGDLVVKALGALEDDESVVSMLHQLWPYLKATSQVILFQQEDFTIVHDLYKKQLTKSIESF
GEWIEFTNFKVAYSKSLKELVISDTQGSFRLKGVMCRPLASTPQVEDIE
;
A,C
2 'polypeptide(L)'
;MGNCNKPPKRPPNTQTSSNQPSAEFRRTAPPSLYGRYNCKCCWFADTNLITCNDHYLCLRCHQTMLRNSELCHICWKPLP
TSITVPVEPSAPPP
;
B,D
#
loop_
_chem_comp.id
_chem_comp.type
_chem_comp.name
_chem_comp.formula
MN non-polymer 'MANGANESE (II) ION' 'Mn 2'
ZN non-polymer 'ZINC ION' 'Zn 2'
#
# COMPACT_ATOMS: atom_id res chain seq x y z
N ASP A 2 -26.70 -21.28 38.94
CA ASP A 2 -26.02 -21.94 37.84
C ASP A 2 -26.08 -21.11 36.55
N GLU A 3 -25.15 -20.17 36.41
CA GLU A 3 -25.06 -19.39 35.18
C GLU A 3 -24.42 -20.19 34.05
N TYR A 4 -23.16 -20.57 34.23
CA TYR A 4 -22.40 -21.22 33.16
C TYR A 4 -22.53 -22.73 33.18
N VAL A 5 -22.99 -23.30 34.31
CA VAL A 5 -23.24 -24.74 34.37
C VAL A 5 -24.40 -25.11 33.44
N GLN A 6 -25.48 -24.33 33.48
CA GLN A 6 -26.63 -24.61 32.62
C GLN A 6 -26.39 -24.19 31.18
N GLU A 7 -25.62 -23.11 30.96
CA GLU A 7 -25.34 -22.67 29.61
C GLU A 7 -24.39 -23.62 28.89
N LEU A 8 -23.55 -24.33 29.65
CA LEU A 8 -22.63 -25.28 29.03
C LEU A 8 -23.38 -26.44 28.39
N LYS A 9 -24.46 -26.89 29.04
CA LYS A 9 -25.25 -27.99 28.48
C LYS A 9 -25.87 -27.61 27.13
N GLY A 10 -26.25 -26.34 26.96
CA GLY A 10 -26.84 -25.91 25.71
C GLY A 10 -25.82 -25.52 24.66
N LEU A 11 -24.66 -25.03 25.09
CA LEU A 11 -23.63 -24.61 24.13
C LEU A 11 -22.94 -25.79 23.47
N ILE A 12 -22.78 -26.91 24.19
CA ILE A 12 -22.14 -28.09 23.62
C ILE A 12 -23.07 -28.90 22.74
N ARG A 13 -24.33 -28.47 22.58
CA ARG A 13 -25.27 -29.22 21.76
C ARG A 13 -24.92 -29.16 20.27
N LYS A 14 -24.04 -28.25 19.87
CA LYS A 14 -23.61 -28.16 18.47
C LYS A 14 -22.47 -29.13 18.18
N HIS A 15 -22.69 -30.40 18.52
CA HIS A 15 -21.73 -31.46 18.31
C HIS A 15 -22.35 -32.56 17.46
N ILE A 16 -21.54 -33.16 16.61
CA ILE A 16 -21.99 -34.21 15.70
C ILE A 16 -21.66 -35.57 16.31
N PRO A 17 -22.65 -36.40 16.63
CA PRO A 17 -22.37 -37.78 17.09
C PRO A 17 -22.04 -38.70 15.92
N GLU A 18 -20.82 -38.55 15.39
CA GLU A 18 -20.41 -39.31 14.22
C GLU A 18 -20.29 -40.79 14.55
N ARG A 19 -19.69 -41.12 15.69
CA ARG A 19 -19.54 -42.50 16.12
C ARG A 19 -20.53 -42.81 17.24
N CYS A 20 -20.60 -44.10 17.59
CA CYS A 20 -21.50 -44.53 18.66
C CYS A 20 -21.00 -44.05 20.02
N GLU A 21 -19.67 -43.97 20.19
CA GLU A 21 -19.11 -43.54 21.46
C GLU A 21 -19.49 -42.11 21.79
N PHE A 22 -19.54 -41.23 20.77
CA PHE A 22 -19.93 -39.85 20.99
C PHE A 22 -21.31 -39.76 21.62
N GLY A 23 -22.28 -40.43 21.02
CA GLY A 23 -23.63 -40.42 21.58
C GLY A 23 -23.70 -41.09 22.93
N HIS A 24 -22.94 -42.18 23.10
CA HIS A 24 -22.98 -42.92 24.37
C HIS A 24 -22.41 -42.09 25.52
N GLN A 25 -21.46 -41.20 25.23
CA GLN A 25 -20.95 -40.33 26.28
C GLN A 25 -21.79 -39.06 26.43
N LYS A 26 -22.41 -38.60 25.34
CA LYS A 26 -23.23 -37.40 25.41
C LYS A 26 -24.51 -37.65 26.20
N VAL A 27 -25.10 -38.83 26.03
CA VAL A 27 -26.32 -39.15 26.79
C VAL A 27 -26.03 -39.21 28.28
N THR A 28 -24.80 -39.59 28.66
CA THR A 28 -24.44 -39.66 30.07
C THR A 28 -24.03 -38.30 30.62
N PHE A 29 -23.36 -37.48 29.81
CA PHE A 29 -22.95 -36.16 30.29
C PHE A 29 -24.15 -35.23 30.43
N LEU A 30 -25.06 -35.23 29.44
CA LEU A 30 -26.20 -34.32 29.49
C LEU A 30 -27.17 -34.71 30.59
N SER A 31 -27.24 -35.99 30.95
CA SER A 31 -28.15 -36.47 31.99
C SER A 31 -27.48 -36.59 33.36
N GLN A 32 -26.46 -35.79 33.61
CA GLN A 32 -25.76 -35.82 34.90
C GLN A 32 -25.32 -34.40 35.23
N VAL A 33 -25.97 -33.78 36.21
CA VAL A 33 -25.64 -32.43 36.66
C VAL A 33 -25.14 -32.54 38.08
N HIS A 34 -23.82 -32.69 38.25
CA HIS A 34 -23.18 -32.79 39.55
C HIS A 34 -21.79 -32.18 39.39
N PRO A 35 -21.35 -31.34 40.31
CA PRO A 35 -20.07 -30.64 40.10
C PRO A 35 -18.85 -31.53 40.19
N SER A 36 -18.89 -32.60 40.99
CA SER A 36 -17.71 -33.42 41.19
C SER A 36 -17.34 -34.26 39.97
N PRO A 37 -18.29 -34.84 39.23
CA PRO A 37 -17.92 -35.54 37.98
C PRO A 37 -18.01 -34.69 36.72
N LEU A 38 -18.45 -33.44 36.81
CA LEU A 38 -18.69 -32.64 35.61
C LEU A 38 -17.38 -32.29 34.91
N LEU A 39 -16.40 -31.79 35.66
CA LEU A 39 -15.11 -31.46 35.07
C LEU A 39 -14.45 -32.69 34.46
N THR A 40 -14.50 -33.83 35.17
CA THR A 40 -13.89 -35.05 34.66
C THR A 40 -14.56 -35.51 33.38
N GLU A 41 -15.89 -35.51 33.35
CA GLU A 41 -16.61 -35.95 32.16
C GLU A 41 -16.34 -35.03 30.98
N GLY A 42 -16.33 -33.71 31.22
CA GLY A 42 -16.06 -32.78 30.14
C GLY A 42 -14.66 -32.93 29.58
N PHE A 43 -13.67 -33.02 30.46
CA PHE A 43 -12.30 -33.18 30.01
C PHE A 43 -12.11 -34.48 29.26
N LYS A 44 -12.72 -35.57 29.75
CA LYS A 44 -12.54 -36.85 29.08
C LYS A 44 -13.29 -36.89 27.74
N LEU A 45 -14.43 -36.21 27.62
CA LEU A 45 -15.11 -36.19 26.33
C LEU A 45 -14.33 -35.35 25.32
N LEU A 46 -13.75 -34.24 25.77
CA LEU A 46 -12.90 -33.45 24.88
C LEU A 46 -11.67 -34.25 24.44
N SER A 47 -11.06 -34.98 25.37
CA SER A 47 -9.89 -35.78 25.03
C SER A 47 -10.27 -36.93 24.09
N SER A 48 -11.48 -37.49 24.26
CA SER A 48 -11.91 -38.54 23.35
C SER A 48 -12.14 -37.98 21.94
N LEU A 49 -12.74 -36.79 21.86
CA LEU A 49 -12.82 -36.08 20.59
C LEU A 49 -11.46 -35.97 19.94
N VAL A 50 -10.49 -35.44 20.68
CA VAL A 50 -9.15 -35.18 20.14
C VAL A 50 -8.53 -36.49 19.64
N GLU A 51 -8.52 -37.52 20.50
CA GLU A 51 -7.84 -38.76 20.16
C GLU A 51 -8.54 -39.49 19.01
N LEU A 52 -9.88 -39.48 18.98
CA LEU A 52 -10.61 -40.18 17.93
C LEU A 52 -10.36 -39.50 16.58
N GLU A 53 -10.49 -38.18 16.53
CA GLU A 53 -10.19 -37.48 15.27
C GLU A 53 -8.75 -37.71 14.85
N SER A 54 -7.81 -37.56 15.79
CA SER A 54 -6.39 -37.65 15.45
C SER A 54 -6.03 -39.02 14.91
N CYS A 55 -6.53 -40.09 15.51
CA CYS A 55 -6.11 -41.38 14.99
C CYS A 55 -6.94 -41.80 13.78
N GLU A 56 -8.25 -41.54 13.79
CA GLU A 56 -9.09 -41.82 12.62
C GLU A 56 -8.59 -41.13 11.38
N ALA A 57 -7.85 -40.02 11.52
CA ALA A 57 -7.14 -39.47 10.38
C ALA A 57 -6.07 -40.42 9.83
N HIS A 58 -5.80 -41.54 10.51
CA HIS A 58 -4.75 -42.48 10.11
C HIS A 58 -5.28 -43.90 9.98
N ALA A 59 -6.56 -44.06 9.60
CA ALA A 59 -7.19 -45.37 9.45
C ALA A 59 -7.12 -46.15 10.78
N CYS A 60 -7.96 -45.71 11.71
CA CYS A 60 -7.88 -46.09 13.12
C CYS A 60 -8.93 -47.13 13.48
N GLN A 61 -8.76 -47.67 14.69
CA GLN A 61 -9.80 -48.37 15.43
C GLN A 61 -9.67 -47.90 16.87
N ALA A 62 -10.61 -47.06 17.31
CA ALA A 62 -10.49 -46.43 18.63
C ALA A 62 -10.55 -47.48 19.73
N ASN A 63 -9.64 -47.36 20.70
CA ASN A 63 -9.59 -48.27 21.83
C ASN A 63 -10.70 -47.90 22.79
N THR A 64 -11.80 -48.66 22.77
CA THR A 64 -12.95 -48.40 23.62
C THR A 64 -12.93 -49.18 24.92
N ASP A 65 -12.12 -50.23 25.03
CA ASP A 65 -11.98 -50.99 26.26
C ASP A 65 -10.83 -50.51 27.11
N GLN A 66 -9.88 -49.78 26.51
CA GLN A 66 -8.65 -49.36 27.19
C GLN A 66 -7.91 -50.57 27.76
N ARG A 67 -7.81 -51.61 26.95
CA ARG A 67 -7.16 -52.85 27.33
C ARG A 67 -5.70 -52.86 26.89
N PHE A 68 -4.94 -53.78 27.46
CA PHE A 68 -3.51 -53.82 27.23
C PHE A 68 -3.17 -54.48 25.89
N VAL A 69 -1.88 -54.47 25.57
CA VAL A 69 -1.39 -55.06 24.33
C VAL A 69 -1.50 -56.59 24.36
N ASP A 70 -1.32 -57.20 25.53
CA ASP A 70 -1.34 -58.65 25.62
C ASP A 70 -2.68 -59.22 25.19
N VAL A 71 -3.77 -58.60 25.63
CA VAL A 71 -5.09 -59.15 25.33
C VAL A 71 -5.48 -58.89 23.88
N ILE A 72 -5.09 -57.74 23.32
CA ILE A 72 -5.40 -57.50 21.91
C ILE A 72 -4.54 -58.38 21.00
N LEU A 73 -3.39 -58.84 21.48
CA LEU A 73 -2.66 -59.85 20.72
C LEU A 73 -3.23 -61.25 20.95
N SER A 74 -3.83 -61.49 22.11
CA SER A 74 -4.43 -62.79 22.40
C SER A 74 -5.79 -62.99 21.75
N ASP A 75 -6.43 -61.92 21.29
CA ASP A 75 -7.71 -62.05 20.59
C ASP A 75 -7.61 -63.06 19.45
N ASN A 76 -6.68 -62.84 18.52
CA ASN A 76 -6.41 -63.82 17.48
C ASN A 76 -5.38 -64.83 18.02
N GLY A 77 -4.85 -65.68 17.15
CA GLY A 77 -3.90 -66.67 17.61
C GLY A 77 -2.48 -66.16 17.60
N ILE A 78 -2.03 -65.63 18.73
CA ILE A 78 -0.66 -65.13 18.91
C ILE A 78 -0.26 -65.39 20.35
N LEU A 79 0.92 -65.95 20.55
CA LEU A 79 1.38 -66.31 21.88
C LEU A 79 1.84 -65.08 22.66
N CYS A 80 1.78 -65.18 23.98
CA CYS A 80 2.13 -64.08 24.86
C CYS A 80 3.58 -64.19 25.28
N PRO A 81 4.45 -63.25 24.89
CA PRO A 81 5.86 -63.32 25.32
C PRO A 81 6.10 -62.64 26.65
N THR A 82 5.03 -62.45 27.43
CA THR A 82 5.06 -61.70 28.69
C THR A 82 5.57 -60.27 28.45
N LEU A 83 4.81 -59.54 27.65
CA LEU A 83 5.12 -58.17 27.26
C LEU A 83 4.86 -57.21 28.42
N PRO A 84 5.61 -56.12 28.52
CA PRO A 84 5.31 -55.10 29.53
C PRO A 84 3.95 -54.46 29.28
N LYS A 85 3.29 -54.09 30.37
CA LYS A 85 1.95 -53.54 30.27
C LYS A 85 1.99 -52.12 29.72
N VAL A 86 1.20 -51.88 28.68
CA VAL A 86 1.06 -50.55 28.09
C VAL A 86 -0.34 -50.43 27.51
N ILE A 87 -0.97 -49.27 27.72
CA ILE A 87 -2.33 -49.01 27.26
C ILE A 87 -2.24 -48.23 25.96
N PRO A 88 -2.65 -48.80 24.83
CA PRO A 88 -2.58 -48.08 23.55
C PRO A 88 -3.80 -47.21 23.31
N ASP A 89 -3.56 -46.11 22.58
CA ASP A 89 -4.65 -45.21 22.19
C ASP A 89 -5.33 -45.69 20.91
N GLY A 90 -4.54 -46.09 19.91
CA GLY A 90 -5.10 -46.63 18.69
C GLY A 90 -4.29 -47.79 18.15
N PHE A 91 -4.95 -48.89 17.78
CA PHE A 91 -4.26 -50.08 17.30
C PHE A 91 -4.85 -50.50 15.96
N LYS A 92 -4.00 -51.09 15.12
CA LYS A 92 -4.44 -51.62 13.83
C LYS A 92 -3.59 -52.84 13.52
N LEU A 93 -4.22 -54.02 13.51
CA LEU A 93 -3.53 -55.27 13.27
C LEU A 93 -3.90 -55.78 11.88
N THR A 94 -2.89 -56.20 11.11
CA THR A 94 -3.11 -56.73 9.78
C THR A 94 -2.08 -57.83 9.51
N GLY A 95 -2.56 -59.05 9.25
CA GLY A 95 -1.68 -60.18 9.06
C GLY A 95 -0.87 -60.49 10.31
N LYS A 96 0.43 -60.24 10.26
CA LYS A 96 1.30 -60.30 11.43
C LYS A 96 2.03 -58.97 11.60
N THR A 97 1.31 -57.87 11.43
CA THR A 97 1.85 -56.53 11.60
C THR A 97 0.90 -55.72 12.46
N LEU A 98 1.47 -54.78 13.23
CA LEU A 98 0.70 -53.97 14.15
C LEU A 98 1.12 -52.52 14.02
N ILE A 99 0.14 -51.62 14.05
CA ILE A 99 0.38 -50.18 14.03
C ILE A 99 -0.22 -49.61 15.31
N LEU A 100 0.62 -48.97 16.11
CA LEU A 100 0.20 -48.37 17.38
C LEU A 100 0.38 -46.85 17.30
N LEU A 101 -0.69 -46.13 17.58
CA LEU A 101 -0.69 -44.67 17.54
C LEU A 101 -1.09 -44.13 18.90
N GLU A 102 -0.23 -43.30 19.48
CA GLU A 102 -0.47 -42.65 20.76
C GLU A 102 -0.50 -41.15 20.54
N THR A 103 -1.66 -40.53 20.77
CA THR A 103 -1.85 -39.12 20.50
C THR A 103 -2.03 -38.34 21.80
N PHE A 104 -1.74 -37.04 21.72
CA PHE A 104 -1.86 -36.15 22.86
C PHE A 104 -1.96 -34.72 22.33
N VAL A 105 -2.02 -33.76 23.25
CA VAL A 105 -2.07 -32.35 22.89
C VAL A 105 -1.32 -31.53 23.93
N ARG A 106 -0.36 -30.73 23.46
CA ARG A 106 0.43 -29.87 24.31
C ARG A 106 0.60 -28.53 23.61
N VAL A 107 0.15 -27.45 24.26
CA VAL A 107 0.16 -26.14 23.61
C VAL A 107 1.53 -25.50 23.63
N ASN A 108 2.44 -25.92 24.53
CA ASN A 108 3.75 -25.30 24.54
C ASN A 108 4.80 -26.25 23.99
N PRO A 109 5.84 -25.71 23.32
CA PRO A 109 6.86 -26.60 22.73
C PRO A 109 7.63 -27.42 23.76
N ASP A 110 7.82 -26.88 24.97
CA ASP A 110 8.61 -27.59 25.97
C ASP A 110 7.95 -28.90 26.37
N GLU A 111 6.72 -28.82 26.90
CA GLU A 111 6.03 -30.04 27.31
C GLU A 111 5.70 -30.93 26.12
N PHE A 112 5.53 -30.34 24.93
CA PHE A 112 5.30 -31.14 23.73
C PHE A 112 6.53 -32.01 23.43
N GLU A 113 7.72 -31.41 23.42
CA GLU A 113 8.94 -32.16 23.19
C GLU A 113 9.15 -33.20 24.29
N LYS A 114 8.86 -32.83 25.54
CA LYS A 114 9.02 -33.77 26.64
C LYS A 114 8.11 -34.98 26.46
N LYS A 115 6.84 -34.75 26.13
CA LYS A 115 5.91 -35.85 25.95
C LYS A 115 6.29 -36.70 24.74
N TRP A 116 6.76 -36.07 23.67
CA TRP A 116 7.16 -36.85 22.50
C TRP A 116 8.37 -37.73 22.82
N LYS A 117 9.38 -37.18 23.50
CA LYS A 117 10.57 -37.96 23.82
C LYS A 117 10.30 -39.00 24.90
N ALA A 118 9.27 -38.82 25.72
CA ALA A 118 8.90 -39.83 26.70
C ALA A 118 7.97 -40.89 26.13
N ASP A 119 7.22 -40.58 25.08
CA ASP A 119 6.34 -41.55 24.44
C ASP A 119 7.07 -42.40 23.42
N MET A 120 8.01 -41.81 22.68
CA MET A 120 8.76 -42.57 21.69
C MET A 120 9.56 -43.68 22.34
N SER A 121 10.13 -43.40 23.52
CA SER A 121 10.93 -44.42 24.20
C SER A 121 10.07 -45.56 24.72
N LYS A 122 8.90 -45.24 25.30
CA LYS A 122 8.03 -46.29 25.81
C LYS A 122 7.36 -47.07 24.67
N LEU A 123 7.30 -46.50 23.47
CA LEU A 123 6.83 -47.28 22.33
C LEU A 123 7.95 -48.09 21.69
N LEU A 124 9.20 -47.64 21.81
CA LEU A 124 10.31 -48.38 21.20
C LEU A 124 10.80 -49.51 22.08
N ASN A 125 10.74 -49.38 23.40
CA ASN A 125 11.22 -50.46 24.25
C ASN A 125 10.32 -51.70 24.21
N LEU A 126 9.26 -51.68 23.41
CA LEU A 126 8.36 -52.82 23.28
C LEU A 126 8.75 -53.71 22.10
N LYS A 127 9.35 -53.14 21.06
CA LYS A 127 9.73 -53.92 19.88
C LYS A 127 10.76 -54.98 20.21
N HIS A 128 11.67 -54.71 21.15
CA HIS A 128 12.71 -55.67 21.48
C HIS A 128 12.13 -56.94 22.07
N ASP A 129 10.95 -56.85 22.70
CA ASP A 129 10.31 -58.01 23.28
C ASP A 129 9.24 -58.61 22.36
N LEU A 130 8.58 -57.78 21.55
CA LEU A 130 7.58 -58.30 20.63
C LEU A 130 8.18 -58.92 19.37
N GLN A 131 9.44 -58.60 19.05
CA GLN A 131 10.07 -59.16 17.86
C GLN A 131 10.75 -60.49 18.13
N LYS A 132 11.18 -60.74 19.37
CA LYS A 132 11.94 -61.95 19.66
C LYS A 132 11.10 -63.21 19.47
N SER A 133 9.85 -63.19 19.94
CA SER A 133 8.97 -64.35 19.83
C SER A 133 7.57 -63.91 19.44
N GLY A 134 7.46 -63.00 18.49
CA GLY A 134 6.17 -62.50 18.07
C GLY A 134 6.17 -61.83 16.71
N VAL A 135 5.46 -60.71 16.59
CA VAL A 135 5.31 -60.02 15.32
C VAL A 135 6.00 -58.66 15.41
N THR A 136 6.01 -57.94 14.30
CA THR A 136 6.62 -56.62 14.25
C THR A 136 5.60 -55.54 14.59
N LEU A 137 6.08 -54.30 14.63
CA LEU A 137 5.21 -53.16 14.86
C LEU A 137 5.86 -51.92 14.26
N VAL A 138 5.05 -50.87 14.09
CA VAL A 138 5.52 -49.57 13.64
C VAL A 138 4.91 -48.51 14.54
N PRO A 139 5.71 -47.79 15.34
CA PRO A 139 5.13 -46.81 16.27
C PRO A 139 4.92 -45.45 15.63
N ILE A 140 3.73 -44.88 15.83
CA ILE A 140 3.39 -43.56 15.34
C ILE A 140 2.97 -42.70 16.52
N VAL A 141 3.42 -41.44 16.53
CA VAL A 141 3.09 -40.50 17.58
C VAL A 141 2.45 -39.28 16.92
N ASP A 142 1.20 -38.98 17.29
CA ASP A 142 0.46 -37.84 16.76
C ASP A 142 0.45 -36.74 17.82
N GLY A 143 1.27 -35.71 17.60
CA GLY A 143 1.35 -34.58 18.50
C GLY A 143 0.71 -33.35 17.88
N ARG A 144 -0.18 -32.73 18.64
CA ARG A 144 -0.91 -31.54 18.19
C ARG A 144 -0.65 -30.40 19.16
N SER A 145 -0.23 -29.26 18.62
CA SER A 145 0.05 -28.08 19.43
C SER A 145 -1.19 -27.22 19.67
N ASN A 146 -2.34 -27.61 19.13
CA ASN A 146 -3.57 -26.86 19.32
C ASN A 146 -4.74 -27.83 19.44
N TYR A 147 -5.83 -27.35 20.01
CA TYR A 147 -7.04 -28.14 20.21
C TYR A 147 -7.92 -28.21 18.95
N ASN A 148 -7.40 -27.78 17.80
CA ASN A 148 -8.19 -27.81 16.58
C ASN A 148 -8.41 -29.24 16.10
N ASN A 149 -9.44 -29.41 15.28
CA ASN A 149 -9.80 -30.72 14.74
C ASN A 149 -10.54 -30.50 13.41
N ARG A 150 -11.16 -31.57 12.92
CA ARG A 150 -11.90 -31.52 11.65
C ARG A 150 -13.38 -31.82 11.84
N PHE A 151 -13.88 -31.72 13.07
CA PHE A 151 -15.29 -31.98 13.36
C PHE A 151 -16.08 -30.73 13.74
N VAL A 152 -15.42 -29.72 14.30
CA VAL A 152 -16.09 -28.49 14.70
C VAL A 152 -15.57 -27.37 13.80
N ALA A 153 -16.25 -26.21 13.86
CA ALA A 153 -15.92 -25.07 13.03
C ALA A 153 -14.73 -24.27 13.55
N ASP A 154 -13.95 -24.84 14.48
CA ASP A 154 -12.73 -24.22 15.00
C ASP A 154 -13.03 -22.91 15.73
N TRP A 155 -14.24 -22.79 16.28
CA TRP A 155 -14.60 -21.62 17.09
C TRP A 155 -15.32 -21.96 18.38
N VAL A 156 -15.75 -23.20 18.58
CA VAL A 156 -16.43 -23.58 19.82
C VAL A 156 -15.48 -24.17 20.85
N ILE A 157 -14.34 -24.71 20.42
CA ILE A 157 -13.42 -25.37 21.35
C ILE A 157 -12.88 -24.37 22.37
N GLU A 158 -12.48 -23.18 21.91
CA GLU A 158 -11.99 -22.18 22.86
C GLU A 158 -13.09 -21.67 23.78
N ARG A 159 -14.33 -21.61 23.29
CA ARG A 159 -15.45 -21.21 24.14
C ARG A 159 -15.69 -22.24 25.23
N ILE A 160 -15.68 -23.53 24.86
CA ILE A 160 -15.85 -24.59 25.85
C ILE A 160 -14.71 -24.55 26.86
N ARG A 161 -13.49 -24.29 26.38
CA ARG A 161 -12.34 -24.22 27.28
C ARG A 161 -12.48 -23.06 28.27
N TRP A 162 -12.91 -21.89 27.78
CA TRP A 162 -13.10 -20.76 28.67
C TRP A 162 -14.19 -21.02 29.70
N LEU A 163 -15.31 -21.61 29.25
CA LEU A 163 -16.38 -21.95 30.18
C LEU A 163 -15.90 -22.94 31.23
N LEU A 164 -15.10 -23.93 30.81
CA LEU A 164 -14.61 -24.93 31.76
C LEU A 164 -13.65 -24.33 32.78
N ILE A 165 -12.73 -23.47 32.33
CA ILE A 165 -11.81 -22.88 33.31
C ILE A 165 -12.53 -21.92 34.22
N GLU A 166 -13.57 -21.23 33.74
CA GLU A 166 -14.36 -20.37 34.61
C GLU A 166 -15.11 -21.19 35.65
N ILE A 167 -15.69 -22.32 35.24
CA ILE A 167 -16.39 -23.18 36.20
C ILE A 167 -15.40 -23.74 37.23
N LEU A 168 -14.19 -24.10 36.79
CA LEU A 168 -13.20 -24.63 37.71
C LEU A 168 -12.75 -23.58 38.71
N LYS A 169 -12.44 -22.37 38.24
CA LYS A 169 -12.00 -21.32 39.14
C LYS A 169 -13.14 -20.81 40.01
N ALA A 170 -14.39 -21.06 39.62
CA ALA A 170 -15.52 -20.67 40.47
C ALA A 170 -15.59 -21.53 41.72
N SER A 171 -15.67 -22.85 41.54
CA SER A 171 -15.75 -23.77 42.67
C SER A 171 -14.89 -25.00 42.36
N LYS A 172 -14.29 -25.55 43.41
CA LYS A 172 -13.43 -26.71 43.30
C LYS A 172 -13.89 -27.78 44.28
N SER A 173 -13.88 -29.03 43.82
CA SER A 173 -14.27 -30.18 44.63
C SER A 173 -15.68 -30.02 45.21
N GLU A 180 -5.46 -31.07 44.22
CA GLU A 180 -5.29 -30.37 45.48
C GLU A 180 -4.72 -28.97 45.26
N ASP A 181 -3.50 -28.74 45.74
CA ASP A 181 -2.89 -27.42 45.60
C ASP A 181 -2.21 -27.26 44.24
N GLN A 182 -1.47 -28.28 43.79
CA GLN A 182 -0.78 -28.20 42.52
C GLN A 182 -1.58 -28.82 41.37
N GLU A 183 -2.53 -29.71 41.66
CA GLU A 183 -3.37 -30.26 40.60
C GLU A 183 -4.31 -29.23 40.01
N TYR A 184 -4.57 -28.13 40.73
CA TYR A 184 -5.39 -27.05 40.21
C TYR A 184 -4.58 -26.04 39.42
N GLN A 185 -3.31 -25.85 39.75
CA GLN A 185 -2.47 -24.90 39.03
C GLN A 185 -2.05 -25.41 37.66
N ARG A 186 -2.04 -26.74 37.47
CA ARG A 186 -1.69 -27.31 36.16
C ARG A 186 -2.89 -27.39 35.23
N LEU A 187 -4.09 -27.56 35.79
CA LEU A 187 -5.29 -27.65 34.95
C LEU A 187 -5.58 -26.33 34.25
N ILE A 188 -5.42 -25.22 34.96
CA ILE A 188 -5.60 -23.91 34.35
C ILE A 188 -4.45 -23.60 33.40
N HIS A 189 -3.25 -24.07 33.72
CA HIS A 189 -2.09 -23.80 32.87
C HIS A 189 -2.12 -24.63 31.59
N SER A 190 -2.76 -25.79 31.62
CA SER A 190 -2.79 -26.68 30.47
C SER A 190 -3.97 -26.42 29.54
N LEU A 191 -4.66 -25.29 29.70
CA LEU A 191 -5.78 -24.96 28.85
C LEU A 191 -5.73 -23.53 28.33
N SER A 192 -4.71 -22.76 28.70
CA SER A 192 -4.52 -21.41 28.17
C SER A 192 -3.96 -21.52 26.75
N ASN A 193 -3.62 -20.39 26.15
CA ASN A 193 -3.09 -20.37 24.79
C ASN A 193 -1.59 -20.13 24.75
N VAL A 194 -1.12 -19.00 25.29
CA VAL A 194 0.29 -18.65 25.29
C VAL A 194 0.60 -17.91 26.59
N LYS A 195 1.77 -18.17 27.14
CA LYS A 195 2.25 -17.47 28.32
C LYS A 195 3.75 -17.72 28.54
N LEU A 201 10.04 -16.82 31.41
CA LEU A 201 10.76 -15.68 31.97
C LEU A 201 11.13 -15.93 33.43
N GLU A 202 11.74 -14.93 34.05
CA GLU A 202 12.15 -15.03 35.45
C GLU A 202 10.95 -14.77 36.36
N ASN A 203 11.23 -14.57 37.65
CA ASN A 203 10.20 -14.32 38.66
C ASN A 203 9.21 -15.49 38.73
N LEU A 204 9.75 -16.66 39.02
CA LEU A 204 8.97 -17.90 39.13
C LEU A 204 8.41 -18.10 40.54
N GLU A 205 7.75 -17.06 41.06
CA GLU A 205 7.20 -17.10 42.40
C GLU A 205 6.01 -18.04 42.53
N HIS A 206 5.48 -18.55 41.42
CA HIS A 206 4.42 -19.54 41.47
C HIS A 206 4.91 -20.89 42.01
N LEU A 207 6.23 -21.08 42.06
CA LEU A 207 6.79 -22.33 42.54
C LEU A 207 6.64 -22.44 44.06
N LYS A 208 7.01 -23.60 44.59
CA LYS A 208 6.86 -23.89 46.02
C LYS A 208 8.17 -23.92 46.77
N ARG A 209 9.22 -24.54 46.21
CA ARG A 209 10.54 -24.63 46.83
C ARG A 209 10.45 -25.33 48.20
N ASN A 210 10.07 -26.60 48.14
CA ASN A 210 10.01 -27.45 49.34
C ASN A 210 11.36 -28.09 49.61
N SER A 211 11.72 -28.17 50.88
CA SER A 211 12.99 -28.77 51.27
C SER A 211 12.88 -30.29 51.31
N LEU A 212 14.02 -30.95 51.07
CA LEU A 212 14.08 -32.41 51.01
C LEU A 212 15.15 -32.98 51.92
N ASP A 213 15.50 -32.28 53.00
CA ASP A 213 16.47 -32.73 53.99
C ASP A 213 17.85 -32.97 53.38
N TYR A 214 18.13 -32.35 52.23
CA TYR A 214 19.42 -32.53 51.58
C TYR A 214 20.08 -31.18 51.34
N ASP A 215 19.28 -30.15 51.04
CA ASP A 215 19.81 -28.81 50.87
C ASP A 215 20.41 -28.26 52.16
N GLU A 216 20.06 -28.84 53.30
CA GLU A 216 20.66 -28.42 54.57
C GLU A 216 22.18 -28.60 54.54
N ARG A 217 22.64 -29.80 54.19
CA ARG A 217 24.07 -30.05 54.12
C ARG A 217 24.72 -29.27 52.98
N LEU A 218 23.98 -28.99 51.91
CA LEU A 218 24.50 -28.15 50.84
C LEU A 218 24.82 -26.75 51.36
N ASN A 219 23.86 -26.12 52.05
CA ASN A 219 24.10 -24.80 52.62
C ASN A 219 25.14 -24.84 53.72
N GLU A 220 25.25 -25.96 54.43
CA GLU A 220 26.26 -26.11 55.47
C GLU A 220 27.66 -26.30 54.92
N SER A 221 27.79 -26.83 53.70
CA SER A 221 29.08 -27.00 53.07
C SER A 221 29.40 -25.90 52.07
N LEU A 222 28.47 -24.97 51.83
CA LEU A 222 28.69 -23.93 50.85
C LEU A 222 28.78 -22.52 51.43
N PHE A 223 28.15 -22.25 52.56
CA PHE A 223 28.03 -20.87 53.05
C PHE A 223 28.35 -20.78 54.54
N ILE A 224 29.50 -21.32 54.94
CA ILE A 224 29.99 -21.16 56.30
C ILE A 224 31.10 -20.11 56.37
N GLY A 225 32.00 -20.07 55.40
CA GLY A 225 33.06 -19.10 55.38
C GLY A 225 32.75 -17.82 54.63
N LEU A 226 31.54 -17.69 54.09
CA LEU A 226 31.14 -16.53 53.31
C LEU A 226 30.56 -15.47 54.24
N LYS A 227 31.28 -14.35 54.41
CA LYS A 227 30.81 -13.25 55.22
C LYS A 227 30.66 -11.96 54.42
N GLY A 228 31.66 -11.58 53.64
CA GLY A 228 31.56 -10.43 52.77
C GLY A 228 31.43 -9.09 53.49
N ASP A 229 32.05 -8.96 54.66
CA ASP A 229 32.00 -7.69 55.38
C ASP A 229 33.35 -7.33 56.00
N ILE A 230 34.45 -7.85 55.47
CA ILE A 230 35.77 -7.62 56.04
C ILE A 230 36.19 -6.17 55.78
N ARG A 231 36.92 -5.58 56.74
CA ARG A 231 37.39 -4.22 56.61
C ARG A 231 38.45 -4.11 55.50
N GLU A 232 38.98 -2.91 55.32
CA GLU A 232 39.94 -2.66 54.25
C GLU A 232 41.39 -2.75 54.73
N SER A 233 41.68 -2.28 55.94
CA SER A 233 43.07 -2.24 56.40
C SER A 233 43.57 -3.62 56.78
N THR A 234 42.73 -4.44 57.42
CA THR A 234 43.15 -5.79 57.79
C THR A 234 43.52 -6.62 56.56
N VAL A 235 42.83 -6.42 55.43
CA VAL A 235 43.22 -7.10 54.21
C VAL A 235 44.60 -6.65 53.76
N ARG A 236 44.89 -5.35 53.91
CA ARG A 236 46.22 -4.85 53.58
C ARG A 236 47.27 -5.54 54.43
N GLU A 237 47.03 -5.65 55.73
CA GLU A 237 48.00 -6.31 56.62
C GLU A 237 48.16 -7.78 56.24
N GLU A 238 47.06 -8.45 55.91
CA GLU A 238 47.14 -9.87 55.57
C GLU A 238 47.91 -10.08 54.26
N LEU A 239 47.69 -9.22 53.26
CA LEU A 239 48.45 -9.32 52.03
C LEU A 239 49.93 -9.02 52.26
N ILE A 240 50.23 -8.06 53.13
CA ILE A 240 51.63 -7.76 53.45
C ILE A 240 52.30 -8.96 54.08
N LYS A 241 51.63 -9.59 55.06
CA LYS A 241 52.19 -10.76 55.71
C LYS A 241 52.34 -11.92 54.74
N LEU A 242 51.35 -12.12 53.85
CA LEU A 242 51.44 -13.20 52.87
C LEU A 242 52.60 -12.97 51.91
N LYS A 243 52.81 -11.73 51.48
CA LYS A 243 53.94 -11.45 50.59
C LYS A 243 55.27 -11.66 51.30
N LEU A 244 55.38 -11.20 52.55
CA LEU A 244 56.63 -11.40 53.30
C LEU A 244 56.90 -12.88 53.52
N TRP A 245 55.85 -13.68 53.71
CA TRP A 245 56.05 -15.12 53.84
C TRP A 245 56.43 -15.75 52.50
N PHE A 246 55.81 -15.29 51.41
CA PHE A 246 56.07 -15.86 50.09
C PHE A 246 57.50 -15.58 49.64
N LYS A 247 58.04 -14.42 50.02
CA LYS A 247 59.36 -14.04 49.51
C LYS A 247 60.47 -14.94 50.03
N ASP A 248 60.36 -15.43 51.26
CA ASP A 248 61.44 -16.15 51.90
C ASP A 248 61.08 -17.59 52.26
N GLU A 249 60.04 -18.16 51.63
CA GLU A 249 59.66 -19.52 51.94
C GLU A 249 59.56 -20.39 50.69
N VAL A 250 59.16 -19.79 49.56
CA VAL A 250 58.99 -20.54 48.32
C VAL A 250 59.71 -19.93 47.13
N PHE A 251 60.08 -18.66 47.16
CA PHE A 251 60.78 -18.03 46.05
C PHE A 251 62.30 -18.10 46.20
N SER A 252 62.80 -17.86 47.41
CA SER A 252 64.23 -18.00 47.67
C SER A 252 64.69 -19.44 47.70
N LYS A 253 63.75 -20.41 47.65
CA LYS A 253 64.10 -21.82 47.65
C LYS A 253 64.19 -22.42 46.26
N GLY A 254 63.62 -21.75 45.26
CA GLY A 254 63.67 -22.23 43.90
C GLY A 254 62.45 -22.99 43.43
N LEU A 255 61.26 -22.68 43.97
CA LEU A 255 60.02 -23.35 43.59
C LEU A 255 59.09 -22.42 42.81
N GLY A 256 59.67 -21.59 41.94
CA GLY A 256 58.90 -20.65 41.16
C GLY A 256 58.20 -21.32 39.99
N LYS A 257 57.72 -20.47 39.07
CA LYS A 257 57.02 -20.94 37.89
C LYS A 257 57.48 -20.26 36.60
N PHE A 258 58.37 -19.28 36.68
CA PHE A 258 58.85 -18.57 35.50
C PHE A 258 60.36 -18.38 35.60
N LYS A 259 60.98 -18.05 34.47
CA LYS A 259 62.43 -17.91 34.41
C LYS A 259 62.80 -17.07 33.20
N LEU A 260 64.05 -16.60 33.21
CA LEU A 260 64.58 -15.81 32.11
C LEU A 260 64.78 -16.70 30.89
N THR A 261 65.07 -16.06 29.76
CA THR A 261 65.18 -16.81 28.50
C THR A 261 66.49 -17.57 28.41
N ASP A 262 67.62 -16.86 28.37
CA ASP A 262 68.91 -17.45 28.04
C ASP A 262 68.85 -18.11 26.66
N ARG A 263 68.68 -17.25 25.65
CA ARG A 263 68.34 -17.68 24.30
C ARG A 263 69.19 -18.83 23.79
N ARG A 264 70.46 -18.90 24.21
CA ARG A 264 71.31 -20.02 23.80
C ARG A 264 70.76 -21.34 24.31
N GLU A 265 70.27 -21.36 25.55
CA GLU A 265 69.67 -22.58 26.10
C GLU A 265 68.40 -22.95 25.34
N LEU A 266 67.61 -21.97 24.92
CA LEU A 266 66.42 -22.26 24.14
C LEU A 266 66.78 -22.83 22.76
N LEU A 267 67.82 -22.29 22.14
CA LEU A 267 68.27 -22.83 20.86
C LEU A 267 68.74 -24.27 21.02
N GLU A 268 69.52 -24.55 22.07
CA GLU A 268 69.96 -25.90 22.33
C GLU A 268 68.78 -26.84 22.59
N SER A 269 67.78 -26.36 23.34
CA SER A 269 66.62 -27.18 23.63
C SER A 269 65.84 -27.50 22.37
N LEU A 270 65.67 -26.52 21.48
CA LEU A 270 64.94 -26.78 20.25
C LEU A 270 65.71 -27.73 19.35
N SER A 271 67.03 -27.58 19.28
CA SER A 271 67.83 -28.50 18.47
C SER A 271 67.80 -29.91 19.03
N SER A 272 67.66 -30.04 20.35
CA SER A 272 67.58 -31.37 20.94
C SER A 272 66.20 -32.00 20.74
N LEU A 273 65.13 -31.22 20.89
CA LEU A 273 63.79 -31.80 20.81
C LEU A 273 63.32 -31.94 19.37
N GLY A 274 63.66 -30.98 18.50
CA GLY A 274 63.18 -31.01 17.14
C GLY A 274 64.04 -31.83 16.20
N ALA A 275 65.32 -31.49 16.11
CA ALA A 275 66.25 -32.21 15.24
C ALA A 275 66.52 -33.58 15.83
N HIS A 276 65.95 -34.62 15.21
CA HIS A 276 66.17 -35.97 15.68
C HIS A 276 67.55 -36.46 15.32
N LEU A 277 68.25 -37.05 16.29
CA LEU A 277 69.58 -37.60 16.08
C LEU A 277 69.64 -39.11 16.24
N ASP A 278 68.77 -39.71 17.04
CA ASP A 278 68.75 -41.15 17.27
C ASP A 278 67.82 -41.88 16.31
N SER A 279 67.47 -41.25 15.19
CA SER A 279 66.58 -41.87 14.20
C SER A 279 67.39 -42.43 13.04
N ASP A 280 66.81 -43.44 12.39
CA ASP A 280 67.46 -44.13 11.28
C ASP A 280 67.07 -43.59 9.92
N VAL A 281 66.27 -42.52 9.86
CA VAL A 281 65.85 -41.96 8.59
C VAL A 281 66.98 -41.15 7.98
N SER A 282 66.98 -41.07 6.65
CA SER A 282 68.00 -40.33 5.92
C SER A 282 67.59 -38.89 5.73
N SER A 283 68.53 -38.08 5.24
CA SER A 283 68.30 -36.66 5.00
C SER A 283 67.83 -36.40 3.56
N CYS A 284 66.77 -37.10 3.15
CA CYS A 284 66.18 -36.88 1.83
C CYS A 284 64.68 -37.11 1.89
N PRO A 285 63.87 -36.10 1.61
CA PRO A 285 62.41 -36.27 1.78
C PRO A 285 61.77 -37.16 0.73
N PHE A 286 62.41 -37.33 -0.43
CA PHE A 286 61.76 -38.08 -1.51
C PHE A 286 61.70 -39.57 -1.21
N CYS A 287 62.79 -40.14 -0.70
CA CYS A 287 62.84 -41.56 -0.38
C CYS A 287 62.19 -41.90 0.97
N ASN A 288 61.76 -40.92 1.74
CA ASN A 288 61.00 -41.19 2.96
C ASN A 288 59.50 -41.26 2.69
N ASN A 289 58.97 -40.27 1.95
CA ASN A 289 57.54 -40.24 1.65
C ASN A 289 57.28 -40.88 0.29
N LYS A 290 56.21 -41.68 0.23
CA LYS A 290 55.88 -42.36 -1.02
C LYS A 290 55.31 -41.39 -2.06
N LEU A 291 54.47 -40.44 -1.62
CA LEU A 291 53.88 -39.50 -2.55
C LEU A 291 54.93 -38.56 -3.13
N MET A 292 55.91 -38.16 -2.32
CA MET A 292 56.99 -37.31 -2.83
C MET A 292 57.84 -38.06 -3.83
N GLU A 293 58.16 -39.33 -3.54
CA GLU A 293 58.88 -40.14 -4.52
C GLU A 293 58.08 -40.27 -5.82
N ILE A 294 56.77 -40.45 -5.71
CA ILE A 294 55.93 -40.61 -6.89
C ILE A 294 55.95 -39.33 -7.74
N VAL A 295 55.75 -38.18 -7.10
CA VAL A 295 55.70 -36.93 -7.86
C VAL A 295 57.07 -36.61 -8.45
N TYR A 296 58.15 -36.96 -7.72
CA TYR A 296 59.49 -36.77 -8.27
C TYR A 296 59.70 -37.64 -9.51
N ASN A 297 59.30 -38.91 -9.43
CA ASN A 297 59.43 -39.79 -10.58
C ASN A 297 58.65 -39.26 -11.78
N VAL A 298 57.41 -38.82 -11.56
CA VAL A 298 56.59 -38.35 -12.67
C VAL A 298 57.18 -37.09 -13.29
N THR A 299 57.61 -36.14 -12.44
CA THR A 299 58.12 -34.88 -12.97
C THR A 299 59.47 -35.06 -13.66
N PHE A 300 60.29 -36.00 -13.19
CA PHE A 300 61.57 -36.22 -13.85
C PHE A 300 61.47 -37.18 -15.03
N SER A 301 60.33 -37.85 -15.19
CA SER A 301 60.07 -38.58 -16.43
C SER A 301 59.34 -37.72 -17.45
N CYS A 302 58.72 -36.62 -17.02
CA CYS A 302 58.01 -35.74 -17.94
C CYS A 302 58.85 -34.55 -18.41
N VAL A 303 59.68 -33.98 -17.53
CA VAL A 303 60.45 -32.81 -17.89
C VAL A 303 61.59 -33.19 -18.83
N GLU A 304 62.38 -34.21 -18.45
CA GLU A 304 63.51 -34.64 -19.26
C GLU A 304 63.11 -35.58 -20.39
N ARG A 305 61.81 -35.87 -20.54
CA ARG A 305 61.31 -36.75 -21.60
C ARG A 305 61.99 -38.12 -21.56
N SER A 321 41.35 -36.45 -37.01
CA SER A 321 41.34 -37.00 -35.66
C SER A 321 39.94 -37.00 -35.07
N ASN A 322 38.99 -37.52 -35.83
CA ASN A 322 37.62 -37.68 -35.35
C ASN A 322 37.42 -38.91 -34.49
N ILE A 323 38.41 -39.81 -34.46
CA ILE A 323 38.24 -41.09 -33.78
C ILE A 323 38.10 -40.90 -32.28
N GLU A 324 39.00 -40.12 -31.68
CA GLU A 324 38.97 -39.97 -30.22
C GLU A 324 37.73 -39.19 -29.76
N LYS A 325 37.32 -38.19 -30.53
CA LYS A 325 36.13 -37.43 -30.13
C LYS A 325 34.87 -38.25 -30.31
N HIS A 326 34.80 -39.06 -31.37
CA HIS A 326 33.69 -39.99 -31.51
C HIS A 326 33.65 -40.97 -30.34
N TYR A 327 34.81 -41.46 -29.93
CA TYR A 327 34.88 -42.40 -28.81
C TYR A 327 34.43 -41.73 -27.51
N LEU A 328 34.85 -40.50 -27.27
CA LEU A 328 34.42 -39.80 -26.06
C LEU A 328 32.93 -39.51 -26.09
N SER A 329 32.39 -39.17 -27.26
CA SER A 329 30.96 -38.92 -27.35
C SER A 329 30.16 -40.17 -27.05
N VAL A 330 30.58 -41.32 -27.60
CA VAL A 330 29.84 -42.54 -27.32
C VAL A 330 30.05 -42.99 -25.88
N LEU A 331 31.22 -42.68 -25.31
CA LEU A 331 31.41 -42.92 -23.88
C LEU A 331 30.42 -42.12 -23.05
N SER A 332 30.23 -40.84 -23.41
CA SER A 332 29.26 -40.02 -22.69
C SER A 332 27.85 -40.56 -22.86
N LEU A 333 27.52 -41.03 -24.07
CA LEU A 333 26.17 -41.57 -24.30
C LEU A 333 25.91 -42.80 -23.46
N CYS A 334 26.87 -43.74 -23.42
CA CYS A 334 26.64 -44.95 -22.64
C CYS A 334 26.66 -44.67 -21.14
N ASN A 335 27.54 -43.76 -20.70
CA ASN A 335 27.54 -43.36 -19.29
C ASN A 335 26.22 -42.68 -18.91
N LYS A 336 25.61 -41.96 -19.84
CA LYS A 336 24.32 -41.34 -19.56
C LYS A 336 23.21 -42.38 -19.50
N ILE A 337 23.19 -43.31 -20.46
CA ILE A 337 22.13 -44.31 -20.48
C ILE A 337 22.27 -45.31 -19.34
N LYS A 338 23.48 -45.46 -18.77
CA LYS A 338 23.64 -46.35 -17.63
C LYS A 338 22.92 -45.81 -16.40
N GLY A 339 22.78 -44.48 -16.30
CA GLY A 339 22.17 -43.87 -15.12
C GLY A 339 20.66 -44.00 -15.06
N LEU A 340 20.02 -44.59 -16.07
CA LEU A 340 18.57 -44.73 -16.09
C LEU A 340 18.10 -46.02 -15.42
N LYS A 341 18.99 -46.98 -15.19
CA LYS A 341 18.70 -48.27 -14.58
C LYS A 341 17.35 -48.83 -15.05
N VAL A 342 17.24 -48.99 -16.37
CA VAL A 342 16.01 -49.45 -17.00
C VAL A 342 16.05 -50.97 -17.17
N PHE A 343 17.01 -51.62 -16.51
CA PHE A 343 17.15 -53.07 -16.59
C PHE A 343 16.98 -53.77 -15.25
N ASN A 344 16.78 -53.02 -14.16
CA ASN A 344 16.57 -53.55 -12.80
C ASN A 344 17.61 -54.61 -12.43
N THR A 345 18.78 -54.54 -13.05
CA THR A 345 19.86 -55.47 -12.78
C THR A 345 21.18 -54.81 -13.17
N ARG A 346 22.22 -55.08 -12.38
CA ARG A 346 23.52 -54.44 -12.59
C ARG A 346 24.46 -55.25 -13.47
N ARG A 347 24.37 -56.58 -13.42
CA ARG A 347 25.31 -57.42 -14.18
C ARG A 347 25.00 -57.35 -15.67
N ASN A 348 23.76 -57.68 -16.06
CA ASN A 348 23.40 -57.70 -17.47
C ASN A 348 23.50 -56.32 -18.10
N THR A 349 23.29 -55.26 -17.32
CA THR A 349 23.45 -53.92 -17.85
C THR A 349 24.90 -53.66 -18.27
N LEU A 350 25.85 -53.98 -17.38
CA LEU A 350 27.26 -53.82 -17.72
C LEU A 350 27.66 -54.73 -18.87
N LEU A 351 27.06 -55.92 -18.95
CA LEU A 351 27.36 -56.82 -20.06
C LEU A 351 26.86 -56.26 -21.38
N PHE A 352 25.65 -55.71 -21.39
CA PHE A 352 25.16 -55.04 -22.60
C PHE A 352 26.06 -53.86 -22.96
N LEU A 353 26.56 -53.14 -21.95
CA LEU A 353 27.39 -51.98 -22.22
C LEU A 353 28.73 -52.37 -22.82
N ASP A 354 29.42 -53.37 -22.27
CA ASP A 354 30.72 -53.71 -22.84
C ASP A 354 30.55 -54.42 -24.18
N LEU A 355 29.40 -55.10 -24.37
CA LEU A 355 29.08 -55.60 -25.71
C LEU A 355 29.00 -54.45 -26.71
N ILE A 356 28.26 -53.40 -26.37
CA ILE A 356 28.18 -52.23 -27.25
C ILE A 356 29.57 -51.65 -27.49
N MET A 357 30.37 -51.56 -26.43
CA MET A 357 31.69 -50.93 -26.54
C MET A 357 32.60 -51.71 -27.47
N VAL A 358 32.67 -53.04 -27.29
CA VAL A 358 33.52 -53.84 -28.16
C VAL A 358 32.98 -53.91 -29.58
N ASN A 359 31.66 -53.84 -29.77
CA ASN A 359 31.12 -53.78 -31.11
C ASN A 359 31.52 -52.50 -31.82
N LEU A 360 31.44 -51.36 -31.12
CA LEU A 360 31.89 -50.12 -31.73
C LEU A 360 33.40 -50.11 -31.94
N MET A 361 34.15 -50.74 -31.05
CA MET A 361 35.60 -50.80 -31.22
C MET A 361 35.98 -51.61 -32.46
N VAL A 362 35.32 -52.75 -32.67
CA VAL A 362 35.60 -53.55 -33.85
C VAL A 362 35.02 -52.91 -35.11
N ASP A 363 33.98 -52.07 -34.97
CA ASP A 363 33.47 -51.33 -36.11
C ASP A 363 34.38 -50.17 -36.48
N ILE A 364 35.17 -49.67 -35.53
CA ILE A 364 36.14 -48.63 -35.83
C ILE A 364 37.38 -49.24 -36.49
N SER A 365 37.83 -50.40 -36.01
CA SER A 365 39.04 -51.04 -36.51
C SER A 365 38.81 -51.79 -37.82
N ASP A 366 37.66 -51.61 -38.48
CA ASP A 366 37.44 -52.27 -39.76
C ASP A 366 38.29 -51.62 -40.86
N SER A 367 38.39 -50.29 -40.84
CA SER A 367 39.21 -49.54 -41.77
C SER A 367 40.04 -48.54 -40.97
N CYS A 368 40.83 -47.73 -41.69
CA CYS A 368 41.71 -46.74 -41.08
C CYS A 368 42.67 -47.40 -40.08
N GLN A 369 43.53 -48.25 -40.63
CA GLN A 369 44.45 -49.05 -39.83
C GLN A 369 45.29 -48.22 -38.86
N ASP A 370 45.48 -46.93 -39.14
CA ASP A 370 46.22 -46.05 -38.24
C ASP A 370 45.30 -45.41 -37.20
N ALA A 371 44.51 -46.24 -36.53
CA ALA A 371 43.63 -45.78 -35.46
C ALA A 371 43.78 -46.57 -34.18
N ILE A 372 44.01 -47.88 -34.27
CA ILE A 372 44.14 -48.69 -33.06
C ILE A 372 45.52 -48.54 -32.43
N GLU A 373 46.50 -48.00 -33.15
CA GLU A 373 47.85 -47.81 -32.63
C GLU A 373 48.23 -46.35 -32.46
N SER A 374 47.75 -45.46 -33.33
CA SER A 374 48.09 -44.06 -33.25
C SER A 374 47.15 -43.29 -32.33
N LEU A 375 45.84 -43.45 -32.53
CA LEU A 375 44.84 -42.69 -31.80
C LEU A 375 44.27 -43.44 -30.61
N ARG A 376 44.89 -44.56 -30.23
CA ARG A 376 44.54 -45.28 -29.01
C ARG A 376 45.67 -45.30 -28.00
N LYS A 377 46.87 -45.71 -28.43
CA LYS A 377 48.03 -45.69 -27.54
C LYS A 377 48.29 -44.28 -27.02
N SER A 378 48.22 -43.29 -27.90
CA SER A 378 48.30 -41.90 -27.49
C SER A 378 46.97 -41.36 -26.99
N GLY A 379 45.90 -42.14 -27.09
CA GLY A 379 44.59 -41.71 -26.62
C GLY A 379 44.25 -42.30 -25.26
N LEU A 380 43.29 -43.22 -25.23
CA LEU A 380 42.83 -43.85 -23.99
C LEU A 380 42.81 -45.37 -24.17
N ILE A 381 43.95 -46.01 -23.91
CA ILE A 381 44.04 -47.46 -23.86
C ILE A 381 45.35 -47.81 -23.17
N VAL A 382 45.36 -48.96 -22.51
CA VAL A 382 46.58 -49.49 -21.89
C VAL A 382 46.70 -50.96 -22.25
N GLY A 383 47.71 -51.64 -21.69
CA GLY A 383 47.99 -53.01 -22.07
C GLY A 383 46.84 -53.97 -21.87
N GLN A 384 46.24 -54.40 -22.97
CA GLN A 384 45.16 -55.40 -22.98
C GLN A 384 44.01 -54.96 -22.08
N MET A 385 43.70 -53.67 -22.09
CA MET A 385 42.62 -53.13 -21.26
C MET A 385 41.97 -51.97 -21.98
N VAL A 386 40.65 -51.86 -21.83
CA VAL A 386 39.88 -50.78 -22.45
C VAL A 386 39.05 -50.08 -21.39
N MET A 387 38.80 -48.79 -21.63
CA MET A 387 37.96 -47.99 -20.75
C MET A 387 36.49 -48.26 -21.02
N LEU A 388 35.69 -48.27 -19.97
CA LEU A 388 34.27 -48.60 -20.08
C LEU A 388 33.47 -47.59 -19.26
N VAL A 389 32.20 -47.92 -19.05
CA VAL A 389 31.30 -47.05 -18.27
C VAL A 389 31.77 -46.98 -16.82
N ASN A 390 31.36 -45.90 -16.15
CA ASN A 390 31.64 -45.69 -14.72
C ASN A 390 33.13 -45.61 -14.44
N ASP A 391 33.91 -45.08 -15.40
CA ASP A 391 35.35 -44.93 -15.28
C ASP A 391 36.02 -46.26 -14.96
N ARG A 392 35.50 -47.33 -15.53
CA ARG A 392 36.01 -48.68 -15.30
C ARG A 392 36.90 -49.12 -16.46
N VAL A 393 37.96 -49.84 -16.12
CA VAL A 393 38.91 -50.37 -17.10
C VAL A 393 38.87 -51.88 -17.00
N LEU A 394 38.60 -52.54 -18.13
CA LEU A 394 38.41 -53.99 -18.16
C LEU A 394 39.33 -54.60 -19.21
N ASP A 395 39.86 -55.78 -18.88
CA ASP A 395 40.67 -56.52 -19.83
C ASP A 395 39.80 -57.04 -20.97
N ILE A 396 40.35 -56.99 -22.19
CA ILE A 396 39.58 -57.40 -23.35
C ILE A 396 39.45 -58.92 -23.41
N LEU A 397 40.43 -59.64 -22.88
CA LEU A 397 40.31 -61.10 -22.81
C LEU A 397 39.16 -61.51 -21.91
N GLU A 398 39.11 -60.96 -20.70
CA GLU A 398 37.97 -61.22 -19.81
C GLU A 398 36.68 -60.71 -20.42
N ALA A 399 36.75 -59.60 -21.16
CA ALA A 399 35.55 -59.06 -21.81
C ALA A 399 34.97 -60.06 -22.80
N VAL A 400 35.79 -60.56 -23.73
CA VAL A 400 35.29 -61.51 -24.71
C VAL A 400 34.92 -62.83 -24.04
N LYS A 401 35.59 -63.20 -22.95
CA LYS A 401 35.24 -64.43 -22.25
C LYS A 401 33.86 -64.32 -21.62
N LEU A 402 33.56 -63.19 -20.98
CA LEU A 402 32.23 -63.00 -20.42
C LEU A 402 31.18 -62.83 -21.50
N ILE A 403 31.57 -62.31 -22.66
CA ILE A 403 30.63 -62.24 -23.79
C ILE A 403 30.33 -63.64 -24.32
N ARG A 404 31.30 -64.56 -24.21
CA ARG A 404 31.04 -65.95 -24.57
C ARG A 404 29.91 -66.55 -23.74
N LYS A 405 29.74 -66.07 -22.51
CA LYS A 405 28.62 -66.50 -21.67
C LYS A 405 27.32 -65.91 -22.18
N LYS A 406 26.21 -66.30 -21.54
CA LYS A 406 24.86 -65.92 -21.93
C LYS A 406 24.49 -66.37 -23.35
N ILE A 407 25.34 -67.17 -23.98
CA ILE A 407 25.10 -67.69 -25.32
C ILE A 407 25.07 -69.21 -25.24
N GLY A 408 24.11 -69.81 -25.94
CA GLY A 408 23.89 -71.24 -25.84
C GLY A 408 22.86 -71.60 -24.78
N THR A 409 22.96 -70.97 -23.62
CA THR A 409 21.97 -71.13 -22.57
C THR A 409 20.83 -70.13 -22.67
N ASN A 410 21.08 -68.96 -23.26
CA ASN A 410 20.05 -67.93 -23.46
C ASN A 410 20.32 -67.23 -24.78
N PRO A 411 20.02 -67.88 -25.92
CA PRO A 411 20.32 -67.27 -27.22
C PRO A 411 19.47 -66.05 -27.54
N ASN A 412 18.41 -65.80 -26.78
CA ASN A 412 17.50 -64.69 -27.06
C ASN A 412 17.87 -63.42 -26.30
N TRP A 413 19.09 -63.35 -25.75
CA TRP A 413 19.47 -62.21 -24.93
C TRP A 413 19.64 -60.95 -25.78
N VAL A 414 20.46 -61.04 -26.83
CA VAL A 414 20.74 -59.86 -27.66
C VAL A 414 19.47 -59.34 -28.29
N LYS A 415 18.57 -60.26 -28.69
CA LYS A 415 17.31 -59.84 -29.30
C LYS A 415 16.45 -59.05 -28.32
N ASN A 416 16.33 -59.54 -27.09
CA ASN A 416 15.54 -58.83 -26.08
C ASN A 416 16.16 -57.46 -25.78
N CYS A 417 17.48 -57.41 -25.58
CA CYS A 417 18.13 -56.14 -25.29
C CYS A 417 18.07 -55.17 -26.47
N SER A 418 17.93 -55.68 -27.69
CA SER A 418 17.81 -54.79 -28.84
C SER A 418 16.38 -54.28 -29.02
N LYS A 419 15.40 -55.13 -28.75
CA LYS A 419 14.00 -54.73 -28.89
C LYS A 419 13.45 -54.04 -27.64
N ILE A 420 14.23 -53.95 -26.57
CA ILE A 420 13.77 -53.26 -25.37
C ILE A 420 14.13 -51.78 -25.38
N LEU A 421 15.07 -51.36 -26.23
CA LEU A 421 15.48 -49.96 -26.31
C LEU A 421 14.62 -49.16 -27.28
N GLU A 422 13.60 -49.77 -27.87
CA GLU A 422 12.68 -49.07 -28.77
C GLU A 422 11.36 -48.75 -28.11
N ARG A 423 10.71 -49.75 -27.51
CA ARG A 423 9.46 -49.54 -26.79
C ARG A 423 9.75 -49.41 -25.29
N SER A 424 8.96 -48.57 -24.62
CA SER A 424 9.14 -48.27 -23.19
C SER A 424 10.57 -47.82 -22.91
N HIS A 425 11.11 -47.02 -23.82
CA HIS A 425 12.48 -46.52 -23.74
C HIS A 425 12.50 -45.09 -24.26
N PRO A 426 13.54 -44.32 -23.92
CA PRO A 426 13.64 -42.96 -24.47
C PRO A 426 13.68 -42.91 -25.97
N GLU A 427 14.15 -43.98 -26.62
CA GLU A 427 14.21 -44.10 -28.08
C GLU A 427 15.03 -42.99 -28.72
N ILE A 428 15.95 -42.38 -27.97
CA ILE A 428 16.86 -41.36 -28.49
C ILE A 428 18.26 -41.93 -28.35
N TRP A 429 18.79 -42.46 -29.45
CA TRP A 429 20.10 -43.10 -29.44
C TRP A 429 20.66 -43.12 -30.85
N HIS A 430 21.99 -43.05 -30.94
CA HIS A 430 22.71 -43.11 -32.20
C HIS A 430 23.24 -44.50 -32.49
N HIS A 431 22.77 -45.51 -31.76
CA HIS A 431 23.27 -46.88 -31.90
C HIS A 431 22.55 -47.54 -33.08
N LEU A 432 22.89 -47.10 -34.28
CA LEU A 432 22.23 -47.61 -35.47
C LEU A 432 22.71 -49.02 -35.82
N SER A 433 24.01 -49.28 -35.69
CA SER A 433 24.57 -50.58 -35.99
C SER A 433 25.48 -51.15 -34.91
N THR A 434 25.98 -50.33 -33.99
CA THR A 434 26.89 -50.80 -32.96
C THR A 434 26.19 -51.57 -31.84
N LEU A 435 24.86 -51.67 -31.89
CA LEU A 435 24.09 -52.34 -30.85
C LEU A 435 23.61 -53.72 -31.26
N ILE A 436 22.93 -53.83 -32.39
CA ILE A 436 22.35 -55.10 -32.82
C ILE A 436 23.35 -56.03 -33.46
N LYS A 437 24.62 -55.64 -33.56
CA LYS A 437 25.63 -56.48 -34.17
C LYS A 437 26.11 -57.55 -33.20
N GLN A 438 26.20 -58.79 -33.70
CA GLN A 438 26.74 -59.88 -32.90
C GLN A 438 28.26 -59.73 -32.80
N PRO A 439 28.83 -59.77 -31.60
CA PRO A 439 30.28 -59.61 -31.46
C PRO A 439 31.07 -60.73 -32.12
N ASP A 440 31.79 -60.41 -33.19
CA ASP A 440 32.66 -61.37 -33.83
C ASP A 440 33.92 -61.59 -32.98
N PHE A 441 34.08 -62.82 -32.46
CA PHE A 441 35.11 -63.10 -31.48
C PHE A 441 36.50 -63.23 -32.10
N ASN A 442 36.59 -63.58 -33.38
CA ASN A 442 37.90 -63.74 -34.02
C ASN A 442 38.66 -62.42 -34.07
N SER A 443 37.96 -61.32 -34.39
CA SER A 443 38.61 -60.01 -34.43
C SER A 443 39.05 -59.58 -33.03
N LEU A 444 38.23 -59.86 -32.02
CA LEU A 444 38.62 -59.53 -30.65
C LEU A 444 39.84 -60.33 -30.22
N ILE A 445 39.91 -61.61 -30.62
CA ILE A 445 41.08 -62.43 -30.30
C ILE A 445 42.30 -61.88 -31.01
N SER A 446 42.15 -61.43 -32.26
CA SER A 446 43.27 -60.84 -32.98
C SER A 446 43.76 -59.57 -32.30
N ILE A 447 42.83 -58.73 -31.85
CA ILE A 447 43.20 -57.52 -31.13
C ILE A 447 43.91 -57.86 -29.82
N ALA A 448 43.44 -58.92 -29.14
CA ALA A 448 44.06 -59.34 -27.90
C ALA A 448 45.48 -59.86 -28.13
N GLN A 449 45.70 -60.54 -29.26
CA GLN A 449 47.04 -61.00 -29.60
C GLN A 449 47.92 -59.90 -30.15
N HIS A 450 47.34 -58.77 -30.58
CA HIS A 450 48.14 -57.65 -31.05
C HIS A 450 48.98 -57.06 -29.93
N LEU A 451 48.34 -56.70 -28.82
CA LEU A 451 49.02 -56.14 -27.66
C LEU A 451 49.11 -57.19 -26.56
N VAL A 452 50.30 -57.38 -26.01
CA VAL A 452 50.55 -58.44 -25.04
C VAL A 452 50.20 -57.93 -23.65
N SER A 453 49.93 -58.86 -22.74
CA SER A 453 49.52 -58.52 -21.38
C SER A 453 50.66 -57.86 -20.61
N ASP A 454 50.40 -56.66 -20.08
CA ASP A 454 51.35 -55.93 -19.26
C ASP A 454 50.63 -55.33 -18.06
N ARG A 455 49.81 -56.13 -17.40
CA ARG A 455 48.91 -55.66 -16.37
C ARG A 455 49.69 -55.07 -15.18
N PRO A 456 49.07 -54.15 -14.43
CA PRO A 456 49.72 -53.60 -13.23
C PRO A 456 49.91 -54.68 -12.16
N ILE A 457 50.56 -54.26 -11.07
CA ILE A 457 50.96 -55.20 -10.03
C ILE A 457 50.32 -54.86 -8.69
N MET A 458 50.03 -53.57 -8.47
CA MET A 458 49.39 -53.09 -7.24
C MET A 458 50.24 -53.45 -6.00
N ARG A 459 51.41 -52.83 -5.94
CA ARG A 459 52.34 -53.08 -4.83
C ARG A 459 51.72 -52.67 -3.51
N TYR A 460 51.35 -53.65 -2.69
CA TYR A 460 50.76 -53.39 -1.38
C TYR A 460 51.85 -53.26 -0.33
N SER A 461 51.43 -53.02 0.91
CA SER A 461 52.34 -52.89 2.05
C SER A 461 53.40 -51.81 1.81
N LYS A 468 67.56 -49.20 -1.58
CA LYS A 468 68.11 -48.42 -0.49
C LYS A 468 69.01 -47.31 -1.01
N ILE A 469 69.43 -47.44 -2.28
CA ILE A 469 70.28 -46.42 -2.89
C ILE A 469 69.46 -45.16 -3.13
N CYS A 470 70.03 -44.00 -2.81
CA CYS A 470 69.34 -42.72 -2.88
C CYS A 470 69.93 -41.88 -4.00
N ARG A 471 69.12 -41.60 -5.02
CA ARG A 471 69.51 -40.71 -6.13
C ARG A 471 68.28 -39.83 -6.41
N HIS A 472 68.25 -38.66 -5.77
CA HIS A 472 67.09 -37.78 -5.86
C HIS A 472 67.48 -36.35 -6.25
N LYS A 473 68.54 -36.21 -7.05
CA LYS A 473 68.94 -34.99 -7.74
C LYS A 473 69.41 -33.88 -6.80
N LEU A 474 69.35 -34.07 -5.47
CA LEU A 474 69.78 -33.06 -4.50
C LEU A 474 69.01 -31.76 -4.71
N PHE A 475 67.71 -31.83 -4.40
CA PHE A 475 66.73 -30.78 -4.61
C PHE A 475 67.27 -29.38 -4.35
N GLN A 476 68.13 -29.23 -3.35
CA GLN A 476 68.68 -27.92 -2.99
C GLN A 476 69.43 -27.25 -4.14
N GLU A 477 69.90 -28.01 -5.13
CA GLU A 477 70.69 -27.46 -6.22
C GLU A 477 70.09 -27.79 -7.58
N MET A 478 68.77 -27.65 -7.69
CA MET A 478 68.09 -27.87 -8.97
C MET A 478 67.73 -26.52 -9.61
N SER A 479 67.33 -26.58 -10.87
CA SER A 479 66.95 -25.39 -11.59
C SER A 479 65.59 -24.87 -11.12
N SER A 480 65.24 -23.68 -11.58
CA SER A 480 64.00 -23.02 -11.20
C SER A 480 62.80 -23.47 -12.04
N PHE A 481 62.90 -24.61 -12.72
CA PHE A 481 61.83 -25.12 -13.56
C PHE A 481 61.26 -26.45 -13.08
N GLU A 482 62.06 -27.30 -12.44
CA GLU A 482 61.57 -28.60 -11.99
C GLU A 482 60.71 -28.50 -10.74
N GLN A 483 60.88 -27.46 -9.92
CA GLN A 483 60.05 -27.32 -8.74
C GLN A 483 58.63 -26.89 -9.09
N MET A 484 58.51 -25.94 -10.03
CA MET A 484 57.19 -25.57 -10.52
C MET A 484 56.51 -26.76 -11.18
N ARG A 485 57.28 -27.61 -11.86
CA ARG A 485 56.73 -28.82 -12.44
C ARG A 485 56.29 -29.80 -11.36
N LEU A 486 57.05 -29.87 -10.25
CA LEU A 486 56.64 -30.67 -9.11
C LEU A 486 55.29 -30.21 -8.58
N PHE A 487 55.13 -28.90 -8.41
CA PHE A 487 53.86 -28.37 -7.93
C PHE A 487 52.73 -28.65 -8.91
N LYS A 488 53.00 -28.50 -10.21
CA LYS A 488 51.99 -28.81 -11.22
C LYS A 488 51.58 -30.27 -11.16
N THR A 489 52.55 -31.19 -11.02
CA THR A 489 52.23 -32.59 -10.95
C THR A 489 51.43 -32.92 -9.68
N LEU A 490 51.78 -32.28 -8.57
CA LEU A 490 51.02 -32.48 -7.34
C LEU A 490 49.57 -32.00 -7.50
N SER A 491 49.39 -30.86 -8.17
CA SER A 491 48.03 -30.38 -8.44
C SER A 491 47.26 -31.36 -9.31
N SER A 492 47.90 -31.86 -10.38
CA SER A 492 47.24 -32.82 -11.24
C SER A 492 46.88 -34.10 -10.49
N ILE A 493 47.76 -34.54 -9.59
CA ILE A 493 47.50 -35.75 -8.82
C ILE A 493 46.34 -35.54 -7.85
N SER A 494 46.29 -34.36 -7.21
CA SER A 494 45.16 -34.06 -6.33
C SER A 494 43.85 -34.02 -7.09
N LEU A 495 43.88 -33.42 -8.29
CA LEU A 495 42.69 -33.40 -9.13
C LEU A 495 42.26 -34.82 -9.50
N SER A 496 43.21 -35.67 -9.85
CA SER A 496 42.89 -37.06 -10.15
C SER A 496 42.32 -37.77 -8.94
N LEU A 497 42.81 -37.46 -7.74
CA LEU A 497 42.31 -38.12 -6.54
C LEU A 497 40.87 -37.71 -6.25
N ILE A 498 40.58 -36.41 -6.30
CA ILE A 498 39.21 -35.99 -6.04
C ILE A 498 38.29 -36.42 -7.18
N ASN A 499 38.85 -36.66 -8.37
CA ASN A 499 38.04 -37.21 -9.45
C ASN A 499 37.72 -38.69 -9.23
N SER A 500 38.69 -39.45 -8.71
CA SER A 500 38.41 -40.80 -8.27
C SER A 500 37.38 -40.81 -7.16
N MET A 501 37.35 -39.75 -6.34
CA MET A 501 36.34 -39.62 -5.31
C MET A 501 34.92 -39.57 -5.87
N LYS A 502 34.75 -39.14 -7.12
CA LYS A 502 33.43 -38.96 -7.71
C LYS A 502 32.79 -40.27 -8.16
N THR A 503 33.50 -41.39 -8.06
CA THR A 503 32.95 -42.65 -8.55
C THR A 503 31.66 -43.00 -7.82
N SER A 504 30.71 -43.54 -8.57
CA SER A 504 29.40 -43.85 -8.01
C SER A 504 29.51 -44.91 -6.93
N PHE A 505 28.50 -44.95 -6.06
CA PHE A 505 28.52 -45.83 -4.89
C PHE A 505 27.81 -47.16 -5.20
N SER A 506 26.65 -47.11 -5.85
CA SER A 506 25.91 -48.32 -6.20
C SER A 506 26.51 -48.96 -7.47
N SER A 507 27.76 -49.38 -7.34
CA SER A 507 28.50 -49.99 -8.43
C SER A 507 29.21 -51.24 -7.93
N ARG A 508 29.04 -52.34 -8.64
CA ARG A 508 29.69 -53.60 -8.31
C ARG A 508 30.44 -54.13 -9.52
N LEU A 509 31.66 -54.58 -9.30
CA LEU A 509 32.49 -55.10 -10.38
C LEU A 509 31.93 -56.44 -10.87
N LEU A 510 32.43 -56.87 -12.03
CA LEU A 510 31.98 -58.13 -12.60
C LEU A 510 32.48 -59.33 -11.79
N VAL A 511 33.78 -59.36 -11.52
CA VAL A 511 34.41 -60.42 -10.74
C VAL A 511 35.11 -59.80 -9.55
N ASN A 512 35.02 -60.47 -8.40
CA ASN A 512 35.67 -59.98 -7.19
C ASN A 512 37.12 -60.44 -7.16
N GLU A 513 37.83 -60.05 -6.11
CA GLU A 513 39.24 -60.40 -5.96
C GLU A 513 39.42 -61.48 -4.89
N PHE A 520 46.65 -59.48 -0.82
CA PHE A 520 47.87 -59.79 -0.07
C PHE A 520 48.91 -58.68 -0.24
N GLY A 521 49.93 -58.95 -1.03
CA GLY A 521 50.98 -57.99 -1.29
C GLY A 521 51.05 -57.56 -2.73
N ASN A 522 50.63 -58.44 -3.64
CA ASN A 522 50.62 -58.15 -5.07
C ASN A 522 49.38 -58.78 -5.67
N VAL A 523 48.55 -57.97 -6.31
CA VAL A 523 47.30 -58.42 -6.92
C VAL A 523 47.35 -58.09 -8.40
N ARG A 524 47.12 -59.09 -9.25
CA ARG A 524 47.06 -58.88 -10.70
C ARG A 524 45.72 -58.25 -11.04
N LEU A 525 45.73 -56.94 -11.29
CA LEU A 525 44.51 -56.20 -11.58
C LEU A 525 44.00 -56.48 -12.99
N ARG A 526 42.68 -56.67 -13.09
CA ARG A 526 42.02 -56.84 -14.38
C ARG A 526 40.74 -56.04 -14.51
N GLU A 527 40.09 -55.67 -13.42
CA GLU A 527 38.80 -54.98 -13.45
C GLU A 527 38.78 -53.82 -12.45
N CYS A 528 39.87 -53.06 -12.40
CA CYS A 528 39.99 -51.98 -11.43
C CYS A 528 39.51 -50.65 -12.01
N TYR A 529 39.08 -49.77 -11.13
CA TYR A 529 38.71 -48.42 -11.55
C TYR A 529 39.96 -47.59 -11.82
N ALA A 530 39.86 -46.69 -12.80
CA ALA A 530 41.00 -45.91 -13.23
C ALA A 530 40.57 -44.51 -13.65
N GLN A 531 41.42 -43.55 -13.34
CA GLN A 531 41.27 -42.16 -13.76
C GLN A 531 42.48 -41.75 -14.59
N ARG A 532 42.29 -40.72 -15.42
CA ARG A 532 43.33 -40.27 -16.32
C ARG A 532 43.61 -38.79 -16.12
N PHE A 533 44.86 -38.40 -16.34
CA PHE A 533 45.23 -36.98 -16.31
C PHE A 533 46.29 -36.72 -17.37
N TYR A 534 46.13 -35.60 -18.09
CA TYR A 534 47.05 -35.24 -19.15
C TYR A 534 48.19 -34.39 -18.61
N LEU A 535 49.39 -34.64 -19.12
CA LEU A 535 50.57 -33.92 -18.66
C LEU A 535 51.33 -33.28 -19.81
N ALA A 536 51.29 -33.91 -20.98
CA ALA A 536 52.03 -33.41 -22.12
C ALA A 536 51.24 -33.73 -23.39
N GLU A 537 51.88 -33.64 -24.55
CA GLU A 537 51.20 -33.85 -25.82
C GLU A 537 50.92 -35.32 -26.09
N SER A 538 51.78 -36.22 -25.60
CA SER A 538 51.64 -37.64 -25.86
C SER A 538 51.46 -38.48 -24.61
N LEU A 539 52.21 -38.18 -23.55
CA LEU A 539 52.19 -38.99 -22.34
C LEU A 539 51.04 -38.55 -21.43
N VAL A 540 50.36 -39.54 -20.84
CA VAL A 540 49.30 -39.32 -19.88
C VAL A 540 49.61 -40.14 -18.63
N GLY A 541 48.86 -39.88 -17.57
CA GLY A 541 49.03 -40.57 -16.30
C GLY A 541 47.76 -41.26 -15.88
N PHE A 542 47.89 -42.50 -15.43
CA PHE A 542 46.77 -43.33 -15.03
C PHE A 542 46.81 -43.60 -13.53
N LEU A 543 45.64 -43.55 -12.91
CA LEU A 543 45.47 -43.74 -11.47
C LEU A 543 44.53 -44.91 -11.27
N PHE A 544 45.05 -46.02 -10.74
CA PHE A 544 44.30 -47.26 -10.57
C PHE A 544 43.97 -47.46 -9.10
N TYR A 545 42.73 -47.87 -8.84
CA TYR A 545 42.26 -48.18 -7.50
C TYR A 545 41.15 -49.22 -7.60
N GLN A 546 40.74 -49.73 -6.44
CA GLN A 546 39.78 -50.83 -6.40
C GLN A 546 38.53 -50.56 -5.57
N LYS A 547 38.52 -49.52 -4.74
CA LYS A 547 37.40 -49.26 -3.85
C LYS A 547 36.74 -47.93 -4.20
N THR A 548 35.50 -47.77 -3.71
CA THR A 548 34.72 -46.56 -3.93
C THR A 548 34.27 -46.01 -2.59
N GLY A 549 33.76 -44.78 -2.63
CA GLY A 549 33.30 -44.12 -1.43
C GLY A 549 34.17 -42.95 -1.03
N GLU A 550 34.17 -42.61 0.26
CA GLU A 550 34.98 -41.50 0.77
C GLU A 550 36.05 -41.97 1.75
N ARG A 551 36.22 -43.27 1.92
CA ARG A 551 37.23 -43.79 2.83
C ARG A 551 38.62 -43.62 2.24
N SER A 552 39.63 -43.89 3.07
CA SER A 552 41.01 -43.87 2.62
C SER A 552 41.30 -45.16 1.84
N ARG A 553 42.01 -45.01 0.72
CA ARG A 553 42.28 -46.13 -0.17
C ARG A 553 43.77 -46.22 -0.45
N CYS A 554 44.13 -47.23 -1.24
CA CYS A 554 45.48 -47.43 -1.74
C CYS A 554 45.44 -47.32 -3.26
N TYR A 555 46.26 -46.42 -3.80
CA TYR A 555 46.24 -46.10 -5.22
C TYR A 555 47.57 -46.48 -5.87
N SER A 556 47.53 -46.66 -7.19
CA SER A 556 48.73 -46.94 -7.97
C SER A 556 48.77 -46.01 -9.17
N VAL A 557 49.90 -45.34 -9.38
CA VAL A 557 50.07 -44.38 -10.46
C VAL A 557 51.01 -44.97 -11.49
N TYR A 558 50.58 -44.93 -12.75
CA TYR A 558 51.35 -45.36 -13.91
C TYR A 558 51.41 -44.23 -14.92
N LEU A 559 52.32 -44.35 -15.89
CA LEU A 559 52.44 -43.40 -16.98
C LEU A 559 52.24 -44.12 -18.31
N SER A 560 52.05 -43.34 -19.37
CA SER A 560 51.91 -43.87 -20.72
C SER A 560 52.43 -42.84 -21.69
N ASP A 561 53.62 -43.07 -22.25
CA ASP A 561 54.22 -42.10 -23.16
C ASP A 561 53.65 -42.21 -24.56
N ASN A 562 53.83 -43.36 -25.21
CA ASN A 562 53.32 -43.59 -26.55
C ASN A 562 52.68 -44.98 -26.65
N GLY A 563 52.03 -45.40 -25.56
CA GLY A 563 51.41 -46.71 -25.48
C GLY A 563 52.12 -47.67 -24.57
N VAL A 564 53.43 -47.49 -24.37
CA VAL A 564 54.19 -48.34 -23.44
C VAL A 564 53.84 -47.89 -22.02
N MET A 565 53.06 -48.70 -21.33
CA MET A 565 52.62 -48.37 -19.97
C MET A 565 53.74 -48.70 -18.99
N SER A 566 54.35 -47.66 -18.41
CA SER A 566 55.40 -47.82 -17.43
C SER A 566 54.81 -47.80 -16.02
N GLU A 567 55.67 -48.01 -15.03
CA GLU A 567 55.27 -48.02 -13.64
C GLU A 567 55.89 -46.82 -12.92
N GLN A 568 55.05 -46.04 -12.25
CA GLN A 568 55.51 -44.89 -11.48
C GLN A 568 55.51 -45.15 -9.97
N GLY A 569 54.50 -45.83 -9.45
CA GLY A 569 54.55 -46.23 -8.06
C GLY A 569 53.17 -46.48 -7.50
N SER A 570 53.11 -46.51 -6.17
CA SER A 570 51.87 -46.72 -5.44
C SER A 570 51.97 -46.03 -4.09
N PHE A 571 50.80 -45.74 -3.51
CA PHE A 571 50.73 -45.06 -2.23
C PHE A 571 49.39 -45.40 -1.57
N TYR A 572 49.18 -44.88 -0.37
CA TYR A 572 47.97 -45.11 0.40
C TYR A 572 47.58 -43.83 1.10
N CYS A 573 46.44 -43.24 0.71
CA CYS A 573 46.03 -41.96 1.27
C CYS A 573 44.52 -41.86 1.26
N ASP A 574 44.02 -40.75 1.84
CA ASP A 574 42.61 -40.39 1.89
C ASP A 574 42.33 -39.29 0.88
N PRO A 575 41.32 -39.45 0.02
CA PRO A 575 41.13 -38.47 -1.07
C PRO A 575 40.59 -37.12 -0.61
N LYS A 576 39.86 -37.06 0.52
CA LYS A 576 39.23 -35.82 0.95
C LYS A 576 40.16 -34.93 1.76
N ARG A 577 41.48 -35.12 1.64
CA ARG A 577 42.45 -34.29 2.35
C ARG A 577 43.44 -33.64 1.39
N PHE A 578 43.09 -33.55 0.10
CA PHE A 578 43.96 -32.93 -0.90
C PHE A 578 43.19 -31.93 -1.75
N PHE A 579 42.19 -31.27 -1.15
CA PHE A 579 41.37 -30.34 -1.91
C PHE A 579 42.07 -28.99 -2.13
N LEU A 580 43.00 -28.64 -1.25
CA LEU A 580 43.68 -27.34 -1.37
C LEU A 580 44.50 -27.21 -2.66
N PRO A 581 45.39 -28.16 -3.02
CA PRO A 581 46.27 -27.91 -4.17
C PRO A 581 45.66 -28.28 -5.51
N VAL A 582 44.33 -28.43 -5.57
CA VAL A 582 43.68 -28.87 -6.81
C VAL A 582 44.02 -27.94 -7.97
N PHE A 583 44.07 -26.64 -7.71
CA PHE A 583 44.45 -25.68 -8.74
C PHE A 583 45.38 -24.59 -8.22
N SER A 584 45.81 -24.67 -6.97
CA SER A 584 46.68 -23.64 -6.38
C SER A 584 48.13 -24.05 -6.62
N ASP A 585 48.56 -23.94 -7.88
CA ASP A 585 49.94 -24.18 -8.25
C ASP A 585 50.71 -22.90 -8.51
N GLU A 586 50.01 -21.77 -8.68
CA GLU A 586 50.63 -20.47 -8.86
C GLU A 586 50.51 -19.57 -7.64
N VAL A 587 49.48 -19.78 -6.81
CA VAL A 587 49.32 -18.98 -5.60
C VAL A 587 50.42 -19.30 -4.60
N LEU A 588 50.70 -20.59 -4.40
CA LEU A 588 51.75 -20.99 -3.46
C LEU A 588 53.11 -20.48 -3.93
N ALA A 589 53.39 -20.57 -5.22
CA ALA A 589 54.65 -20.08 -5.75
C ALA A 589 54.81 -18.58 -5.48
N GLY A 590 53.76 -17.80 -5.75
CA GLY A 590 53.84 -16.37 -5.51
C GLY A 590 54.01 -16.04 -4.03
N MET A 591 53.26 -16.73 -3.16
CA MET A 591 53.34 -16.41 -1.74
C MET A 591 54.71 -16.78 -1.17
N CYS A 592 55.29 -17.91 -1.59
CA CYS A 592 56.61 -18.25 -1.07
C CYS A 592 57.68 -17.34 -1.67
N GLU A 593 57.54 -16.95 -2.93
CA GLU A 593 58.48 -15.99 -3.51
C GLU A 593 58.46 -14.67 -2.75
N GLU A 594 57.27 -14.17 -2.41
CA GLU A 594 57.18 -12.93 -1.66
C GLU A 594 57.72 -13.09 -0.25
N MET A 595 57.41 -14.21 0.40
CA MET A 595 57.91 -14.44 1.76
C MET A 595 59.43 -14.52 1.77
N THR A 596 60.03 -15.08 0.71
CA THR A 596 61.49 -15.11 0.64
C THR A 596 62.07 -13.74 0.33
N SER A 597 61.43 -12.98 -0.56
CA SER A 597 61.92 -11.64 -0.87
C SER A 597 61.75 -10.68 0.30
N TRP A 598 60.92 -11.04 1.28
CA TRP A 598 60.86 -10.26 2.52
C TRP A 598 62.24 -10.09 3.15
N LEU A 599 63.14 -11.05 2.93
CA LEU A 599 64.47 -11.04 3.54
C LEU A 599 65.55 -10.57 2.58
N ASP A 600 65.23 -9.59 1.74
CA ASP A 600 66.18 -9.06 0.76
C ASP A 600 67.19 -8.09 1.38
N PHE A 601 67.22 -7.95 2.70
CA PHE A 601 68.15 -7.04 3.34
C PHE A 601 69.58 -7.57 3.35
N ASP A 602 69.77 -8.87 3.15
CA ASP A 602 71.10 -9.47 3.13
C ASP A 602 71.16 -10.42 1.95
N THR A 603 71.95 -10.07 0.93
CA THR A 603 72.11 -10.90 -0.26
C THR A 603 72.95 -12.12 0.10
N GLY A 604 72.28 -13.25 0.30
CA GLY A 604 72.95 -14.47 0.68
C GLY A 604 72.17 -15.27 1.70
N LEU A 605 71.25 -14.61 2.39
CA LEU A 605 70.41 -15.28 3.37
C LEU A 605 69.15 -15.87 2.75
N MET A 606 68.56 -15.18 1.78
CA MET A 606 67.36 -15.70 1.14
C MET A 606 67.67 -16.86 0.20
N ASN A 607 68.88 -16.88 -0.37
CA ASN A 607 69.26 -17.96 -1.26
C ASN A 607 69.30 -19.31 -0.56
N ASP A 608 69.53 -19.32 0.75
CA ASP A 608 69.55 -20.55 1.52
C ASP A 608 68.19 -20.92 2.08
N THR A 609 67.31 -19.93 2.28
CA THR A 609 66.00 -20.19 2.88
C THR A 609 64.92 -20.42 1.85
N GLY A 610 65.11 -19.99 0.61
CA GLY A 610 64.13 -20.16 -0.43
C GLY A 610 63.80 -21.60 -0.73
N PRO A 611 64.78 -22.36 -1.23
CA PRO A 611 64.54 -23.79 -1.50
C PRO A 611 64.14 -24.58 -0.27
N ILE A 612 64.69 -24.24 0.90
CA ILE A 612 64.29 -24.92 2.13
C ILE A 612 62.82 -24.66 2.41
N LEU A 613 62.38 -23.40 2.27
CA LEU A 613 60.98 -23.08 2.49
C LEU A 613 60.07 -23.80 1.50
N ARG A 614 60.47 -23.83 0.22
CA ARG A 614 59.64 -24.48 -0.79
C ARG A 614 59.55 -25.99 -0.54
N LEU A 615 60.67 -26.61 -0.17
CA LEU A 615 60.65 -28.05 0.14
C LEU A 615 59.81 -28.34 1.37
N LEU A 616 59.87 -27.46 2.37
CA LEU A 616 59.05 -27.63 3.56
C LEU A 616 57.56 -27.54 3.21
N VAL A 617 57.19 -26.54 2.40
CA VAL A 617 55.80 -26.41 1.99
C VAL A 617 55.36 -27.64 1.22
N LEU A 618 56.19 -28.11 0.29
CA LEU A 618 55.86 -29.30 -0.49
C LEU A 618 55.64 -30.51 0.41
N ALA A 619 56.57 -30.73 1.35
CA ALA A 619 56.42 -31.87 2.26
C ALA A 619 55.18 -31.72 3.13
N ILE A 620 54.78 -30.49 3.45
CA ILE A 620 53.56 -30.29 4.23
C ILE A 620 52.35 -30.67 3.41
N LEU A 621 52.31 -30.29 2.13
CA LEU A 621 51.15 -30.61 1.31
C LEU A 621 51.02 -32.11 1.07
N CYS A 622 52.13 -32.81 0.88
CA CYS A 622 52.09 -34.24 0.60
C CYS A 622 51.86 -35.08 1.85
N SER A 623 51.72 -34.47 3.02
CA SER A 623 51.52 -35.22 4.26
C SER A 623 50.61 -34.42 5.19
N PRO A 624 49.30 -34.58 5.04
CA PRO A 624 48.37 -33.90 5.95
C PRO A 624 48.18 -34.71 7.24
N SER A 625 48.39 -34.05 8.38
CA SER A 625 48.24 -34.70 9.67
C SER A 625 48.08 -33.64 10.75
N LYS A 626 47.46 -34.04 11.85
CA LYS A 626 47.26 -33.12 12.98
C LYS A 626 48.56 -32.88 13.72
N ARG A 627 49.46 -33.87 13.73
CA ARG A 627 50.73 -33.72 14.45
C ARG A 627 51.55 -32.58 13.88
N ASN A 628 51.53 -32.40 12.55
CA ASN A 628 52.24 -31.29 11.94
C ASN A 628 51.69 -29.95 12.39
N GLN A 629 50.36 -29.84 12.47
CA GLN A 629 49.74 -28.60 12.93
C GLN A 629 50.11 -28.32 14.38
N THR A 630 50.09 -29.35 15.23
CA THR A 630 50.50 -29.17 16.62
C THR A 630 51.96 -28.74 16.71
N PHE A 631 52.82 -29.31 15.86
CA PHE A 631 54.23 -28.95 15.89
C PHE A 631 54.44 -27.50 15.48
N LEU A 632 53.73 -27.05 14.45
CA LEU A 632 53.87 -25.66 14.03
C LEU A 632 53.28 -24.69 15.06
N GLN A 633 52.20 -25.08 15.73
CA GLN A 633 51.70 -24.24 16.82
C GLN A 633 52.70 -24.16 17.97
N GLY A 634 53.34 -25.28 18.30
CA GLY A 634 54.39 -25.25 19.29
C GLY A 634 55.55 -24.37 18.89
N LEU A 635 55.89 -24.38 17.59
CA LEU A 635 56.94 -23.49 17.11
C LEU A 635 56.54 -22.03 17.23
N ARG A 636 55.26 -21.72 16.96
CA ARG A 636 54.76 -20.36 17.15
C ARG A 636 54.90 -19.93 18.60
N TYR A 637 54.49 -20.79 19.53
CA TYR A 637 54.62 -20.45 20.95
C TYR A 637 56.08 -20.31 21.34
N PHE A 638 56.96 -21.13 20.76
CA PHE A 638 58.38 -21.02 21.02
C PHE A 638 58.91 -19.67 20.58
N LEU A 639 58.53 -19.23 19.38
CA LEU A 639 58.97 -17.92 18.90
C LEU A 639 58.43 -16.80 19.79
N MET A 640 57.18 -16.93 20.22
CA MET A 640 56.59 -15.92 21.10
C MET A 640 57.35 -15.83 22.42
N ALA A 641 57.74 -16.98 22.98
CA ALA A 641 58.52 -16.96 24.22
C ALA A 641 59.95 -16.50 23.98
N PHE A 642 60.47 -16.71 22.77
CA PHE A 642 61.84 -16.32 22.47
C PHE A 642 61.95 -14.81 22.30
N ALA A 643 60.92 -14.17 21.75
CA ALA A 643 60.99 -12.73 21.52
C ALA A 643 61.03 -11.95 22.82
N ASN A 644 60.32 -12.42 23.84
CA ASN A 644 60.22 -11.70 25.10
C ASN A 644 61.36 -12.10 26.04
N GLN A 645 61.26 -11.72 27.31
CA GLN A 645 62.35 -11.86 28.27
C GLN A 645 62.10 -12.89 29.37
N ILE A 646 60.85 -13.17 29.72
CA ILE A 646 60.53 -14.14 30.77
C ILE A 646 59.53 -15.13 30.20
N HIS A 647 59.68 -16.41 30.58
CA HIS A 647 58.77 -17.44 30.10
C HIS A 647 58.63 -18.51 31.16
N HIS A 648 57.57 -19.31 31.03
CA HIS A 648 57.26 -20.34 32.00
C HIS A 648 58.33 -21.43 32.01
N ILE A 649 58.44 -22.12 33.15
CA ILE A 649 59.46 -23.17 33.31
C ILE A 649 59.05 -24.49 32.69
N ASP A 650 57.80 -24.62 32.26
CA ASP A 650 57.28 -25.85 31.66
C ASP A 650 56.95 -25.66 30.19
N LEU A 651 57.82 -24.94 29.48
CA LEU A 651 57.54 -24.59 28.09
C LEU A 651 57.97 -25.70 27.13
N THR A 652 59.20 -26.20 27.30
CA THR A 652 59.75 -27.18 26.37
C THR A 652 59.03 -28.51 26.38
N SER A 653 58.19 -28.77 27.39
CA SER A 653 57.42 -30.00 27.44
C SER A 653 56.11 -29.93 26.66
N LYS A 654 55.73 -28.74 26.20
CA LYS A 654 54.51 -28.55 25.42
C LYS A 654 54.80 -28.44 23.93
N LEU A 655 56.06 -28.58 23.51
CA LEU A 655 56.43 -28.47 22.11
C LEU A 655 56.71 -29.81 21.45
N VAL A 656 57.03 -30.83 22.23
CA VAL A 656 57.37 -32.14 21.66
C VAL A 656 56.11 -32.88 21.30
N VAL A 657 56.14 -33.58 20.16
CA VAL A 657 55.03 -34.39 19.69
C VAL A 657 55.59 -35.71 19.19
N GLU A 658 54.90 -36.80 19.49
CA GLU A 658 55.35 -38.11 19.04
C GLU A 658 55.11 -38.26 17.54
N CYS A 659 56.17 -38.53 16.79
CA CYS A 659 56.09 -38.66 15.35
C CYS A 659 56.01 -40.14 14.97
N LYS A 660 55.19 -40.45 13.98
CA LYS A 660 55.03 -41.80 13.49
C LYS A 660 55.18 -41.82 11.97
N SER A 661 55.25 -43.03 11.43
CA SER A 661 55.27 -43.28 9.98
C SER A 661 56.50 -42.68 9.31
N SER A 662 57.45 -42.19 10.10
CA SER A 662 58.71 -41.62 9.62
C SER A 662 58.50 -40.45 8.67
N SER A 663 57.30 -39.89 8.60
CA SER A 663 57.02 -38.78 7.70
C SER A 663 57.12 -37.42 8.37
N GLU A 664 56.90 -37.35 9.69
CA GLU A 664 57.03 -36.09 10.41
C GLU A 664 58.47 -35.73 10.72
N VAL A 665 59.38 -36.72 10.65
CA VAL A 665 60.78 -36.45 10.97
C VAL A 665 61.34 -35.39 10.01
N VAL A 666 61.07 -35.55 8.72
CA VAL A 666 61.67 -34.66 7.73
C VAL A 666 61.11 -33.25 7.85
N VAL A 667 59.80 -33.11 8.06
CA VAL A 667 59.21 -31.79 8.16
C VAL A 667 59.66 -31.10 9.45
N GLN A 668 59.77 -31.86 10.54
CA GLN A 668 60.27 -31.27 11.79
C GLN A 668 61.72 -30.84 11.65
N ARG A 669 62.54 -31.67 10.98
CA ARG A 669 63.94 -31.30 10.75
C ARG A 669 64.05 -30.06 9.89
N LEU A 670 63.22 -29.95 8.85
CA LEU A 670 63.25 -28.77 7.99
C LEU A 670 62.86 -27.52 8.77
N ALA A 671 61.79 -27.61 9.56
CA ALA A 671 61.36 -26.46 10.34
C ALA A 671 62.43 -26.05 11.36
N VAL A 672 63.04 -27.03 12.02
CA VAL A 672 64.07 -26.73 13.01
C VAL A 672 65.30 -26.11 12.35
N GLY A 673 65.69 -26.65 11.19
CA GLY A 673 66.82 -26.09 10.48
C GLY A 673 66.57 -24.66 10.03
N LEU A 674 65.34 -24.39 9.56
CA LEU A 674 65.00 -23.02 9.17
C LEU A 674 65.05 -22.08 10.37
N PHE A 675 64.46 -22.50 11.49
CA PHE A 675 64.46 -21.68 12.69
C PHE A 675 65.88 -21.41 13.18
N ILE A 676 66.75 -22.41 13.11
CA ILE A 676 68.14 -22.23 13.53
C ILE A 676 68.87 -21.30 12.57
N ARG A 677 68.72 -21.52 11.26
CA ARG A 677 69.39 -20.69 10.27
C ARG A 677 68.97 -19.23 10.39
N LEU A 678 67.72 -18.98 10.83
CA LEU A 678 67.27 -17.60 10.97
C LEU A 678 67.60 -17.01 12.33
N LEU A 679 67.69 -17.82 13.38
CA LEU A 679 67.86 -17.32 14.73
C LEU A 679 69.29 -17.43 15.26
N SER A 680 70.05 -18.43 14.83
CA SER A 680 71.39 -18.64 15.36
C SER A 680 72.31 -17.49 14.96
N GLY A 681 73.41 -17.37 15.69
CA GLY A 681 74.38 -16.32 15.48
C GLY A 681 74.83 -15.75 16.81
N GLU A 682 76.04 -15.20 16.83
CA GLU A 682 76.62 -14.67 18.06
C GLU A 682 76.36 -13.17 18.20
N SER A 683 76.83 -12.37 17.24
CA SER A 683 76.67 -10.93 17.29
C SER A 683 75.80 -10.39 16.17
N ASP A 684 76.11 -10.74 14.91
CA ASP A 684 75.36 -10.23 13.77
C ASP A 684 74.28 -11.24 13.38
N ALA A 685 73.31 -11.41 14.28
CA ALA A 685 72.18 -12.27 14.06
C ALA A 685 70.84 -11.56 14.20
N SER A 686 70.85 -10.25 14.47
CA SER A 686 69.63 -9.48 14.65
C SER A 686 69.74 -8.15 13.93
N LEU A 687 70.30 -8.16 12.71
CA LEU A 687 70.41 -6.93 11.93
C LEU A 687 69.03 -6.37 11.59
N PHE A 688 68.10 -7.25 11.24
CA PHE A 688 66.70 -6.88 10.97
C PHE A 688 65.84 -7.93 11.65
N PHE A 689 65.47 -7.67 12.90
CA PHE A 689 64.73 -8.66 13.68
C PHE A 689 63.23 -8.65 13.37
N SER A 690 62.69 -7.53 12.92
CA SER A 690 61.27 -7.49 12.57
C SER A 690 60.96 -8.39 11.39
N ARG A 691 61.80 -8.33 10.34
CA ARG A 691 61.63 -9.21 9.19
C ARG A 691 61.77 -10.67 9.60
N ARG A 692 62.76 -10.98 10.44
CA ARG A 692 62.95 -12.36 10.90
C ARG A 692 61.74 -12.85 11.67
N PHE A 693 61.22 -12.03 12.58
CA PHE A 693 60.06 -12.41 13.36
C PHE A 693 58.84 -12.63 12.47
N LYS A 694 58.63 -11.74 11.50
CA LYS A 694 57.49 -11.89 10.59
C LYS A 694 57.61 -13.17 9.77
N TYR A 695 58.81 -13.44 9.25
CA TYR A 695 59.03 -14.65 8.46
C TYR A 695 58.80 -15.90 9.30
N LEU A 696 59.37 -15.95 10.50
CA LEU A 696 59.19 -17.11 11.36
C LEU A 696 57.74 -17.29 11.78
N LEU A 697 57.02 -16.19 12.01
CA LEU A 697 55.61 -16.30 12.37
C LEU A 697 54.79 -16.84 11.21
N ASN A 698 55.03 -16.33 10.00
CA ASN A 698 54.32 -16.85 8.84
C ASN A 698 54.67 -18.31 8.56
N VAL A 699 55.91 -18.71 8.88
CA VAL A 699 56.28 -20.11 8.71
C VAL A 699 55.57 -20.99 9.73
N SER A 700 55.51 -20.54 10.99
CA SER A 700 54.82 -21.31 12.01
C SER A 700 53.32 -21.38 11.75
N TYR A 701 52.77 -20.36 11.10
CA TYR A 701 51.34 -20.34 10.78
C TYR A 701 50.99 -21.15 9.54
N LEU A 702 51.92 -21.93 9.01
CA LEU A 702 51.63 -22.77 7.85
C LEU A 702 50.70 -23.94 8.19
N CYS A 703 50.34 -24.11 9.46
CA CYS A 703 49.45 -25.19 9.86
C CYS A 703 48.04 -25.01 9.32
N HIS A 704 47.66 -23.79 8.92
CA HIS A 704 46.34 -23.57 8.34
C HIS A 704 46.23 -24.16 6.95
N LEU A 705 47.34 -24.53 6.32
CA LEU A 705 47.27 -25.17 5.00
C LEU A 705 46.67 -26.56 5.11
N ILE A 706 47.10 -27.35 6.10
CA ILE A 706 46.51 -28.65 6.33
C ILE A 706 45.11 -28.47 6.89
N THR A 707 44.14 -29.16 6.30
CA THR A 707 42.75 -28.98 6.68
C THR A 707 42.46 -29.68 8.01
N LYS A 708 41.28 -29.41 8.56
CA LYS A 708 40.84 -29.93 9.84
C LYS A 708 39.49 -30.61 9.65
N GLU A 709 39.52 -31.86 9.20
CA GLU A 709 38.29 -32.58 8.85
C GLU A 709 38.25 -33.94 9.53
N THR A 710 38.67 -34.01 10.80
CA THR A 710 38.53 -35.15 11.70
C THR A 710 38.89 -36.48 11.02
N PRO A 711 40.20 -36.73 10.82
CA PRO A 711 40.64 -37.94 10.10
C PRO A 711 39.89 -39.22 10.44
N ASP A 712 39.41 -39.32 11.69
CA ASP A 712 38.56 -40.45 12.07
C ASP A 712 37.56 -39.95 13.11
N ARG A 713 36.30 -40.36 12.95
CA ARG A 713 35.23 -39.88 13.82
C ARG A 713 35.19 -40.64 15.15
N LEU A 714 35.27 -41.97 15.08
CA LEU A 714 35.17 -42.77 16.30
C LEU A 714 36.33 -42.50 17.25
N THR A 715 37.55 -42.42 16.70
CA THR A 715 38.71 -42.13 17.54
C THR A 715 38.61 -40.75 18.15
N ASP A 716 38.11 -39.77 17.39
CA ASP A 716 37.97 -38.42 17.92
C ASP A 716 36.92 -38.37 19.03
N GLN A 717 35.81 -39.10 18.86
CA GLN A 717 34.81 -39.16 19.91
C GLN A 717 35.35 -39.83 21.17
N ILE A 718 36.13 -40.91 20.99
CA ILE A 718 36.72 -41.58 22.14
C ILE A 718 37.69 -40.65 22.86
N LYS A 719 38.53 -39.93 22.11
CA LYS A 719 39.49 -39.02 22.73
C LYS A 719 38.77 -37.87 23.43
N CYS A 720 37.67 -37.39 22.86
CA CYS A 720 36.89 -36.35 23.51
C CYS A 720 36.30 -36.84 24.82
N PHE A 721 35.77 -38.07 24.83
CA PHE A 721 35.26 -38.64 26.07
C PHE A 721 36.37 -38.81 27.10
N GLU A 722 37.57 -39.22 26.66
CA GLU A 722 38.71 -39.31 27.55
C GLU A 722 39.02 -37.97 28.19
N LYS A 723 39.18 -36.93 27.36
CA LYS A 723 39.54 -35.61 27.87
C LYS A 723 38.44 -35.03 28.74
N PHE A 724 37.19 -35.44 28.51
CA PHE A 724 36.09 -34.94 29.33
C PHE A 724 36.07 -35.61 30.70
N ILE A 725 36.16 -36.95 30.73
CA ILE A 725 35.93 -37.68 31.97
C ILE A 725 37.21 -37.92 32.77
N GLU A 726 38.38 -37.58 32.24
CA GLU A 726 39.61 -37.82 32.99
C GLU A 726 39.73 -36.93 34.22
N PRO A 727 39.55 -35.60 34.14
CA PRO A 727 39.72 -34.79 35.36
C PRO A 727 38.72 -35.12 36.45
N LYS A 728 37.51 -35.54 36.09
CA LYS A 728 36.52 -35.89 37.10
C LYS A 728 36.87 -37.19 37.81
N VAL A 729 37.44 -38.16 37.10
CA VAL A 729 37.90 -39.38 37.74
C VAL A 729 39.13 -39.09 38.60
N LYS A 730 40.00 -38.19 38.13
CA LYS A 730 41.17 -37.83 38.92
C LYS A 730 40.77 -37.10 40.20
N PHE A 731 39.72 -36.30 40.14
CA PHE A 731 39.27 -35.57 41.33
C PHE A 731 38.56 -36.51 42.30
N GLY A 732 37.68 -37.36 41.79
CA GLY A 732 37.01 -38.33 42.63
C GLY A 732 35.59 -37.94 43.00
N CYS A 733 34.84 -37.42 42.02
CA CYS A 733 33.46 -37.02 42.27
C CYS A 733 32.52 -37.39 41.14
N ALA A 734 32.92 -38.29 40.23
CA ALA A 734 32.08 -38.70 39.12
C ALA A 734 31.13 -39.80 39.59
N VAL A 735 29.85 -39.46 39.76
CA VAL A 735 28.84 -40.42 40.20
C VAL A 735 28.39 -41.25 39.01
N VAL A 736 27.58 -42.27 39.28
CA VAL A 736 27.10 -43.20 38.25
C VAL A 736 25.64 -42.84 38.01
N ASN A 737 25.02 -43.50 37.01
CA ASN A 737 23.70 -43.18 36.47
C ASN A 737 22.69 -42.81 37.56
N PRO A 738 22.22 -41.57 37.58
CA PRO A 738 21.20 -41.17 38.56
C PRO A 738 19.80 -41.61 38.15
N SER A 739 18.80 -41.20 38.93
CA SER A 739 17.41 -41.55 38.64
C SER A 739 16.80 -40.67 37.56
N LEU A 740 17.48 -39.61 37.13
CA LEU A 740 17.00 -38.67 36.12
C LEU A 740 15.67 -38.04 36.51
N ASN A 741 15.36 -37.97 37.80
CA ASN A 741 14.12 -37.39 38.27
C ASN A 741 14.28 -36.43 39.44
N GLY A 742 15.48 -36.32 40.01
CA GLY A 742 15.70 -35.45 41.15
C GLY A 742 15.65 -36.21 42.46
N LYS A 743 16.11 -37.47 42.43
CA LYS A 743 16.14 -38.31 43.63
C LYS A 743 17.48 -39.03 43.66
N LEU A 744 18.33 -38.64 44.61
CA LEU A 744 19.66 -39.20 44.75
C LEU A 744 19.69 -40.16 45.95
N THR A 745 20.48 -41.23 45.82
CA THR A 745 20.65 -42.17 46.91
C THR A 745 21.56 -41.55 47.98
N VAL A 746 21.75 -42.28 49.08
CA VAL A 746 22.56 -41.76 50.18
C VAL A 746 24.02 -41.67 49.77
N ASP A 747 24.50 -42.64 49.01
CA ASP A 747 25.90 -42.63 48.60
C ASP A 747 26.18 -41.52 47.59
N GLN A 748 25.22 -41.25 46.69
CA GLN A 748 25.41 -40.19 45.71
C GLN A 748 25.53 -38.83 46.39
N GLU A 749 24.60 -38.52 47.29
CA GLU A 749 24.67 -37.25 48.00
C GLU A 749 25.88 -37.19 48.92
N ASP A 750 26.28 -38.33 49.50
CA ASP A 750 27.48 -38.36 50.33
C ASP A 750 28.72 -37.99 49.53
N ILE A 751 28.90 -38.61 48.36
CA ILE A 751 30.09 -38.31 47.56
C ILE A 751 30.00 -36.91 46.97
N MET A 752 28.78 -36.42 46.68
CA MET A 752 28.64 -35.06 46.20
C MET A 752 29.08 -34.05 47.27
N ILE A 753 28.64 -34.26 48.52
CA ILE A 753 29.03 -33.37 49.60
C ILE A 753 30.53 -33.50 49.88
N ASN A 754 31.09 -34.71 49.74
CA ASN A 754 32.52 -34.87 49.93
C ASN A 754 33.30 -34.08 48.87
N GLY A 755 32.85 -34.14 47.61
CA GLY A 755 33.50 -33.35 46.58
C GLY A 755 33.35 -31.86 46.80
N LEU A 756 32.17 -31.43 47.25
CA LEU A 756 31.96 -30.02 47.54
C LEU A 756 32.88 -29.54 48.66
N LYS A 757 33.07 -30.37 49.69
CA LYS A 757 33.98 -30.01 50.76
C LYS A 757 35.43 -29.99 50.29
N LYS A 758 35.82 -30.98 49.48
CA LYS A 758 37.18 -31.01 48.95
C LYS A 758 37.45 -29.82 48.04
N PHE A 759 36.40 -29.28 47.40
CA PHE A 759 36.58 -28.13 46.52
C PHE A 759 36.94 -26.88 47.32
N PHE A 760 36.34 -26.71 48.50
CA PHE A 760 36.57 -25.53 49.33
C PHE A 760 37.44 -25.84 50.54
N SER A 761 38.44 -26.70 50.39
CA SER A 761 39.32 -27.11 51.48
C SER A 761 40.77 -26.86 51.13
N LYS A 762 41.06 -25.66 50.61
CA LYS A 762 42.41 -25.26 50.27
C LYS A 762 42.84 -24.11 51.18
N SER A 763 44.05 -24.21 51.71
CA SER A 763 44.61 -23.19 52.59
C SER A 763 45.48 -22.23 51.80
N LEU A 764 45.92 -21.17 52.48
CA LEU A 764 46.68 -20.09 51.88
C LEU A 764 48.18 -20.24 52.06
N ARG A 765 48.64 -21.32 52.69
CA ARG A 765 50.07 -21.49 52.97
C ARG A 765 50.66 -22.75 52.36
N ASP A 766 49.89 -23.84 52.27
CA ASP A 766 50.42 -25.08 51.73
C ASP A 766 50.65 -24.92 50.22
N THR A 767 51.88 -25.21 49.79
CA THR A 767 52.25 -25.11 48.39
C THR A 767 52.10 -26.43 47.64
N GLU A 768 51.49 -27.44 48.27
CA GLU A 768 51.32 -28.73 47.62
C GLU A 768 50.15 -28.71 46.64
N ASP A 769 49.09 -27.96 46.95
CA ASP A 769 47.91 -27.89 46.10
C ASP A 769 47.99 -26.61 45.27
N VAL A 770 48.73 -26.70 44.17
CA VAL A 770 48.84 -25.60 43.22
C VAL A 770 48.45 -26.00 41.80
N GLN A 771 48.08 -27.27 41.58
CA GLN A 771 47.65 -27.73 40.28
C GLN A 771 46.32 -28.45 40.30
N THR A 772 45.71 -28.63 41.48
CA THR A 772 44.43 -29.28 41.61
C THR A 772 43.31 -28.24 41.76
N PRO A 773 42.13 -28.51 41.22
CA PRO A 773 41.02 -27.55 41.31
C PRO A 773 40.64 -27.27 42.75
N GLY A 774 40.02 -26.11 42.94
CA GLY A 774 39.61 -25.67 44.27
C GLY A 774 39.96 -24.23 44.54
N VAL A 775 39.34 -23.63 45.55
CA VAL A 775 39.56 -22.23 45.89
C VAL A 775 39.52 -22.07 47.41
N CYS A 776 40.29 -21.10 47.91
CA CYS A 776 40.31 -20.79 49.33
C CYS A 776 39.24 -19.76 49.64
N LYS A 777 38.57 -19.93 50.78
CA LYS A 777 37.49 -19.04 51.15
C LYS A 777 38.00 -17.71 51.69
N GLU A 778 39.22 -17.67 52.24
CA GLU A 778 39.75 -16.43 52.79
C GLU A 778 39.98 -15.39 51.70
N LEU A 779 40.66 -15.78 50.63
CA LEU A 779 40.90 -14.85 49.52
C LEU A 779 39.59 -14.47 48.83
N LEU A 780 38.63 -15.39 48.77
CA LEU A 780 37.34 -15.06 48.18
C LEU A 780 36.61 -14.02 49.02
N ASN A 781 36.60 -14.19 50.34
CA ASN A 781 35.99 -13.20 51.22
C ASN A 781 36.72 -11.86 51.10
N TYR A 782 38.05 -11.89 50.98
CA TYR A 782 38.81 -10.66 50.80
C TYR A 782 38.38 -9.93 49.54
N CYS A 783 38.36 -10.64 48.41
CA CYS A 783 37.99 -10.00 47.14
C CYS A 783 36.55 -9.49 47.18
N VAL A 784 35.65 -10.24 47.81
CA VAL A 784 34.26 -9.80 47.90
C VAL A 784 34.14 -8.52 48.73
N SER A 785 34.73 -8.51 49.93
CA SER A 785 34.66 -7.34 50.77
C SER A 785 35.37 -6.14 50.14
N LEU A 786 36.37 -6.39 49.30
CA LEU A 786 37.06 -5.31 48.63
C LEU A 786 36.26 -4.76 47.47
N PHE A 787 35.52 -5.62 46.76
CA PHE A 787 34.68 -5.15 45.66
C PHE A 787 33.43 -4.45 46.15
N ASN A 788 32.89 -4.86 47.29
CA ASN A 788 31.65 -4.28 47.78
C ASN A 788 31.82 -2.80 48.12
N ARG A 789 32.93 -2.44 48.76
CA ARG A 789 33.14 -1.07 49.22
C ARG A 789 33.88 -0.23 48.19
N GLY A 790 33.40 -0.25 46.94
CA GLY A 790 33.88 0.58 45.86
C GLY A 790 35.37 0.83 45.80
N LYS A 791 36.18 -0.23 45.99
CA LYS A 791 37.62 -0.08 45.98
C LYS A 791 38.27 -0.48 44.66
N LEU A 792 37.69 -1.44 43.94
CA LEU A 792 38.23 -1.85 42.66
C LEU A 792 37.82 -0.87 41.57
N LYS A 793 38.23 -1.16 40.34
CA LYS A 793 37.84 -0.34 39.19
C LYS A 793 36.40 -0.58 38.78
N VAL A 794 35.73 -1.58 39.37
CA VAL A 794 34.35 -1.91 39.08
C VAL A 794 33.57 -1.97 40.39
N SER A 795 32.26 -1.75 40.29
CA SER A 795 31.42 -1.72 41.47
C SER A 795 30.03 -2.22 41.10
N GLY A 796 29.18 -2.37 42.12
CA GLY A 796 27.82 -2.79 41.90
C GLY A 796 26.86 -1.64 41.70
N GLU A 797 27.18 -0.75 40.77
CA GLU A 797 26.37 0.43 40.45
C GLU A 797 25.69 0.26 39.09
N LEU A 798 25.32 -0.97 38.77
CA LEU A 798 24.81 -1.29 37.45
C LEU A 798 23.51 -0.55 37.15
N LYS A 799 23.33 -0.24 35.87
CA LYS A 799 22.09 0.36 35.37
C LYS A 799 21.29 -0.69 34.61
N ASN A 800 20.17 -0.27 34.04
CA ASN A 800 19.27 -1.11 33.24
C ASN A 800 19.05 -2.47 33.88
N ASN A 801 18.36 -2.49 35.02
CA ASN A 801 18.11 -3.68 35.86
C ASN A 801 17.81 -4.90 35.01
N PRO A 802 18.61 -5.96 35.15
CA PRO A 802 18.45 -7.14 34.28
C PRO A 802 17.11 -7.83 34.41
N PHE A 803 16.41 -7.66 35.53
CA PHE A 803 15.10 -8.28 35.73
C PHE A 803 14.09 -7.51 34.88
N ARG A 804 14.07 -7.84 33.59
CA ARG A 804 13.19 -7.18 32.63
C ARG A 804 11.73 -7.55 32.90
N ILE A 822 13.53 -33.18 16.46
CA ILE A 822 13.73 -33.53 17.86
C ILE A 822 14.83 -34.59 17.97
N PRO A 823 16.06 -34.14 18.20
CA PRO A 823 17.19 -35.07 18.25
C PRO A 823 17.36 -35.72 19.62
N LYS A 824 18.11 -36.81 19.64
CA LYS A 824 18.45 -37.51 20.85
C LYS A 824 19.82 -37.05 21.36
N LEU A 825 19.98 -37.07 22.69
CA LEU A 825 21.19 -36.55 23.32
C LEU A 825 22.32 -37.57 23.35
N ASP A 826 22.03 -38.85 23.13
CA ASP A 826 23.03 -39.90 23.18
C ASP A 826 23.76 -40.11 21.85
N GLU A 827 23.50 -39.27 20.86
CA GLU A 827 24.14 -39.43 19.56
C GLU A 827 24.18 -38.07 18.88
N LEU A 828 25.36 -37.44 18.90
CA LEU A 828 25.57 -36.15 18.25
C LEU A 828 26.66 -36.33 17.20
N GLY A 829 26.29 -36.19 15.93
CA GLY A 829 27.21 -36.41 14.84
C GLY A 829 26.63 -37.37 13.81
N ASN A 830 25.68 -38.18 14.24
CA ASN A 830 24.99 -39.08 13.33
C ASN A 830 24.07 -38.28 12.42
N ILE A 831 24.03 -38.67 11.14
CA ILE A 831 23.18 -37.96 10.18
C ILE A 831 21.71 -38.27 10.43
N LEU A 832 21.40 -39.35 11.14
CA LEU A 832 20.02 -39.76 11.37
C LEU A 832 19.93 -40.46 12.71
N SER A 833 19.03 -39.99 13.57
CA SER A 833 18.79 -40.62 14.85
C SER A 833 17.71 -41.69 14.72
N THR A 834 17.68 -42.59 15.71
CA THR A 834 16.73 -43.69 15.68
C THR A 834 15.29 -43.22 15.64
N TYR A 835 14.99 -42.11 16.33
CA TYR A 835 13.63 -41.56 16.31
C TYR A 835 13.20 -41.19 14.90
N ASP A 836 14.10 -40.56 14.13
CA ASP A 836 13.74 -40.13 12.78
C ASP A 836 13.57 -41.32 11.85
N LYS A 837 14.45 -42.32 11.96
CA LYS A 837 14.29 -43.54 11.17
C LYS A 837 12.95 -44.19 11.46
N GLU A 838 12.60 -44.28 12.75
CA GLU A 838 11.37 -44.96 13.14
C GLU A 838 10.15 -44.18 12.64
N LYS A 839 10.17 -42.86 12.79
CA LYS A 839 9.07 -42.03 12.30
C LYS A 839 8.92 -42.19 10.79
N LEU A 840 10.04 -42.20 10.06
CA LEU A 840 9.96 -42.33 8.61
C LEU A 840 9.40 -43.68 8.19
N VAL A 841 9.89 -44.76 8.80
CA VAL A 841 9.40 -46.08 8.41
C VAL A 841 7.94 -46.25 8.79
N SER A 842 7.52 -45.67 9.92
CA SER A 842 6.12 -45.76 10.31
C SER A 842 5.23 -44.98 9.34
N ALA A 843 5.65 -43.76 8.97
CA ALA A 843 4.87 -42.98 8.02
C ALA A 843 4.77 -43.68 6.68
N CYS A 844 5.88 -44.28 6.22
CA CYS A 844 5.88 -44.93 4.92
C CYS A 844 5.01 -46.17 4.91
N VAL A 845 5.10 -47.00 5.95
CA VAL A 845 4.26 -48.18 6.00
C VAL A 845 2.80 -47.80 6.18
N SER A 846 2.51 -46.70 6.87
CA SER A 846 1.14 -46.24 7.01
C SER A 846 0.59 -45.77 5.67
N SER A 847 1.39 -45.03 4.90
CA SER A 847 0.96 -44.61 3.57
C SER A 847 0.73 -45.80 2.67
N MET A 848 1.60 -46.82 2.76
CA MET A 848 1.42 -48.00 1.92
C MET A 848 0.21 -48.81 2.32
N ALA A 849 -0.11 -48.85 3.62
CA ALA A 849 -1.33 -49.54 4.06
C ALA A 849 -2.57 -48.78 3.65
N GLU A 850 -2.52 -47.45 3.69
CA GLU A 850 -3.65 -46.65 3.23
C GLU A 850 -3.84 -46.78 1.73
N ARG A 851 -2.76 -46.97 0.98
CA ARG A 851 -2.86 -47.11 -0.47
C ARG A 851 -3.56 -48.42 -0.86
N PHE A 852 -3.40 -49.46 -0.06
CA PHE A 852 -3.96 -50.78 -0.39
C PHE A 852 -5.43 -50.81 0.01
N LYS A 853 -6.28 -50.33 -0.89
CA LYS A 853 -7.72 -50.32 -0.68
C LYS A 853 -8.45 -50.81 -1.93
N ASN A 859 -2.65 -57.65 -3.11
CA ASN A 859 -2.44 -56.35 -3.71
C ASN A 859 -1.21 -56.37 -4.63
N LEU A 860 -0.67 -55.19 -4.91
CA LEU A 860 0.50 -55.07 -5.77
C LEU A 860 1.21 -53.77 -5.47
N ASP A 861 2.55 -53.80 -5.53
CA ASP A 861 3.34 -52.60 -5.29
C ASP A 861 4.64 -52.65 -6.07
N PRO A 862 4.89 -51.70 -6.96
CA PRO A 862 6.17 -51.65 -7.67
C PRO A 862 7.26 -51.02 -6.82
N ASP A 863 8.44 -50.81 -7.41
CA ASP A 863 9.53 -50.15 -6.69
C ASP A 863 9.24 -48.67 -6.43
N SER A 864 8.08 -48.15 -6.85
CA SER A 864 7.76 -46.76 -6.61
C SER A 864 7.68 -46.42 -5.12
N THR A 865 7.48 -47.43 -4.27
CA THR A 865 7.54 -47.19 -2.82
C THR A 865 8.90 -46.66 -2.40
N ASP A 866 9.97 -47.14 -3.05
CA ASP A 866 11.29 -46.58 -2.81
C ASP A 866 11.32 -45.09 -3.11
N TYR A 867 10.60 -44.68 -4.17
CA TYR A 867 10.47 -43.26 -4.46
C TYR A 867 9.95 -42.49 -3.26
N LEU A 868 9.01 -43.07 -2.52
CA LEU A 868 8.51 -42.42 -1.31
C LEU A 868 9.65 -42.15 -0.32
N ILE A 869 10.58 -43.11 -0.18
CA ILE A 869 11.71 -42.89 0.72
C ILE A 869 12.51 -41.69 0.25
N LEU A 870 12.63 -41.50 -1.06
CA LEU A 870 13.38 -40.37 -1.58
C LEU A 870 12.59 -39.06 -1.47
N LYS A 871 11.28 -39.14 -1.24
CA LYS A 871 10.47 -37.92 -1.21
C LYS A 871 10.47 -37.27 0.17
N ASN A 872 10.50 -38.08 1.23
CA ASN A 872 10.42 -37.57 2.59
C ASN A 872 11.78 -37.40 3.25
N LEU A 873 12.86 -37.84 2.60
CA LEU A 873 14.19 -37.70 3.18
C LEU A 873 14.93 -36.48 2.66
N THR A 874 14.65 -36.04 1.44
CA THR A 874 15.31 -34.88 0.86
C THR A 874 14.34 -34.05 0.04
N THR A 886 9.14 -41.72 -13.82
CA THR A 886 9.72 -40.82 -12.83
C THR A 886 11.15 -41.25 -12.49
N GLN A 887 11.79 -41.98 -13.40
CA GLN A 887 13.14 -42.46 -13.16
C GLN A 887 14.15 -41.30 -13.11
N GLU A 888 13.89 -40.22 -13.84
CA GLU A 888 14.80 -39.08 -13.84
C GLU A 888 14.81 -38.40 -12.48
N GLU A 889 13.63 -38.11 -11.93
CA GLU A 889 13.57 -37.50 -10.61
C GLU A 889 14.11 -38.44 -9.53
N LEU A 890 13.87 -39.75 -9.70
CA LEU A 890 14.42 -40.72 -8.76
C LEU A 890 15.94 -40.69 -8.77
N SER A 891 16.55 -40.66 -9.95
CA SER A 891 18.00 -40.60 -10.03
C SER A 891 18.54 -39.28 -9.48
N LEU A 892 17.82 -38.18 -9.74
CA LEU A 892 18.27 -36.88 -9.25
C LEU A 892 18.20 -36.80 -7.74
N MET A 893 17.19 -37.42 -7.13
CA MET A 893 17.08 -37.43 -5.68
C MET A 893 17.97 -38.49 -5.04
N TYR A 894 18.39 -39.51 -5.79
CA TYR A 894 19.27 -40.54 -5.27
C TYR A 894 20.75 -40.19 -5.39
N GLU A 895 21.13 -39.36 -6.36
CA GLU A 895 22.53 -39.01 -6.54
C GLU A 895 23.07 -38.14 -5.41
N ALA A 896 22.19 -37.39 -4.73
CA ALA A 896 22.61 -36.41 -3.73
C ALA A 896 22.93 -37.04 -2.38
N LEU A 897 23.05 -38.36 -2.28
CA LEU A 897 23.35 -39.02 -1.02
C LEU A 897 24.82 -39.40 -0.95
N THR A 898 25.34 -39.46 0.27
CA THR A 898 26.71 -39.88 0.53
C THR A 898 26.76 -41.38 0.79
N GLU A 899 27.96 -41.89 1.07
CA GLU A 899 28.12 -43.33 1.30
C GLU A 899 27.39 -43.77 2.56
N GLU A 900 27.61 -43.08 3.67
CA GLU A 900 26.84 -43.37 4.86
C GLU A 900 25.36 -43.09 4.64
N GLN A 901 25.04 -42.05 3.86
CA GLN A 901 23.65 -41.77 3.55
C GLN A 901 23.01 -42.88 2.73
N VAL A 902 23.73 -43.41 1.74
CA VAL A 902 23.17 -44.47 0.92
C VAL A 902 23.05 -45.76 1.73
N GLU A 903 23.99 -45.99 2.67
CA GLU A 903 23.86 -47.14 3.55
C GLU A 903 22.63 -47.03 4.43
N SER A 904 22.40 -45.85 5.02
CA SER A 904 21.21 -45.64 5.83
C SER A 904 19.94 -45.77 5.00
N PHE A 905 19.98 -45.29 3.76
CA PHE A 905 18.83 -45.42 2.87
C PHE A 905 18.54 -46.88 2.56
N ASN A 906 19.59 -47.68 2.34
CA ASN A 906 19.40 -49.11 2.11
C ASN A 906 18.84 -49.79 3.35
N GLU A 907 19.30 -49.39 4.54
CA GLU A 907 18.73 -49.93 5.77
C GLU A 907 17.24 -49.61 5.88
N ILE A 908 16.87 -48.35 5.62
CA ILE A 908 15.46 -47.95 5.69
C ILE A 908 14.64 -48.71 4.65
N LYS A 909 15.19 -48.89 3.45
CA LYS A 909 14.51 -49.66 2.41
C LYS A 909 14.28 -51.09 2.87
N HIS A 910 15.30 -51.70 3.46
CA HIS A 910 15.15 -53.06 3.96
C HIS A 910 14.07 -53.15 5.04
N ASP A 911 14.05 -52.18 5.95
CA ASP A 911 13.03 -52.18 7.00
C ASP A 911 11.64 -52.05 6.40
N VAL A 912 11.45 -51.11 5.47
CA VAL A 912 10.14 -50.91 4.87
C VAL A 912 9.70 -52.15 4.10
N GLN A 913 10.63 -52.77 3.37
CA GLN A 913 10.26 -53.93 2.57
C GLN A 913 9.94 -55.13 3.44
N VAL A 914 10.70 -55.36 4.52
CA VAL A 914 10.36 -56.48 5.39
C VAL A 914 9.05 -56.22 6.12
N ALA A 915 8.78 -54.96 6.46
CA ALA A 915 7.50 -54.63 7.09
C ALA A 915 6.34 -54.90 6.15
N LEU A 916 6.47 -54.50 4.88
CA LEU A 916 5.42 -54.79 3.91
C LEU A 916 5.28 -56.28 3.65
N ALA A 917 6.38 -57.02 3.67
CA ALA A 917 6.31 -58.47 3.47
C ALA A 917 5.58 -59.15 4.63
N LYS A 918 5.90 -58.75 5.86
CA LYS A 918 5.20 -59.31 7.02
C LYS A 918 3.73 -58.87 7.05
N MET A 919 3.44 -57.68 6.52
CA MET A 919 2.04 -57.28 6.37
C MET A 919 1.32 -58.12 5.34
N ALA A 920 2.04 -58.56 4.30
CA ALA A 920 1.41 -59.35 3.24
C ALA A 920 0.92 -60.70 3.75
N ASP A 921 1.55 -61.24 4.78
CA ASP A 921 1.13 -62.53 5.34
C ASP A 921 -0.12 -62.37 6.21
N VAL A 962 24.51 -70.05 12.36
CA VAL A 962 23.13 -69.60 12.19
C VAL A 962 22.47 -69.45 13.56
N SER A 963 22.66 -70.44 14.42
CA SER A 963 22.08 -70.44 15.75
C SER A 963 22.80 -69.50 16.72
N LEU A 964 23.90 -68.87 16.29
CA LEU A 964 24.63 -67.95 17.16
C LEU A 964 23.97 -66.58 17.26
N HIS A 965 22.84 -66.35 16.58
CA HIS A 965 22.15 -65.08 16.64
C HIS A 965 21.11 -65.01 17.76
N GLU A 966 20.61 -66.15 18.22
CA GLU A 966 19.62 -66.15 19.29
C GLU A 966 20.23 -65.71 20.61
N VAL A 967 21.39 -66.28 20.96
CA VAL A 967 22.05 -65.90 22.21
C VAL A 967 22.61 -64.48 22.10
N LYS A 968 23.07 -64.09 20.92
CA LYS A 968 23.53 -62.73 20.67
C LYS A 968 22.32 -61.87 20.31
N ASP A 969 22.59 -60.66 19.81
CA ASP A 969 21.52 -59.80 19.35
C ASP A 969 20.74 -60.47 18.22
N PHE A 970 19.44 -60.65 18.43
CA PHE A 970 18.58 -61.33 17.49
C PHE A 970 18.26 -60.51 16.24
N ASP A 971 18.84 -59.32 16.11
CA ASP A 971 18.59 -58.49 14.95
C ASP A 971 19.35 -59.05 13.75
N PRO A 972 18.68 -59.47 12.68
CA PRO A 972 19.40 -60.04 11.53
C PRO A 972 20.01 -59.00 10.60
N ASP A 973 19.62 -57.73 10.70
CA ASP A 973 20.12 -56.70 9.82
C ASP A 973 21.53 -56.26 10.17
N VAL A 974 22.06 -56.69 11.31
CA VAL A 974 23.35 -56.22 11.79
C VAL A 974 24.37 -57.36 11.91
N LEU A 975 24.06 -58.51 11.30
CA LEU A 975 25.00 -59.62 11.36
C LEU A 975 26.24 -59.28 10.54
N PRO A 976 27.43 -59.25 11.14
CA PRO A 976 28.62 -58.78 10.42
C PRO A 976 29.17 -59.87 9.52
N PRO A 977 29.72 -59.49 8.36
CA PRO A 977 30.39 -60.49 7.51
C PRO A 977 31.80 -60.83 7.96
N GLU A 978 32.34 -60.13 8.96
CA GLU A 978 33.70 -60.38 9.45
C GLU A 978 33.80 -61.56 10.38
N VAL A 979 32.70 -62.27 10.64
CA VAL A 979 32.71 -63.45 11.50
C VAL A 979 32.69 -64.75 10.70
N TYR A 980 32.30 -64.70 9.42
CA TYR A 980 32.23 -65.88 8.58
C TYR A 980 33.06 -65.64 7.32
N LYS A 981 33.50 -66.74 6.72
CA LYS A 981 34.26 -66.65 5.47
C LYS A 981 33.33 -66.27 4.31
N GLU A 982 33.93 -65.98 3.16
CA GLU A 982 33.16 -65.62 1.98
C GLU A 982 32.83 -66.83 1.13
N LEU A 983 33.67 -67.86 1.13
CA LEU A 983 33.38 -69.06 0.36
C LEU A 983 32.13 -69.78 0.89
N CYS A 984 32.00 -69.86 2.22
CA CYS A 984 30.83 -70.49 2.81
C CYS A 984 29.56 -69.72 2.46
N ASP A 985 29.61 -68.40 2.53
CA ASP A 985 28.45 -67.60 2.16
C ASP A 985 28.12 -67.73 0.67
N ALA A 986 29.14 -67.86 -0.18
CA ALA A 986 28.89 -67.99 -1.61
C ALA A 986 28.36 -69.37 -1.97
N VAL A 987 28.72 -70.40 -1.20
CA VAL A 987 28.29 -71.75 -1.55
C VAL A 987 26.97 -72.14 -0.86
N TYR A 988 26.65 -71.52 0.29
CA TYR A 988 25.43 -71.90 0.99
C TYR A 988 24.19 -71.25 0.37
N LYS A 989 24.31 -70.00 -0.09
CA LYS A 989 23.18 -69.32 -0.71
C LYS A 989 22.80 -69.92 -2.06
N SER A 990 23.70 -70.70 -2.67
CA SER A 990 23.45 -71.32 -3.97
C SER A 990 23.00 -72.77 -3.85
N SER A 991 22.35 -73.11 -2.74
CA SER A 991 21.96 -74.49 -2.47
C SER A 991 20.56 -74.77 -3.02
N GLU A 992 20.01 -75.92 -2.65
CA GLU A 992 18.67 -76.32 -3.08
C GLU A 992 17.62 -75.55 -2.30
N LYS A 993 16.74 -74.87 -3.02
CA LYS A 993 15.61 -74.17 -2.41
C LYS A 993 14.44 -74.25 -3.37
N CYS A 994 13.33 -74.85 -2.93
CA CYS A 994 12.16 -75.05 -3.77
C CYS A 994 11.15 -73.92 -3.62
N ASN A 995 10.70 -73.66 -2.40
CA ASN A 995 9.67 -72.65 -2.14
C ASN A 995 10.25 -71.34 -1.61
N PHE A 996 11.57 -71.16 -1.66
CA PHE A 996 12.21 -69.94 -1.21
C PHE A 996 12.50 -68.97 -2.35
N PHE A 997 12.82 -69.50 -3.53
CA PHE A 997 12.97 -68.70 -4.74
C PHE A 997 11.79 -68.94 -5.67
N LEU A 998 11.70 -68.10 -6.71
CA LEU A 998 10.67 -68.27 -7.73
C LEU A 998 11.26 -67.89 -9.08
N GLU A 999 10.61 -68.37 -10.13
CA GLU A 999 11.12 -68.18 -11.48
C GLU A 999 10.74 -66.80 -12.01
N GLY A 1000 11.71 -66.09 -12.57
CA GLY A 1000 11.49 -64.79 -13.16
C GLY A 1000 11.84 -63.66 -12.21
N VAL A 1001 11.90 -62.46 -12.78
CA VAL A 1001 12.18 -61.27 -11.99
C VAL A 1001 10.90 -60.66 -11.42
N LEU A 1002 9.77 -60.81 -12.12
CA LEU A 1002 8.45 -60.41 -11.63
C LEU A 1002 8.45 -58.93 -11.23
N ASP A 1003 8.58 -58.08 -12.25
CA ASP A 1003 8.70 -56.65 -12.03
C ASP A 1003 7.46 -56.05 -11.38
N VAL A 1004 6.30 -56.69 -11.54
CA VAL A 1004 5.07 -56.11 -11.02
C VAL A 1004 5.03 -56.20 -9.48
N CYS A 1005 5.62 -57.24 -8.91
CA CYS A 1005 5.74 -57.45 -7.47
C CYS A 1005 4.40 -57.31 -6.74
N PRO A 1006 3.50 -58.27 -6.87
CA PRO A 1006 2.28 -58.25 -6.05
C PRO A 1006 2.58 -58.59 -4.60
N LEU A 1007 1.63 -58.26 -3.74
CA LEU A 1007 1.78 -58.55 -2.31
C LEU A 1007 1.65 -60.05 -2.05
N GLY A 1008 2.38 -60.52 -1.05
CA GLY A 1008 2.39 -61.91 -0.66
C GLY A 1008 3.64 -62.67 -1.06
N LEU A 1009 4.36 -62.22 -2.10
CA LEU A 1009 5.53 -62.92 -2.59
C LEU A 1009 6.76 -62.00 -2.67
N LEU A 1010 6.73 -60.85 -2.00
CA LEU A 1010 7.84 -59.90 -2.09
C LEU A 1010 9.14 -60.52 -1.56
N LEU A 1011 9.03 -61.44 -0.60
CA LEU A 1011 10.22 -62.09 -0.06
C LEU A 1011 10.95 -62.91 -1.13
N LYS A 1012 10.19 -63.71 -1.89
CA LYS A 1012 10.80 -64.52 -2.94
C LYS A 1012 11.36 -63.62 -4.05
N ASN A 1013 10.65 -62.54 -4.37
CA ASN A 1013 11.14 -61.60 -5.38
C ASN A 1013 12.47 -60.99 -4.95
N LEU A 1014 12.58 -60.60 -3.67
CA LEU A 1014 13.82 -60.03 -3.17
C LEU A 1014 14.96 -61.03 -3.23
N THR A 1015 14.70 -62.27 -2.81
CA THR A 1015 15.75 -63.29 -2.87
C THR A 1015 16.19 -63.55 -4.31
N THR A 1016 15.25 -63.61 -5.24
CA THR A 1016 15.63 -63.87 -6.64
C THR A 1016 16.40 -62.69 -7.23
N SER A 1017 15.98 -61.46 -6.93
CA SER A 1017 16.68 -60.29 -7.46
C SER A 1017 18.07 -60.14 -6.84
N SER A 1018 18.24 -60.63 -5.62
CA SER A 1018 19.58 -60.61 -5.02
C SER A 1018 20.44 -61.77 -5.52
N TYR A 1019 19.81 -62.89 -5.89
CA TYR A 1019 20.56 -64.04 -6.37
C TYR A 1019 21.05 -63.82 -7.80
N VAL A 1020 20.21 -63.20 -8.64
CA VAL A 1020 20.60 -62.98 -10.03
C VAL A 1020 21.77 -62.00 -10.11
N ASP A 1021 21.92 -61.15 -9.10
CA ASP A 1021 23.03 -60.20 -9.05
C ASP A 1021 24.29 -60.92 -8.55
N GLU A 1022 25.35 -60.16 -8.31
CA GLU A 1022 26.61 -60.76 -7.88
C GLU A 1022 26.67 -60.93 -6.36
N GLU A 1023 26.10 -59.99 -5.61
CA GLU A 1023 26.18 -60.03 -4.17
C GLU A 1023 25.28 -61.13 -3.61
N TYR A 1024 25.82 -61.89 -2.65
CA TYR A 1024 25.08 -62.97 -2.01
C TYR A 1024 24.79 -62.73 -0.54
N PHE A 1025 25.32 -61.65 0.04
CA PHE A 1025 25.08 -61.38 1.46
C PHE A 1025 23.62 -61.02 1.71
N MET A 1026 23.07 -60.11 0.91
CA MET A 1026 21.65 -59.78 1.02
C MET A 1026 20.79 -61.01 0.76
N CYS A 1027 21.23 -61.88 -0.16
CA CYS A 1027 20.53 -63.14 -0.38
C CYS A 1027 20.51 -63.97 0.89
N PHE A 1028 21.64 -64.04 1.60
CA PHE A 1028 21.68 -64.82 2.82
C PHE A 1028 20.82 -64.19 3.91
N LYS A 1029 20.79 -62.86 3.98
CA LYS A 1029 19.95 -62.20 4.98
C LYS A 1029 18.47 -62.47 4.72
N TYR A 1030 18.05 -62.38 3.46
CA TYR A 1030 16.66 -62.66 3.12
C TYR A 1030 16.33 -64.13 3.37
N LEU A 1031 17.29 -65.01 3.03
CA LEU A 1031 17.11 -66.45 3.27
C LEU A 1031 16.97 -66.75 4.76
N LEU A 1032 17.67 -66.00 5.61
CA LEU A 1032 17.57 -66.21 7.05
C LEU A 1032 16.25 -65.69 7.60
N ILE A 1033 15.84 -64.48 7.19
CA ILE A 1033 14.61 -63.93 7.73
C ILE A 1033 13.40 -64.69 7.19
N GLN A 1034 13.58 -65.41 6.07
CA GLN A 1034 12.49 -66.25 5.57
C GLN A 1034 12.36 -67.54 6.36
N GLY A 1035 13.47 -68.13 6.79
CA GLY A 1035 13.47 -69.40 7.48
C GLY A 1035 12.91 -69.38 8.88
N HIS A 1036 12.32 -68.25 9.30
CA HIS A 1036 11.66 -68.12 10.60
C HIS A 1036 12.62 -68.46 11.74
N PHE A 1037 13.88 -68.03 11.59
CA PHE A 1037 14.93 -68.31 12.57
C PHE A 1037 15.11 -67.15 13.56
N ASP A 1038 14.05 -66.38 13.80
CA ASP A 1038 14.10 -65.30 14.76
C ASP A 1038 13.25 -65.56 16.01
N GLN A 1039 12.38 -66.55 15.98
CA GLN A 1039 11.55 -66.88 17.13
C GLN A 1039 12.34 -67.59 18.23
N PHE A 1086 -13.34 -41.11 44.42
CA PHE A 1086 -13.01 -40.51 43.13
C PHE A 1086 -11.76 -39.64 43.21
N THR A 1087 -10.60 -40.27 43.15
CA THR A 1087 -9.34 -39.55 43.21
C THR A 1087 -9.09 -38.81 41.90
N ASN A 1088 -8.62 -37.56 42.00
CA ASN A 1088 -8.33 -36.73 40.85
C ASN A 1088 -6.83 -36.50 40.67
N ALA A 1089 -6.01 -37.50 41.02
CA ALA A 1089 -4.57 -37.39 40.88
C ALA A 1089 -3.90 -38.60 40.24
N ALA A 1090 -4.63 -39.69 40.03
CA ALA A 1090 -4.07 -40.90 39.42
C ALA A 1090 -4.78 -41.29 38.13
N LEU A 1091 -6.10 -41.18 38.08
CA LEU A 1091 -6.87 -41.58 36.91
C LEU A 1091 -7.25 -40.39 36.02
N ARG A 1092 -6.63 -39.23 36.24
CA ARG A 1092 -6.92 -38.04 35.46
C ARG A 1092 -5.69 -37.49 34.74
N ASN A 1093 -4.53 -38.12 34.88
CA ASN A 1093 -3.30 -37.64 34.27
C ASN A 1093 -2.87 -38.51 33.08
N LEU A 1094 -3.83 -39.05 32.33
CA LEU A 1094 -3.52 -39.95 31.22
C LEU A 1094 -4.13 -39.53 29.90
N CYS A 1095 -5.07 -38.58 29.88
CA CYS A 1095 -5.74 -38.21 28.63
C CYS A 1095 -5.04 -37.03 27.98
N PHE A 1096 -5.07 -35.86 28.63
CA PHE A 1096 -4.36 -34.69 28.12
C PHE A 1096 -3.71 -33.87 29.23
N TYR A 1097 -3.65 -34.39 30.46
CA TYR A 1097 -3.14 -33.64 31.60
C TYR A 1097 -1.63 -33.50 31.50
N SER A 1098 -1.14 -32.27 31.46
CA SER A 1098 0.31 -32.00 31.45
C SER A 1098 0.84 -32.16 32.87
N GLU A 1099 1.12 -33.42 33.23
CA GLU A 1099 1.58 -33.71 34.58
C GLU A 1099 3.01 -33.22 34.82
N ASP A 1100 3.83 -33.20 33.77
CA ASP A 1100 5.23 -32.81 33.89
C ASP A 1100 5.44 -31.30 33.86
N SER A 1101 4.40 -30.51 34.13
CA SER A 1101 4.57 -29.07 34.16
C SER A 1101 5.22 -28.64 35.48
N PRO A 1102 6.14 -27.69 35.45
CA PRO A 1102 6.84 -27.29 36.68
C PRO A 1102 5.94 -26.47 37.59
N THR A 1103 5.64 -27.01 38.76
CA THR A 1103 4.85 -26.31 39.76
C THR A 1103 5.56 -26.30 41.11
N GLU A 1104 6.29 -27.36 41.41
CA GLU A 1104 7.07 -27.46 42.64
C GLU A 1104 8.43 -28.03 42.31
N PHE A 1105 9.48 -27.36 42.75
CA PHE A 1105 10.85 -27.75 42.46
C PHE A 1105 11.63 -27.99 43.74
N THR A 1106 12.75 -28.69 43.62
CA THR A 1106 13.67 -28.96 44.70
C THR A 1106 15.01 -28.29 44.39
N SER A 1107 15.96 -28.44 45.31
CA SER A 1107 17.28 -27.84 45.15
C SER A 1107 18.15 -28.58 44.15
N ILE A 1108 17.65 -29.65 43.55
CA ILE A 1108 18.44 -30.42 42.57
C ILE A 1108 17.72 -30.63 41.25
N SER A 1109 16.41 -30.43 41.17
CA SER A 1109 15.68 -30.64 39.93
C SER A 1109 14.54 -29.64 39.87
N SER A 1110 13.62 -29.85 38.91
CA SER A 1110 12.49 -28.94 38.74
C SER A 1110 11.19 -29.69 38.45
N ASN A 1111 11.10 -30.96 38.85
CA ASN A 1111 9.94 -31.83 38.61
C ASN A 1111 9.67 -32.04 37.13
N SER A 1112 10.60 -31.64 36.24
CA SER A 1112 10.42 -31.81 34.81
C SER A 1112 11.72 -32.26 34.14
N GLY A 1113 12.58 -32.94 34.89
CA GLY A 1113 13.86 -33.42 34.39
C GLY A 1113 14.98 -33.01 35.31
N ASN A 1114 16.21 -33.22 34.85
CA ASN A 1114 17.40 -32.88 35.63
C ASN A 1114 18.44 -32.16 34.79
N LEU A 1115 17.99 -31.37 33.82
CA LEU A 1115 18.87 -30.60 32.93
C LEU A 1115 19.86 -31.52 32.21
N LYS A 1116 19.30 -32.40 31.38
CA LYS A 1116 20.11 -33.36 30.65
C LYS A 1116 20.89 -32.66 29.53
N PHE A 1117 22.07 -33.20 29.25
CA PHE A 1117 22.92 -32.64 28.20
C PHE A 1117 23.46 -33.72 27.27
N GLY A 1118 24.23 -33.32 26.26
CA GLY A 1118 24.83 -34.24 25.34
C GLY A 1118 26.21 -33.77 24.91
N LEU A 1119 27.15 -34.70 24.87
CA LEU A 1119 28.56 -34.42 24.65
C LEU A 1119 28.92 -34.59 23.18
N SER A 1120 29.78 -33.72 22.68
CA SER A 1120 30.28 -33.83 21.31
C SER A 1120 31.56 -33.03 21.20
N TYR A 1121 32.18 -33.08 20.03
CA TYR A 1121 33.42 -32.37 19.77
C TYR A 1121 33.23 -31.39 18.63
N LYS A 1122 34.12 -30.41 18.58
CA LYS A 1122 34.14 -29.38 17.55
C LYS A 1122 35.52 -29.31 16.95
N GLU A 1123 35.58 -29.13 15.63
CA GLU A 1123 36.84 -29.23 14.90
C GLU A 1123 37.60 -27.92 15.00
N GLN A 1124 38.90 -28.01 15.33
CA GLN A 1124 39.78 -26.86 15.39
C GLN A 1124 41.09 -27.24 14.72
N VAL A 1125 42.01 -26.26 14.65
CA VAL A 1125 43.28 -26.48 13.97
C VAL A 1125 44.19 -27.35 14.83
N GLY A 1126 44.51 -26.88 16.03
CA GLY A 1126 45.40 -27.61 16.92
C GLY A 1126 44.79 -28.88 17.48
N SER A 1127 43.77 -28.71 18.34
CA SER A 1127 43.09 -29.84 18.95
C SER A 1127 41.60 -29.55 19.01
N ASN A 1128 40.81 -30.62 18.98
CA ASN A 1128 39.37 -30.48 18.99
C ASN A 1128 38.89 -29.90 20.32
N ARG A 1129 37.83 -29.11 20.26
CA ARG A 1129 37.23 -28.49 21.43
C ARG A 1129 36.01 -29.28 21.87
N GLU A 1130 35.62 -29.07 23.13
CA GLU A 1130 34.42 -29.73 23.64
C GLU A 1130 33.17 -29.03 23.12
N LEU A 1131 32.03 -29.70 23.28
CA LEU A 1131 30.75 -29.12 22.92
C LEU A 1131 29.65 -29.81 23.70
N TYR A 1132 28.75 -29.01 24.28
CA TYR A 1132 27.62 -29.50 25.05
C TYR A 1132 26.34 -28.95 24.45
N VAL A 1133 25.43 -29.84 24.07
CA VAL A 1133 24.13 -29.45 23.53
C VAL A 1133 23.05 -29.94 24.49
N GLY A 1134 22.11 -29.07 24.83
CA GLY A 1134 21.12 -29.37 25.84
C GLY A 1134 19.71 -29.55 25.29
N ASP A 1135 18.84 -30.01 26.18
CA ASP A 1135 17.42 -30.09 25.88
C ASP A 1135 16.82 -28.68 25.88
N LEU A 1136 15.52 -28.59 25.57
CA LEU A 1136 14.90 -27.28 25.42
C LEU A 1136 14.74 -26.57 26.75
N ASN A 1137 14.39 -27.30 27.82
CA ASN A 1137 14.20 -26.66 29.11
C ASN A 1137 15.52 -26.13 29.66
N THR A 1138 16.55 -26.97 29.69
CA THR A 1138 17.85 -26.51 30.14
C THR A 1138 18.42 -25.45 29.22
N LYS A 1139 18.07 -25.49 27.92
CA LYS A 1139 18.48 -24.43 27.02
C LYS A 1139 17.86 -23.10 27.41
N LEU A 1140 16.56 -23.10 27.76
CA LEU A 1140 15.92 -21.86 28.19
C LEU A 1140 16.50 -21.36 29.51
N MET A 1141 16.81 -22.28 30.43
CA MET A 1141 17.41 -21.88 31.70
C MET A 1141 18.79 -21.26 31.48
N THR A 1142 19.62 -21.91 30.66
CA THR A 1142 20.93 -21.35 30.34
C THR A 1142 20.80 -20.02 29.63
N ARG A 1143 19.77 -19.87 28.79
CA ARG A 1143 19.55 -18.61 28.09
C ARG A 1143 19.21 -17.49 29.08
N LEU A 1144 18.33 -17.78 30.04
CA LEU A 1144 18.02 -16.79 31.06
C LEU A 1144 19.26 -16.42 31.87
N VAL A 1145 20.03 -17.42 32.29
CA VAL A 1145 21.24 -17.16 33.08
C VAL A 1145 22.23 -16.31 32.29
N GLU A 1146 22.44 -16.66 31.01
CA GLU A 1146 23.41 -15.93 30.22
C GLU A 1146 22.92 -14.53 29.88
N ASP A 1147 21.61 -14.33 29.75
CA ASP A 1147 21.09 -12.99 29.54
C ASP A 1147 21.32 -12.12 30.77
N PHE A 1148 21.03 -12.68 31.96
CA PHE A 1148 21.28 -11.94 33.19
C PHE A 1148 22.77 -11.58 33.32
N SER A 1149 23.64 -12.56 33.11
CA SER A 1149 25.06 -12.32 33.27
C SER A 1149 25.61 -11.38 32.20
N GLU A 1150 25.08 -11.43 30.98
CA GLU A 1150 25.56 -10.52 29.95
C GLU A 1150 25.05 -9.10 30.19
N ALA A 1151 23.87 -8.95 30.78
CA ALA A 1151 23.44 -7.62 31.21
C ALA A 1151 24.37 -7.08 32.30
N VAL A 1152 24.70 -7.92 33.29
CA VAL A 1152 25.61 -7.51 34.35
C VAL A 1152 26.97 -7.13 33.77
N GLY A 1153 27.43 -7.88 32.76
CA GLY A 1153 28.71 -7.57 32.16
C GLY A 1153 28.68 -6.32 31.31
N ASN A 1154 27.59 -6.09 30.58
CA ASN A 1154 27.43 -4.86 29.82
C ASN A 1154 27.37 -3.66 30.75
N SER A 1155 26.86 -3.85 31.96
CA SER A 1155 26.94 -2.78 32.95
C SER A 1155 28.39 -2.52 33.36
N MET A 1156 29.27 -3.50 33.20
CA MET A 1156 30.68 -3.33 33.53
C MET A 1156 31.41 -2.65 32.37
N LYS A 1157 32.70 -2.36 32.58
CA LYS A 1157 33.47 -1.61 31.60
C LYS A 1157 34.64 -2.39 31.02
N TYR A 1158 35.49 -2.97 31.87
CA TYR A 1158 36.79 -3.46 31.39
C TYR A 1158 36.68 -4.73 30.57
N THR A 1159 35.66 -5.55 30.79
CA THR A 1159 35.53 -6.79 30.03
C THR A 1159 35.23 -6.50 28.56
N CYS A 1160 35.86 -7.27 27.67
CA CYS A 1160 35.68 -7.12 26.23
C CYS A 1160 35.42 -8.50 25.61
N LEU A 1161 34.16 -8.88 25.59
CA LEU A 1161 33.73 -10.11 24.91
C LEU A 1161 32.59 -9.85 23.94
N ASN A 1162 31.68 -8.94 24.26
CA ASN A 1162 30.57 -8.55 23.40
C ASN A 1162 30.53 -7.04 23.26
N SER A 1163 31.70 -6.41 23.27
CA SER A 1163 31.81 -4.96 23.15
C SER A 1163 33.05 -4.64 22.34
N GLU A 1164 32.85 -4.20 21.10
CA GLU A 1164 33.98 -3.93 20.22
C GLU A 1164 34.70 -2.63 20.60
N LYS A 1165 34.00 -1.72 21.29
CA LYS A 1165 34.64 -0.49 21.71
C LYS A 1165 35.74 -0.75 22.74
N GLU A 1166 35.45 -1.57 23.75
CA GLU A 1166 36.48 -1.93 24.71
C GLU A 1166 37.58 -2.75 24.07
N PHE A 1167 37.25 -3.54 23.04
CA PHE A 1167 38.27 -4.29 22.32
C PHE A 1167 39.24 -3.34 21.61
N GLU A 1168 38.70 -2.32 20.95
CA GLU A 1168 39.55 -1.32 20.30
C GLU A 1168 40.36 -0.54 21.33
N ARG A 1169 39.77 -0.25 22.49
CA ARG A 1169 40.50 0.43 23.55
C ARG A 1169 41.67 -0.40 24.03
N ALA A 1170 41.45 -1.70 24.26
CA ALA A 1170 42.55 -2.58 24.65
C ALA A 1170 43.61 -2.65 23.56
N ILE A 1171 43.18 -2.66 22.30
CA ILE A 1171 44.13 -2.73 21.19
C ILE A 1171 45.03 -1.51 21.19
N CYS A 1172 44.45 -0.31 21.29
CA CYS A 1172 45.27 0.89 21.23
C CYS A 1172 46.12 1.04 22.48
N ASP A 1173 45.62 0.62 23.64
CA ASP A 1173 46.44 0.65 24.86
C ASP A 1173 47.65 -0.27 24.72
N MET A 1174 47.42 -1.48 24.19
CA MET A 1174 48.53 -2.41 23.98
C MET A 1174 49.53 -1.86 22.99
N LYS A 1175 49.05 -1.24 21.90
CA LYS A 1175 49.95 -0.66 20.91
C LYS A 1175 50.79 0.45 21.52
N MET A 1176 50.15 1.33 22.30
CA MET A 1176 50.89 2.42 22.94
C MET A 1176 51.90 1.90 23.95
N ALA A 1177 51.55 0.84 24.68
CA ALA A 1177 52.48 0.27 25.64
C ALA A 1177 53.68 -0.36 24.94
N VAL A 1178 53.44 -1.08 23.85
CA VAL A 1178 54.55 -1.67 23.10
C VAL A 1178 55.43 -0.59 22.50
N ASN A 1179 54.83 0.52 22.03
CA ASN A 1179 55.63 1.60 21.47
C ASN A 1179 56.40 2.35 22.54
N ASN A 1180 55.90 2.37 23.78
CA ASN A 1180 56.57 3.04 24.88
C ASN A 1180 57.51 2.13 25.66
N GLY A 1181 57.20 0.84 25.76
CA GLY A 1181 58.07 -0.09 26.44
C GLY A 1181 57.61 -0.48 27.84
N ASP A 1182 56.32 -0.74 28.00
CA ASP A 1182 55.77 -1.20 29.26
C ASP A 1182 55.82 -2.72 29.33
N LEU A 1183 55.53 -3.26 30.52
CA LEU A 1183 55.57 -4.70 30.73
C LEU A 1183 54.26 -5.31 30.24
N SER A 1184 54.31 -6.01 29.11
CA SER A 1184 53.14 -6.68 28.55
C SER A 1184 53.19 -8.15 28.91
N CYS A 1185 52.10 -8.65 29.51
CA CYS A 1185 52.01 -10.04 29.92
C CYS A 1185 50.73 -10.65 29.34
N SER A 1186 50.89 -11.61 28.44
CA SER A 1186 49.75 -12.33 27.86
C SER A 1186 49.59 -13.64 28.62
N TYR A 1187 48.49 -13.77 29.35
CA TYR A 1187 48.23 -14.93 30.20
C TYR A 1187 47.14 -15.77 29.58
N ASP A 1188 47.51 -16.94 29.06
CA ASP A 1188 46.56 -17.96 28.66
C ASP A 1188 46.40 -18.96 29.79
N HIS A 1189 45.17 -19.39 30.05
CA HIS A 1189 44.87 -20.30 31.14
C HIS A 1189 44.49 -21.67 30.59
N SER A 1190 44.99 -22.72 31.25
CA SER A 1190 44.78 -24.08 30.82
C SER A 1190 43.56 -24.66 31.53
N LYS A 1191 42.76 -25.44 30.79
CA LYS A 1191 41.59 -26.12 31.34
C LYS A 1191 40.66 -25.12 32.04
N TRP A 1192 40.18 -24.16 31.26
CA TRP A 1192 39.22 -23.20 31.81
C TRP A 1192 37.83 -23.82 31.94
N GLY A 1193 37.43 -24.61 30.95
CA GLY A 1193 36.15 -25.25 30.94
C GLY A 1193 35.99 -26.36 31.98
N PRO A 1194 36.74 -27.46 31.80
CA PRO A 1194 36.53 -28.64 32.66
C PRO A 1194 36.97 -28.46 34.11
N THR A 1195 37.40 -27.27 34.52
CA THR A 1195 37.83 -27.04 35.89
C THR A 1195 36.85 -26.22 36.71
N MET A 1196 36.23 -25.21 36.11
CA MET A 1196 35.27 -24.39 36.85
C MET A 1196 34.07 -25.22 37.28
N SER A 1197 33.38 -24.73 38.31
CA SER A 1197 32.24 -25.40 38.89
C SER A 1197 31.15 -24.39 39.19
N PRO A 1198 29.89 -24.76 39.04
CA PRO A 1198 28.79 -23.82 39.37
C PRO A 1198 28.74 -23.42 40.82
N ALA A 1199 29.34 -24.20 41.73
CA ALA A 1199 29.35 -23.84 43.13
C ALA A 1199 30.15 -22.56 43.39
N LEU A 1200 31.20 -22.33 42.60
CA LEU A 1200 31.97 -21.10 42.75
C LEU A 1200 31.12 -19.89 42.39
N PHE A 1201 30.39 -19.96 41.28
CA PHE A 1201 29.49 -18.87 40.91
C PHE A 1201 28.37 -18.72 41.92
N LEU A 1202 27.89 -19.83 42.47
CA LEU A 1202 26.87 -19.76 43.52
C LEU A 1202 27.37 -18.98 44.72
N ALA A 1203 28.56 -19.33 45.22
CA ALA A 1203 29.13 -18.61 46.35
C ALA A 1203 29.37 -17.14 46.01
N LEU A 1204 29.85 -16.87 44.81
CA LEU A 1204 30.10 -15.48 44.40
C LEU A 1204 28.81 -14.67 44.42
N LEU A 1205 27.75 -15.18 43.81
CA LEU A 1205 26.49 -14.44 43.77
C LEU A 1205 25.86 -14.36 45.15
N GLN A 1206 26.11 -15.33 46.02
CA GLN A 1206 25.67 -15.23 47.40
C GLN A 1206 26.39 -14.10 48.13
N MET A 1207 27.66 -13.89 47.82
CA MET A 1207 28.47 -12.90 48.52
C MET A 1207 28.31 -11.49 47.96
N LEU A 1208 27.71 -11.34 46.78
CA LEU A 1208 27.57 -10.03 46.16
C LEU A 1208 26.29 -9.34 46.65
N GLU A 1209 26.10 -8.10 46.23
CA GLU A 1209 24.92 -7.33 46.61
C GLU A 1209 24.12 -6.82 45.43
N LEU A 1210 24.79 -6.47 44.33
CA LEU A 1210 24.14 -5.99 43.09
C LEU A 1210 23.18 -4.84 43.39
N ARG A 1211 23.77 -3.74 43.84
CA ARG A 1211 22.99 -2.56 44.21
C ARG A 1211 22.37 -1.91 42.98
N THR A 1212 21.09 -1.52 43.12
CA THR A 1212 20.39 -0.83 42.05
C THR A 1212 21.00 0.56 41.82
N PRO A 1213 20.80 1.14 40.62
CA PRO A 1213 21.39 2.44 40.33
C PRO A 1213 20.78 3.58 41.14
N VAL A 1214 19.45 3.61 41.24
CA VAL A 1214 18.75 4.72 41.87
C VAL A 1214 17.96 4.28 43.10
N ASP A 1215 17.74 2.99 43.30
CA ASP A 1215 17.01 2.51 44.47
C ASP A 1215 17.90 2.09 45.63
N ARG A 1216 19.08 1.56 45.35
CA ARG A 1216 19.97 1.01 46.38
C ARG A 1216 19.22 -0.02 47.22
N SER A 1217 18.74 -1.07 46.53
CA SER A 1217 17.81 -2.02 47.12
C SER A 1217 18.42 -3.39 47.41
N LYS A 1218 19.64 -3.66 46.95
CA LYS A 1218 20.31 -4.95 47.18
C LYS A 1218 19.45 -6.10 46.62
N ILE A 1219 19.31 -6.09 45.29
CA ILE A 1219 18.48 -7.06 44.58
C ILE A 1219 18.75 -8.47 45.10
N ASP A 1220 17.68 -9.21 45.37
CA ASP A 1220 17.79 -10.59 45.84
C ASP A 1220 17.97 -11.51 44.64
N LEU A 1221 19.11 -12.18 44.57
CA LEU A 1221 19.43 -13.10 43.47
C LEU A 1221 18.99 -14.51 43.80
N ASP A 1222 17.70 -14.65 44.09
CA ASP A 1222 17.16 -15.93 44.54
C ASP A 1222 16.95 -16.89 43.37
N SER A 1223 16.30 -16.41 42.30
CA SER A 1223 16.06 -17.26 41.14
C SER A 1223 17.36 -17.67 40.46
N VAL A 1224 18.32 -16.74 40.39
CA VAL A 1224 19.60 -17.06 39.77
C VAL A 1224 20.32 -18.15 40.54
N LYS A 1225 20.32 -18.05 41.88
CA LYS A 1225 20.92 -19.09 42.69
C LYS A 1225 20.18 -20.41 42.55
N SER A 1226 18.85 -20.37 42.39
CA SER A 1226 18.10 -21.60 42.17
C SER A 1226 18.50 -22.27 40.85
N ILE A 1227 18.61 -21.49 39.79
CA ILE A 1227 19.00 -22.06 38.50
C ILE A 1227 20.43 -22.58 38.55
N LEU A 1228 21.31 -21.89 39.30
CA LEU A 1228 22.68 -22.37 39.42
C LEU A 1228 22.75 -23.66 40.23
N LYS A 1229 21.91 -23.79 41.26
CA LYS A 1229 21.84 -25.04 42.00
C LYS A 1229 21.31 -26.16 41.11
N TRP A 1230 20.38 -25.83 40.22
CA TRP A 1230 19.92 -26.81 39.23
C TRP A 1230 21.06 -27.24 38.32
N HIS A 1231 21.84 -26.27 37.82
CA HIS A 1231 22.95 -26.59 36.94
C HIS A 1231 24.01 -27.41 37.64
N LEU A 1232 24.20 -27.20 38.94
CA LEU A 1232 25.22 -27.95 39.68
C LEU A 1232 24.94 -29.45 39.67
N HIS A 1233 23.68 -29.84 39.50
CA HIS A 1233 23.28 -31.25 39.46
C HIS A 1233 22.84 -31.67 38.07
N LYS A 1234 23.49 -31.15 37.03
CA LYS A 1234 23.15 -31.51 35.67
C LYS A 1234 23.67 -32.91 35.34
N VAL A 1235 23.02 -33.55 34.39
CA VAL A 1235 23.36 -34.91 33.95
C VAL A 1235 23.90 -34.85 32.54
N VAL A 1236 25.14 -35.32 32.36
CA VAL A 1236 25.79 -35.38 31.06
C VAL A 1236 25.74 -36.81 30.58
N GLU A 1237 25.16 -37.03 29.40
CA GLU A 1237 24.99 -38.35 28.81
C GLU A 1237 26.16 -38.65 27.89
N VAL A 1238 26.70 -39.86 28.00
CA VAL A 1238 27.87 -40.26 27.22
C VAL A 1238 27.42 -40.70 25.83
N PRO A 1239 28.26 -40.54 24.80
CA PRO A 1239 27.88 -41.02 23.48
C PRO A 1239 27.77 -42.54 23.43
N ILE A 1240 26.83 -43.02 22.62
CA ILE A 1240 26.61 -44.46 22.52
C ILE A 1240 27.75 -45.12 21.75
N ASN A 1241 28.43 -44.37 20.87
CA ASN A 1241 29.52 -44.96 20.09
C ASN A 1241 30.68 -45.36 20.98
N VAL A 1242 31.08 -44.49 21.92
CA VAL A 1242 32.15 -44.83 22.84
C VAL A 1242 31.73 -46.01 23.73
N ALA A 1243 30.46 -46.05 24.11
CA ALA A 1243 29.96 -47.16 24.92
C ALA A 1243 30.08 -48.49 24.18
N GLU A 1244 29.68 -48.51 22.90
CA GLU A 1244 29.79 -49.73 22.13
C GLU A 1244 31.25 -50.11 21.88
N ALA A 1245 32.10 -49.10 21.66
CA ALA A 1245 33.51 -49.39 21.42
C ALA A 1245 34.19 -49.96 22.67
N TYR A 1246 33.79 -49.51 23.85
CA TYR A 1246 34.35 -50.05 25.08
C TYR A 1246 33.69 -51.35 25.51
N CYS A 1247 32.48 -51.63 25.02
CA CYS A 1247 31.80 -52.87 25.38
C CYS A 1247 32.26 -54.04 24.50
N ILE A 1248 32.35 -53.80 23.19
CA ILE A 1248 32.77 -54.86 22.27
C ILE A 1248 34.24 -55.23 22.52
N GLY A 1249 35.12 -54.25 22.39
CA GLY A 1249 36.54 -54.49 22.61
C GLY A 1249 37.19 -55.34 21.54
N SER A 1262 47.36 -51.48 24.47
CA SER A 1262 46.68 -50.20 24.60
C SER A 1262 46.11 -50.02 26.00
N THR A 1263 46.54 -48.97 26.69
CA THR A 1263 46.09 -48.66 28.03
C THR A 1263 45.49 -47.26 28.06
N SER A 1264 44.32 -47.14 28.67
CA SER A 1264 43.61 -45.87 28.72
C SER A 1264 42.93 -45.74 30.09
N LEU A 1265 43.06 -44.57 30.70
CA LEU A 1265 42.50 -44.36 32.03
C LEU A 1265 40.97 -44.32 31.99
N SER A 1266 40.41 -43.62 31.01
CA SER A 1266 38.96 -43.58 30.89
C SER A 1266 38.39 -44.93 30.48
N GLU A 1267 39.10 -45.67 29.65
CA GLU A 1267 38.67 -47.04 29.34
C GLU A 1267 38.74 -47.92 30.58
N GLU A 1268 39.75 -47.71 31.43
CA GLU A 1268 39.83 -48.43 32.70
C GLU A 1268 38.65 -48.10 33.60
N PHE A 1269 38.26 -46.81 33.65
CA PHE A 1269 37.11 -46.42 34.45
C PHE A 1269 35.82 -47.00 33.87
N PHE A 1270 35.71 -47.08 32.55
CA PHE A 1270 34.54 -47.67 31.92
C PHE A 1270 34.43 -49.16 32.25
N HIS A 1271 35.55 -49.87 32.15
CA HIS A 1271 35.53 -51.30 32.46
C HIS A 1271 35.36 -51.55 33.95
N GLN A 1272 35.79 -50.62 34.79
CA GLN A 1272 35.59 -50.75 36.23
C GLN A 1272 34.15 -50.45 36.64
N THR A 1273 33.48 -49.56 35.92
CA THR A 1273 32.09 -49.24 36.17
C THR A 1273 31.16 -49.95 35.18
N MET A 1274 31.66 -50.93 34.44
CA MET A 1274 30.83 -51.66 33.49
C MET A 1274 29.79 -52.52 34.20
N GLN A 1275 30.25 -53.47 35.02
CA GLN A 1275 29.34 -54.34 35.75
C GLN A 1275 29.80 -54.61 37.18
N LEU A 1276 30.77 -53.86 37.69
CA LEU A 1276 31.24 -54.10 39.06
C LEU A 1276 30.33 -53.45 40.08
N ASN A 1277 30.17 -52.13 40.01
CA ASN A 1277 29.30 -51.43 40.96
C ASN A 1277 27.86 -51.39 40.47
N GLY A 1278 27.66 -51.05 39.20
CA GLY A 1278 26.32 -50.98 38.64
C GLY A 1278 26.25 -51.52 37.22
N GLN A 1279 25.60 -50.78 36.34
CA GLN A 1279 25.46 -51.16 34.94
C GLN A 1279 26.39 -50.32 34.08
N ILE A 1280 26.29 -50.50 32.77
CA ILE A 1280 27.16 -49.77 31.83
C ILE A 1280 26.91 -48.27 31.99
N PRO A 1281 27.96 -47.45 32.12
CA PRO A 1281 27.74 -46.01 32.38
C PRO A 1281 27.15 -45.32 31.17
N SER A 1282 26.04 -44.61 31.40
CA SER A 1282 25.39 -43.82 30.37
C SER A 1282 25.05 -42.41 30.83
N HIS A 1283 25.09 -42.12 32.12
CA HIS A 1283 24.81 -40.81 32.66
C HIS A 1283 25.85 -40.48 33.71
N ILE A 1284 26.50 -39.32 33.56
CA ILE A 1284 27.60 -38.93 34.44
C ILE A 1284 27.30 -37.55 35.00
N MET A 1285 27.19 -37.46 36.32
CA MET A 1285 27.05 -36.20 37.04
C MET A 1285 28.27 -36.00 37.93
N SER A 1286 28.69 -34.75 38.08
CA SER A 1286 29.85 -34.44 38.91
C SER A 1286 29.72 -33.01 39.43
N VAL A 1287 30.74 -32.56 40.13
CA VAL A 1287 30.73 -31.22 40.73
C VAL A 1287 31.20 -30.18 39.73
N LEU A 1288 32.42 -30.36 39.22
CA LEU A 1288 33.07 -29.36 38.37
C LEU A 1288 33.00 -29.81 36.91
N ASP A 1289 32.01 -29.28 36.19
CA ASP A 1289 31.94 -29.49 34.74
C ASP A 1289 32.04 -28.17 33.98
N MET A 1290 31.12 -27.25 34.21
CA MET A 1290 31.06 -25.95 33.53
C MET A 1290 31.25 -26.12 32.03
N GLY A 1291 30.26 -26.75 31.41
CA GLY A 1291 30.28 -27.03 29.98
C GLY A 1291 30.72 -25.87 29.11
N GLN A 1292 31.67 -26.12 28.22
CA GLN A 1292 32.24 -25.07 27.39
C GLN A 1292 31.16 -24.50 26.46
N GLY A 1293 30.88 -23.22 26.59
CA GLY A 1293 29.84 -22.59 25.82
C GLY A 1293 28.48 -22.58 26.48
N ILE A 1294 28.43 -22.64 27.81
CA ILE A 1294 27.18 -22.67 28.55
C ILE A 1294 27.13 -21.48 29.50
N LEU A 1295 28.10 -21.42 30.41
CA LEU A 1295 28.20 -20.36 31.41
C LEU A 1295 29.29 -19.36 31.05
N HIS A 1296 29.41 -19.02 29.77
CA HIS A 1296 30.50 -18.18 29.30
C HIS A 1296 30.49 -16.80 29.96
N ASN A 1297 29.31 -16.19 30.07
CA ASN A 1297 29.22 -14.83 30.60
C ASN A 1297 29.50 -14.79 32.10
N THR A 1298 28.97 -15.77 32.84
CA THR A 1298 29.25 -15.83 34.28
C THR A 1298 30.73 -16.05 34.54
N SER A 1299 31.35 -16.96 33.78
CA SER A 1299 32.78 -17.18 33.91
C SER A 1299 33.57 -15.92 33.56
N ASP A 1300 33.12 -15.20 32.52
CA ASP A 1300 33.77 -13.96 32.15
C ASP A 1300 33.72 -12.94 33.28
N LEU A 1301 32.55 -12.76 33.88
CA LEU A 1301 32.41 -11.76 34.94
C LEU A 1301 33.24 -12.17 36.17
N TYR A 1302 33.22 -13.46 36.51
CA TYR A 1302 34.01 -13.93 37.64
C TYR A 1302 35.50 -13.71 37.40
N GLY A 1303 35.98 -14.06 36.20
CA GLY A 1303 37.36 -13.81 35.87
C GLY A 1303 37.70 -12.34 35.91
N LEU A 1304 36.76 -11.49 35.46
CA LEU A 1304 36.99 -10.05 35.48
C LEU A 1304 37.17 -9.54 36.90
N ILE A 1305 36.27 -9.92 37.81
CA ILE A 1305 36.37 -9.43 39.18
C ILE A 1305 37.61 -9.99 39.86
N THR A 1306 37.95 -11.25 39.60
CA THR A 1306 39.16 -11.82 40.19
C THR A 1306 40.41 -11.11 39.69
N GLU A 1307 40.45 -10.78 38.39
CA GLU A 1307 41.60 -10.08 37.85
C GLU A 1307 41.66 -8.65 38.36
N GLN A 1308 40.51 -8.01 38.62
CA GLN A 1308 40.52 -6.69 39.23
C GLN A 1308 41.08 -6.75 40.65
N PHE A 1309 40.65 -7.75 41.42
CA PHE A 1309 41.22 -7.93 42.75
C PHE A 1309 42.72 -8.18 42.69
N LEU A 1310 43.16 -8.99 41.72
CA LEU A 1310 44.58 -9.28 41.59
C LEU A 1310 45.38 -8.03 41.19
N CYS A 1311 44.87 -7.22 40.26
CA CYS A 1311 45.60 -6.03 39.87
C CYS A 1311 45.62 -5.00 40.98
N TYR A 1312 44.55 -4.93 41.78
CA TYR A 1312 44.58 -4.09 42.97
C TYR A 1312 45.67 -4.56 43.93
N ALA A 1313 45.73 -5.87 44.18
CA ALA A 1313 46.74 -6.41 45.09
C ALA A 1313 48.15 -6.10 44.58
N LEU A 1314 48.38 -6.28 43.29
CA LEU A 1314 49.71 -5.99 42.73
C LEU A 1314 50.03 -4.50 42.81
N ASP A 1315 49.05 -3.64 42.54
CA ASP A 1315 49.27 -2.19 42.67
C ASP A 1315 49.63 -1.82 44.10
N LEU A 1316 48.98 -2.44 45.08
CA LEU A 1316 49.25 -2.12 46.47
C LEU A 1316 50.57 -2.70 46.96
N LEU A 1317 50.99 -3.84 46.41
CA LEU A 1317 52.19 -4.49 46.91
C LEU A 1317 53.46 -4.00 46.22
N TYR A 1318 53.47 -3.97 44.89
CA TYR A 1318 54.68 -3.67 44.14
C TYR A 1318 54.66 -2.28 43.52
N ASP A 1319 53.79 -1.40 44.01
CA ASP A 1319 53.70 0.01 43.59
C ASP A 1319 53.83 0.21 42.09
N VAL A 1320 53.22 -0.65 41.30
CA VAL A 1320 53.21 -0.53 39.85
C VAL A 1320 51.80 -0.14 39.41
N ILE A 1321 51.67 0.17 38.11
CA ILE A 1321 50.38 0.56 37.56
C ILE A 1321 49.92 -0.53 36.60
N PRO A 1322 49.08 -1.47 37.05
CA PRO A 1322 48.59 -2.52 36.15
C PRO A 1322 47.22 -2.18 35.55
N VAL A 1323 47.01 -2.56 34.29
CA VAL A 1323 45.70 -2.51 33.65
C VAL A 1323 45.48 -3.81 32.90
N SER A 1324 44.35 -4.46 33.15
CA SER A 1324 44.10 -5.80 32.66
C SER A 1324 42.87 -5.83 31.76
N TYR A 1325 42.96 -6.59 30.67
CA TYR A 1325 41.84 -6.83 29.77
C TYR A 1325 41.61 -8.33 29.65
N THR A 1326 40.36 -8.75 29.75
CA THR A 1326 40.01 -10.16 29.82
C THR A 1326 39.12 -10.57 28.65
N SER A 1327 39.10 -11.87 28.38
CA SER A 1327 38.24 -12.44 27.35
C SER A 1327 37.62 -13.77 27.77
N SER A 1328 37.55 -14.04 29.08
CA SER A 1328 36.92 -15.23 29.66
C SER A 1328 37.76 -16.48 29.43
N ASP A 1329 38.80 -16.38 28.61
CA ASP A 1329 39.72 -17.49 28.42
C ASP A 1329 41.18 -17.07 28.59
N ASP A 1330 41.52 -15.85 28.15
CA ASP A 1330 42.88 -15.34 28.28
C ASP A 1330 42.81 -13.87 28.62
N GLN A 1331 43.91 -13.35 29.17
CA GLN A 1331 43.98 -11.96 29.59
C GLN A 1331 45.28 -11.34 29.12
N ILE A 1332 45.32 -10.02 29.12
CA ILE A 1332 46.51 -9.25 28.82
C ILE A 1332 46.66 -8.17 29.88
N THR A 1333 47.83 -8.10 30.50
CA THR A 1333 48.11 -7.13 31.57
C THR A 1333 49.23 -6.22 31.11
N LEU A 1334 48.96 -4.92 31.12
CA LEU A 1334 49.93 -3.88 30.80
C LEU A 1334 50.34 -3.24 32.12
N ILE A 1335 51.63 -3.38 32.48
CA ILE A 1335 52.14 -2.89 33.75
C ILE A 1335 53.13 -1.78 33.46
N LYS A 1336 52.87 -0.61 34.03
CA LYS A 1336 53.78 0.52 33.99
C LYS A 1336 54.56 0.57 35.29
N THR A 1337 55.88 0.46 35.21
CA THR A 1337 56.75 0.44 36.36
C THR A 1337 57.43 1.79 36.57
N PRO A 1338 57.74 2.15 37.81
CA PRO A 1338 58.44 3.42 38.05
C PRO A 1338 59.89 3.38 37.61
N SER A 1339 60.60 4.48 37.82
CA SER A 1339 62.01 4.61 37.44
C SER A 1339 62.23 4.30 35.96
N ASP A 1347 67.37 -4.70 32.98
CA ASP A 1347 66.44 -3.69 33.46
C ASP A 1347 65.17 -4.32 34.03
N ALA A 1348 64.65 -5.32 33.31
CA ALA A 1348 63.44 -6.02 33.71
C ALA A 1348 63.74 -7.37 34.34
N ALA A 1349 64.88 -7.49 35.02
CA ALA A 1349 65.28 -8.73 35.69
C ALA A 1349 64.87 -8.76 37.16
N GLU A 1350 64.23 -7.69 37.66
CA GLU A 1350 63.81 -7.61 39.05
C GLU A 1350 62.31 -7.71 39.22
N TRP A 1351 61.62 -8.32 38.24
CA TRP A 1351 60.16 -8.46 38.30
C TRP A 1351 59.73 -9.92 38.29
N LEU A 1352 60.68 -10.85 38.49
CA LEU A 1352 60.32 -12.26 38.51
C LEU A 1352 59.50 -12.60 39.75
N GLU A 1353 59.86 -12.01 40.89
CA GLU A 1353 59.11 -12.28 42.13
C GLU A 1353 57.68 -11.78 42.01
N MET A 1354 57.48 -10.63 41.35
CA MET A 1354 56.14 -10.09 41.18
C MET A 1354 55.27 -11.04 40.38
N ILE A 1355 55.78 -11.49 39.23
CA ILE A 1355 54.96 -12.34 38.36
C ILE A 1355 54.74 -13.72 38.96
N CYS A 1356 55.73 -14.25 39.69
CA CYS A 1356 55.50 -15.56 40.31
C CYS A 1356 54.53 -15.46 41.48
N PHE A 1357 54.57 -14.34 42.23
CA PHE A 1357 53.57 -14.13 43.26
C PHE A 1357 52.17 -14.00 42.66
N HIS A 1358 52.07 -13.30 41.52
CA HIS A 1358 50.78 -13.20 40.84
C HIS A 1358 50.29 -14.56 40.37
N GLU A 1359 51.19 -15.38 39.83
CA GLU A 1359 50.81 -16.72 39.41
C GLU A 1359 50.36 -17.56 40.59
N PHE A 1360 51.05 -17.44 41.73
CA PHE A 1360 50.65 -18.18 42.92
C PHE A 1360 49.27 -17.75 43.40
N LEU A 1361 49.00 -16.44 43.40
CA LEU A 1361 47.70 -15.96 43.83
C LEU A 1361 46.59 -16.40 42.87
N SER A 1362 46.88 -16.44 41.57
CA SER A 1362 45.89 -16.91 40.62
C SER A 1362 45.63 -18.41 40.78
N SER A 1363 46.69 -19.18 41.07
CA SER A 1363 46.52 -20.61 41.30
C SER A 1363 45.78 -20.88 42.61
N LYS A 1364 45.86 -19.94 43.56
CA LYS A 1364 45.03 -20.05 44.76
C LYS A 1364 43.54 -19.98 44.41
N LEU A 1365 43.21 -19.28 43.34
CA LEU A 1365 41.87 -19.30 42.78
C LEU A 1365 41.78 -20.41 41.73
N ASN A 1366 40.65 -20.51 41.04
CA ASN A 1366 40.50 -21.47 39.96
C ASN A 1366 40.91 -20.85 38.63
N LYS A 1367 42.11 -20.29 38.58
CA LYS A 1367 42.64 -19.58 37.42
C LYS A 1367 44.06 -20.03 37.11
N PHE A 1368 44.25 -21.35 37.05
CA PHE A 1368 45.56 -21.90 36.71
C PHE A 1368 46.05 -21.36 35.38
N VAL A 1369 47.30 -20.89 35.37
CA VAL A 1369 47.90 -20.28 34.19
C VAL A 1369 48.62 -21.35 33.39
N SER A 1370 48.50 -21.27 32.07
CA SER A 1370 49.14 -22.23 31.18
C SER A 1370 50.61 -21.88 30.97
N PRO A 1371 51.45 -22.87 30.67
CA PRO A 1371 52.86 -22.58 30.38
C PRO A 1371 53.06 -21.78 29.10
N LYS A 1372 52.02 -21.58 28.30
CA LYS A 1372 52.12 -20.79 27.08
C LYS A 1372 52.03 -19.29 27.35
N SER A 1373 51.72 -18.88 28.58
CA SER A 1373 51.66 -17.47 28.91
C SER A 1373 53.06 -16.87 28.89
N VAL A 1374 53.16 -15.64 28.37
CA VAL A 1374 54.45 -15.00 28.18
C VAL A 1374 54.43 -13.63 28.82
N ILE A 1375 55.61 -13.17 29.28
CA ILE A 1375 55.78 -11.87 29.89
C ILE A 1375 57.01 -11.22 29.26
N GLY A 1376 56.87 -9.99 28.79
CA GLY A 1376 58.00 -9.33 28.18
C GLY A 1376 57.74 -7.86 27.95
N THR A 1377 58.56 -7.27 27.06
CA THR A 1377 58.40 -5.87 26.69
C THR A 1377 58.69 -5.63 25.22
N PHE A 1378 58.53 -6.63 24.36
CA PHE A 1378 58.89 -6.49 22.95
C PHE A 1378 57.74 -6.87 22.03
N VAL A 1379 56.89 -7.79 22.45
CA VAL A 1379 55.79 -8.27 21.63
C VAL A 1379 54.60 -8.60 22.53
N ALA A 1380 53.40 -8.24 22.07
CA ALA A 1380 52.18 -8.51 22.82
C ALA A 1380 51.20 -9.26 21.94
N GLU A 1381 50.34 -10.05 22.58
CA GLU A 1381 49.35 -10.86 21.87
C GLU A 1381 48.01 -10.79 22.58
N PHE A 1382 46.94 -10.71 21.80
CA PHE A 1382 45.59 -10.74 22.34
C PHE A 1382 44.63 -11.13 21.22
N LYS A 1383 43.91 -12.24 21.42
CA LYS A 1383 42.96 -12.75 20.43
C LYS A 1383 43.64 -12.98 19.08
N SER A 1384 44.81 -13.60 19.13
CA SER A 1384 45.63 -13.90 17.94
C SER A 1384 45.83 -12.64 17.09
N ARG A 1385 46.31 -11.59 17.76
CA ARG A 1385 46.62 -10.32 17.11
C ARG A 1385 47.92 -9.82 17.71
N PHE A 1386 49.03 -10.03 17.01
CA PHE A 1386 50.36 -9.80 17.55
C PHE A 1386 50.80 -8.38 17.22
N PHE A 1387 51.22 -7.65 18.25
CA PHE A 1387 51.71 -6.28 18.11
C PHE A 1387 53.17 -6.22 18.52
N VAL A 1388 54.00 -5.65 17.64
CA VAL A 1388 55.42 -5.48 17.89
C VAL A 1388 55.74 -3.99 17.79
N MET A 1389 56.99 -3.63 18.11
CA MET A 1389 57.42 -2.25 18.09
C MET A 1389 57.35 -1.65 16.69
N GLY A 1390 56.43 -0.71 16.48
CA GLY A 1390 56.38 0.03 15.24
C GLY A 1390 55.22 -0.29 14.34
N GLU A 1391 54.86 -1.57 14.21
CA GLU A 1391 53.82 -1.98 13.28
C GLU A 1391 53.15 -3.24 13.83
N GLU A 1392 52.39 -3.91 12.97
CA GLU A 1392 51.66 -5.13 13.32
C GLU A 1392 51.95 -6.19 12.27
N THR A 1393 52.03 -7.44 12.72
CA THR A 1393 52.29 -8.54 11.80
C THR A 1393 51.10 -8.74 10.86
N PRO A 1394 51.34 -8.93 9.56
CA PRO A 1394 50.22 -8.99 8.61
C PRO A 1394 49.45 -10.31 8.62
N LEU A 1395 50.12 -11.40 8.99
CA LEU A 1395 49.53 -12.74 8.98
C LEU A 1395 49.04 -13.12 7.59
N LEU A 1396 50.00 -13.22 6.67
CA LEU A 1396 49.67 -13.47 5.27
C LEU A 1396 49.15 -14.89 5.06
N THR A 1397 49.91 -15.89 5.51
CA THR A 1397 49.60 -17.28 5.18
C THR A 1397 48.27 -17.72 5.78
N LYS A 1398 47.87 -17.16 6.92
CA LYS A 1398 46.58 -17.50 7.51
C LYS A 1398 45.44 -17.11 6.57
N PHE A 1399 45.45 -15.86 6.09
CA PHE A 1399 44.43 -15.42 5.16
C PHE A 1399 44.51 -16.17 3.84
N VAL A 1400 45.74 -16.50 3.39
CA VAL A 1400 45.88 -17.25 2.14
C VAL A 1400 45.22 -18.62 2.25
N ALA A 1401 45.50 -19.33 3.36
CA ALA A 1401 44.90 -20.64 3.56
C ALA A 1401 43.40 -20.55 3.77
N ALA A 1402 42.93 -19.48 4.41
CA ALA A 1402 41.48 -19.29 4.56
C ALA A 1402 40.82 -19.05 3.21
N ALA A 1403 41.51 -18.36 2.31
CA ALA A 1403 40.96 -18.12 0.98
C ALA A 1403 40.95 -19.40 0.15
N LEU A 1404 42.04 -20.19 0.22
CA LEU A 1404 42.09 -21.43 -0.55
C LEU A 1404 41.12 -22.47 -0.01
N HIS A 1405 40.76 -22.39 1.26
CA HIS A 1405 39.84 -23.34 1.87
C HIS A 1405 38.41 -22.80 1.78
N ASN A 1406 37.51 -23.45 2.53
CA ASN A 1406 36.10 -23.05 2.69
C ASN A 1406 35.46 -22.67 1.36
N VAL A 1407 35.56 -23.57 0.38
CA VAL A 1407 34.90 -23.39 -0.91
C VAL A 1407 33.52 -24.04 -0.78
N LYS A 1408 32.58 -23.27 -0.24
CA LYS A 1408 31.19 -23.71 -0.10
C LYS A 1408 30.38 -23.06 -1.22
N CYS A 1409 29.96 -23.87 -2.19
CA CYS A 1409 29.30 -23.38 -3.39
C CYS A 1409 27.92 -24.01 -3.51
N LYS A 1410 26.89 -23.16 -3.46
CA LYS A 1410 25.54 -23.55 -3.86
C LYS A 1410 25.17 -22.99 -5.23
N THR A 1411 25.60 -21.77 -5.53
CA THR A 1411 25.52 -21.15 -6.84
C THR A 1411 26.85 -20.42 -7.07
N PRO A 1412 27.28 -20.27 -8.32
CA PRO A 1412 28.53 -19.56 -8.58
C PRO A 1412 28.53 -18.13 -8.06
N THR A 1413 27.37 -17.49 -7.98
CA THR A 1413 27.32 -16.10 -7.52
C THR A 1413 27.67 -16.00 -6.05
N GLN A 1414 27.12 -16.88 -5.21
CA GLN A 1414 27.43 -16.82 -3.79
C GLN A 1414 28.88 -17.18 -3.51
N LEU A 1415 29.45 -18.11 -4.29
CA LEU A 1415 30.87 -18.39 -4.17
C LEU A 1415 31.71 -17.18 -4.55
N SER A 1416 31.32 -16.51 -5.64
CA SER A 1416 32.02 -15.29 -6.03
C SER A 1416 31.97 -14.23 -4.94
N GLU A 1417 30.80 -14.07 -4.30
CA GLU A 1417 30.67 -13.08 -3.23
C GLU A 1417 31.50 -13.46 -2.01
N THR A 1418 31.51 -14.74 -1.65
CA THR A 1418 32.32 -15.18 -0.51
C THR A 1418 33.79 -14.94 -0.77
N ILE A 1419 34.27 -15.32 -1.96
CA ILE A 1419 35.66 -15.08 -2.31
C ILE A 1419 35.94 -13.59 -2.36
N ASP A 1420 34.97 -12.78 -2.77
CA ASP A 1420 35.16 -11.33 -2.77
C ASP A 1420 35.41 -10.82 -1.36
N THR A 1421 34.54 -11.20 -0.43
CA THR A 1421 34.72 -10.76 0.96
C THR A 1421 36.05 -11.23 1.52
N ILE A 1422 36.43 -12.48 1.22
CA ILE A 1422 37.65 -13.03 1.78
C ILE A 1422 38.87 -12.32 1.21
N CYS A 1423 38.90 -12.09 -0.10
CA CYS A 1423 40.02 -11.38 -0.70
C CYS A 1423 40.06 -9.93 -0.24
N ASP A 1424 38.91 -9.31 0.03
CA ASP A 1424 38.92 -7.95 0.56
C ASP A 1424 39.55 -7.92 1.95
N GLN A 1425 39.08 -8.77 2.86
CA GLN A 1425 39.66 -8.79 4.20
C GLN A 1425 41.09 -9.30 4.20
N CYS A 1426 41.52 -9.99 3.14
CA CYS A 1426 42.91 -10.42 3.04
C CYS A 1426 43.80 -9.26 2.58
N ILE A 1427 43.43 -8.59 1.49
CA ILE A 1427 44.20 -7.47 0.99
C ILE A 1427 44.15 -6.29 1.95
N ALA A 1428 43.19 -6.27 2.88
CA ALA A 1428 43.18 -5.24 3.90
C ALA A 1428 44.46 -5.27 4.74
N ASN A 1429 44.96 -6.48 5.04
CA ASN A 1429 46.16 -6.62 5.85
C ASN A 1429 47.42 -6.72 5.00
N GLY A 1430 47.58 -5.78 4.06
CA GLY A 1430 48.77 -5.64 3.24
C GLY A 1430 49.43 -6.91 2.74
N VAL A 1431 48.70 -7.74 2.02
CA VAL A 1431 49.25 -9.01 1.56
C VAL A 1431 50.00 -8.80 0.25
N SER A 1432 49.26 -8.44 -0.81
CA SER A 1432 49.83 -8.20 -2.13
C SER A 1432 48.69 -7.82 -3.07
N THR A 1433 49.06 -7.45 -4.30
CA THR A 1433 48.11 -7.27 -5.38
C THR A 1433 48.30 -8.30 -6.50
N LYS A 1434 49.35 -9.10 -6.45
CA LYS A 1434 49.61 -10.12 -7.45
C LYS A 1434 49.14 -11.50 -7.04
N ILE A 1435 48.77 -11.69 -5.78
CA ILE A 1435 48.34 -13.00 -5.28
C ILE A 1435 46.82 -13.10 -5.40
N VAL A 1436 46.13 -11.97 -5.19
CA VAL A 1436 44.67 -11.96 -5.28
C VAL A 1436 44.23 -12.26 -6.71
N THR A 1437 45.00 -11.80 -7.70
CA THR A 1437 44.71 -12.13 -9.08
C THR A 1437 44.78 -13.64 -9.30
N ARG A 1438 45.74 -14.30 -8.65
CA ARG A 1438 45.86 -15.74 -8.80
C ARG A 1438 44.72 -16.48 -8.14
N ILE A 1439 44.23 -15.98 -7.00
CA ILE A 1439 43.08 -16.59 -6.36
C ILE A 1439 41.84 -16.41 -7.22
N SER A 1440 41.68 -15.25 -7.84
CA SER A 1440 40.54 -15.03 -8.73
C SER A 1440 40.61 -15.94 -9.95
N LYS A 1441 41.80 -16.10 -10.52
CA LYS A 1441 41.96 -17.05 -11.63
C LYS A 1441 41.65 -18.47 -11.18
N ARG A 1442 42.05 -18.81 -9.95
CA ARG A 1442 41.78 -20.15 -9.43
C ARG A 1442 40.28 -20.40 -9.31
N VAL A 1443 39.54 -19.45 -8.73
CA VAL A 1443 38.10 -19.67 -8.57
C VAL A 1443 37.41 -19.63 -9.92
N ASN A 1444 37.92 -18.84 -10.86
CA ASN A 1444 37.39 -18.86 -12.23
C ASN A 1444 37.57 -20.24 -12.86
N GLN A 1445 38.76 -20.83 -12.69
CA GLN A 1445 38.99 -22.16 -13.24
C GLN A 1445 38.14 -23.22 -12.52
N LEU A 1446 37.89 -23.03 -11.22
CA LEU A 1446 37.02 -23.95 -10.50
C LEU A 1446 35.58 -23.90 -11.03
N ILE A 1447 35.05 -22.69 -11.25
CA ILE A 1447 33.68 -22.61 -11.73
C ILE A 1447 33.61 -23.03 -13.20
N ARG A 1448 34.71 -22.90 -13.95
CA ARG A 1448 34.70 -23.36 -15.33
C ARG A 1448 34.78 -24.88 -15.41
N TYR A 1449 35.55 -25.51 -14.52
CA TYR A 1449 35.69 -26.96 -14.54
C TYR A 1449 34.39 -27.67 -14.19
N SER A 1450 33.50 -27.00 -13.47
CA SER A 1450 32.24 -27.61 -13.07
C SER A 1450 31.26 -27.74 -14.24
N GLY A 1451 31.56 -27.15 -15.39
CA GLY A 1451 30.68 -27.22 -16.54
C GLY A 1451 29.74 -26.06 -16.70
N TYR A 1452 29.94 -24.97 -15.96
CA TYR A 1452 29.05 -23.82 -16.07
C TYR A 1452 29.47 -22.88 -17.20
N GLY A 1453 30.74 -22.90 -17.58
CA GLY A 1453 31.23 -21.97 -18.57
C GLY A 1453 31.42 -20.57 -18.00
N GLU A 1454 32.33 -19.83 -18.63
CA GLU A 1454 32.65 -18.49 -18.17
C GLU A 1454 31.52 -17.52 -18.50
N THR A 1455 31.20 -16.65 -17.56
CA THR A 1455 30.18 -15.63 -17.70
C THR A 1455 30.80 -14.25 -17.55
N PRO A 1456 30.15 -13.21 -18.07
CA PRO A 1456 30.74 -11.85 -17.94
C PRO A 1456 31.00 -11.44 -16.50
N PHE A 1457 30.10 -11.75 -15.58
CA PHE A 1457 30.34 -11.44 -14.18
C PHE A 1457 31.24 -12.50 -13.55
N GLY A 1458 30.75 -13.73 -13.49
CA GLY A 1458 31.55 -14.84 -12.98
C GLY A 1458 32.09 -14.59 -11.59
N ALA A 1459 33.33 -14.97 -11.39
CA ALA A 1459 34.03 -14.75 -10.13
C ALA A 1459 34.70 -13.38 -10.15
N ILE A 1460 35.59 -13.13 -9.18
CA ILE A 1460 36.27 -11.86 -9.09
C ILE A 1460 37.11 -11.62 -10.34
N GLU A 1461 37.10 -10.36 -10.79
CA GLU A 1461 37.84 -9.97 -11.98
C GLU A 1461 39.33 -10.18 -11.79
N ASP A 1462 40.03 -10.29 -12.92
CA ASP A 1462 41.48 -10.39 -12.94
C ASP A 1462 42.09 -9.04 -13.31
N GLN A 1463 43.38 -8.91 -13.05
CA GLN A 1463 44.11 -7.66 -13.27
C GLN A 1463 43.45 -6.51 -12.52
N ASP A 1464 43.31 -6.70 -11.21
CA ASP A 1464 42.77 -5.66 -10.35
C ASP A 1464 43.90 -4.71 -9.94
N VAL A 1465 43.61 -3.80 -9.02
CA VAL A 1465 44.57 -2.81 -8.55
C VAL A 1465 44.29 -2.58 -7.07
N LYS A 1466 45.07 -1.68 -6.45
CA LYS A 1466 44.93 -1.37 -5.03
C LYS A 1466 43.63 -0.66 -4.69
N ASP A 1467 42.71 -0.49 -5.65
CA ASP A 1467 41.47 0.25 -5.41
C ASP A 1467 40.37 -0.61 -4.83
N TRP A 1468 40.72 -1.68 -4.12
CA TRP A 1468 39.75 -2.34 -3.25
C TRP A 1468 39.23 -1.36 -2.21
N VAL A 1469 40.05 -0.40 -1.81
CA VAL A 1469 39.56 0.72 -1.01
C VAL A 1469 38.63 1.58 -1.86
N ASP A 1470 37.74 2.29 -1.18
CA ASP A 1470 36.68 3.11 -1.79
C ASP A 1470 36.05 2.42 -2.99
N GLY A 1471 35.81 1.11 -2.88
CA GLY A 1471 35.22 0.34 -3.96
C GLY A 1471 34.53 -0.91 -3.48
N SER A 1472 33.29 -1.12 -3.92
CA SER A 1472 32.49 -2.25 -3.51
C SER A 1472 32.42 -3.28 -4.63
N ARG A 1473 31.61 -4.33 -4.43
CA ARG A 1473 31.46 -5.37 -5.43
C ARG A 1473 30.93 -4.81 -6.75
N GLY A 1474 30.01 -3.84 -6.68
CA GLY A 1474 29.52 -3.22 -7.89
C GLY A 1474 30.62 -2.51 -8.66
N TYR A 1475 31.54 -1.86 -7.95
CA TYR A 1475 32.60 -1.14 -8.63
C TYR A 1475 33.54 -2.09 -9.36
N ARG A 1476 33.90 -3.22 -8.74
CA ARG A 1476 34.78 -4.16 -9.41
C ARG A 1476 34.07 -4.89 -10.54
N LEU A 1477 32.77 -5.14 -10.41
CA LEU A 1477 32.01 -5.67 -11.55
C LEU A 1477 32.01 -4.70 -12.72
N GLN A 1478 31.80 -3.42 -12.43
CA GLN A 1478 31.88 -2.40 -13.47
C GLN A 1478 33.27 -2.35 -14.09
N ARG A 1479 34.30 -2.50 -13.26
CA ARG A 1479 35.67 -2.51 -13.77
C ARG A 1479 35.91 -3.68 -14.70
N LYS A 1480 35.38 -4.86 -14.35
CA LYS A 1480 35.50 -6.02 -15.21
C LYS A 1480 34.80 -5.79 -16.54
N ILE A 1481 33.56 -5.29 -16.49
CA ILE A 1481 32.80 -5.06 -17.71
C ILE A 1481 33.50 -4.01 -18.58
N GLU A 1482 34.12 -3.00 -17.96
CA GLU A 1482 34.87 -2.01 -18.71
C GLU A 1482 36.12 -2.61 -19.33
N ALA A 1483 36.77 -3.54 -18.61
CA ALA A 1483 37.95 -4.21 -19.14
C ALA A 1483 37.61 -5.15 -20.27
N ILE A 1484 36.36 -5.61 -20.36
CA ILE A 1484 35.94 -6.42 -21.51
C ILE A 1484 36.15 -5.65 -22.80
N PHE A 1485 35.79 -4.37 -22.82
CA PHE A 1485 35.94 -3.53 -24.00
C PHE A 1485 37.28 -2.80 -23.96
N HIS A 1486 37.99 -2.80 -25.08
CA HIS A 1486 39.30 -2.18 -25.13
C HIS A 1486 39.20 -0.65 -25.23
N ASP A 1487 38.57 -0.16 -26.31
CA ASP A 1487 38.33 1.27 -26.47
C ASP A 1487 36.86 1.58 -26.17
N ASP A 1488 36.61 1.87 -24.89
CA ASP A 1488 35.24 2.09 -24.42
C ASP A 1488 34.59 3.27 -25.13
N LYS A 1489 33.64 2.97 -26.01
CA LYS A 1489 32.77 3.97 -26.63
C LYS A 1489 31.30 3.69 -26.34
N GLU A 1490 30.92 2.42 -26.25
CA GLU A 1490 29.56 2.07 -25.87
C GLU A 1490 29.34 2.23 -24.37
N THR A 1491 30.29 1.74 -23.56
CA THR A 1491 30.17 1.90 -22.12
C THR A 1491 30.35 3.34 -21.70
N SER A 1492 31.17 4.12 -22.41
CA SER A 1492 31.27 5.54 -22.11
C SER A 1492 29.96 6.26 -22.43
N PHE A 1493 29.32 5.89 -23.54
CA PHE A 1493 28.02 6.46 -23.86
C PHE A 1493 26.96 6.07 -22.84
N ILE A 1494 27.01 4.83 -22.35
CA ILE A 1494 26.07 4.40 -21.33
C ILE A 1494 26.31 5.15 -20.02
N ARG A 1495 27.59 5.38 -19.68
CA ARG A 1495 27.90 6.16 -18.49
C ARG A 1495 27.42 7.60 -18.64
N ASN A 1496 27.52 8.16 -19.86
CA ASN A 1496 27.00 9.51 -20.09
C ASN A 1496 25.49 9.54 -19.94
N CYS A 1497 24.79 8.52 -20.45
CA CYS A 1497 23.34 8.46 -20.28
C CYS A 1497 22.97 8.32 -18.81
N ALA A 1498 23.72 7.51 -18.05
CA ALA A 1498 23.45 7.36 -16.64
C ALA A 1498 23.71 8.67 -15.89
N ARG A 1499 24.75 9.40 -16.27
CA ARG A 1499 25.01 10.70 -15.69
C ARG A 1499 23.89 11.69 -16.00
N LYS A 1500 23.36 11.63 -17.22
CA LYS A 1500 22.24 12.50 -17.57
C LYS A 1500 21.00 12.17 -16.75
N VAL A 1501 20.70 10.87 -16.59
CA VAL A 1501 19.58 10.47 -15.76
C VAL A 1501 19.80 10.91 -14.32
N PHE A 1502 21.03 10.80 -13.82
CA PHE A 1502 21.34 11.20 -12.45
C PHE A 1502 21.16 12.71 -12.26
N ASN A 1503 21.61 13.50 -13.24
CA ASN A 1503 21.46 14.95 -13.13
C ASN A 1503 19.99 15.35 -13.20
N ASP A 1504 19.24 14.74 -14.12
CA ASP A 1504 17.84 15.14 -14.27
C ASP A 1504 16.98 14.61 -13.12
N ILE A 1505 17.44 13.57 -12.41
CA ILE A 1505 16.71 13.08 -11.25
C ILE A 1505 17.14 13.78 -9.96
N LYS A 1506 18.33 14.40 -9.94
CA LYS A 1506 18.81 15.09 -8.75
C LYS A 1506 18.82 16.60 -8.93
N ARG A 1507 19.51 17.10 -9.95
CA ARG A 1507 19.53 18.55 -10.18
C ARG A 1507 18.19 19.03 -10.75
N GLY A 1508 17.78 18.44 -11.88
CA GLY A 1508 16.44 18.73 -12.38
C GLY A 1508 15.36 18.20 -11.46
N ARG A 1509 15.60 17.06 -10.82
CA ARG A 1509 14.80 16.57 -9.70
C ARG A 1509 13.35 16.31 -10.09
N ILE A 1510 13.10 15.90 -11.33
CA ILE A 1510 11.77 15.45 -11.75
C ILE A 1510 11.92 14.05 -12.32
N PHE A 1511 11.91 13.05 -11.42
CA PHE A 1511 11.83 11.63 -11.73
C PHE A 1511 11.48 10.84 -10.48
N GLU A 1512 10.36 10.12 -10.49
CA GLU A 1512 10.12 9.16 -9.43
C GLU A 1512 9.00 8.20 -9.79
N GLU A 1513 9.22 6.90 -9.54
CA GLU A 1513 8.19 5.88 -9.64
C GLU A 1513 7.71 5.67 -11.07
N ASN A 1514 8.22 6.45 -12.01
CA ASN A 1514 8.03 6.17 -13.43
C ASN A 1514 9.12 5.27 -13.98
N LEU A 1515 10.36 5.46 -13.51
CA LEU A 1515 11.41 4.51 -13.78
C LEU A 1515 11.10 3.14 -13.18
N ILE A 1516 10.34 3.10 -12.08
CA ILE A 1516 9.88 1.83 -11.54
C ILE A 1516 8.94 1.15 -12.52
N ASN A 1517 8.02 1.92 -13.12
CA ASN A 1517 7.11 1.37 -14.11
C ASN A 1517 7.82 0.97 -15.40
N LEU A 1518 8.94 1.62 -15.72
CA LEU A 1518 9.66 1.34 -16.95
C LEU A 1518 10.68 0.21 -16.79
N ILE A 1519 11.13 -0.06 -15.57
CA ILE A 1519 12.17 -1.05 -15.34
C ILE A 1519 11.60 -2.45 -15.11
N GLY A 1520 10.43 -2.53 -14.46
CA GLY A 1520 9.83 -3.82 -14.13
C GLY A 1520 9.56 -4.71 -15.32
N ARG A 1521 9.59 -4.18 -16.54
CA ARG A 1521 9.35 -5.00 -17.72
C ARG A 1521 10.49 -5.99 -17.94
N GLY A 1522 11.72 -5.48 -18.00
CA GLY A 1522 12.88 -6.33 -18.23
C GLY A 1522 14.14 -5.55 -18.53
N GLY A 1523 14.97 -6.07 -19.43
CA GLY A 1523 16.22 -5.41 -19.78
C GLY A 1523 16.21 -4.70 -21.11
N ASP A 1524 15.54 -5.29 -22.11
CA ASP A 1524 15.57 -4.73 -23.46
C ASP A 1524 14.77 -3.43 -23.53
N GLU A 1525 13.47 -3.50 -23.27
CA GLU A 1525 12.63 -2.32 -23.41
C GLU A 1525 13.01 -1.25 -22.39
N ALA A 1526 13.47 -1.65 -21.21
CA ALA A 1526 13.88 -0.67 -20.22
C ALA A 1526 15.09 0.14 -20.68
N LEU A 1527 16.05 -0.53 -21.33
CA LEU A 1527 17.24 0.16 -21.79
C LEU A 1527 16.92 1.16 -22.89
N THR A 1528 16.13 0.75 -23.88
CA THR A 1528 15.77 1.69 -24.94
C THR A 1528 14.85 2.79 -24.43
N GLY A 1529 14.04 2.51 -23.40
CA GLY A 1529 13.25 3.57 -22.80
C GLY A 1529 14.11 4.61 -22.10
N PHE A 1530 15.09 4.15 -21.32
CA PHE A 1530 16.03 5.08 -20.71
C PHE A 1530 16.80 5.86 -21.76
N LEU A 1531 17.15 5.19 -22.87
CA LEU A 1531 17.90 5.86 -23.93
C LEU A 1531 17.07 6.95 -24.60
N GLN A 1532 15.82 6.64 -24.96
CA GLN A 1532 14.96 7.65 -25.57
C GLN A 1532 14.57 8.73 -24.58
N TYR A 1533 14.62 8.44 -23.27
CA TYR A 1533 14.47 9.50 -22.28
C TYR A 1533 15.67 10.43 -22.30
N ALA A 1534 16.89 9.87 -22.32
CA ALA A 1534 18.09 10.68 -22.52
C ALA A 1534 18.11 11.26 -23.92
N GLY A 1535 18.09 10.40 -24.94
CA GLY A 1535 18.07 10.83 -26.32
C GLY A 1535 18.87 9.89 -27.22
N CYS A 1536 18.27 9.47 -28.33
CA CYS A 1536 18.89 8.51 -29.23
C CYS A 1536 18.05 8.45 -30.50
N SER A 1537 18.36 7.48 -31.36
CA SER A 1537 17.58 7.17 -32.54
C SER A 1537 17.51 5.65 -32.66
N GLU A 1538 16.95 5.18 -33.78
CA GLU A 1538 16.92 3.74 -34.02
C GLU A 1538 18.32 3.18 -34.22
N GLN A 1539 19.26 4.02 -34.66
CA GLN A 1539 20.65 3.59 -34.81
C GLN A 1539 21.22 3.11 -33.48
N GLU A 1540 21.04 3.91 -32.42
CA GLU A 1540 21.52 3.50 -31.11
C GLU A 1540 20.78 2.26 -30.62
N VAL A 1541 19.48 2.16 -30.92
CA VAL A 1541 18.70 1.01 -30.48
C VAL A 1541 19.25 -0.27 -31.09
N ASN A 1542 19.57 -0.26 -32.38
CA ASN A 1542 20.10 -1.46 -33.01
C ASN A 1542 21.59 -1.65 -32.76
N ARG A 1543 22.30 -0.62 -32.32
CA ARG A 1543 23.73 -0.73 -32.07
C ARG A 1543 24.04 -1.23 -30.66
N VAL A 1544 23.54 -0.51 -29.65
CA VAL A 1544 23.87 -0.86 -28.27
C VAL A 1544 23.26 -2.21 -27.89
N LEU A 1545 22.06 -2.49 -28.37
CA LEU A 1545 21.35 -3.70 -27.98
C LEU A 1545 21.81 -4.93 -28.75
N ASN A 1546 22.94 -4.87 -29.44
CA ASN A 1546 23.46 -6.01 -30.19
C ASN A 1546 24.31 -6.93 -29.32
N TYR A 1547 25.06 -6.37 -28.37
CA TYR A 1547 25.91 -7.18 -27.51
C TYR A 1547 25.04 -7.98 -26.54
N ARG A 1548 25.13 -9.30 -26.64
CA ARG A 1548 24.32 -10.21 -25.82
C ARG A 1548 25.22 -11.22 -25.14
N TRP A 1549 24.78 -11.68 -23.96
CA TRP A 1549 25.44 -12.76 -23.24
C TRP A 1549 24.39 -13.76 -22.79
N VAL A 1550 24.83 -15.00 -22.60
CA VAL A 1550 23.93 -16.10 -22.30
C VAL A 1550 23.71 -16.17 -20.79
N ASN A 1551 22.45 -16.02 -20.36
CA ASN A 1551 22.07 -16.13 -18.96
C ASN A 1551 21.27 -17.40 -18.78
N LEU A 1552 21.89 -18.43 -18.19
CA LEU A 1552 21.22 -19.72 -18.05
C LEU A 1552 20.12 -19.69 -17.01
N SER A 1553 20.20 -18.81 -16.01
CA SER A 1553 19.15 -18.67 -14.99
C SER A 1553 18.24 -17.49 -15.34
N SER A 1554 17.57 -17.62 -16.48
CA SER A 1554 16.67 -16.58 -16.98
C SER A 1554 15.21 -16.82 -16.58
N PHE A 1555 14.72 -18.05 -16.73
CA PHE A 1555 13.37 -18.41 -16.32
C PHE A 1555 13.31 -18.95 -14.90
N GLY A 1556 14.25 -18.55 -14.04
CA GLY A 1556 14.30 -19.02 -12.68
C GLY A 1556 15.72 -19.24 -12.19
N ASP A 1557 15.94 -20.27 -11.38
CA ASP A 1557 17.26 -20.60 -10.88
C ASP A 1557 17.58 -22.04 -11.24
N LEU A 1558 18.87 -22.36 -11.21
CA LEU A 1558 19.33 -23.71 -11.52
C LEU A 1558 18.83 -24.68 -10.46
N ARG A 1559 18.02 -25.65 -10.86
CA ARG A 1559 17.55 -26.67 -9.94
C ARG A 1559 18.65 -27.68 -9.66
N LEU A 1560 18.82 -28.04 -8.39
CA LEU A 1560 19.90 -28.92 -7.98
C LEU A 1560 19.69 -29.34 -6.54
N VAL A 1561 20.09 -30.56 -6.21
CA VAL A 1561 20.06 -31.09 -4.86
C VAL A 1561 21.48 -31.50 -4.50
N LEU A 1562 22.09 -30.77 -3.57
CA LEU A 1562 23.48 -31.00 -3.20
C LEU A 1562 23.57 -31.83 -1.92
N ARG A 1563 24.81 -32.03 -1.46
CA ARG A 1563 25.09 -32.85 -0.28
C ARG A 1563 24.75 -32.05 0.98
N THR A 1564 23.46 -32.01 1.28
CA THR A 1564 22.97 -31.37 2.49
C THR A 1564 22.73 -32.43 3.56
N LYS A 1565 22.32 -31.98 4.74
CA LYS A 1565 22.01 -32.90 5.81
C LYS A 1565 20.62 -33.51 5.60
N LEU A 1566 20.37 -34.62 6.28
CA LEU A 1566 19.14 -35.34 6.07
C LEU A 1566 17.96 -34.56 6.67
N MET A 1567 16.75 -34.91 6.22
CA MET A 1567 15.52 -34.28 6.67
C MET A 1567 15.52 -32.78 6.33
N THR A 1568 15.63 -32.51 5.03
CA THR A 1568 15.63 -31.14 4.50
C THR A 1568 16.66 -30.26 5.20
N VAL A 1578 11.03 -15.83 -6.54
CA VAL A 1578 11.23 -14.96 -5.39
C VAL A 1578 12.65 -14.40 -5.39
N PRO A 1579 12.78 -13.08 -5.48
CA PRO A 1579 14.10 -12.46 -5.49
C PRO A 1579 14.81 -12.63 -4.15
N THR A 1580 16.14 -12.49 -4.19
CA THR A 1580 16.97 -12.69 -3.02
C THR A 1580 16.86 -11.57 -2.00
N LEU A 1581 16.42 -10.38 -2.41
CA LEU A 1581 16.28 -9.27 -1.47
C LEU A 1581 15.25 -9.60 -0.39
N ILE A 1582 14.17 -10.30 -0.77
CA ILE A 1582 13.17 -10.70 0.21
C ILE A 1582 13.79 -11.64 1.23
N LYS A 1583 14.64 -12.57 0.78
CA LYS A 1583 15.27 -13.50 1.70
C LYS A 1583 16.26 -12.79 2.63
N THR A 1584 17.01 -11.83 2.10
CA THR A 1584 17.93 -11.07 2.95
C THR A 1584 17.17 -10.26 3.98
N LEU A 1585 16.05 -9.66 3.59
CA LEU A 1585 15.24 -8.90 4.54
C LEU A 1585 14.63 -9.82 5.60
N GLN A 1586 14.19 -11.02 5.19
CA GLN A 1586 13.64 -11.98 6.14
C GLN A 1586 14.71 -12.42 7.14
N SER A 1587 15.95 -12.60 6.67
CA SER A 1587 17.04 -12.93 7.58
C SER A 1587 17.37 -11.77 8.51
N LYS A 1588 17.25 -10.53 8.03
CA LYS A 1588 17.57 -9.39 8.87
C LYS A 1588 16.51 -9.18 9.96
N LEU A 1589 15.23 -9.29 9.59
CA LEU A 1589 14.17 -9.12 10.58
C LEU A 1589 14.16 -10.25 11.61
N SER A 1590 14.25 -11.49 11.12
CA SER A 1590 14.27 -12.64 12.02
C SER A 1590 15.56 -12.64 12.82
N ARG A 1591 15.44 -12.47 14.13
CA ARG A 1591 16.58 -12.43 15.04
C ARG A 1591 17.60 -11.37 14.63
N GLN A 1611 30.24 -30.17 9.57
CA GLN A 1611 30.58 -31.58 9.58
C GLN A 1611 30.82 -32.12 8.18
N SER A 1612 30.32 -31.40 7.18
CA SER A 1612 30.52 -31.78 5.79
C SER A 1612 31.86 -31.26 5.29
N SER A 1613 32.46 -32.02 4.38
CA SER A 1613 33.76 -31.67 3.83
C SER A 1613 33.60 -30.77 2.62
N VAL A 1614 34.67 -30.05 2.29
CA VAL A 1614 34.65 -29.17 1.13
C VAL A 1614 34.84 -29.96 -0.16
N ALA A 1615 35.66 -31.01 -0.11
CA ALA A 1615 35.91 -31.81 -1.31
C ALA A 1615 34.64 -32.52 -1.75
N SER A 1616 33.94 -33.17 -0.82
CA SER A 1616 32.70 -33.86 -1.17
C SER A 1616 31.65 -32.87 -1.64
N GLY A 1617 31.62 -31.68 -1.03
CA GLY A 1617 30.68 -30.66 -1.47
C GLY A 1617 30.92 -30.22 -2.91
N PHE A 1618 32.18 -29.95 -3.24
CA PHE A 1618 32.49 -29.56 -4.61
C PHE A 1618 32.27 -30.70 -5.59
N ILE A 1619 32.50 -31.94 -5.15
CA ILE A 1619 32.26 -33.09 -6.02
C ILE A 1619 30.76 -33.21 -6.34
N GLY A 1620 29.92 -33.11 -5.31
CA GLY A 1620 28.49 -33.10 -5.54
C GLY A 1620 28.05 -31.93 -6.38
N PHE A 1621 28.72 -30.78 -6.24
CA PHE A 1621 28.41 -29.62 -7.07
C PHE A 1621 28.67 -29.91 -8.54
N CYS A 1622 29.88 -30.40 -8.85
CA CYS A 1622 30.23 -30.71 -10.23
C CYS A 1622 29.36 -31.83 -10.78
N LYS A 1623 28.91 -32.76 -9.93
CA LYS A 1623 28.07 -33.85 -10.41
C LYS A 1623 26.65 -33.38 -10.70
N SER A 1624 26.10 -32.52 -9.83
CA SER A 1624 24.75 -32.01 -10.05
C SER A 1624 24.70 -30.95 -11.13
N MET A 1625 25.84 -30.39 -11.53
CA MET A 1625 25.88 -29.47 -12.66
C MET A 1625 26.03 -30.21 -14.00
N GLY A 1626 25.65 -31.48 -14.06
CA GLY A 1626 25.73 -32.24 -15.29
C GLY A 1626 24.41 -32.85 -15.72
N SER A 1627 23.39 -32.72 -14.88
CA SER A 1627 22.06 -33.25 -15.15
C SER A 1627 21.18 -32.16 -15.76
N LYS A 1628 19.90 -32.46 -15.91
CA LYS A 1628 18.92 -31.50 -16.43
C LYS A 1628 18.70 -30.42 -15.38
N CYS A 1629 19.30 -29.26 -15.58
CA CYS A 1629 19.28 -28.19 -14.59
C CYS A 1629 18.60 -26.92 -15.10
N VAL A 1630 18.96 -26.44 -16.28
CA VAL A 1630 18.40 -25.19 -16.79
C VAL A 1630 16.93 -25.40 -17.12
N ARG A 1631 16.10 -24.43 -16.75
CA ARG A 1631 14.66 -24.53 -16.89
C ARG A 1631 14.16 -23.67 -18.05
N ASP A 1632 13.00 -24.06 -18.58
CA ASP A 1632 12.36 -23.30 -19.64
C ASP A 1632 10.87 -23.64 -19.66
N GLY A 1633 10.08 -22.72 -20.20
CA GLY A 1633 8.64 -22.90 -20.27
C GLY A 1633 7.96 -22.95 -18.92
N GLY A 1636 9.74 -27.35 -18.29
CA GLY A 1636 10.70 -28.34 -18.75
C GLY A 1636 12.14 -28.00 -18.38
N PHE A 1637 13.01 -28.99 -18.46
CA PHE A 1637 14.41 -28.82 -18.12
C PHE A 1637 15.28 -29.52 -19.16
N LEU A 1638 16.54 -29.10 -19.24
CA LEU A 1638 17.47 -29.63 -20.22
C LEU A 1638 18.89 -29.40 -19.71
N TYR A 1639 19.86 -29.69 -20.57
CA TYR A 1639 21.27 -29.63 -20.21
C TYR A 1639 21.86 -28.25 -20.50
N ILE A 1640 23.06 -28.03 -20.00
CA ILE A 1640 23.80 -26.80 -20.31
C ILE A 1640 24.51 -26.92 -21.63
N LYS A 1641 25.15 -28.07 -21.89
CA LYS A 1641 25.80 -28.29 -23.17
C LYS A 1641 24.79 -28.33 -24.30
N GLU A 1642 23.55 -28.72 -24.03
CA GLU A 1642 22.51 -28.70 -25.06
C GLU A 1642 22.19 -27.27 -25.46
N VAL A 1643 22.19 -26.35 -24.51
CA VAL A 1643 21.97 -24.94 -24.83
C VAL A 1643 23.18 -24.36 -25.54
N TYR A 1644 24.38 -24.66 -25.03
CA TYR A 1644 25.61 -24.12 -25.63
C TYR A 1644 25.94 -24.74 -26.97
N SER A 1645 25.29 -25.84 -27.36
CA SER A 1645 25.50 -26.45 -28.66
C SER A 1645 24.63 -25.83 -29.75
N GLY A 1646 23.64 -25.02 -29.37
CA GLY A 1646 22.77 -24.38 -30.33
C GLY A 1646 23.24 -23.05 -30.85
N VAL A 1647 24.27 -22.48 -30.24
CA VAL A 1647 24.80 -21.21 -30.73
C VAL A 1647 25.48 -21.43 -32.08
N SER A 1648 25.30 -20.46 -32.98
CA SER A 1648 25.88 -20.50 -34.31
C SER A 1648 27.20 -19.73 -34.33
N ALA A 1649 28.24 -20.36 -34.87
CA ALA A 1649 29.57 -19.74 -34.95
C ALA A 1649 29.61 -18.80 -36.16
N CYS A 1650 28.96 -17.66 -36.01
CA CYS A 1650 28.91 -16.68 -37.08
C CYS A 1650 30.27 -16.04 -37.31
N THR A 1651 30.90 -15.56 -36.22
CA THR A 1651 32.21 -14.88 -36.28
C THR A 1651 32.16 -13.68 -37.21
N CYS A 1652 31.33 -12.70 -36.84
CA CYS A 1652 31.09 -11.51 -37.64
C CYS A 1652 31.89 -10.30 -37.14
N GLU A 1653 33.09 -10.53 -36.63
CA GLU A 1653 34.03 -9.49 -36.18
C GLU A 1653 33.50 -8.68 -34.99
N ILE A 1654 32.36 -9.07 -34.41
CA ILE A 1654 31.86 -8.41 -33.20
C ILE A 1654 31.63 -9.38 -32.06
N CYS A 1655 31.48 -10.68 -32.32
CA CYS A 1655 31.36 -11.69 -31.28
C CYS A 1655 32.64 -12.46 -31.06
N ALA A 1656 33.79 -11.88 -31.43
CA ALA A 1656 35.08 -12.54 -31.29
C ALA A 1656 36.04 -11.78 -30.37
N LEU A 1657 35.64 -10.62 -29.84
CA LEU A 1657 36.51 -9.88 -28.93
C LEU A 1657 36.68 -10.60 -27.60
N LYS A 1658 35.74 -11.48 -27.24
CA LYS A 1658 35.85 -12.28 -26.03
C LYS A 1658 35.00 -13.53 -26.19
N PRO A 1659 35.59 -14.65 -26.63
CA PRO A 1659 34.80 -15.85 -26.91
C PRO A 1659 34.14 -16.39 -25.65
N LYS A 1660 33.00 -17.07 -25.86
CA LYS A 1660 32.22 -17.69 -24.79
C LYS A 1660 31.76 -16.68 -23.73
N ILE A 1661 31.84 -15.38 -24.03
CA ILE A 1661 31.41 -14.36 -23.09
C ILE A 1661 30.40 -13.44 -23.76
N ILE A 1662 30.79 -12.84 -24.88
CA ILE A 1662 29.97 -11.85 -25.57
C ILE A 1662 29.64 -12.37 -26.97
N TYR A 1663 28.36 -12.33 -27.31
CA TYR A 1663 27.88 -12.71 -28.63
C TYR A 1663 27.10 -11.56 -29.25
N CYS A 1664 26.73 -11.74 -30.51
CA CYS A 1664 25.84 -10.82 -31.21
C CYS A 1664 24.42 -11.37 -31.19
N ASN A 1665 23.51 -10.64 -31.82
CA ASN A 1665 22.10 -11.01 -31.78
C ASN A 1665 21.81 -12.21 -32.67
N ASN A 1666 22.22 -12.14 -33.94
CA ASN A 1666 21.92 -13.21 -34.89
C ASN A 1666 22.66 -14.50 -34.58
N SER A 1667 23.66 -14.47 -33.70
CA SER A 1667 24.35 -15.69 -33.30
C SER A 1667 23.55 -16.53 -32.32
N LEU A 1668 22.44 -16.00 -31.81
CA LEU A 1668 21.59 -16.71 -30.85
C LEU A 1668 20.17 -16.86 -31.38
N ASN A 1669 20.02 -17.00 -32.70
CA ASN A 1669 18.69 -17.18 -33.28
C ASN A 1669 18.11 -18.53 -32.92
N LYS A 1670 18.95 -19.56 -32.80
CA LYS A 1670 18.45 -20.88 -32.44
C LYS A 1670 17.92 -20.89 -31.01
N VAL A 1671 18.65 -20.28 -30.08
CA VAL A 1671 18.23 -20.16 -28.68
C VAL A 1671 18.25 -18.68 -28.32
N SER A 1672 17.07 -18.08 -28.24
CA SER A 1672 16.93 -16.66 -27.95
C SER A 1672 16.29 -16.39 -26.60
N GLN A 1673 15.78 -17.41 -25.91
CA GLN A 1673 15.20 -17.20 -24.59
C GLN A 1673 16.26 -16.77 -23.59
N PHE A 1674 17.45 -17.36 -23.66
CA PHE A 1674 18.56 -17.00 -22.78
C PHE A 1674 19.49 -16.06 -23.55
N SER A 1675 19.11 -14.80 -23.61
CA SER A 1675 19.89 -13.78 -24.29
C SER A 1675 19.50 -12.42 -23.74
N LYS A 1676 20.41 -11.80 -22.98
CA LYS A 1676 20.13 -10.52 -22.37
C LYS A 1676 21.29 -9.56 -22.65
N PRO A 1677 21.01 -8.27 -22.83
CA PRO A 1677 22.08 -7.31 -23.11
C PRO A 1677 22.94 -7.06 -21.89
N ILE A 1678 24.25 -6.94 -22.12
CA ILE A 1678 25.17 -6.62 -21.04
C ILE A 1678 25.27 -5.12 -20.79
N LEU A 1679 24.95 -4.29 -21.78
CA LEU A 1679 25.01 -2.84 -21.57
C LEU A 1679 23.93 -2.38 -20.60
N TRP A 1680 22.79 -3.09 -20.55
CA TRP A 1680 21.77 -2.78 -19.55
C TRP A 1680 22.30 -3.05 -18.15
N ASP A 1681 23.01 -4.17 -17.96
CA ASP A 1681 23.61 -4.45 -16.66
C ASP A 1681 24.68 -3.42 -16.32
N TYR A 1682 25.43 -2.96 -17.33
CA TYR A 1682 26.44 -1.93 -17.08
C TYR A 1682 25.77 -0.63 -16.65
N PHE A 1683 24.68 -0.25 -17.31
CA PHE A 1683 23.93 0.94 -16.91
C PHE A 1683 23.43 0.80 -15.49
N SER A 1684 22.85 -0.35 -15.15
CA SER A 1684 22.35 -0.57 -13.79
C SER A 1684 23.48 -0.48 -12.78
N LEU A 1685 24.65 -1.04 -13.10
CA LEU A 1685 25.78 -1.00 -12.17
C LEU A 1685 26.31 0.41 -12.00
N VAL A 1686 26.34 1.20 -13.07
CA VAL A 1686 26.81 2.58 -12.95
C VAL A 1686 25.85 3.39 -12.10
N LEU A 1687 24.54 3.24 -12.35
CA LEU A 1687 23.57 3.96 -11.53
C LEU A 1687 23.61 3.50 -10.08
N THR A 1688 23.86 2.21 -9.86
CA THR A 1688 23.94 1.69 -8.50
C THR A 1688 25.17 2.21 -7.77
N ASN A 1689 26.30 2.31 -8.47
CA ASN A 1689 27.49 2.90 -7.86
C ASN A 1689 27.27 4.38 -7.58
N ALA A 1690 26.50 5.06 -8.45
CA ALA A 1690 26.18 6.46 -8.19
C ALA A 1690 25.32 6.62 -6.94
N CYS A 1691 24.30 5.77 -6.77
CA CYS A 1691 23.48 5.87 -5.57
C CYS A 1691 24.23 5.37 -4.34
N GLU A 1692 25.31 4.61 -4.54
CA GLU A 1692 26.06 4.07 -3.41
C GLU A 1692 27.16 5.02 -2.90
N LEU A 1693 28.13 5.35 -3.76
CA LEU A 1693 29.37 5.96 -3.28
C LEU A 1693 29.78 7.14 -4.15
N GLY A 1694 28.82 7.93 -4.63
CA GLY A 1694 29.12 9.19 -5.27
C GLY A 1694 29.19 9.08 -6.78
N GLU A 1695 29.44 10.24 -7.39
CA GLU A 1695 29.43 10.40 -8.84
C GLU A 1695 30.83 10.46 -9.44
N TRP A 1696 31.85 10.05 -8.70
CA TRP A 1696 33.22 10.11 -9.21
C TRP A 1696 33.55 8.97 -10.17
N VAL A 1697 32.55 8.16 -10.55
CA VAL A 1697 32.77 7.04 -11.44
C VAL A 1697 32.18 7.29 -12.83
N PHE A 1698 31.96 8.56 -13.19
CA PHE A 1698 31.47 8.90 -14.50
C PHE A 1698 32.55 9.41 -15.43
N SER A 1699 33.75 9.67 -14.92
CA SER A 1699 34.84 10.19 -15.72
C SER A 1699 35.54 9.05 -16.48
N THR A 1700 36.63 9.37 -17.15
CA THR A 1700 37.41 8.38 -17.89
C THR A 1700 38.67 8.03 -17.11
N VAL A 1701 39.11 6.78 -17.28
CA VAL A 1701 40.28 6.28 -16.57
C VAL A 1701 41.54 6.79 -17.25
N LYS A 1702 42.44 7.38 -16.47
CA LYS A 1702 43.72 7.84 -16.96
C LYS A 1702 44.84 7.15 -16.19
N GLU A 1703 45.95 6.91 -16.87
CA GLU A 1703 47.04 6.19 -16.22
C GLU A 1703 48.13 7.16 -15.79
N PRO A 1704 48.80 6.85 -14.67
CA PRO A 1704 49.89 7.72 -14.20
C PRO A 1704 51.11 7.63 -15.10
N GLN A 1705 52.06 8.53 -14.86
CA GLN A 1705 53.29 8.58 -15.63
C GLN A 1705 54.47 8.06 -14.82
N ASN A 1711 58.83 0.41 -5.02
CA ASN A 1711 59.48 1.17 -3.97
C ASN A 1711 59.99 0.23 -2.88
N ASN A 1712 60.93 -0.65 -3.24
CA ASN A 1712 61.59 -1.62 -2.37
C ASN A 1712 60.65 -2.70 -1.86
N GLN A 1713 59.37 -2.66 -2.21
CA GLN A 1713 58.38 -3.68 -1.85
C GLN A 1713 58.25 -3.87 -0.34
N ASN A 1714 58.67 -2.88 0.45
CA ASN A 1714 58.59 -2.99 1.90
C ASN A 1714 58.11 -1.73 2.59
N PHE A 1715 57.73 -0.69 1.87
CA PHE A 1715 57.23 0.54 2.46
C PHE A 1715 55.72 0.41 2.62
N PHE A 1716 55.28 0.04 3.82
CA PHE A 1716 53.87 -0.13 4.12
C PHE A 1716 53.33 1.12 4.80
N TRP A 1717 52.02 1.36 4.60
CA TRP A 1717 51.36 2.48 5.26
C TRP A 1717 49.86 2.28 5.18
N ALA A 1718 49.15 3.01 6.03
CA ALA A 1718 47.70 2.89 6.14
C ALA A 1718 47.00 3.93 5.28
N VAL A 1719 45.85 3.54 4.73
CA VAL A 1719 45.00 4.42 3.94
C VAL A 1719 43.57 4.27 4.41
N LYS A 1720 42.79 5.33 4.22
CA LYS A 1720 41.38 5.40 4.57
C LYS A 1720 40.53 5.56 3.31
N PRO A 1721 39.34 4.98 3.28
CA PRO A 1721 38.46 5.15 2.11
C PRO A 1721 38.08 6.60 1.90
N LYS A 1722 37.93 6.97 0.63
CA LYS A 1722 37.60 8.34 0.23
C LYS A 1722 36.21 8.40 -0.41
N VAL A 1723 35.26 7.66 0.14
CA VAL A 1723 33.91 7.61 -0.41
C VAL A 1723 33.12 8.83 0.01
N VAL A 1724 32.13 9.19 -0.81
CA VAL A 1724 31.20 10.26 -0.50
C VAL A 1724 29.79 9.77 -0.86
N ARG A 1725 28.93 9.67 0.15
CA ARG A 1725 27.59 9.14 -0.07
C ARG A 1725 26.58 10.27 -0.21
N GLN A 1726 25.60 10.05 -1.09
CA GLN A 1726 24.51 11.00 -1.32
C GLN A 1726 23.16 10.30 -1.14
N ILE A 1727 23.11 9.33 -0.22
CA ILE A 1727 21.97 8.42 -0.10
C ILE A 1727 21.43 8.43 1.33
N GLU A 1728 21.52 9.59 2.00
CA GLU A 1728 21.07 9.72 3.38
C GLU A 1728 21.89 8.79 4.29
N ASP A 1729 23.15 9.18 4.45
CA ASP A 1729 24.23 8.39 5.02
C ASP A 1729 23.83 7.49 6.18
N GLN A 1730 22.95 7.96 7.06
CA GLN A 1730 22.51 7.15 8.19
C GLN A 1730 21.92 5.82 7.71
N LEU A 1731 20.80 5.90 7.00
CA LEU A 1731 20.19 4.74 6.32
C LEU A 1731 20.07 3.53 7.24
N GLY A 1732 19.15 3.63 8.26
CA GLY A 1732 18.71 2.60 9.25
C GLY A 1732 17.57 1.78 8.67
N MET A 1733 16.86 1.05 9.53
CA MET A 1733 15.74 0.24 9.09
C MET A 1733 14.49 1.10 8.94
N ASN A 1734 13.37 0.44 8.64
CA ASN A 1734 12.06 1.08 8.50
C ASN A 1734 12.08 2.13 7.38
N HIS A 1735 13.00 1.98 6.44
CA HIS A 1735 13.02 2.79 5.23
C HIS A 1735 12.89 1.95 3.98
N VAL A 1736 13.59 0.81 3.91
CA VAL A 1736 13.40 -0.11 2.81
C VAL A 1736 12.02 -0.75 2.90
N LEU A 1737 11.54 -0.99 4.12
CA LEU A 1737 10.23 -1.60 4.31
C LEU A 1737 9.12 -0.71 3.78
N GLN A 1738 9.19 0.59 4.07
CA GLN A 1738 8.19 1.52 3.54
C GLN A 1738 8.26 1.61 2.02
N SER A 1739 9.48 1.61 1.47
CA SER A 1739 9.62 1.69 0.01
C SER A 1739 9.04 0.44 -0.65
N ILE A 1740 9.22 -0.72 -0.04
CA ILE A 1740 8.64 -1.94 -0.58
C ILE A 1740 7.12 -1.92 -0.46
N ARG A 1741 6.61 -1.44 0.68
CA ARG A 1741 5.16 -1.33 0.85
C ARG A 1741 4.55 -0.39 -0.19
N ARG A 1742 5.25 0.69 -0.51
CA ARG A 1742 4.73 1.66 -1.48
C ARG A 1742 4.81 1.10 -2.89
N ASN A 1743 6.00 0.65 -3.30
CA ASN A 1743 6.21 0.25 -4.68
C ASN A 1743 5.58 -1.11 -4.99
N TYR A 1744 5.78 -2.09 -4.10
CA TYR A 1744 5.33 -3.46 -4.31
C TYR A 1744 4.34 -3.83 -3.20
N PRO A 1745 3.07 -3.47 -3.35
CA PRO A 1745 2.10 -3.78 -2.27
C PRO A 1745 1.85 -5.27 -2.11
N VAL A 1746 1.64 -5.99 -3.21
CA VAL A 1746 1.37 -7.43 -3.11
C VAL A 1746 2.61 -8.17 -2.64
N LEU A 1747 3.80 -7.70 -3.05
CA LEU A 1747 5.03 -8.30 -2.59
C LEU A 1747 5.36 -7.91 -1.16
N PHE A 1748 4.78 -6.83 -0.65
CA PHE A 1748 4.92 -6.47 0.76
C PHE A 1748 3.94 -7.23 1.64
N ASP A 1749 2.76 -7.56 1.12
CA ASP A 1749 1.79 -8.33 1.90
C ASP A 1749 2.22 -9.79 1.98
N GLU A 1750 2.37 -10.45 0.84
CA GLU A 1750 2.82 -11.83 0.80
C GLU A 1750 4.34 -11.90 0.80
N HIS A 1751 4.87 -12.96 1.40
CA HIS A 1751 6.29 -13.22 1.57
C HIS A 1751 6.99 -12.21 2.46
N LEU A 1752 6.27 -11.25 3.03
CA LEU A 1752 6.89 -10.22 3.85
C LEU A 1752 5.91 -9.77 4.92
N THR A 1753 6.45 -9.49 6.11
CA THR A 1753 5.76 -9.00 7.29
C THR A 1753 4.61 -9.87 7.78
N PRO A 1754 4.77 -11.20 7.94
CA PRO A 1754 3.85 -11.92 8.83
C PRO A 1754 4.38 -11.90 10.26
N PHE A 1755 5.70 -11.88 10.39
CA PHE A 1755 6.38 -11.86 11.68
C PHE A 1755 6.79 -10.44 12.03
N MET A 1756 5.78 -9.58 12.20
CA MET A 1756 6.06 -8.19 12.51
C MET A 1756 4.90 -7.61 13.31
N ASN A 1757 5.22 -6.83 14.35
CA ASN A 1757 4.22 -6.16 15.16
C ASN A 1757 4.42 -4.65 15.18
N ASP A 1758 5.33 -4.12 14.37
CA ASP A 1758 5.64 -2.70 14.35
C ASP A 1758 5.32 -2.09 12.99
N LEU A 1759 4.19 -2.49 12.41
CA LEU A 1759 3.80 -1.97 11.10
C LEU A 1759 3.34 -0.53 11.17
N GLN A 1760 2.96 -0.04 12.35
CA GLN A 1760 2.46 1.32 12.46
C GLN A 1760 3.53 2.35 12.12
N VAL A 1761 4.77 2.13 12.59
CA VAL A 1761 5.82 3.10 12.30
C VAL A 1761 6.27 2.98 10.85
N SER A 1762 6.29 1.78 10.30
CA SER A 1762 6.62 1.61 8.88
C SER A 1762 5.52 2.10 7.96
N ARG A 1763 4.33 2.38 8.49
CA ARG A 1763 3.23 2.87 7.69
C ARG A 1763 2.99 4.37 7.82
N THR A 1764 3.33 4.98 8.96
CA THR A 1764 3.09 6.40 9.16
C THR A 1764 4.22 7.27 8.62
N MET A 1765 4.63 6.99 7.38
CA MET A 1765 5.56 7.83 6.62
C MET A 1765 6.76 8.25 7.45
N ASP A 1766 7.50 7.26 7.94
CA ASP A 1766 8.72 7.56 8.70
C ASP A 1766 9.84 8.00 7.76
N SER A 1767 9.92 9.30 7.52
CA SER A 1767 10.85 9.89 6.55
C SER A 1767 10.67 9.23 5.17
N GLY A 1768 9.45 9.32 4.66
CA GLY A 1768 9.13 8.69 3.40
C GLY A 1768 9.79 9.39 2.22
N ARG A 1769 9.86 8.67 1.10
CA ARG A 1769 10.43 9.17 -0.16
C ARG A 1769 11.87 9.64 0.05
N LEU A 1770 12.73 8.65 0.32
CA LEU A 1770 14.17 8.89 0.41
C LEU A 1770 14.68 9.44 -0.92
N LYS A 1771 15.88 10.03 -0.90
CA LYS A 1771 16.40 10.69 -2.10
C LYS A 1771 16.59 9.71 -3.24
N PHE A 1772 17.17 8.54 -2.95
CA PHE A 1772 17.45 7.57 -3.99
C PHE A 1772 17.00 6.15 -3.67
N LEU A 1773 16.70 5.83 -2.41
CA LEU A 1773 16.22 4.51 -2.06
C LEU A 1773 15.01 4.09 -2.87
N ASP A 1774 14.29 5.04 -3.47
CA ASP A 1774 13.15 4.69 -4.31
C ASP A 1774 13.60 3.97 -5.58
N VAL A 1775 14.55 4.57 -6.31
CA VAL A 1775 15.00 4.00 -7.58
C VAL A 1775 16.22 3.10 -7.42
N CYS A 1776 17.05 3.32 -6.40
CA CYS A 1776 18.21 2.47 -6.14
C CYS A 1776 17.81 1.13 -5.52
N ILE A 1777 16.51 0.85 -5.37
CA ILE A 1777 16.06 -0.42 -4.83
C ILE A 1777 15.39 -1.30 -5.89
N ALA A 1778 14.87 -0.73 -6.98
CA ALA A 1778 14.17 -1.55 -7.98
C ALA A 1778 15.13 -2.28 -8.89
N LEU A 1779 16.32 -1.71 -9.14
CA LEU A 1779 17.34 -2.42 -9.89
C LEU A 1779 17.89 -3.62 -9.14
N ASP A 1780 17.76 -3.63 -7.81
CA ASP A 1780 18.32 -4.71 -7.01
C ASP A 1780 17.44 -5.94 -7.04
N MET A 1781 16.12 -5.76 -7.10
CA MET A 1781 15.21 -6.90 -7.04
C MET A 1781 15.12 -7.64 -8.36
N MET A 1782 15.23 -6.94 -9.49
CA MET A 1782 15.15 -7.59 -10.79
C MET A 1782 16.47 -8.25 -11.19
N ASN A 1783 17.59 -7.56 -11.02
CA ASN A 1783 18.89 -8.15 -11.29
C ASN A 1783 19.29 -9.06 -10.13
N GLU A 1784 19.72 -10.28 -10.46
CA GLU A 1784 20.03 -11.29 -9.46
C GLU A 1784 21.44 -11.21 -8.92
N ASN A 1785 22.25 -10.25 -9.36
CA ASN A 1785 23.65 -10.22 -8.96
C ASN A 1785 24.14 -8.83 -8.57
N LEU A 1786 23.24 -7.88 -8.27
CA LEU A 1786 23.69 -6.58 -7.79
C LEU A 1786 23.98 -6.62 -6.30
N GLY A 1787 22.97 -6.90 -5.49
CA GLY A 1787 23.15 -7.02 -4.05
C GLY A 1787 23.69 -5.76 -3.39
N ILE A 1788 22.90 -4.69 -3.40
CA ILE A 1788 23.30 -3.45 -2.77
C ILE A 1788 22.44 -3.10 -1.55
N ILE A 1789 21.16 -3.46 -1.55
CA ILE A 1789 20.31 -3.21 -0.38
C ILE A 1789 20.78 -4.05 0.80
N SER A 1790 21.21 -5.30 0.56
CA SER A 1790 21.82 -6.10 1.61
C SER A 1790 23.21 -5.61 1.99
N HIS A 1791 23.78 -4.70 1.22
CA HIS A 1791 25.09 -4.13 1.50
C HIS A 1791 25.02 -2.76 2.17
N LEU A 1792 24.01 -1.96 1.84
CA LEU A 1792 23.89 -0.64 2.46
C LEU A 1792 23.64 -0.75 3.96
N LEU A 1793 22.94 -1.79 4.40
CA LEU A 1793 22.67 -2.01 5.82
C LEU A 1793 23.79 -2.82 6.46
N LYS A 1794 25.03 -2.34 6.30
CA LYS A 1794 26.19 -3.04 6.82
C LYS A 1794 27.35 -2.05 6.91
N THR A 1795 28.27 -2.34 7.83
CA THR A 1795 29.41 -1.48 8.08
C THR A 1795 30.58 -1.89 7.17
N ARG A 1796 31.60 -1.03 7.12
CA ARG A 1796 32.76 -1.29 6.27
C ARG A 1796 33.55 -2.49 6.76
N ASP A 1797 33.60 -2.69 8.09
CA ASP A 1797 34.22 -3.83 8.74
C ASP A 1797 35.75 -3.76 8.66
N ASN A 1798 36.27 -2.81 7.90
CA ASN A 1798 37.73 -2.61 7.82
C ASN A 1798 38.14 -1.26 8.38
N SER A 1799 37.60 -0.16 7.84
CA SER A 1799 37.83 1.22 8.26
C SER A 1799 39.26 1.69 8.06
N VAL A 1800 40.17 0.81 7.63
CA VAL A 1800 41.56 1.15 7.41
C VAL A 1800 42.20 0.03 6.60
N TYR A 1801 43.13 0.39 5.70
CA TYR A 1801 43.75 -0.59 4.82
C TYR A 1801 45.25 -0.38 4.82
N ILE A 1802 46.00 -1.39 5.25
CA ILE A 1802 47.46 -1.36 5.14
C ILE A 1802 47.85 -1.80 3.75
N VAL A 1803 48.64 -0.99 3.05
CA VAL A 1803 49.06 -1.28 1.69
C VAL A 1803 50.50 -0.83 1.51
N LYS A 1804 51.18 -1.41 0.53
CA LYS A 1804 52.53 -1.00 0.19
C LYS A 1804 52.49 0.17 -0.78
N GLN A 1805 53.57 0.97 -0.77
CA GLN A 1805 53.64 2.14 -1.63
C GLN A 1805 53.80 1.76 -3.10
N SER A 1806 54.32 0.58 -3.39
CA SER A 1806 54.53 0.18 -4.78
C SER A 1806 53.22 0.00 -5.53
N ASP A 1807 52.14 -0.35 -4.82
CA ASP A 1807 50.83 -0.49 -5.44
C ASP A 1807 50.07 0.82 -5.51
N CYS A 1808 50.37 1.77 -4.63
CA CYS A 1808 49.68 3.06 -4.65
C CYS A 1808 50.13 3.93 -5.82
N ALA A 1809 51.35 3.74 -6.31
CA ALA A 1809 51.87 4.54 -7.41
C ALA A 1809 51.51 3.99 -8.78
N LEU A 1810 50.96 2.78 -8.85
CA LEU A 1810 50.59 2.17 -10.12
C LEU A 1810 49.08 2.05 -10.30
N ALA A 1811 48.30 2.74 -9.47
CA ALA A 1811 46.85 2.68 -9.56
C ALA A 1811 46.33 3.59 -10.66
N HIS A 1812 45.05 3.42 -10.97
CA HIS A 1812 44.39 4.26 -11.97
C HIS A 1812 43.79 5.48 -11.31
N ILE A 1813 44.00 6.65 -11.90
CA ILE A 1813 43.49 7.91 -11.36
C ILE A 1813 42.13 8.16 -11.98
N ARG A 1814 41.07 7.80 -11.25
CA ARG A 1814 39.70 8.02 -11.69
C ARG A 1814 39.04 8.95 -10.67
N GLN A 1815 39.16 10.25 -10.90
CA GLN A 1815 38.46 11.26 -10.12
C GLN A 1815 37.71 12.15 -11.10
N SER A 1816 36.40 12.28 -10.90
CA SER A 1816 35.56 12.96 -11.88
C SER A 1816 35.48 14.46 -11.59
N SER A 1817 35.60 15.25 -12.65
CA SER A 1817 35.26 16.65 -12.55
C SER A 1817 33.74 16.81 -12.51
N TYR A 1818 33.29 18.00 -12.15
CA TYR A 1818 31.86 18.25 -12.07
C TYR A 1818 31.22 18.11 -13.44
N THR A 1819 30.18 17.29 -13.51
CA THR A 1819 29.50 17.03 -14.78
C THR A 1819 28.96 18.31 -15.41
N ASP A 1820 28.67 19.32 -14.60
CA ASP A 1820 28.19 20.61 -15.10
C ASP A 1820 29.32 21.45 -15.68
N TRP A 1821 30.54 20.93 -15.73
CA TRP A 1821 31.69 21.64 -16.29
C TRP A 1821 31.96 22.95 -15.56
N GLU A 1822 31.76 22.93 -14.24
CA GLU A 1822 32.04 24.08 -13.38
C GLU A 1822 31.21 25.30 -13.80
N LEU A 1823 30.07 25.06 -14.47
CA LEU A 1823 29.28 26.13 -15.06
C LEU A 1823 28.02 26.45 -14.29
N GLY A 1824 27.70 25.70 -13.23
CA GLY A 1824 26.41 25.86 -12.58
C GLY A 1824 26.19 27.19 -11.88
N LEU A 1825 26.84 27.39 -10.73
CA LEU A 1825 26.66 28.63 -9.99
C LEU A 1825 27.93 29.24 -9.43
N SER A 1826 29.06 28.53 -9.43
CA SER A 1826 30.31 29.03 -8.86
C SER A 1826 30.07 29.51 -7.43
N PRO A 1827 29.96 28.58 -6.45
CA PRO A 1827 29.43 28.92 -5.11
C PRO A 1827 29.90 30.23 -4.49
N GLN A 1828 31.05 30.77 -4.93
CA GLN A 1828 31.40 32.13 -4.56
C GLN A 1828 30.31 33.10 -4.99
N GLN A 1829 29.79 32.92 -6.20
CA GLN A 1829 28.67 33.75 -6.67
C GLN A 1829 27.42 33.48 -5.84
N ILE A 1830 27.18 32.22 -5.47
CA ILE A 1830 26.08 31.91 -4.54
C ILE A 1830 26.19 32.76 -3.30
N CYS A 1831 27.37 32.76 -2.68
CA CYS A 1831 27.56 33.46 -1.41
C CYS A 1831 27.39 34.97 -1.59
N THR A 1832 28.01 35.54 -2.62
CA THR A 1832 27.94 36.99 -2.78
C THR A 1832 26.55 37.46 -3.19
N ASN A 1833 25.83 36.67 -3.99
CA ASN A 1833 24.46 37.04 -4.36
C ASN A 1833 23.53 36.90 -3.17
N PHE A 1834 23.73 35.88 -2.34
CA PHE A 1834 22.95 35.72 -1.13
C PHE A 1834 23.16 36.90 -0.19
N LYS A 1835 24.42 37.32 -0.02
CA LYS A 1835 24.71 38.46 0.83
C LYS A 1835 24.13 39.75 0.27
N THR A 1836 24.19 39.92 -1.05
CA THR A 1836 23.62 41.10 -1.67
C THR A 1836 22.11 41.14 -1.47
N GLN A 1837 21.43 40.01 -1.70
CA GLN A 1837 19.99 39.96 -1.46
C GLN A 1837 19.67 40.27 -0.01
N LEU A 1838 20.45 39.73 0.93
CA LEU A 1838 20.19 39.98 2.34
C LEU A 1838 20.35 41.46 2.68
N VAL A 1839 21.40 42.10 2.18
CA VAL A 1839 21.64 43.50 2.55
C VAL A 1839 20.62 44.41 1.90
N LEU A 1840 20.24 44.13 0.65
CA LEU A 1840 19.25 44.98 -0.02
C LEU A 1840 17.84 44.74 0.51
N SER A 1841 17.58 43.55 1.06
CA SER A 1841 16.29 43.30 1.70
C SER A 1841 16.23 43.88 3.09
N SER A 1842 17.38 43.96 3.78
CA SER A 1842 17.40 44.61 5.08
C SER A 1842 17.35 46.13 4.96
N MET A 1843 17.87 46.68 3.87
CA MET A 1843 17.82 48.13 3.70
C MET A 1843 16.55 48.59 3.00
N VAL A 1844 15.39 48.11 3.47
CA VAL A 1844 14.11 48.71 3.11
C VAL A 1844 13.27 48.83 4.38
N ASN A 1845 13.65 48.09 5.42
CA ASN A 1845 12.95 48.05 6.70
C ASN A 1845 13.76 47.24 7.71
N PRO A 1846 13.63 47.52 9.01
CA PRO A 1846 14.41 46.77 10.01
C PRO A 1846 13.84 45.38 10.22
N LEU A 1847 14.71 44.38 10.21
CA LEU A 1847 14.34 42.99 10.46
C LEU A 1847 15.25 42.40 11.53
N VAL A 1848 14.73 41.40 12.23
CA VAL A 1848 15.50 40.72 13.27
C VAL A 1848 16.45 39.72 12.63
N LEU A 1849 17.58 39.48 13.29
CA LEU A 1849 18.61 38.59 12.75
C LEU A 1849 18.44 37.17 13.28
N SER A 1850 17.25 36.63 13.06
CA SER A 1850 16.92 35.28 13.46
C SER A 1850 16.91 34.35 12.24
N THR A 1851 16.57 33.08 12.48
CA THR A 1851 16.38 32.15 11.38
C THR A 1851 15.18 32.49 10.52
N SER A 1852 14.32 33.41 10.97
CA SER A 1852 13.17 33.82 10.18
C SER A 1852 13.58 34.74 9.03
N CYS A 1853 14.73 35.42 9.15
CA CYS A 1853 15.22 36.32 8.12
C CYS A 1853 16.46 35.77 7.42
N LEU A 1854 16.79 34.51 7.64
CA LEU A 1854 17.93 33.85 7.00
C LEU A 1854 17.50 32.64 6.20
N LYS A 1855 16.60 31.82 6.74
CA LYS A 1855 16.07 30.67 6.02
C LYS A 1855 14.97 31.07 5.04
N SER A 1856 14.32 32.22 5.26
CA SER A 1856 13.22 32.67 4.42
C SER A 1856 13.70 33.36 3.14
N PHE A 1857 14.94 33.13 2.71
CA PHE A 1857 15.46 33.72 1.49
C PHE A 1857 15.83 32.61 0.51
N PHE A 1858 15.53 32.84 -0.76
CA PHE A 1858 15.68 31.79 -1.76
C PHE A 1858 17.15 31.43 -1.98
N TRP A 1859 18.02 32.45 -2.04
CA TRP A 1859 19.44 32.19 -2.30
C TRP A 1859 20.16 31.59 -1.10
N PHE A 1860 19.45 31.18 -0.05
CA PHE A 1860 20.06 30.50 1.08
C PHE A 1860 20.31 29.04 0.70
N ASN A 1861 21.19 28.87 -0.27
CA ASN A 1861 21.64 27.54 -0.68
C ASN A 1861 22.87 27.08 0.09
N GLU A 1862 23.19 27.78 1.19
CA GLU A 1862 24.34 27.40 2.01
C GLU A 1862 24.10 26.07 2.70
N VAL A 1863 22.85 25.71 2.96
CA VAL A 1863 22.54 24.38 3.48
C VAL A 1863 22.87 23.31 2.45
N LEU A 1864 22.82 23.65 1.16
CA LEU A 1864 23.32 22.78 0.11
C LEU A 1864 24.83 22.95 0.00
N GLU A 1865 25.44 22.45 -1.07
CA GLU A 1865 26.88 22.54 -1.28
C GLU A 1865 27.65 21.88 -0.14
N LEU A 1866 27.49 20.55 -0.07
CA LEU A 1866 28.03 19.71 0.99
C LEU A 1866 29.44 20.13 1.42
N GLU A 1867 30.27 20.51 0.46
CA GLU A 1867 31.57 21.09 0.80
C GLU A 1867 31.39 22.50 1.34
N ASP A 1868 31.27 22.63 2.66
CA ASP A 1868 31.01 23.91 3.32
C ASP A 1868 32.27 24.53 3.89
N ASP A 1869 33.41 24.37 3.20
CA ASP A 1869 34.66 24.90 3.71
C ASP A 1869 34.67 26.43 3.73
N SER A 1870 33.92 27.06 2.83
CA SER A 1870 33.90 28.52 2.71
C SER A 1870 32.49 29.02 2.94
N GLN A 1871 32.34 29.96 3.88
CA GLN A 1871 31.05 30.57 4.16
C GLN A 1871 30.98 31.94 3.47
N ILE A 1872 29.90 32.68 3.72
CA ILE A 1872 29.57 33.84 2.92
C ILE A 1872 30.54 35.00 3.16
N GLU A 1873 30.46 35.65 4.32
CA GLU A 1873 31.52 36.57 4.73
C GLU A 1873 31.86 36.42 6.21
N LEU A 1874 30.83 36.25 7.04
CA LEU A 1874 30.99 36.36 8.48
C LEU A 1874 30.16 35.36 9.28
N ALA A 1875 29.23 34.64 8.66
CA ALA A 1875 28.20 33.88 9.39
C ALA A 1875 28.58 32.42 9.57
N GLU A 1876 29.86 32.14 9.83
CA GLU A 1876 30.32 30.78 10.11
C GLU A 1876 29.54 30.15 11.25
N LEU A 1877 29.41 30.86 12.37
CA LEU A 1877 28.82 30.28 13.57
C LEU A 1877 27.37 29.90 13.35
N THR A 1878 26.56 30.80 12.77
CA THR A 1878 25.15 30.49 12.59
C THR A 1878 24.95 29.42 11.52
N ASP A 1879 25.86 29.32 10.55
CA ASP A 1879 25.77 28.25 9.56
C ASP A 1879 26.08 26.90 10.21
N PHE A 1880 27.14 26.83 10.99
CA PHE A 1880 27.47 25.61 11.71
C PHE A 1880 26.35 25.24 12.68
N ALA A 1881 25.65 26.23 13.22
CA ALA A 1881 24.51 25.96 14.09
C ALA A 1881 23.32 25.41 13.31
N LEU A 1882 23.04 25.97 12.13
CA LEU A 1882 21.93 25.48 11.33
C LEU A 1882 22.21 24.09 10.78
N MET A 1883 23.48 23.75 10.56
CA MET A 1883 23.80 22.37 10.19
C MET A 1883 23.40 21.39 11.29
N VAL A 1884 23.33 21.86 12.54
CA VAL A 1884 22.76 21.07 13.63
C VAL A 1884 21.29 21.40 13.86
N LYS A 1885 20.68 22.22 13.01
CA LYS A 1885 19.28 22.63 13.12
C LYS A 1885 19.04 23.34 14.47
N ASN A 1886 19.69 24.49 14.61
CA ASN A 1886 19.55 25.31 15.80
C ASN A 1886 18.22 26.05 15.79
N GLN A 1887 17.75 26.40 16.99
CA GLN A 1887 16.54 27.18 17.18
C GLN A 1887 16.84 28.56 17.77
N ASN A 1888 18.05 29.07 17.53
CA ASN A 1888 18.49 30.32 18.12
C ASN A 1888 17.79 31.51 17.46
N VAL A 1889 17.92 32.67 18.10
CA VAL A 1889 17.31 33.88 17.59
C VAL A 1889 18.36 34.94 17.31
N SER A 1890 19.05 35.41 18.35
CA SER A 1890 20.00 36.49 18.19
C SER A 1890 20.92 36.58 19.40
N ARG A 1891 22.18 36.95 19.14
CA ARG A 1891 23.16 37.22 20.18
C ARG A 1891 24.32 37.99 19.55
N ALA A 1892 25.30 38.31 20.36
CA ALA A 1892 26.48 39.07 19.91
C ALA A 1892 27.40 38.13 19.15
N MET A 1893 27.14 37.98 17.85
CA MET A 1893 27.96 37.13 16.98
C MET A 1893 29.12 37.99 16.44
N PHE A 1894 30.14 38.16 17.28
CA PHE A 1894 31.30 38.97 16.98
C PHE A 1894 32.59 38.17 17.17
N VAL A 1895 32.61 36.97 16.58
CA VAL A 1895 33.74 36.05 16.73
C VAL A 1895 35.05 36.64 16.24
N GLU A 1896 35.00 37.72 15.44
CA GLU A 1896 36.22 38.42 15.05
C GLU A 1896 37.04 38.81 16.28
N ASP A 1897 36.37 39.37 17.29
CA ASP A 1897 36.93 39.50 18.62
C ASP A 1897 36.59 38.23 19.38
N ILE A 1898 37.58 37.35 19.58
CA ILE A 1898 37.34 35.99 20.03
C ILE A 1898 36.65 35.98 21.39
N ALA A 1899 35.40 35.49 21.42
CA ALA A 1899 34.66 35.34 22.65
C ALA A 1899 34.91 34.02 23.33
N MET A 1900 35.37 33.01 22.59
CA MET A 1900 35.71 31.72 23.19
C MET A 1900 37.10 31.73 23.81
N GLY A 1901 38.01 32.54 23.28
CA GLY A 1901 39.33 32.70 23.85
C GLY A 1901 39.47 34.00 24.62
N TYR A 1902 40.51 34.05 25.46
CA TYR A 1902 40.82 35.23 26.28
C TYR A 1902 39.63 35.61 27.16
N VAL A 1903 39.27 34.70 28.05
CA VAL A 1903 38.12 34.86 28.94
C VAL A 1903 38.62 34.85 30.38
N VAL A 1904 38.04 35.74 31.20
CA VAL A 1904 38.42 35.81 32.61
C VAL A 1904 38.08 34.50 33.30
N SER A 1905 38.94 34.07 34.21
CA SER A 1905 38.79 32.78 34.88
C SER A 1905 38.57 32.96 36.37
N ASN A 1906 37.69 33.89 36.76
CA ASN A 1906 37.37 34.13 38.16
C ASN A 1906 36.47 33.00 38.65
N PHE A 1907 37.11 31.90 39.05
CA PHE A 1907 36.42 30.70 39.46
C PHE A 1907 36.50 30.52 40.98
N GLU A 1908 35.46 29.95 41.55
CA GLU A 1908 35.38 29.72 42.99
C GLU A 1908 34.34 28.63 43.24
N GLY A 1909 34.02 28.39 44.51
CA GLY A 1909 33.06 27.38 44.88
C GLY A 1909 32.29 27.79 46.12
N VAL A 1910 31.32 26.97 46.50
CA VAL A 1910 30.45 27.21 47.64
C VAL A 1910 30.41 25.96 48.50
N ARG A 1911 29.58 26.00 49.54
CA ARG A 1911 29.42 24.87 50.46
C ARG A 1911 28.54 23.81 49.81
N ILE A 1912 28.15 22.79 50.58
CA ILE A 1912 27.38 21.67 50.08
C ILE A 1912 26.13 21.49 50.92
N SER A 1913 25.24 20.63 50.45
CA SER A 1913 23.99 20.30 51.14
C SER A 1913 23.75 18.81 50.98
N LEU A 1914 23.88 18.06 52.07
CA LEU A 1914 23.78 16.61 52.01
C LEU A 1914 22.34 16.18 51.80
N SER A 1915 22.11 15.28 50.85
CA SER A 1915 20.81 14.64 50.69
C SER A 1915 20.65 13.54 51.73
N ASN A 1916 19.54 12.81 51.65
CA ASN A 1916 19.17 11.84 52.68
C ASN A 1916 19.21 12.50 54.06
N VAL A 1917 18.29 13.45 54.21
CA VAL A 1917 18.39 14.45 55.28
C VAL A 1917 18.47 13.77 56.64
N MET A 1918 19.61 13.95 57.32
CA MET A 1918 19.76 13.61 58.72
C MET A 1918 20.46 14.70 59.50
N VAL A 1919 20.80 15.81 58.86
CA VAL A 1919 21.58 16.87 59.50
C VAL A 1919 20.71 17.89 60.23
N ASP A 1920 19.43 18.03 59.86
CA ASP A 1920 18.56 18.97 60.55
C ASP A 1920 18.37 18.63 62.01
N GLY A 1921 18.57 17.36 62.39
CA GLY A 1921 18.48 16.98 63.79
C GLY A 1921 19.75 17.15 64.59
N VAL A 1922 20.88 17.42 63.91
CA VAL A 1922 22.17 17.60 64.57
C VAL A 1922 22.79 18.95 64.26
N GLN A 1923 22.06 19.84 63.60
CA GLN A 1923 22.58 21.17 63.26
C GLN A 1923 22.35 22.18 64.38
N LEU A 1924 21.11 22.23 64.90
CA LEU A 1924 20.75 23.18 65.96
C LEU A 1924 21.27 22.81 67.36
N PRO A 1925 21.35 21.53 67.75
CA PRO A 1925 21.82 21.21 69.12
C PRO A 1925 23.21 21.76 69.42
N PRO A 1926 24.11 21.93 68.43
CA PRO A 1926 25.29 22.77 68.70
C PRO A 1926 24.90 24.21 68.97
N GLN A 1927 25.10 24.68 70.20
CA GLN A 1927 24.77 26.03 70.57
C GLN A 1927 25.62 26.50 71.74
N ASP A 1932 27.50 20.09 70.33
CA ASP A 1932 28.42 21.04 69.74
C ASP A 1932 29.13 20.36 68.56
N ILE A 1933 30.17 20.99 68.03
CA ILE A 1933 30.94 20.38 66.95
C ILE A 1933 31.74 19.19 67.45
N GLY A 1934 32.02 19.14 68.76
CA GLY A 1934 32.78 18.03 69.31
C GLY A 1934 32.06 16.70 69.19
N GLU A 1935 30.77 16.68 69.53
CA GLU A 1935 30.01 15.43 69.41
C GLU A 1935 29.85 15.03 67.94
N LEU A 1936 29.75 16.01 67.04
CA LEU A 1936 29.68 15.69 65.62
C LEU A 1936 30.98 15.08 65.13
N PHE A 1937 32.12 15.63 65.54
CA PHE A 1937 33.41 15.06 65.17
C PHE A 1937 33.59 13.67 65.76
N GLY A 1938 33.11 13.46 66.99
CA GLY A 1938 33.18 12.13 67.58
C GLY A 1938 32.29 11.14 66.86
N LEU A 1939 31.12 11.58 66.39
CA LEU A 1939 30.26 10.72 65.59
C LEU A 1939 30.92 10.37 64.26
N LYS A 1940 31.61 11.35 63.65
CA LYS A 1940 32.33 11.10 62.41
C LYS A 1940 33.64 10.35 62.61
N ALA A 1941 34.06 10.15 63.87
CA ALA A 1941 35.30 9.42 64.15
C ALA A 1941 35.00 7.97 64.53
N GLY A 1947 29.15 -0.51 65.10
CA GLY A 1947 29.33 -0.77 63.68
C GLY A 1947 29.75 0.46 62.91
N LEU A 1948 30.20 0.25 61.67
CA LEU A 1948 30.61 1.34 60.81
C LEU A 1948 29.41 1.87 60.05
N VAL A 1949 29.34 3.19 59.90
CA VAL A 1949 28.14 3.85 59.41
C VAL A 1949 28.46 4.71 58.19
N VAL A 1950 29.42 4.25 57.38
CA VAL A 1950 29.79 4.98 56.17
C VAL A 1950 28.71 4.69 55.11
N GLN A 1951 27.78 5.62 54.95
CA GLN A 1951 26.73 5.51 53.95
C GLN A 1951 27.17 6.29 52.71
N ILE A 1952 26.24 6.47 51.75
CA ILE A 1952 26.55 7.26 50.57
C ILE A 1952 26.65 8.74 50.95
N ASP A 1953 27.36 9.49 50.11
CA ASP A 1953 27.59 10.91 50.31
C ASP A 1953 27.02 11.67 49.12
N HIS A 1954 26.33 12.77 49.40
CA HIS A 1954 25.71 13.60 48.37
C HIS A 1954 26.34 14.99 48.43
N VAL A 1955 27.00 15.39 47.34
CA VAL A 1955 27.68 16.67 47.25
C VAL A 1955 26.88 17.57 46.31
N ARG A 1956 26.61 18.79 46.76
CA ARG A 1956 25.88 19.78 45.97
C ARG A 1956 26.71 21.06 45.91
N MET A 1957 26.99 21.51 44.69
CA MET A 1957 27.81 22.69 44.50
C MET A 1957 27.13 23.63 43.51
N SER A 1958 27.33 24.93 43.72
CA SER A 1958 26.79 25.98 42.86
C SER A 1958 27.93 26.95 42.56
N THR A 1959 28.62 26.73 41.45
CA THR A 1959 29.80 27.50 41.08
C THR A 1959 29.42 28.56 40.06
N LYS A 1960 29.52 29.83 40.46
CA LYS A 1960 29.14 30.95 39.60
C LYS A 1960 30.37 31.71 39.15
N PHE A 1961 30.48 31.95 37.84
CA PHE A 1961 31.59 32.65 37.22
C PHE A 1961 31.06 33.80 36.38
N LYS A 1962 31.97 34.68 35.98
CA LYS A 1962 31.63 35.89 35.25
C LYS A 1962 32.38 35.95 33.92
N LEU A 1963 32.32 34.86 33.16
CA LEU A 1963 33.05 34.74 31.90
C LEU A 1963 32.76 35.92 30.97
N LYS A 1964 33.81 36.67 30.63
CA LYS A 1964 33.72 37.80 29.74
C LYS A 1964 34.13 37.38 28.33
N ARG A 1965 34.28 38.36 27.43
CA ARG A 1965 34.68 38.11 26.06
C ARG A 1965 35.61 39.23 25.60
N LYS A 1966 36.13 39.07 24.39
CA LYS A 1966 37.02 40.08 23.83
C LYS A 1966 36.27 41.35 23.46
N MET A 1967 35.16 41.21 22.73
CA MET A 1967 34.34 42.35 22.39
C MET A 1967 33.63 42.89 23.63
N VAL A 1968 32.94 44.02 23.45
CA VAL A 1968 32.23 44.65 24.56
C VAL A 1968 31.00 43.82 24.91
N TYR A 1969 31.09 43.04 25.97
CA TYR A 1969 30.00 42.15 26.40
C TYR A 1969 30.34 41.61 27.78
N SER A 1970 29.39 40.90 28.35
CA SER A 1970 29.55 40.28 29.66
C SER A 1970 28.59 39.11 29.79
N PHE A 1971 28.89 38.23 30.73
CA PHE A 1971 28.08 37.03 30.92
C PHE A 1971 28.32 36.47 32.32
N SER A 1972 27.25 36.00 32.96
CA SER A 1972 27.31 35.39 34.28
C SER A 1972 26.73 33.99 34.19
N LEU A 1973 27.55 32.99 34.51
CA LEU A 1973 27.19 31.59 34.28
C LEU A 1973 27.45 30.78 35.55
N GLU A 1974 26.41 30.10 36.04
CA GLU A 1974 26.50 29.29 37.24
C GLU A 1974 26.15 27.85 36.93
N CYS A 1975 26.89 26.93 37.54
CA CYS A 1975 26.73 25.50 37.31
C CYS A 1975 26.38 24.81 38.62
N ILE A 1976 25.36 23.96 38.58
CA ILE A 1976 24.95 23.13 39.71
C ILE A 1976 25.52 21.73 39.50
N MET A 1977 26.22 21.22 40.50
CA MET A 1977 26.88 19.93 40.43
C MET A 1977 26.36 19.06 41.56
N ASP A 1978 25.74 17.93 41.21
CA ASP A 1978 25.31 16.94 42.19
C ASP A 1978 26.13 15.66 42.01
N VAL A 1979 26.86 15.28 43.05
CA VAL A 1979 27.78 14.15 43.02
C VAL A 1979 27.30 13.10 44.02
N GLY A 1980 27.08 11.89 43.54
CA GLY A 1980 26.78 10.76 44.42
C GLY A 1980 28.01 9.91 44.61
N GLU A 1981 28.62 9.99 45.78
CA GLU A 1981 29.87 9.32 46.09
C GLU A 1981 29.67 8.39 47.29
N ILE A 1982 30.76 7.77 47.74
CA ILE A 1982 30.75 6.90 48.90
C ILE A 1982 31.66 7.49 49.96
N GLN A 1983 31.15 7.59 51.19
CA GLN A 1983 31.96 8.08 52.29
C GLN A 1983 33.14 7.14 52.55
N ASN A 1984 34.25 7.72 52.98
CA ASN A 1984 35.48 6.97 53.22
C ASN A 1984 35.67 6.71 54.70
N LYS A 1985 36.56 5.76 55.00
CA LYS A 1985 36.90 5.49 56.40
C LYS A 1985 37.81 6.58 56.95
N GLU A 1986 39.01 6.70 56.41
CA GLU A 1986 39.96 7.71 56.91
C GLU A 1986 40.72 8.48 55.85
N VAL A 1987 40.93 7.95 54.63
CA VAL A 1987 41.98 8.51 53.80
C VAL A 1987 41.51 9.69 52.96
N ILE A 1988 40.68 9.44 51.94
CA ILE A 1988 40.18 10.55 51.15
C ILE A 1988 38.67 10.52 50.94
N LEU A 1989 38.21 9.59 50.10
CA LEU A 1989 36.80 9.50 49.70
C LEU A 1989 36.64 8.37 48.68
N LYS A 1990 35.40 8.05 48.31
CA LYS A 1990 35.11 7.12 47.23
C LYS A 1990 33.95 7.66 46.42
N VAL A 1991 34.02 7.53 45.09
CA VAL A 1991 33.10 8.20 44.19
C VAL A 1991 32.34 7.16 43.36
N VAL A 1992 31.12 7.53 42.96
CA VAL A 1992 30.30 6.68 42.09
C VAL A 1992 29.93 7.44 40.82
N ALA A 1993 29.18 8.54 40.95
CA ALA A 1993 28.66 9.21 39.78
C ALA A 1993 28.57 10.71 40.03
N VAL A 1994 28.43 11.45 38.93
CA VAL A 1994 28.37 12.91 38.96
C VAL A 1994 27.34 13.36 37.93
N ASP A 1995 26.79 14.56 38.15
CA ASP A 1995 25.89 15.17 37.18
C ASP A 1995 26.01 16.69 37.27
N GLN A 1996 25.94 17.35 36.11
CA GLN A 1996 26.12 18.78 36.00
C GLN A 1996 24.92 19.41 35.31
N SER A 1997 24.65 20.68 35.65
CA SER A 1997 23.57 21.43 35.03
C SER A 1997 23.98 22.90 34.99
N VAL A 1998 24.25 23.41 33.79
CA VAL A 1998 24.68 24.78 33.60
C VAL A 1998 23.45 25.69 33.67
N SER A 1999 23.66 26.99 33.83
CA SER A 1999 22.59 27.98 33.86
C SER A 1999 23.23 29.36 33.83
N GLY A 2000 22.39 30.36 33.60
CA GLY A 2000 22.84 31.75 33.60
C GLY A 2000 22.86 32.33 32.20
N SER A 2001 23.22 33.62 32.15
CA SER A 2001 23.24 34.37 30.90
C SER A 2001 24.64 34.28 30.29
N GLY A 2002 24.74 33.65 29.13
CA GLY A 2002 26.00 33.51 28.45
C GLY A 2002 25.85 32.99 27.03
N GLY A 2003 26.69 33.47 26.12
CA GLY A 2003 26.64 33.03 24.74
C GLY A 2003 27.11 31.60 24.59
N ASN A 2004 27.02 31.11 23.35
CA ASN A 2004 27.44 29.75 23.05
C ASN A 2004 28.93 29.57 23.32
N HIS A 2005 29.76 30.51 22.84
CA HIS A 2005 31.19 30.43 23.09
C HIS A 2005 31.50 30.59 24.58
N MET A 2006 30.72 31.41 25.28
CA MET A 2006 30.95 31.61 26.71
C MET A 2006 30.69 30.33 27.49
N LEU A 2007 29.55 29.69 27.27
CA LEU A 2007 29.26 28.44 27.96
C LEU A 2007 30.19 27.33 27.50
N LEU A 2008 30.64 27.37 26.24
CA LEU A 2008 31.62 26.39 25.78
C LEU A 2008 32.93 26.51 26.55
N ASP A 2009 33.43 27.74 26.67
CA ASP A 2009 34.65 27.98 27.46
C ASP A 2009 34.45 27.54 28.89
N GLY A 2010 33.31 27.90 29.50
CA GLY A 2010 33.07 27.53 30.89
C GLY A 2010 33.04 26.03 31.10
N VAL A 2011 32.31 25.32 30.25
CA VAL A 2011 32.18 23.87 30.42
C VAL A 2011 33.48 23.16 30.07
N SER A 2012 34.30 23.75 29.20
CA SER A 2012 35.60 23.15 28.90
C SER A 2012 36.58 23.35 30.05
N VAL A 2013 36.57 24.53 30.67
CA VAL A 2013 37.54 24.77 31.74
C VAL A 2013 37.10 24.10 33.04
N VAL A 2014 35.80 23.93 33.28
CA VAL A 2014 35.38 23.26 34.50
C VAL A 2014 35.70 21.77 34.44
N ALA A 2015 35.87 21.21 33.24
CA ALA A 2015 36.28 19.84 33.06
C ALA A 2015 37.79 19.68 32.92
N SER A 2016 38.53 20.78 32.79
CA SER A 2016 39.98 20.75 32.65
C SER A 2016 40.60 21.78 33.60
N LEU A 2017 40.15 21.77 34.85
CA LEU A 2017 40.58 22.72 35.87
C LEU A 2017 41.44 22.00 36.91
N PRO A 2018 42.19 22.76 37.74
CA PRO A 2018 42.87 22.16 38.89
C PRO A 2018 41.93 21.55 39.93
N LEU A 2019 40.64 21.48 39.62
CA LEU A 2019 39.65 20.92 40.54
C LEU A 2019 39.75 19.39 40.58
N PHE A 2020 38.71 18.74 41.12
CA PHE A 2020 38.68 17.33 41.49
C PHE A 2020 39.49 16.43 40.56
N THR A 2021 39.39 16.65 39.25
CA THR A 2021 40.24 15.91 38.33
C THR A 2021 41.68 16.39 38.46
N GLY A 2022 42.47 15.73 39.30
CA GLY A 2022 43.83 16.14 39.58
C GLY A 2022 44.11 16.30 41.06
N GLN A 2023 44.81 17.37 41.43
CA GLN A 2023 45.06 17.65 42.84
C GLN A 2023 43.82 18.09 43.59
N ALA A 2024 42.75 18.43 42.86
CA ALA A 2024 41.42 18.73 43.39
C ALA A 2024 41.33 20.06 44.10
N SER A 2025 42.49 20.70 44.34
CA SER A 2025 42.57 22.01 44.99
C SER A 2025 41.56 22.17 46.13
N PHE A 2026 41.40 21.13 46.94
CA PHE A 2026 40.32 21.07 47.92
C PHE A 2026 40.78 21.67 49.24
N ASP A 2027 40.04 22.66 49.72
CA ASP A 2027 40.31 23.31 51.00
C ASP A 2027 39.17 22.97 51.95
N LEU A 2028 39.31 21.86 52.67
CA LEU A 2028 38.26 21.44 53.59
C LEU A 2028 38.32 22.27 54.86
N ALA A 2029 39.40 22.14 55.62
CA ALA A 2029 39.67 22.92 56.84
C ALA A 2029 38.48 22.94 57.81
N ALA A 2030 37.60 21.93 57.71
CA ALA A 2030 36.35 21.88 58.49
C ALA A 2030 35.58 23.19 58.35
N MET A 2031 35.60 23.76 57.14
CA MET A 2031 35.00 25.07 56.89
C MET A 2031 33.56 24.95 56.40
N LEU A 2032 33.35 24.27 55.27
CA LEU A 2032 32.00 24.13 54.74
C LEU A 2032 31.13 23.26 55.64
N ILE A 2033 31.73 22.34 56.39
CA ILE A 2033 30.96 21.61 57.40
C ILE A 2033 30.49 22.57 58.50
N GLU A 2034 31.34 23.52 58.88
CA GLU A 2034 30.95 24.50 59.89
C GLU A 2034 29.82 25.40 59.38
N SER A 2035 29.71 25.58 58.06
CA SER A 2035 28.59 26.36 57.53
C SER A 2035 27.33 25.52 57.43
N ASN A 2036 27.43 24.29 56.93
CA ASN A 2036 26.27 23.40 56.89
C ASN A 2036 25.86 23.00 58.29
N LEU A 2037 26.76 22.33 59.02
CA LEU A 2037 26.54 22.02 60.44
C LEU A 2037 26.90 23.27 61.23
N ALA A 2038 25.88 24.02 61.64
CA ALA A 2038 26.10 25.32 62.27
C ALA A 2038 26.94 25.19 63.54
N GLY A 2039 28.12 25.79 63.52
CA GLY A 2039 29.01 25.75 64.67
C GLY A 2039 30.16 26.73 64.54
N SER A 2040 30.63 27.25 65.68
CA SER A 2040 31.74 28.22 65.71
C SER A 2040 32.87 27.70 66.60
N ASN A 2041 33.16 26.40 66.50
CA ASN A 2041 34.21 25.79 67.29
C ASN A 2041 35.02 24.85 66.41
N ASP A 2042 36.24 24.57 66.83
CA ASP A 2042 37.15 23.69 66.11
C ASP A 2042 37.73 22.67 67.07
N ASN A 2043 38.02 21.48 66.55
CA ASN A 2043 38.57 20.38 67.34
C ASN A 2043 39.99 20.01 66.94
N PHE A 2044 40.71 20.95 66.32
CA PHE A 2044 42.12 20.78 65.93
C PHE A 2044 42.33 19.58 65.01
N LEU A 2045 41.31 19.19 64.25
CA LEU A 2045 41.42 18.05 63.33
C LEU A 2045 40.57 18.37 62.11
N MET A 2046 41.23 18.71 61.00
CA MET A 2046 40.51 19.03 59.77
C MET A 2046 40.14 17.77 58.99
N ARG A 2047 41.08 16.84 58.85
CA ARG A 2047 40.89 15.60 58.10
C ARG A 2047 40.44 15.89 56.68
N ASN A 2048 41.33 16.55 55.93
CA ASN A 2048 41.01 17.00 54.59
C ASN A 2048 40.70 15.82 53.67
N VAL A 2049 39.74 16.04 52.77
CA VAL A 2049 39.29 15.01 51.84
C VAL A 2049 39.49 15.52 50.43
N THR A 2050 39.53 14.58 49.49
CA THR A 2050 39.68 14.91 48.07
C THR A 2050 38.86 13.94 47.24
N LEU A 2051 38.26 14.47 46.17
CA LEU A 2051 37.45 13.69 45.25
C LEU A 2051 38.31 13.07 44.16
N ASP A 2052 37.84 11.95 43.61
CA ASP A 2052 38.49 11.27 42.50
C ASP A 2052 37.45 11.00 41.41
N LEU A 2053 36.77 12.07 40.99
CA LEU A 2053 35.66 12.01 40.05
C LEU A 2053 36.02 11.27 38.76
N GLY A 2054 35.01 10.70 38.11
CA GLY A 2054 35.27 9.85 36.95
C GLY A 2054 35.79 10.62 35.76
N GLY A 2055 35.13 11.71 35.41
CA GLY A 2055 35.54 12.48 34.24
C GLY A 2055 34.47 12.55 33.17
N PHE A 2056 33.20 12.52 33.58
CA PHE A 2056 32.10 12.62 32.64
C PHE A 2056 32.19 13.92 31.84
N SER A 2057 31.57 13.91 30.66
CA SER A 2057 31.66 15.02 29.71
C SER A 2057 30.26 15.57 29.43
N PRO A 2058 29.80 16.55 30.22
CA PRO A 2058 28.52 17.22 29.93
C PRO A 2058 28.67 18.44 29.02
N GLU A 2059 28.90 18.17 27.73
CA GLU A 2059 29.14 19.22 26.75
C GLU A 2059 28.17 19.11 25.58
N LEU A 2060 26.88 18.98 25.87
CA LEU A 2060 25.89 18.63 24.85
C LEU A 2060 24.93 19.78 24.53
N SER A 2061 25.21 21.00 24.99
CA SER A 2061 24.34 22.13 24.66
C SER A 2061 24.85 22.90 23.44
N ASP A 2062 26.06 23.49 23.54
CA ASP A 2062 26.72 24.17 22.42
C ASP A 2062 25.80 25.13 21.66
N LYS A 2063 24.80 25.68 22.34
CA LYS A 2063 23.80 26.52 21.69
C LYS A 2063 23.64 27.81 22.50
N TYR A 2064 22.74 28.68 22.03
CA TYR A 2064 22.36 29.85 22.81
C TYR A 2064 21.51 29.48 24.02
N SER A 2065 21.06 28.23 24.11
CA SER A 2065 20.21 27.82 25.21
C SER A 2065 20.91 27.99 26.55
N TYR A 2066 20.18 28.48 27.54
CA TYR A 2066 20.71 28.75 28.87
C TYR A 2066 20.72 27.51 29.75
N ARG A 2067 20.66 26.32 29.14
CA ARG A 2067 20.75 25.04 29.85
C ARG A 2067 19.62 24.90 30.87
N LEU A 2068 18.40 24.84 30.33
CA LEU A 2068 17.18 24.38 31.01
C LEU A 2068 16.82 25.18 32.26
N SER A 2069 17.53 26.27 32.54
CA SER A 2069 17.19 27.11 33.68
C SER A 2069 17.96 28.43 33.58
N GLY A 2070 17.36 29.49 34.10
CA GLY A 2070 17.98 30.79 34.11
C GLY A 2070 16.97 31.90 34.39
N PRO A 2071 17.38 32.88 35.20
CA PRO A 2071 16.48 34.01 35.48
C PRO A 2071 16.33 35.00 34.34
N GLU A 2072 17.15 34.91 33.31
CA GLU A 2072 17.15 35.84 32.18
C GLU A 2072 17.03 35.06 30.88
N ASN A 2073 15.98 35.34 30.12
CA ASN A 2073 15.77 34.71 28.81
C ASN A 2073 15.18 35.72 27.84
N GLN A 2074 15.46 35.49 26.56
CA GLN A 2074 14.82 36.15 25.41
C GLN A 2074 14.89 37.68 25.52
N GLU A 2075 16.13 38.18 25.49
CA GLU A 2075 16.39 39.60 25.38
C GLU A 2075 17.57 39.82 24.43
N ASP A 2076 17.94 41.09 24.26
CA ASP A 2076 19.03 41.53 23.39
C ASP A 2076 18.77 41.09 21.95
N PRO A 2077 17.78 41.67 21.26
CA PRO A 2077 17.51 41.26 19.89
C PRO A 2077 18.38 41.99 18.88
N LEU A 2078 18.89 41.24 17.91
CA LEU A 2078 19.73 41.79 16.86
C LEU A 2078 18.86 42.19 15.66
N VAL A 2079 19.01 43.43 15.23
CA VAL A 2079 18.25 43.97 14.11
C VAL A 2079 19.23 44.51 13.08
N LEU A 2080 18.69 44.85 11.91
CA LEU A 2080 19.52 45.30 10.79
C LEU A 2080 18.74 46.35 10.01
N LYS A 2081 19.34 47.54 9.84
CA LYS A 2081 18.70 48.63 9.12
C LYS A 2081 19.48 49.06 7.89
N ASP A 2082 20.78 49.31 8.02
CA ASP A 2082 21.60 49.82 6.92
C ASP A 2082 22.87 49.01 6.77
N GLY A 2083 22.75 47.69 6.73
CA GLY A 2083 23.92 46.84 6.60
C GLY A 2083 24.83 46.85 7.80
N ALA A 2084 24.36 47.33 8.95
CA ALA A 2084 25.16 47.43 10.16
C ALA A 2084 24.42 46.76 11.31
N PHE A 2085 25.13 45.87 12.02
CA PHE A 2085 24.54 45.16 13.15
C PHE A 2085 24.16 46.14 14.25
N TYR A 2086 22.90 46.11 14.66
CA TYR A 2086 22.39 46.96 15.74
C TYR A 2086 21.95 46.04 16.88
N VAL A 2087 22.76 46.02 17.95
CA VAL A 2087 22.42 45.19 19.11
C VAL A 2087 21.24 45.79 19.86
N GLY A 2088 21.25 47.12 20.07
CA GLY A 2088 20.15 47.80 20.72
C GLY A 2088 19.91 49.17 20.12
N GLY A 2089 20.70 49.51 19.11
CA GLY A 2089 20.62 50.82 18.49
C GLY A 2089 22.00 51.36 18.15
N GLU A 2090 23.03 50.67 18.62
CA GLU A 2090 24.42 51.06 18.39
C GLU A 2090 24.98 50.27 17.20
N ARG A 2091 25.73 50.95 16.36
CA ARG A 2091 26.30 50.33 15.16
C ARG A 2091 27.57 49.55 15.52
N LEU A 2092 27.58 48.26 15.19
CA LEU A 2092 28.77 47.45 15.41
C LEU A 2092 29.77 47.62 14.27
N SER A 2093 29.38 47.23 13.05
CA SER A 2093 30.23 47.33 11.88
C SER A 2093 29.39 46.98 10.67
N THR A 2094 29.99 47.14 9.48
CA THR A 2094 29.35 46.80 8.21
C THR A 2094 30.24 45.86 7.44
N TYR A 2095 29.70 44.72 7.04
CA TYR A 2095 30.44 43.75 6.23
C TYR A 2095 30.33 44.13 4.76
N LYS A 2096 31.43 43.95 4.04
CA LYS A 2096 31.48 44.37 2.64
C LYS A 2096 30.71 43.41 1.76
N VAL A 2097 29.93 43.97 0.82
CA VAL A 2097 29.12 43.19 -0.10
C VAL A 2097 29.20 43.85 -1.48
N GLU A 2098 29.51 43.05 -2.50
CA GLU A 2098 29.63 43.54 -3.86
C GLU A 2098 28.41 43.14 -4.68
N PHE A 2099 28.05 44.00 -5.63
CA PHE A 2099 26.90 43.78 -6.50
C PHE A 2099 27.18 43.98 -7.98
N THR A 2100 28.23 44.72 -8.35
CA THR A 2100 28.65 44.88 -9.75
C THR A 2100 27.54 45.46 -10.63
N GLY A 2101 26.64 46.24 -10.06
CA GLY A 2101 25.63 46.94 -10.86
C GLY A 2101 24.47 46.14 -11.42
N ASP A 2102 24.76 45.02 -12.09
CA ASP A 2102 23.69 44.23 -12.67
C ASP A 2102 22.82 43.59 -11.60
N LEU A 2103 23.42 43.19 -10.47
CA LEU A 2103 22.68 42.50 -9.43
C LEU A 2103 21.69 43.44 -8.74
N VAL A 2104 22.09 44.69 -8.51
CA VAL A 2104 21.21 45.63 -7.80
C VAL A 2104 19.98 45.95 -8.64
N VAL A 2105 20.15 46.12 -9.95
CA VAL A 2105 18.99 46.37 -10.79
C VAL A 2105 18.17 45.09 -10.98
N LYS A 2106 18.84 43.93 -11.02
CA LYS A 2106 18.11 42.67 -11.08
C LYS A 2106 17.22 42.49 -9.85
N ALA A 2107 17.65 43.03 -8.70
CA ALA A 2107 16.79 42.98 -7.51
C ALA A 2107 15.74 44.09 -7.54
N LEU A 2108 16.10 45.26 -8.04
CA LEU A 2108 15.14 46.37 -8.13
C LEU A 2108 14.03 46.10 -9.11
N GLY A 2109 14.20 45.14 -10.01
CA GLY A 2109 13.19 44.80 -11.01
C GLY A 2109 11.81 44.54 -10.44
N ALA A 2110 11.68 43.50 -9.61
CA ALA A 2110 10.40 43.11 -9.04
C ALA A 2110 10.41 43.36 -7.54
N LEU A 2111 9.73 44.43 -7.12
CA LEU A 2111 9.60 44.75 -5.70
C LEU A 2111 8.14 44.93 -5.33
N GLU A 2112 7.88 45.37 -4.09
CA GLU A 2112 6.50 45.45 -3.61
C GLU A 2112 5.76 46.63 -4.23
N ASP A 2113 6.23 47.85 -3.99
CA ASP A 2113 5.58 49.05 -4.50
C ASP A 2113 6.64 50.12 -4.73
N ASP A 2114 6.18 51.36 -4.93
CA ASP A 2114 7.10 52.43 -5.31
C ASP A 2114 7.92 52.91 -4.12
N GLU A 2115 7.29 53.09 -2.97
CA GLU A 2115 8.00 53.62 -1.81
C GLU A 2115 9.07 52.67 -1.32
N SER A 2116 8.90 51.36 -1.55
CA SER A 2116 9.94 50.40 -1.19
C SER A 2116 11.18 50.62 -2.03
N VAL A 2117 11.00 50.79 -3.34
CA VAL A 2117 12.13 51.10 -4.21
C VAL A 2117 12.76 52.44 -3.83
N VAL A 2118 11.93 53.40 -3.44
CA VAL A 2118 12.44 54.69 -3.00
C VAL A 2118 13.36 54.53 -1.80
N SER A 2119 12.89 53.80 -0.78
CA SER A 2119 13.71 53.57 0.41
C SER A 2119 15.00 52.83 0.06
N MET A 2120 14.90 51.80 -0.79
CA MET A 2120 16.08 51.02 -1.13
C MET A 2120 17.12 51.86 -1.85
N LEU A 2121 16.70 52.63 -2.86
CA LEU A 2121 17.66 53.42 -3.63
C LEU A 2121 18.14 54.64 -2.86
N HIS A 2122 17.39 55.10 -1.86
CA HIS A 2122 17.89 56.17 -1.00
C HIS A 2122 18.87 55.66 0.04
N GLN A 2123 18.72 54.41 0.46
CA GLN A 2123 19.61 53.81 1.45
C GLN A 2123 20.81 53.10 0.82
N LEU A 2124 20.82 52.93 -0.51
CA LEU A 2124 21.91 52.23 -1.16
C LEU A 2124 23.24 52.99 -1.02
N TRP A 2125 23.30 54.22 -1.51
CA TRP A 2125 24.56 54.96 -1.47
C TRP A 2125 25.08 55.23 -0.05
N PRO A 2126 24.24 55.47 0.97
CA PRO A 2126 24.78 55.46 2.34
C PRO A 2126 25.48 54.17 2.70
N TYR A 2127 25.03 53.03 2.16
CA TYR A 2127 25.76 51.79 2.35
C TYR A 2127 26.96 51.69 1.42
N LEU A 2128 26.89 52.34 0.26
CA LEU A 2128 28.07 52.42 -0.61
C LEU A 2128 29.20 53.20 0.03
N LYS A 2129 28.88 54.13 0.94
CA LYS A 2129 29.93 54.85 1.65
C LYS A 2129 30.76 53.92 2.53
N ALA A 2130 30.15 52.84 3.03
CA ALA A 2130 30.84 51.87 3.86
C ALA A 2130 31.43 50.71 3.04
N THR A 2131 31.32 50.77 1.72
CA THR A 2131 31.87 49.75 0.84
C THR A 2131 32.71 50.42 -0.24
N SER A 2132 33.27 49.61 -1.13
CA SER A 2132 34.09 50.10 -2.24
C SER A 2132 33.73 49.28 -3.48
N GLN A 2133 32.86 49.83 -4.32
CA GLN A 2133 32.42 49.14 -5.52
C GLN A 2133 32.04 50.18 -6.56
N VAL A 2134 32.96 50.42 -7.50
CA VAL A 2134 32.71 51.25 -8.67
C VAL A 2134 32.66 50.40 -9.94
N ILE A 2135 32.78 49.08 -9.79
CA ILE A 2135 32.72 48.17 -10.93
C ILE A 2135 31.35 48.15 -11.58
N LEU A 2136 30.33 48.68 -10.90
CA LEU A 2136 28.99 48.82 -11.48
C LEU A 2136 29.07 49.56 -12.80
N PHE A 2137 28.76 48.84 -13.88
CA PHE A 2137 28.96 49.37 -15.22
C PHE A 2137 28.08 50.57 -15.48
N GLN A 2138 28.70 51.70 -15.82
CA GLN A 2138 27.97 52.92 -16.16
C GLN A 2138 27.76 52.97 -17.68
N GLN A 2139 26.81 52.15 -18.12
CA GLN A 2139 26.49 52.01 -19.54
C GLN A 2139 25.00 51.72 -19.66
N GLU A 2140 24.60 51.12 -20.78
CA GLU A 2140 23.21 50.84 -21.13
C GLU A 2140 22.42 50.26 -19.95
N ASP A 2141 23.09 49.51 -19.08
CA ASP A 2141 22.44 49.03 -17.86
C ASP A 2141 21.94 50.18 -17.00
N PHE A 2142 22.71 51.28 -16.95
CA PHE A 2142 22.24 52.45 -16.22
C PHE A 2142 21.03 53.08 -16.90
N THR A 2143 20.99 53.05 -18.24
CA THR A 2143 19.80 53.51 -18.94
C THR A 2143 18.60 52.62 -18.64
N ILE A 2144 18.83 51.34 -18.34
CA ILE A 2144 17.74 50.47 -17.92
C ILE A 2144 17.29 50.80 -16.50
N VAL A 2145 18.24 51.05 -15.60
CA VAL A 2145 17.90 51.49 -14.25
C VAL A 2145 17.13 52.81 -14.29
N HIS A 2146 17.37 53.62 -15.32
CA HIS A 2146 16.65 54.87 -15.50
C HIS A 2146 15.14 54.69 -15.60
N ASP A 2147 14.65 53.45 -15.74
CA ASP A 2147 13.21 53.22 -15.72
C ASP A 2147 12.58 53.71 -14.42
N LEU A 2148 13.31 53.58 -13.32
CA LEU A 2148 12.87 54.08 -12.02
C LEU A 2148 13.39 55.50 -11.86
N TYR A 2149 12.56 56.47 -12.25
CA TYR A 2149 12.97 57.88 -12.26
C TYR A 2149 12.96 58.39 -10.83
N LYS A 2150 14.12 58.28 -10.16
CA LYS A 2150 14.31 58.65 -8.77
C LYS A 2150 15.53 59.54 -8.61
N LYS A 2151 15.58 60.60 -9.42
CA LYS A 2151 16.73 61.50 -9.42
C LYS A 2151 17.03 62.08 -8.05
N GLN A 2152 15.99 62.28 -7.23
CA GLN A 2152 16.20 62.81 -5.89
C GLN A 2152 17.02 61.87 -5.04
N LEU A 2153 16.81 60.56 -5.18
CA LEU A 2153 17.53 59.59 -4.37
C LEU A 2153 19.00 59.54 -4.75
N THR A 2154 19.31 59.64 -6.04
CA THR A 2154 20.71 59.61 -6.46
C THR A 2154 21.39 60.96 -6.33
N LYS A 2155 20.63 62.04 -6.14
CA LYS A 2155 21.20 63.37 -5.95
C LYS A 2155 21.19 63.81 -4.50
N SER A 2156 20.60 63.03 -3.60
CA SER A 2156 20.58 63.43 -2.19
C SER A 2156 21.92 63.16 -1.50
N ILE A 2157 22.56 62.03 -1.83
CA ILE A 2157 23.84 61.72 -1.20
C ILE A 2157 24.95 62.63 -1.69
N GLU A 2158 24.93 63.00 -2.97
CA GLU A 2158 25.92 63.91 -3.56
C GLU A 2158 27.34 63.39 -3.34
N LEU B 33 58.72 13.95 21.12
CA LEU B 33 59.52 12.97 21.83
C LEU B 33 59.86 11.79 20.92
N TYR B 34 61.10 11.29 21.04
CA TYR B 34 61.56 10.17 20.25
C TYR B 34 61.05 8.86 20.88
N GLY B 35 61.60 7.74 20.44
CA GLY B 35 61.16 6.45 20.92
C GLY B 35 61.62 6.12 22.33
N ARG B 36 61.83 4.84 22.62
CA ARG B 36 62.19 4.38 23.95
C ARG B 36 63.67 4.04 24.08
N TYR B 37 64.53 4.76 23.36
CA TYR B 37 65.99 4.63 23.47
C TYR B 37 66.44 3.21 23.15
N ASN B 38 66.22 2.80 21.90
CA ASN B 38 66.62 1.50 21.42
C ASN B 38 67.09 1.60 19.98
N CYS B 39 67.85 0.59 19.54
CA CYS B 39 68.40 0.59 18.20
C CYS B 39 67.32 0.53 17.14
N LYS B 40 66.17 -0.07 17.46
CA LYS B 40 65.05 -0.33 16.56
C LYS B 40 65.38 -1.35 15.47
N CYS B 41 66.62 -1.84 15.42
CA CYS B 41 67.01 -2.89 14.49
C CYS B 41 67.38 -4.20 15.19
N CYS B 42 68.04 -4.12 16.34
CA CYS B 42 68.42 -5.29 17.12
C CYS B 42 67.79 -5.32 18.51
N TRP B 43 67.23 -4.21 18.99
CA TRP B 43 66.39 -4.15 20.19
C TRP B 43 67.18 -4.36 21.48
N PHE B 44 68.46 -4.70 21.38
CA PHE B 44 69.24 -5.08 22.54
C PHE B 44 70.46 -4.18 22.77
N ALA B 45 70.64 -3.14 21.98
CA ALA B 45 71.79 -2.25 22.10
C ALA B 45 71.28 -0.84 22.42
N ASP B 46 71.47 -0.42 23.68
CA ASP B 46 71.14 0.95 24.10
C ASP B 46 72.36 1.53 24.81
N THR B 47 73.33 1.97 24.02
CA THR B 47 74.56 2.57 24.53
C THR B 47 75.00 3.63 23.53
N ASN B 48 75.07 4.88 23.97
CA ASN B 48 75.47 6.04 23.16
C ASN B 48 74.93 5.93 21.73
N LEU B 49 73.61 5.85 21.65
CA LEU B 49 72.93 5.65 20.39
C LEU B 49 72.93 6.93 19.56
N ILE B 50 72.54 6.81 18.29
CA ILE B 50 72.52 7.91 17.34
C ILE B 50 71.11 8.07 16.80
N THR B 51 70.64 9.31 16.73
CA THR B 51 69.29 9.60 16.27
C THR B 51 69.25 9.65 14.75
N CYS B 52 68.30 8.92 14.16
CA CYS B 52 68.05 8.94 12.73
C CYS B 52 66.81 9.78 12.41
N ASN B 53 66.62 10.85 13.19
CA ASN B 53 65.52 11.80 13.05
C ASN B 53 64.18 11.17 13.43
N ASP B 54 64.18 9.86 13.71
CA ASP B 54 62.97 9.17 14.16
C ASP B 54 63.19 8.17 15.27
N HIS B 55 64.42 7.72 15.52
CA HIS B 55 64.64 6.64 16.47
C HIS B 55 66.03 6.81 17.09
N TYR B 56 66.54 5.74 17.70
CA TYR B 56 67.81 5.77 18.39
C TYR B 56 68.75 4.69 17.86
N LEU B 57 68.89 4.64 16.54
CA LEU B 57 69.77 3.66 15.89
C LEU B 57 71.16 3.65 16.53
N CYS B 58 71.72 2.46 16.67
CA CYS B 58 73.01 2.29 17.35
C CYS B 58 74.15 2.61 16.38
N LEU B 59 75.37 2.22 16.76
CA LEU B 59 76.55 2.56 15.97
C LEU B 59 76.79 1.54 14.87
N ARG B 60 76.86 0.26 15.22
CA ARG B 60 77.24 -0.76 14.24
C ARG B 60 76.17 -0.95 13.18
N CYS B 61 74.89 -0.93 13.59
CA CYS B 61 73.81 -1.01 12.61
C CYS B 61 73.86 0.18 11.65
N HIS B 62 74.15 1.37 12.18
CA HIS B 62 74.26 2.56 11.34
C HIS B 62 75.40 2.41 10.33
N GLN B 63 76.56 1.95 10.80
CA GLN B 63 77.70 1.78 9.88
C GLN B 63 77.39 0.73 8.81
N THR B 64 76.72 -0.36 9.20
CA THR B 64 76.39 -1.40 8.24
C THR B 64 75.41 -0.89 7.18
N MET B 65 74.36 -0.19 7.62
CA MET B 65 73.38 0.32 6.68
C MET B 65 73.91 1.47 5.84
N LEU B 66 74.94 2.17 6.32
CA LEU B 66 75.60 3.19 5.49
C LEU B 66 76.51 2.55 4.46
N ARG B 67 77.22 1.48 4.84
CA ARG B 67 78.04 0.76 3.87
C ARG B 67 77.18 0.05 2.83
N ASN B 68 75.96 -0.34 3.20
CA ASN B 68 75.08 -1.03 2.26
C ASN B 68 74.65 -0.09 1.13
N SER B 69 73.99 1.01 1.48
CA SER B 69 73.52 1.97 0.49
C SER B 69 73.35 3.33 1.18
N GLU B 70 72.69 4.25 0.50
CA GLU B 70 72.47 5.59 1.04
C GLU B 70 71.15 5.70 1.81
N LEU B 71 70.22 4.79 1.60
CA LEU B 71 68.95 4.82 2.31
C LEU B 71 69.10 4.23 3.70
N CYS B 72 68.06 4.39 4.52
CA CYS B 72 68.08 3.91 5.90
C CYS B 72 67.45 2.52 6.05
N HIS B 73 66.45 2.18 5.25
CA HIS B 73 65.77 0.90 5.21
C HIS B 73 64.96 0.60 6.47
N ILE B 74 64.98 1.49 7.47
CA ILE B 74 64.13 1.34 8.64
C ILE B 74 63.23 2.55 8.87
N CYS B 75 63.60 3.73 8.36
CA CYS B 75 62.71 4.88 8.37
C CYS B 75 62.56 5.52 7.00
N TRP B 76 63.30 5.06 5.99
CA TRP B 76 63.19 5.56 4.62
C TRP B 76 63.47 7.05 4.56
N LYS B 77 64.59 7.45 5.14
CA LYS B 77 65.03 8.83 5.20
C LYS B 77 66.52 8.87 4.95
N PRO B 78 67.05 10.01 4.49
CA PRO B 78 68.51 10.12 4.31
C PRO B 78 69.25 9.92 5.62
N LEU B 79 70.23 9.02 5.60
CA LEU B 79 70.97 8.70 6.81
C LEU B 79 71.83 9.89 7.26
N PRO B 80 72.00 10.06 8.57
CA PRO B 80 72.86 11.14 9.07
C PRO B 80 74.32 10.88 8.72
N THR B 81 75.14 11.88 9.03
CA THR B 81 76.57 11.79 8.77
C THR B 81 77.37 11.68 10.07
N ASP C 2 -21.60 -45.33 -13.12
CA ASP C 2 -22.07 -44.36 -12.13
C ASP C 2 -20.89 -43.66 -11.43
N GLU C 3 -20.38 -42.60 -12.06
CA GLU C 3 -19.32 -41.80 -11.45
C GLU C 3 -19.88 -40.89 -10.35
N TYR C 4 -20.73 -39.95 -10.75
CA TYR C 4 -21.22 -38.93 -9.84
C TYR C 4 -22.49 -39.35 -9.12
N VAL C 5 -23.19 -40.37 -9.62
CA VAL C 5 -24.37 -40.88 -8.93
C VAL C 5 -23.96 -41.54 -7.61
N GLN C 6 -22.89 -42.33 -7.63
CA GLN C 6 -22.42 -42.99 -6.42
C GLN C 6 -21.66 -42.03 -5.51
N GLU C 7 -20.94 -41.06 -6.08
CA GLU C 7 -20.21 -40.11 -5.25
C GLU C 7 -21.15 -39.14 -4.55
N LEU C 8 -22.33 -38.90 -5.13
CA LEU C 8 -23.29 -38.00 -4.50
C LEU C 8 -23.80 -38.58 -3.19
N LYS C 9 -24.01 -39.90 -3.14
CA LYS C 9 -24.48 -40.54 -1.93
C LYS C 9 -23.48 -40.37 -0.78
N GLY C 10 -22.18 -40.38 -1.09
CA GLY C 10 -21.17 -40.23 -0.07
C GLY C 10 -20.86 -38.79 0.28
N LEU C 11 -21.01 -37.88 -0.69
CA LEU C 11 -20.70 -36.47 -0.44
C LEU C 11 -21.77 -35.80 0.41
N ILE C 12 -23.04 -36.21 0.28
CA ILE C 12 -24.11 -35.62 1.08
C ILE C 12 -24.18 -36.17 2.49
N ARG C 13 -23.28 -37.11 2.85
CA ARG C 13 -23.32 -37.68 4.18
C ARG C 13 -22.89 -36.68 5.26
N LYS C 14 -22.30 -35.56 4.87
CA LYS C 14 -21.91 -34.53 5.82
C LYS C 14 -23.08 -33.60 6.14
N HIS C 15 -24.21 -34.19 6.50
CA HIS C 15 -25.42 -33.47 6.85
C HIS C 15 -25.87 -33.82 8.25
N ILE C 16 -26.41 -32.84 8.96
CA ILE C 16 -26.84 -33.01 10.35
C ILE C 16 -28.34 -33.26 10.35
N PRO C 17 -28.81 -34.44 10.81
CA PRO C 17 -30.25 -34.67 10.97
C PRO C 17 -30.80 -34.02 12.25
N GLU C 18 -30.94 -32.70 12.19
CA GLU C 18 -31.37 -31.95 13.37
C GLU C 18 -32.80 -32.28 13.74
N ARG C 19 -33.69 -32.35 12.75
CA ARG C 19 -35.09 -32.69 12.98
C ARG C 19 -35.36 -34.12 12.53
N CYS C 20 -36.57 -34.60 12.86
CA CYS C 20 -36.96 -35.95 12.47
C CYS C 20 -37.18 -36.05 10.97
N GLU C 21 -37.67 -34.97 10.35
CA GLU C 21 -37.92 -34.99 8.92
C GLU C 21 -36.64 -35.19 8.12
N PHE C 22 -35.53 -34.59 8.57
CA PHE C 22 -34.26 -34.76 7.88
C PHE C 22 -33.87 -36.23 7.79
N GLY C 23 -33.89 -36.93 8.92
CA GLY C 23 -33.57 -38.35 8.91
C GLY C 23 -34.59 -39.17 8.13
N HIS C 24 -35.87 -38.80 8.23
CA HIS C 24 -36.91 -39.56 7.55
C HIS C 24 -36.78 -39.43 6.03
N GLN C 25 -36.27 -38.31 5.53
CA GLN C 25 -36.05 -38.19 4.09
C GLN C 25 -34.69 -38.73 3.68
N LYS C 26 -33.70 -38.68 4.58
CA LYS C 26 -32.37 -39.19 4.24
C LYS C 26 -32.38 -40.71 4.13
N VAL C 27 -33.12 -41.38 5.02
CA VAL C 27 -33.20 -42.84 4.94
C VAL C 27 -33.87 -43.29 3.65
N THR C 28 -34.78 -42.48 3.11
CA THR C 28 -35.43 -42.83 1.86
C THR C 28 -34.60 -42.46 0.64
N PHE C 29 -33.86 -41.35 0.70
CA PHE C 29 -33.03 -40.96 -0.43
C PHE C 29 -31.81 -41.88 -0.57
N LEU C 30 -31.16 -42.22 0.54
CA LEU C 30 -29.96 -43.04 0.48
C LEU C 30 -30.30 -44.48 0.07
N SER C 31 -31.51 -44.95 0.39
CA SER C 31 -31.93 -46.31 0.07
C SER C 31 -32.73 -46.38 -1.24
N GLN C 32 -32.50 -45.46 -2.16
CA GLN C 32 -33.22 -45.46 -3.44
C GLN C 32 -32.26 -44.95 -4.52
N VAL C 33 -31.81 -45.85 -5.38
CA VAL C 33 -30.90 -45.51 -6.48
C VAL C 33 -31.67 -45.77 -7.77
N HIS C 34 -32.34 -44.72 -8.27
CA HIS C 34 -33.09 -44.79 -9.51
C HIS C 34 -33.03 -43.40 -10.12
N PRO C 35 -32.77 -43.27 -11.43
CA PRO C 35 -32.56 -41.94 -12.00
C PRO C 35 -33.82 -41.10 -12.08
N SER C 36 -34.99 -41.71 -12.23
CA SER C 36 -36.21 -40.93 -12.42
C SER C 36 -36.68 -40.22 -11.15
N PRO C 37 -36.58 -40.80 -9.95
CA PRO C 37 -36.91 -40.04 -8.74
C PRO C 37 -35.72 -39.36 -8.06
N LEU C 38 -34.49 -39.55 -8.56
CA LEU C 38 -33.32 -39.05 -7.86
C LEU C 38 -33.27 -37.53 -7.88
N LEU C 39 -33.45 -36.93 -9.06
CA LEU C 39 -33.45 -35.47 -9.16
C LEU C 39 -34.56 -34.86 -8.31
N THR C 40 -35.76 -35.46 -8.36
CA THR C 40 -36.88 -34.92 -7.59
C THR C 40 -36.60 -35.00 -6.10
N GLU C 41 -36.10 -36.14 -5.62
CA GLU C 41 -35.82 -36.30 -4.20
C GLU C 41 -34.72 -35.34 -3.75
N GLY C 42 -33.66 -35.19 -4.55
CA GLY C 42 -32.59 -34.28 -4.18
C GLY C 42 -33.06 -32.84 -4.13
N PHE C 43 -33.80 -32.41 -5.14
CA PHE C 43 -34.30 -31.04 -5.16
C PHE C 43 -35.25 -30.78 -4.01
N LYS C 44 -36.12 -31.74 -3.70
CA LYS C 44 -37.08 -31.53 -2.63
C LYS C 44 -36.40 -31.56 -1.25
N LEU C 45 -35.34 -32.36 -1.09
CA LEU C 45 -34.65 -32.35 0.20
C LEU C 45 -33.86 -31.05 0.38
N LEU C 46 -33.27 -30.54 -0.70
CA LEU C 46 -32.60 -29.23 -0.60
C LEU C 46 -33.61 -28.13 -0.30
N SER C 47 -34.78 -28.17 -0.93
CA SER C 47 -35.79 -27.16 -0.67
C SER C 47 -36.33 -27.27 0.75
N SER C 48 -36.44 -28.49 1.27
CA SER C 48 -36.88 -28.66 2.66
C SER C 48 -35.84 -28.11 3.63
N LEU C 49 -34.56 -28.36 3.35
CA LEU C 49 -33.49 -27.70 4.10
C LEU C 49 -33.69 -26.19 4.13
N VAL C 50 -33.84 -25.60 2.94
CA VAL C 50 -33.93 -24.14 2.83
C VAL C 50 -35.13 -23.63 3.61
N GLU C 51 -36.30 -24.21 3.38
CA GLU C 51 -37.52 -23.71 4.01
C GLU C 51 -37.52 -23.92 5.52
N LEU C 52 -37.00 -25.07 5.99
CA LEU C 52 -36.98 -25.34 7.42
C LEU C 52 -36.05 -24.38 8.13
N GLU C 53 -34.83 -24.21 7.62
CA GLU C 53 -33.92 -23.24 8.22
C GLU C 53 -34.52 -21.83 8.19
N SER C 54 -35.04 -21.42 7.04
CA SER C 54 -35.53 -20.06 6.87
C SER C 54 -36.67 -19.76 7.83
N CYS C 55 -37.62 -20.68 7.99
CA CYS C 55 -38.72 -20.33 8.88
C CYS C 55 -38.37 -20.56 10.34
N GLU C 56 -37.66 -21.66 10.66
CA GLU C 56 -37.22 -21.90 12.02
C GLU C 56 -36.38 -20.75 12.56
N ALA C 57 -35.75 -19.97 11.68
CA ALA C 57 -35.15 -18.71 12.14
C ALA C 57 -36.19 -17.72 12.66
N HIS C 58 -37.48 -18.02 12.52
CA HIS C 58 -38.56 -17.12 12.92
C HIS C 58 -39.55 -17.79 13.86
N ALA C 59 -39.09 -18.75 14.69
CA ALA C 59 -39.94 -19.48 15.62
C ALA C 59 -41.09 -20.18 14.87
N CYS C 60 -40.70 -21.25 14.18
CA CYS C 60 -41.53 -21.90 13.17
C CYS C 60 -42.16 -23.18 13.70
N GLN C 61 -43.09 -23.70 12.90
CA GLN C 61 -43.55 -25.08 12.96
C GLN C 61 -43.67 -25.54 11.52
N ALA C 62 -42.75 -26.39 11.08
CA ALA C 62 -42.69 -26.78 9.68
C ALA C 62 -43.94 -27.55 9.27
N ASN C 63 -44.49 -27.17 8.11
CA ASN C 63 -45.68 -27.84 7.58
C ASN C 63 -45.26 -29.17 6.99
N THR C 64 -45.50 -30.25 7.73
CA THR C 64 -45.13 -31.59 7.31
C THR C 64 -46.25 -32.32 6.57
N ASP C 65 -47.50 -31.87 6.70
CA ASP C 65 -48.61 -32.47 6.00
C ASP C 65 -48.91 -31.77 4.68
N GLN C 66 -48.44 -30.53 4.52
CA GLN C 66 -48.74 -29.71 3.36
C GLN C 66 -50.25 -29.56 3.19
N ARG C 67 -50.94 -29.31 4.31
CA ARG C 67 -52.37 -29.16 4.35
C ARG C 67 -52.78 -27.69 4.21
N PHE C 68 -54.05 -27.46 3.92
CA PHE C 68 -54.53 -26.13 3.64
C PHE C 68 -54.79 -25.35 4.93
N VAL C 69 -55.16 -24.08 4.75
CA VAL C 69 -55.44 -23.20 5.88
C VAL C 69 -56.74 -23.60 6.59
N ASP C 70 -57.71 -24.11 5.85
CA ASP C 70 -59.00 -24.45 6.45
C ASP C 70 -58.85 -25.52 7.52
N VAL C 71 -58.05 -26.55 7.24
CA VAL C 71 -57.94 -27.66 8.18
C VAL C 71 -57.10 -27.27 9.38
N ILE C 72 -56.06 -26.46 9.19
CA ILE C 72 -55.26 -26.03 10.34
C ILE C 72 -56.04 -25.04 11.20
N LEU C 73 -57.02 -24.34 10.63
CA LEU C 73 -57.92 -23.56 11.47
C LEU C 73 -58.99 -24.42 12.13
N SER C 74 -59.37 -25.53 11.48
CA SER C 74 -60.38 -26.44 12.04
C SER C 74 -59.82 -27.36 13.11
N ASP C 75 -58.50 -27.49 13.23
CA ASP C 75 -57.92 -28.30 14.29
C ASP C 75 -58.45 -27.88 15.66
N ASN C 76 -58.29 -26.61 16.01
CA ASN C 76 -58.90 -26.07 17.22
C ASN C 76 -60.33 -25.63 16.89
N GLY C 77 -60.98 -24.93 17.83
CA GLY C 77 -62.34 -24.51 17.58
C GLY C 77 -62.42 -23.17 16.87
N ILE C 78 -62.50 -23.21 15.55
CA ILE C 78 -62.64 -22.02 14.71
C ILE C 78 -63.49 -22.38 13.51
N LEU C 79 -64.48 -21.55 13.21
CA LEU C 79 -65.41 -21.84 12.12
C LEU C 79 -64.77 -21.57 10.76
N CYS C 80 -65.28 -22.26 9.74
CA CYS C 80 -64.74 -22.15 8.39
C CYS C 80 -65.52 -21.10 7.61
N PRO C 81 -64.91 -19.99 7.22
CA PRO C 81 -65.62 -18.98 6.42
C PRO C 81 -65.56 -19.27 4.93
N THR C 82 -65.25 -20.51 4.56
CA THR C 82 -65.03 -20.92 3.17
C THR C 82 -63.91 -20.10 2.54
N LEU C 83 -62.72 -20.23 3.12
CA LEU C 83 -61.52 -19.53 2.71
C LEU C 83 -60.98 -20.11 1.41
N PRO C 84 -60.35 -19.28 0.57
CA PRO C 84 -59.69 -19.81 -0.63
C PRO C 84 -58.55 -20.74 -0.26
N LYS C 85 -58.34 -21.76 -1.11
CA LYS C 85 -57.34 -22.77 -0.82
C LYS C 85 -55.94 -22.20 -1.03
N VAL C 86 -55.08 -22.36 -0.04
CA VAL C 86 -53.69 -21.94 -0.10
C VAL C 86 -52.86 -22.87 0.79
N ILE C 87 -51.71 -23.27 0.30
CA ILE C 87 -50.82 -24.20 1.01
C ILE C 87 -49.73 -23.36 1.69
N PRO C 88 -49.70 -23.32 3.02
CA PRO C 88 -48.68 -22.53 3.72
C PRO C 88 -47.39 -23.30 3.93
N ASP C 89 -46.29 -22.55 3.95
CA ASP C 89 -44.98 -23.13 4.22
C ASP C 89 -44.71 -23.22 5.71
N GLY C 90 -45.02 -22.16 6.47
CA GLY C 90 -44.88 -22.18 7.90
C GLY C 90 -46.01 -21.45 8.60
N PHE C 91 -46.59 -22.07 9.62
CA PHE C 91 -47.71 -21.48 10.35
C PHE C 91 -47.42 -21.45 11.84
N LYS C 92 -47.96 -20.43 12.51
CA LYS C 92 -47.83 -20.32 13.97
C LYS C 92 -49.10 -19.68 14.50
N LEU C 93 -49.89 -20.45 15.25
CA LEU C 93 -51.15 -19.99 15.80
C LEU C 93 -51.00 -19.76 17.29
N THR C 94 -51.48 -18.62 17.78
CA THR C 94 -51.42 -18.28 19.20
C THR C 94 -52.67 -17.49 19.57
N GLY C 95 -53.45 -18.02 20.51
CA GLY C 95 -54.70 -17.39 20.88
C GLY C 95 -55.68 -17.32 19.72
N LYS C 96 -55.93 -16.12 19.22
CA LYS C 96 -56.70 -15.92 17.99
C LYS C 96 -55.88 -15.12 16.99
N THR C 97 -54.59 -15.44 16.87
CA THR C 97 -53.69 -14.81 15.93
C THR C 97 -52.91 -15.86 15.17
N LEU C 98 -52.57 -15.54 13.92
CA LEU C 98 -51.89 -16.48 13.05
C LEU C 98 -50.73 -15.77 12.35
N ILE C 99 -49.60 -16.45 12.24
CA ILE C 99 -48.44 -15.97 11.52
C ILE C 99 -48.14 -16.97 10.41
N LEU C 100 -48.17 -16.50 9.17
CA LEU C 100 -47.91 -17.32 7.99
C LEU C 100 -46.65 -16.84 7.30
N LEU C 101 -45.70 -17.75 7.10
CA LEU C 101 -44.43 -17.45 6.46
C LEU C 101 -44.27 -18.32 5.23
N GLU C 102 -44.07 -17.68 4.08
CA GLU C 102 -43.83 -18.36 2.81
C GLU C 102 -42.43 -17.99 2.32
N THR C 103 -41.56 -18.98 2.23
CA THR C 103 -40.17 -18.76 1.87
C THR C 103 -39.86 -19.36 0.50
N PHE C 104 -38.82 -18.81 -0.12
CA PHE C 104 -38.38 -19.27 -1.43
C PHE C 104 -36.92 -18.85 -1.61
N VAL C 105 -36.37 -19.13 -2.79
CA VAL C 105 -35.01 -18.74 -3.12
C VAL C 105 -34.92 -18.40 -4.61
N ARG C 106 -34.43 -17.21 -4.91
CA ARG C 106 -34.26 -16.75 -6.28
C ARG C 106 -32.92 -16.02 -6.37
N VAL C 107 -32.04 -16.49 -7.24
CA VAL C 107 -30.69 -15.93 -7.32
C VAL C 107 -30.65 -14.62 -8.09
N ASN C 108 -31.66 -14.35 -8.93
CA ASN C 108 -31.60 -13.09 -9.68
C ASN C 108 -32.63 -12.11 -9.14
N PRO C 109 -32.33 -10.81 -9.18
CA PRO C 109 -33.28 -9.82 -8.64
C PRO C 109 -34.62 -9.78 -9.37
N ASP C 110 -34.63 -10.07 -10.67
CA ASP C 110 -35.87 -9.99 -11.45
C ASP C 110 -36.89 -11.01 -10.94
N GLU C 111 -36.55 -12.30 -11.00
CA GLU C 111 -37.48 -13.33 -10.55
C GLU C 111 -37.74 -13.22 -9.05
N PHE C 112 -36.76 -12.72 -8.29
CA PHE C 112 -36.98 -12.50 -6.86
C PHE C 112 -38.08 -11.48 -6.61
N GLU C 113 -37.99 -10.33 -7.28
CA GLU C 113 -39.04 -9.31 -7.16
C GLU C 113 -40.37 -9.83 -7.66
N LYS C 114 -40.36 -10.59 -8.76
CA LYS C 114 -41.61 -11.15 -9.29
C LYS C 114 -42.26 -12.09 -8.28
N LYS C 115 -41.47 -12.98 -7.69
CA LYS C 115 -42.02 -13.93 -6.72
C LYS C 115 -42.51 -13.20 -5.46
N TRP C 116 -41.78 -12.17 -5.03
CA TRP C 116 -42.21 -11.43 -3.85
C TRP C 116 -43.52 -10.71 -4.11
N LYS C 117 -43.66 -10.05 -5.26
CA LYS C 117 -44.87 -9.31 -5.57
C LYS C 117 -46.04 -10.24 -5.88
N ALA C 118 -45.76 -11.48 -6.30
CA ALA C 118 -46.83 -12.45 -6.52
C ALA C 118 -47.23 -13.19 -5.25
N ASP C 119 -46.32 -13.30 -4.28
CA ASP C 119 -46.62 -13.95 -3.01
C ASP C 119 -47.29 -13.01 -2.02
N MET C 120 -46.89 -11.74 -2.01
CA MET C 120 -47.49 -10.79 -1.08
C MET C 120 -48.96 -10.60 -1.39
N SER C 121 -49.33 -10.60 -2.67
CA SER C 121 -50.73 -10.42 -3.04
C SER C 121 -51.58 -11.64 -2.65
N LYS C 122 -51.05 -12.85 -2.88
CA LYS C 122 -51.82 -14.04 -2.52
C LYS C 122 -51.87 -14.25 -1.01
N LEU C 123 -50.95 -13.63 -0.26
CA LEU C 123 -51.07 -13.66 1.19
C LEU C 123 -51.99 -12.55 1.71
N LEU C 124 -52.10 -11.43 0.99
CA LEU C 124 -52.94 -10.34 1.45
C LEU C 124 -54.41 -10.53 1.08
N ASN C 125 -54.71 -11.18 -0.04
CA ASN C 125 -56.11 -11.37 -0.41
C ASN C 125 -56.83 -12.35 0.49
N LEU C 126 -56.15 -12.90 1.50
CA LEU C 126 -56.76 -13.84 2.44
C LEU C 126 -57.29 -13.14 3.69
N LYS C 127 -56.67 -12.02 4.07
CA LYS C 127 -57.09 -11.30 5.27
C LYS C 127 -58.51 -10.77 5.14
N HIS C 128 -58.92 -10.36 3.94
CA HIS C 128 -60.25 -9.79 3.76
C HIS C 128 -61.33 -10.82 4.05
N ASP C 129 -61.03 -12.11 3.90
CA ASP C 129 -61.99 -13.16 4.17
C ASP C 129 -61.81 -13.78 5.55
N LEU C 130 -60.57 -13.81 6.06
CA LEU C 130 -60.34 -14.36 7.39
C LEU C 130 -60.68 -13.37 8.51
N GLN C 131 -60.78 -12.07 8.20
CA GLN C 131 -61.09 -11.09 9.23
C GLN C 131 -62.60 -10.87 9.38
N LYS C 132 -63.38 -11.13 8.34
CA LYS C 132 -64.81 -10.84 8.40
C LYS C 132 -65.52 -11.72 9.41
N SER C 133 -65.20 -13.02 9.43
CA SER C 133 -65.84 -13.94 10.36
C SER C 133 -64.81 -14.90 10.95
N GLY C 134 -63.66 -14.37 11.35
CA GLY C 134 -62.61 -15.21 11.90
C GLY C 134 -61.58 -14.44 12.71
N VAL C 135 -60.31 -14.79 12.54
CA VAL C 135 -59.23 -14.19 13.32
C VAL C 135 -58.34 -13.38 12.39
N THR C 136 -57.34 -12.71 12.95
CA THR C 136 -56.41 -11.91 12.19
C THR C 136 -55.20 -12.74 11.76
N LEU C 137 -54.33 -12.11 10.98
CA LEU C 137 -53.09 -12.75 10.57
C LEU C 137 -52.06 -11.66 10.27
N VAL C 138 -50.79 -12.09 10.22
CA VAL C 138 -49.69 -11.22 9.83
C VAL C 138 -48.84 -11.96 8.81
N PRO C 139 -48.78 -11.50 7.55
CA PRO C 139 -48.03 -12.23 6.54
C PRO C 139 -46.55 -11.86 6.50
N ILE C 140 -45.69 -12.87 6.48
CA ILE C 140 -44.25 -12.68 6.38
C ILE C 140 -43.74 -13.43 5.16
N VAL C 141 -42.82 -12.80 4.43
CA VAL C 141 -42.22 -13.39 3.24
C VAL C 141 -40.71 -13.41 3.44
N ASP C 142 -40.12 -14.61 3.43
CA ASP C 142 -38.68 -14.77 3.58
C ASP C 142 -38.08 -15.05 2.21
N GLY C 143 -37.41 -14.06 1.65
CA GLY C 143 -36.75 -14.18 0.35
C GLY C 143 -35.25 -14.20 0.51
N ARG C 144 -34.63 -15.20 -0.09
CA ARG C 144 -33.18 -15.41 -0.02
C ARG C 144 -32.61 -15.41 -1.43
N SER C 145 -31.59 -14.57 -1.65
CA SER C 145 -30.94 -14.48 -2.96
C SER C 145 -29.82 -15.49 -3.13
N ASN C 146 -29.55 -16.32 -2.12
CA ASN C 146 -28.50 -17.32 -2.20
C ASN C 146 -28.95 -18.57 -1.46
N TYR C 147 -28.31 -19.69 -1.78
CA TYR C 147 -28.63 -20.98 -1.17
C TYR C 147 -27.95 -21.17 0.17
N ASN C 148 -27.38 -20.11 0.76
CA ASN C 148 -26.70 -20.24 2.04
C ASN C 148 -27.71 -20.48 3.16
N ASN C 149 -27.20 -21.02 4.27
CA ASN C 149 -28.01 -21.34 5.44
C ASN C 149 -27.12 -21.32 6.67
N ARG C 150 -27.64 -21.85 7.78
CA ARG C 150 -26.91 -21.89 9.04
C ARG C 150 -26.69 -23.32 9.52
N PHE C 151 -26.83 -24.30 8.64
CA PHE C 151 -26.63 -25.70 8.99
C PHE C 151 -25.37 -26.31 8.37
N VAL C 152 -24.93 -25.82 7.23
CA VAL C 152 -23.74 -26.34 6.56
C VAL C 152 -22.66 -25.26 6.60
N ALA C 153 -21.43 -25.65 6.27
CA ALA C 153 -20.28 -24.76 6.30
C ALA C 153 -20.21 -23.81 5.11
N ASP C 154 -21.30 -23.67 4.35
CA ASP C 154 -21.38 -22.75 3.22
C ASP C 154 -20.38 -23.08 2.11
N TRP C 155 -20.01 -24.36 2.01
CA TRP C 155 -19.13 -24.83 0.95
C TRP C 155 -19.59 -26.11 0.27
N VAL C 156 -20.57 -26.82 0.82
CA VAL C 156 -21.05 -28.05 0.22
C VAL C 156 -22.26 -27.82 -0.69
N ILE C 157 -23.01 -26.73 -0.47
CA ILE C 157 -24.22 -26.49 -1.24
C ILE C 157 -23.91 -26.31 -2.73
N GLU C 158 -22.87 -25.52 -3.04
CA GLU C 158 -22.50 -25.34 -4.43
C GLU C 158 -21.96 -26.62 -5.05
N ARG C 159 -21.27 -27.46 -4.25
CA ARG C 159 -20.80 -28.73 -4.76
C ARG C 159 -21.97 -29.64 -5.11
N ILE C 160 -22.96 -29.72 -4.20
CA ILE C 160 -24.15 -30.53 -4.48
C ILE C 160 -24.88 -29.99 -5.71
N ARG C 161 -24.95 -28.67 -5.85
CA ARG C 161 -25.60 -28.08 -7.01
C ARG C 161 -24.88 -28.44 -8.30
N TRP C 162 -23.55 -28.36 -8.30
CA TRP C 162 -22.78 -28.71 -9.48
C TRP C 162 -22.95 -30.18 -9.84
N LEU C 163 -22.90 -31.05 -8.83
CA LEU C 163 -23.10 -32.48 -9.08
C LEU C 163 -24.49 -32.74 -9.65
N LEU C 164 -25.50 -32.04 -9.13
CA LEU C 164 -26.87 -32.25 -9.60
C LEU C 164 -27.03 -31.78 -11.04
N ILE C 165 -26.49 -30.61 -11.38
CA ILE C 165 -26.65 -30.14 -12.75
C ILE C 165 -25.84 -31.01 -13.72
N GLU C 166 -24.71 -31.55 -13.27
CA GLU C 166 -23.96 -32.47 -14.13
C GLU C 166 -24.72 -33.76 -14.35
N ILE C 167 -25.36 -34.29 -13.31
CA ILE C 167 -26.17 -35.50 -13.46
C ILE C 167 -27.36 -35.23 -14.37
N LEU C 168 -27.96 -34.05 -14.26
CA LEU C 168 -29.11 -33.72 -15.10
C LEU C 168 -28.70 -33.58 -16.57
N LYS C 169 -27.62 -32.87 -16.84
CA LYS C 169 -27.16 -32.70 -18.21
C LYS C 169 -26.58 -33.99 -18.78
N ALA C 170 -26.21 -34.95 -17.93
CA ALA C 170 -25.72 -36.24 -18.41
C ALA C 170 -26.86 -37.04 -19.03
N SER C 171 -27.92 -37.29 -18.25
CA SER C 171 -29.06 -38.06 -18.71
C SER C 171 -30.34 -37.41 -18.20
N LYS C 172 -31.39 -37.47 -19.01
CA LYS C 172 -32.68 -36.91 -18.67
C LYS C 172 -33.76 -37.96 -18.83
N SER C 173 -34.70 -37.98 -17.89
CA SER C 173 -35.82 -38.93 -17.89
C SER C 173 -35.35 -40.37 -17.96
N GLU C 180 -39.73 -31.28 -20.11
CA GLU C 180 -39.61 -31.58 -21.53
C GLU C 180 -38.52 -30.71 -22.18
N ASP C 181 -38.93 -29.84 -23.10
CA ASP C 181 -37.98 -28.98 -23.79
C ASP C 181 -37.63 -27.74 -22.97
N GLN C 182 -38.64 -27.09 -22.39
CA GLN C 182 -38.41 -25.89 -21.60
C GLN C 182 -38.26 -26.16 -20.11
N GLU C 183 -38.78 -27.30 -19.62
CA GLU C 183 -38.60 -27.64 -18.21
C GLU C 183 -37.15 -27.98 -17.88
N TYR C 184 -36.36 -28.33 -18.89
CA TYR C 184 -34.93 -28.59 -18.68
C TYR C 184 -34.09 -27.33 -18.76
N GLN C 185 -34.51 -26.34 -19.55
CA GLN C 185 -33.75 -25.10 -19.68
C GLN C 185 -33.91 -24.20 -18.45
N ARG C 186 -34.99 -24.36 -17.69
CA ARG C 186 -35.18 -23.57 -16.49
C ARG C 186 -34.51 -24.19 -15.27
N LEU C 187 -34.39 -25.52 -15.24
CA LEU C 187 -33.75 -26.18 -14.11
C LEU C 187 -32.27 -25.85 -14.05
N ILE C 188 -31.59 -25.83 -15.20
CA ILE C 188 -30.18 -25.46 -15.23
C ILE C 188 -30.02 -23.96 -14.98
N HIS C 189 -30.98 -23.16 -15.43
CA HIS C 189 -30.90 -21.71 -15.25
C HIS C 189 -31.17 -21.31 -13.81
N SER C 190 -31.97 -22.10 -13.08
CA SER C 190 -32.34 -21.77 -11.72
C SER C 190 -31.37 -22.31 -10.68
N LEU C 191 -30.19 -22.76 -11.09
CA LEU C 191 -29.20 -23.28 -10.17
C LEU C 191 -27.81 -22.72 -10.42
N SER C 192 -27.64 -21.85 -11.42
CA SER C 192 -26.37 -21.19 -11.66
C SER C 192 -26.20 -20.06 -10.63
N ASN C 193 -25.14 -19.26 -10.78
CA ASN C 193 -24.87 -18.18 -9.84
C ASN C 193 -25.21 -16.82 -10.43
N VAL C 194 -24.57 -16.45 -11.54
CA VAL C 194 -24.80 -15.15 -12.18
C VAL C 194 -24.70 -15.34 -13.69
N LYS C 195 -25.56 -14.62 -14.42
CA LYS C 195 -25.52 -14.63 -15.88
C LYS C 195 -26.35 -13.48 -16.45
N LEU C 201 -28.88 -9.19 -21.34
CA LEU C 201 -28.33 -8.61 -22.56
C LEU C 201 -29.17 -9.01 -23.77
N GLU C 202 -28.73 -8.57 -24.95
CA GLU C 202 -29.43 -8.88 -26.19
C GLU C 202 -29.06 -10.29 -26.65
N ASN C 203 -29.43 -10.61 -27.90
CA ASN C 203 -29.17 -11.92 -28.49
C ASN C 203 -29.82 -13.03 -27.68
N LEU C 204 -31.15 -12.94 -27.57
CA LEU C 204 -31.97 -13.89 -26.82
C LEU C 204 -32.39 -15.06 -27.71
N GLU C 205 -31.43 -15.67 -28.39
CA GLU C 205 -31.71 -16.78 -29.29
C GLU C 205 -32.12 -18.05 -28.56
N HIS C 206 -31.99 -18.09 -27.23
CA HIS C 206 -32.49 -19.24 -26.47
C HIS C 206 -34.00 -19.31 -26.46
N LEU C 207 -34.68 -18.24 -26.86
CA LEU C 207 -36.14 -18.21 -26.87
C LEU C 207 -36.67 -19.05 -28.02
N LYS C 208 -37.99 -19.22 -28.04
CA LYS C 208 -38.67 -20.05 -29.03
C LYS C 208 -39.43 -19.27 -30.08
N ARG C 209 -40.17 -18.23 -29.68
CA ARG C 209 -40.95 -17.40 -30.60
C ARG C 209 -41.97 -18.24 -31.37
N ASN C 210 -42.92 -18.79 -30.62
CA ASN C 210 -44.02 -19.55 -31.18
C ASN C 210 -45.17 -18.64 -31.56
N SER C 211 -45.80 -18.93 -32.71
CA SER C 211 -46.92 -18.13 -33.17
C SER C 211 -48.21 -18.53 -32.47
N LEU C 212 -49.13 -17.56 -32.35
CA LEU C 212 -50.38 -17.77 -31.65
C LEU C 212 -51.59 -17.37 -32.50
N ASP C 213 -51.47 -17.43 -33.84
CA ASP C 213 -52.55 -17.14 -34.77
C ASP C 213 -53.06 -15.70 -34.61
N TYR C 214 -52.26 -14.81 -34.05
CA TYR C 214 -52.66 -13.43 -33.87
C TYR C 214 -51.66 -12.47 -34.51
N ASP C 215 -50.37 -12.85 -34.48
CA ASP C 215 -49.35 -12.04 -35.12
C ASP C 215 -49.52 -12.00 -36.63
N GLU C 216 -50.27 -12.95 -37.19
CA GLU C 216 -50.55 -12.93 -38.63
C GLU C 216 -51.27 -11.65 -39.03
N ARG C 217 -52.36 -11.32 -38.34
CA ARG C 217 -53.08 -10.10 -38.66
C ARG C 217 -52.27 -8.86 -38.29
N LEU C 218 -51.41 -8.95 -37.29
CA LEU C 218 -50.50 -7.85 -36.98
C LEU C 218 -49.58 -7.54 -38.16
N ASN C 219 -48.91 -8.56 -38.68
CA ASN C 219 -48.04 -8.37 -39.84
C ASN C 219 -48.83 -7.98 -41.08
N GLU C 220 -50.09 -8.43 -41.18
CA GLU C 220 -50.92 -8.07 -42.32
C GLU C 220 -51.43 -6.63 -42.24
N SER C 221 -51.53 -6.06 -41.04
CA SER C 221 -51.95 -4.68 -40.87
C SER C 221 -50.78 -3.73 -40.67
N LEU C 222 -49.56 -4.24 -40.59
CA LEU C 222 -48.39 -3.41 -40.33
C LEU C 222 -47.41 -3.31 -41.49
N PHE C 223 -47.32 -4.33 -42.33
CA PHE C 223 -46.24 -4.41 -43.33
C PHE C 223 -46.77 -4.79 -44.70
N ILE C 224 -47.80 -4.09 -45.17
CA ILE C 224 -48.29 -4.25 -46.52
C ILE C 224 -47.82 -3.14 -47.45
N GLY C 225 -47.79 -1.90 -46.96
CA GLY C 225 -47.34 -0.78 -47.74
C GLY C 225 -45.86 -0.46 -47.61
N LEU C 226 -45.13 -1.23 -46.83
CA LEU C 226 -43.71 -0.99 -46.58
C LEU C 226 -42.89 -1.72 -47.64
N LYS C 227 -42.25 -0.95 -48.52
CA LYS C 227 -41.37 -1.52 -49.54
C LYS C 227 -39.94 -1.04 -49.41
N GLY C 228 -39.73 0.27 -49.29
CA GLY C 228 -38.39 0.80 -49.08
C GLY C 228 -37.43 0.62 -50.23
N ASP C 229 -37.93 0.64 -51.47
CA ASP C 229 -37.05 0.51 -52.63
C ASP C 229 -37.45 1.46 -53.76
N ILE C 230 -38.13 2.56 -53.44
CA ILE C 230 -38.60 3.48 -54.47
C ILE C 230 -37.42 4.24 -55.06
N ARG C 231 -37.50 4.55 -56.36
CA ARG C 231 -36.44 5.28 -57.04
C ARG C 231 -36.38 6.72 -56.54
N GLU C 232 -35.48 7.50 -57.11
CA GLU C 232 -35.26 8.87 -56.68
C GLU C 232 -36.03 9.89 -57.51
N SER C 233 -36.14 9.67 -58.83
CA SER C 233 -36.77 10.67 -59.69
C SER C 233 -38.29 10.66 -59.53
N THR C 234 -38.89 9.48 -59.39
CA THR C 234 -40.33 9.41 -59.23
C THR C 234 -40.79 10.13 -57.96
N VAL C 235 -39.99 10.10 -56.89
CA VAL C 235 -40.31 10.87 -55.70
C VAL C 235 -40.28 12.36 -56.01
N ARG C 236 -39.31 12.79 -56.82
CA ARG C 236 -39.27 14.19 -57.23
C ARG C 236 -40.54 14.58 -57.96
N GLU C 237 -40.98 13.75 -58.91
CA GLU C 237 -42.20 14.05 -59.66
C GLU C 237 -43.41 14.08 -58.73
N GLU C 238 -43.48 13.15 -57.78
CA GLU C 238 -44.62 13.11 -56.87
C GLU C 238 -44.66 14.32 -55.97
N LEU C 239 -43.50 14.76 -55.47
CA LEU C 239 -43.46 15.98 -54.66
C LEU C 239 -43.83 17.20 -55.48
N ILE C 240 -43.39 17.26 -56.74
CA ILE C 240 -43.75 18.37 -57.61
C ILE C 240 -45.26 18.43 -57.80
N LYS C 241 -45.87 17.28 -58.09
CA LYS C 241 -47.32 17.23 -58.28
C LYS C 241 -48.06 17.59 -57.00
N LEU C 242 -47.56 17.11 -55.86
CA LEU C 242 -48.21 17.42 -54.59
C LEU C 242 -48.13 18.92 -54.28
N LYS C 243 -46.99 19.55 -54.57
CA LYS C 243 -46.86 20.98 -54.35
C LYS C 243 -47.78 21.76 -55.28
N LEU C 244 -47.84 21.37 -56.56
CA LEU C 244 -48.72 22.06 -57.49
C LEU C 244 -50.17 21.91 -57.10
N TRP C 245 -50.54 20.76 -56.53
CA TRP C 245 -51.91 20.60 -56.04
C TRP C 245 -52.15 21.42 -54.78
N PHE C 246 -51.16 21.47 -53.89
CA PHE C 246 -51.31 22.20 -52.63
C PHE C 246 -51.46 23.70 -52.87
N LYS C 247 -50.77 24.22 -53.89
CA LYS C 247 -50.76 25.67 -54.09
C LYS C 247 -52.12 26.22 -54.47
N ASP C 248 -52.92 25.45 -55.23
CA ASP C 248 -54.17 25.96 -55.79
C ASP C 248 -55.39 25.20 -55.30
N GLU C 249 -55.29 24.49 -54.17
CA GLU C 249 -56.44 23.75 -53.67
C GLU C 249 -56.74 24.08 -52.21
N VAL C 250 -55.70 24.37 -51.43
CA VAL C 250 -55.87 24.64 -50.02
C VAL C 250 -55.21 25.93 -49.55
N PHE C 251 -54.24 26.49 -50.28
CA PHE C 251 -53.60 27.73 -49.89
C PHE C 251 -54.28 28.95 -50.50
N SER C 252 -54.66 28.88 -51.77
CA SER C 252 -55.39 29.97 -52.41
C SER C 252 -56.83 30.07 -51.91
N LYS C 253 -57.30 29.11 -51.13
CA LYS C 253 -58.65 29.13 -50.60
C LYS C 253 -58.74 29.73 -49.20
N GLY C 254 -57.62 29.84 -48.49
CA GLY C 254 -57.60 30.40 -47.16
C GLY C 254 -57.65 29.41 -46.02
N LEU C 255 -57.12 28.21 -46.20
CA LEU C 255 -57.11 27.18 -45.18
C LEU C 255 -55.70 26.92 -44.65
N GLY C 256 -54.91 27.97 -44.51
CA GLY C 256 -53.55 27.86 -44.04
C GLY C 256 -53.48 27.66 -42.53
N LYS C 257 -52.26 27.83 -42.01
CA LYS C 257 -52.01 27.68 -40.58
C LYS C 257 -51.17 28.81 -39.99
N PHE C 258 -50.67 29.74 -40.81
CA PHE C 258 -49.85 30.83 -40.31
C PHE C 258 -50.28 32.12 -41.00
N LYS C 259 -49.85 33.24 -40.43
CA LYS C 259 -50.24 34.55 -40.93
C LYS C 259 -49.24 35.60 -40.46
N LEU C 260 -49.30 36.77 -41.10
CA LEU C 260 -48.46 37.88 -40.72
C LEU C 260 -48.90 38.45 -39.38
N THR C 261 -48.07 39.35 -38.84
CA THR C 261 -48.34 39.88 -37.51
C THR C 261 -49.46 40.92 -37.52
N ASP C 262 -49.25 42.04 -38.19
CA ASP C 262 -50.13 43.20 -38.09
C ASP C 262 -50.23 43.65 -36.63
N ARG C 263 -49.09 44.14 -36.14
CA ARG C 263 -48.87 44.39 -34.71
C ARG C 263 -50.03 45.14 -34.05
N ARG C 264 -50.69 46.04 -34.79
CA ARG C 264 -51.84 46.74 -34.23
C ARG C 264 -52.95 45.77 -33.86
N GLU C 265 -53.20 44.77 -34.71
CA GLU C 265 -54.21 43.76 -34.39
C GLU C 265 -53.82 42.95 -33.16
N LEU C 266 -52.53 42.64 -33.02
CA LEU C 266 -52.08 41.91 -31.83
C LEU C 266 -52.26 42.74 -30.57
N LEU C 267 -51.97 44.05 -30.65
CA LEU C 267 -52.18 44.92 -29.49
C LEU C 267 -53.66 44.98 -29.12
N GLU C 268 -54.53 45.11 -30.13
CA GLU C 268 -55.97 45.11 -29.86
C GLU C 268 -56.41 43.79 -29.25
N SER C 269 -55.89 42.68 -29.76
CA SER C 269 -56.26 41.37 -29.23
C SER C 269 -55.83 41.23 -27.78
N LEU C 270 -54.61 41.68 -27.45
CA LEU C 270 -54.16 41.56 -26.06
C LEU C 270 -54.98 42.46 -25.15
N SER C 271 -55.32 43.67 -25.61
CA SER C 271 -56.13 44.56 -24.79
C SER C 271 -57.53 43.99 -24.59
N SER C 272 -58.03 43.23 -25.56
CA SER C 272 -59.35 42.63 -25.41
C SER C 272 -59.32 41.42 -24.50
N LEU C 273 -58.29 40.58 -24.62
CA LEU C 273 -58.27 39.33 -23.84
C LEU C 273 -57.75 39.56 -22.43
N GLY C 274 -56.76 40.45 -22.27
CA GLY C 274 -56.15 40.66 -20.97
C GLY C 274 -56.87 41.67 -20.11
N ALA C 275 -57.02 42.89 -20.62
CA ALA C 275 -57.69 43.96 -19.89
C ALA C 275 -59.18 43.66 -19.83
N HIS C 276 -59.66 43.26 -18.67
CA HIS C 276 -61.08 42.95 -18.50
C HIS C 276 -61.89 44.23 -18.45
N LEU C 277 -62.98 44.26 -19.21
CA LEU C 277 -63.89 45.40 -19.23
C LEU C 277 -65.27 45.10 -18.69
N ASP C 278 -65.73 43.85 -18.79
CA ASP C 278 -67.05 43.45 -18.30
C ASP C 278 -67.02 42.96 -16.87
N SER C 279 -65.98 43.29 -16.11
CA SER C 279 -65.85 42.86 -14.73
C SER C 279 -66.26 43.97 -13.78
N ASP C 280 -66.69 43.60 -12.58
CA ASP C 280 -67.17 44.53 -11.58
C ASP C 280 -66.10 44.93 -10.57
N VAL C 281 -64.86 44.47 -10.75
CA VAL C 281 -63.79 44.79 -9.81
C VAL C 281 -63.31 46.21 -10.06
N SER C 282 -62.79 46.85 -9.01
CA SER C 282 -62.30 48.21 -9.09
C SER C 282 -60.82 48.22 -9.46
N SER C 283 -60.32 49.42 -9.75
CA SER C 283 -58.92 49.60 -10.12
C SER C 283 -58.05 49.92 -8.91
N CYS C 284 -58.11 49.05 -7.89
CA CYS C 284 -57.28 49.20 -6.70
C CYS C 284 -56.94 47.82 -6.14
N PRO C 285 -55.66 47.44 -6.10
CA PRO C 285 -55.32 46.08 -5.67
C PRO C 285 -55.52 45.83 -4.18
N PHE C 286 -55.51 46.88 -3.36
CA PHE C 286 -55.55 46.68 -1.91
C PHE C 286 -56.93 46.19 -1.46
N CYS C 287 -58.00 46.79 -1.99
CA CYS C 287 -59.36 46.41 -1.61
C CYS C 287 -59.86 45.17 -2.33
N ASN C 288 -59.09 44.63 -3.28
CA ASN C 288 -59.45 43.36 -3.91
C ASN C 288 -58.86 42.17 -3.15
N ASN C 289 -57.58 42.23 -2.82
CA ASN C 289 -56.91 41.15 -2.10
C ASN C 289 -56.92 41.42 -0.60
N LYS C 290 -57.20 40.37 0.18
CA LYS C 290 -57.25 40.52 1.62
C LYS C 290 -55.85 40.71 2.22
N LEU C 291 -54.87 39.96 1.71
CA LEU C 291 -53.52 40.07 2.25
C LEU C 291 -52.91 41.43 1.93
N MET C 292 -53.19 41.97 0.75
CA MET C 292 -52.69 43.30 0.41
C MET C 292 -53.32 44.37 1.30
N GLU C 293 -54.63 44.26 1.55
CA GLU C 293 -55.28 45.18 2.48
C GLU C 293 -54.67 45.07 3.87
N ILE C 294 -54.37 43.84 4.31
CA ILE C 294 -53.80 43.64 5.63
C ILE C 294 -52.43 44.29 5.74
N VAL C 295 -51.55 44.04 4.75
CA VAL C 295 -50.21 44.59 4.82
C VAL C 295 -50.24 46.11 4.70
N TYR C 296 -51.18 46.64 3.90
CA TYR C 296 -51.34 48.08 3.81
C TYR C 296 -51.76 48.67 5.15
N ASN C 297 -52.74 48.04 5.81
CA ASN C 297 -53.16 48.52 7.12
C ASN C 297 -52.02 48.51 8.11
N VAL C 298 -51.26 47.42 8.15
CA VAL C 298 -50.18 47.31 9.13
C VAL C 298 -49.09 48.34 8.85
N THR C 299 -48.71 48.51 7.58
CA THR C 299 -47.62 49.44 7.27
C THR C 299 -48.06 50.89 7.47
N PHE C 300 -49.33 51.21 7.23
CA PHE C 300 -49.78 52.58 7.44
C PHE C 300 -50.18 52.85 8.88
N SER C 301 -50.29 51.81 9.71
CA SER C 301 -50.41 52.01 11.15
C SER C 301 -49.05 52.02 11.84
N CYS C 302 -48.01 51.50 11.19
CA CYS C 302 -46.68 51.47 11.78
C CYS C 302 -45.81 52.66 11.35
N VAL C 303 -45.92 53.07 10.08
CA VAL C 303 -45.06 54.14 9.59
C VAL C 303 -45.52 55.48 10.15
N GLU C 304 -46.80 55.79 10.03
CA GLU C 304 -47.34 57.06 10.52
C GLU C 304 -47.62 57.05 12.02
N ARG C 305 -47.35 55.94 12.71
CA ARG C 305 -47.57 55.83 14.14
C ARG C 305 -49.02 56.13 14.52
N SER C 321 -34.79 45.74 33.39
CA SER C 321 -35.71 45.00 32.54
C SER C 321 -35.39 43.51 32.53
N ASN C 322 -35.22 42.93 33.72
CA ASN C 322 -35.01 41.50 33.86
C ASN C 322 -36.30 40.70 33.77
N ILE C 323 -37.46 41.36 33.83
CA ILE C 323 -38.73 40.66 33.92
C ILE C 323 -39.01 39.87 32.63
N GLU C 324 -38.87 40.52 31.48
CA GLU C 324 -39.21 39.85 30.23
C GLU C 324 -38.23 38.73 29.92
N LYS C 325 -36.94 38.91 30.22
CA LYS C 325 -35.98 37.85 29.94
C LYS C 325 -36.17 36.68 30.90
N HIS C 326 -36.49 36.96 32.16
CA HIS C 326 -36.84 35.88 33.07
C HIS C 326 -38.06 35.11 32.58
N TYR C 327 -39.06 35.83 32.07
CA TYR C 327 -40.26 35.19 31.56
C TYR C 327 -39.96 34.33 30.34
N LEU C 328 -39.12 34.83 29.43
CA LEU C 328 -38.75 34.03 28.26
C LEU C 328 -37.94 32.81 28.65
N SER C 329 -37.06 32.95 29.64
CA SER C 329 -36.28 31.80 30.08
C SER C 329 -37.17 30.73 30.69
N VAL C 330 -38.13 31.12 31.52
CA VAL C 330 -39.01 30.11 32.11
C VAL C 330 -39.96 29.55 31.05
N LEU C 331 -40.33 30.35 30.05
CA LEU C 331 -41.07 29.81 28.91
C LEU C 331 -40.27 28.72 28.20
N SER C 332 -38.98 28.97 27.97
CA SER C 332 -38.15 27.96 27.33
C SER C 332 -38.03 26.71 28.19
N LEU C 333 -37.92 26.90 29.52
CA LEU C 333 -37.81 25.73 30.41
C LEU C 333 -39.07 24.88 30.36
N CYS C 334 -40.25 25.51 30.44
CA CYS C 334 -41.47 24.71 30.43
C CYS C 334 -41.73 24.10 29.06
N ASN C 335 -41.41 24.83 27.99
CA ASN C 335 -41.53 24.26 26.65
C ASN C 335 -40.59 23.08 26.47
N LYS C 336 -39.42 23.11 27.10
CA LYS C 336 -38.51 21.98 27.02
C LYS C 336 -39.02 20.79 27.82
N ILE C 337 -39.50 21.04 29.05
CA ILE C 337 -39.96 19.94 29.88
C ILE C 337 -41.26 19.34 29.36
N LYS C 338 -42.02 20.09 28.56
CA LYS C 338 -43.23 19.53 27.97
C LYS C 338 -42.91 18.45 26.94
N GLY C 339 -41.74 18.53 26.30
CA GLY C 339 -41.37 17.58 25.27
C GLY C 339 -40.94 16.22 25.78
N LEU C 340 -40.88 16.03 27.09
CA LEU C 340 -40.47 14.75 27.66
C LEU C 340 -41.63 13.78 27.86
N LYS C 341 -42.86 14.27 27.82
CA LYS C 341 -44.08 13.47 28.00
C LYS C 341 -43.91 12.42 29.10
N VAL C 342 -43.57 12.90 30.29
CA VAL C 342 -43.31 12.04 31.44
C VAL C 342 -44.57 11.86 32.26
N PHE C 343 -45.73 12.25 31.69
CA PHE C 343 -46.99 12.13 32.38
C PHE C 343 -47.99 11.24 31.64
N ASN C 344 -47.62 10.70 30.48
CA ASN C 344 -48.46 9.79 29.68
C ASN C 344 -49.89 10.32 29.51
N THR C 345 -50.05 11.63 29.59
CA THR C 345 -51.35 12.26 29.42
C THR C 345 -51.14 13.71 29.01
N ARG C 346 -52.01 14.20 28.14
CA ARG C 346 -51.88 15.54 27.57
C ARG C 346 -52.64 16.60 28.35
N ARG C 347 -53.78 16.25 28.95
CA ARG C 347 -54.60 17.24 29.64
C ARG C 347 -53.93 17.68 30.95
N ASN C 348 -53.63 16.72 31.83
CA ASN C 348 -53.05 17.06 33.12
C ASN C 348 -51.68 17.70 32.97
N THR C 349 -50.94 17.37 31.92
CA THR C 349 -49.66 18.01 31.68
C THR C 349 -49.84 19.51 31.42
N LEU C 350 -50.76 19.85 30.52
CA LEU C 350 -51.03 21.26 30.25
C LEU C 350 -51.58 21.97 31.47
N LEU C 351 -52.37 21.26 32.29
CA LEU C 351 -52.89 21.85 33.52
C LEU C 351 -51.78 22.14 34.51
N PHE C 352 -50.84 21.21 34.67
CA PHE C 352 -49.69 21.47 35.53
C PHE C 352 -48.87 22.64 34.98
N LEU C 353 -48.77 22.75 33.65
CA LEU C 353 -47.99 23.81 33.06
C LEU C 353 -48.62 25.18 33.28
N ASP C 354 -49.94 25.32 33.06
CA ASP C 354 -50.52 26.64 33.24
C ASP C 354 -50.62 26.97 34.73
N LEU C 355 -50.73 25.95 35.59
CA LEU C 355 -50.59 26.18 37.02
C LEU C 355 -49.24 26.81 37.35
N ILE C 356 -48.15 26.21 36.84
CA ILE C 356 -46.83 26.77 37.05
C ILE C 356 -46.75 28.19 36.51
N MET C 357 -47.33 28.42 35.33
CA MET C 357 -47.24 29.72 34.69
C MET C 357 -47.95 30.80 35.50
N VAL C 358 -49.18 30.52 35.94
CA VAL C 358 -49.90 31.51 36.73
C VAL C 358 -49.29 31.68 38.12
N ASN C 359 -48.68 30.63 38.68
CA ASN C 359 -47.98 30.80 39.95
C ASN C 359 -46.79 31.72 39.80
N LEU C 360 -46.00 31.56 38.74
CA LEU C 360 -44.88 32.46 38.51
C LEU C 360 -45.36 33.87 38.18
N MET C 361 -46.49 33.99 37.47
CA MET C 361 -47.02 35.31 37.15
C MET C 361 -47.45 36.04 38.42
N VAL C 362 -48.13 35.35 39.34
CA VAL C 362 -48.53 35.99 40.59
C VAL C 362 -47.34 36.19 41.51
N ASP C 363 -46.28 35.39 41.37
CA ASP C 363 -45.06 35.61 42.14
C ASP C 363 -44.27 36.80 41.61
N ILE C 364 -44.45 37.14 40.33
CA ILE C 364 -43.82 38.33 39.78
C ILE C 364 -44.57 39.59 40.18
N SER C 365 -45.91 39.52 40.16
CA SER C 365 -46.74 40.67 40.47
C SER C 365 -46.88 40.95 41.97
N ASP C 366 -46.08 40.29 42.80
CA ASP C 366 -46.14 40.57 44.23
C ASP C 366 -45.53 41.93 44.55
N SER C 367 -44.42 42.26 43.90
CA SER C 367 -43.76 43.54 44.04
C SER C 367 -43.46 44.08 42.64
N CYS C 368 -42.82 45.26 42.60
CA CYS C 368 -42.48 45.94 41.34
C CYS C 368 -43.75 46.17 40.51
N GLN C 369 -44.62 47.02 41.06
CA GLN C 369 -45.93 47.28 40.46
C GLN C 369 -45.84 47.72 39.00
N ASP C 370 -44.70 48.27 38.57
CA ASP C 370 -44.52 48.66 37.18
C ASP C 370 -43.96 47.51 36.34
N ALA C 371 -44.61 46.35 36.43
CA ALA C 371 -44.24 45.19 35.64
C ALA C 371 -45.41 44.57 34.90
N ILE C 372 -46.60 44.56 35.49
CA ILE C 372 -47.75 43.96 34.83
C ILE C 372 -48.35 44.89 33.77
N GLU C 373 -47.99 46.17 33.79
CA GLU C 373 -48.50 47.14 32.82
C GLU C 373 -47.43 47.67 31.88
N SER C 374 -46.20 47.82 32.35
CA SER C 374 -45.13 48.36 31.52
C SER C 374 -44.43 47.25 30.74
N LEU C 375 -44.01 46.19 31.42
CA LEU C 375 -43.22 45.14 30.80
C LEU C 375 -44.06 43.95 30.36
N ARG C 376 -45.38 44.09 30.36
CA ARG C 376 -46.29 43.09 29.80
C ARG C 376 -47.05 43.61 28.60
N LYS C 377 -47.71 44.76 28.73
CA LYS C 377 -48.42 45.35 27.60
C LYS C 377 -47.47 45.61 26.44
N SER C 378 -46.29 46.15 26.73
CA SER C 378 -45.25 46.29 25.72
C SER C 378 -44.45 45.01 25.52
N GLY C 379 -44.69 43.98 26.32
CA GLY C 379 -44.01 42.72 26.17
C GLY C 379 -44.83 41.68 25.45
N LEU C 380 -45.29 40.66 26.17
CA LEU C 380 -46.08 39.57 25.59
C LEU C 380 -47.33 39.33 26.45
N ILE C 381 -48.39 40.08 26.14
CA ILE C 381 -49.70 39.85 26.74
C ILE C 381 -50.72 40.60 25.89
N VAL C 382 -51.95 40.09 25.86
CA VAL C 382 -53.05 40.75 25.18
C VAL C 382 -54.25 40.75 26.12
N GLY C 383 -55.39 41.22 25.63
CA GLY C 383 -56.57 41.37 26.46
C GLY C 383 -57.05 40.10 27.13
N GLN C 384 -56.83 40.01 28.45
CA GLN C 384 -57.29 38.88 29.27
C GLN C 384 -56.78 37.54 28.72
N MET C 385 -55.55 37.54 28.25
CA MET C 385 -54.95 36.33 27.67
C MET C 385 -53.46 36.32 27.95
N VAL C 386 -52.93 35.13 28.22
CA VAL C 386 -51.51 34.96 28.49
C VAL C 386 -50.94 33.89 27.58
N MET C 387 -49.65 34.03 27.27
CA MET C 387 -48.92 33.06 26.46
C MET C 387 -48.54 31.86 27.32
N LEU C 388 -48.60 30.67 26.72
CA LEU C 388 -48.32 29.43 27.43
C LEU C 388 -47.41 28.56 26.57
N VAL C 389 -47.30 27.29 26.97
CA VAL C 389 -46.48 26.33 26.24
C VAL C 389 -47.07 26.09 24.85
N ASN C 390 -46.20 25.63 23.94
CA ASN C 390 -46.60 25.25 22.59
C ASN C 390 -47.18 26.42 21.82
N ASP C 391 -46.68 27.63 22.09
CA ASP C 391 -47.13 28.86 21.43
C ASP C 391 -48.64 29.03 21.55
N ARG C 392 -49.19 28.65 22.71
CA ARG C 392 -50.62 28.71 22.96
C ARG C 392 -50.95 29.93 23.82
N VAL C 393 -52.08 30.55 23.51
CA VAL C 393 -52.56 31.73 24.23
C VAL C 393 -53.89 31.36 24.87
N LEU C 394 -53.99 31.51 26.18
CA LEU C 394 -55.16 31.10 26.93
C LEU C 394 -55.70 32.25 27.77
N ASP C 395 -57.02 32.33 27.86
CA ASP C 395 -57.66 33.33 28.71
C ASP C 395 -57.39 33.00 30.18
N ILE C 396 -57.14 34.04 30.97
CA ILE C 396 -56.84 33.83 32.38
C ILE C 396 -58.08 33.45 33.17
N LEU C 397 -59.26 33.92 32.73
CA LEU C 397 -60.49 33.51 33.39
C LEU C 397 -60.72 32.01 33.22
N GLU C 398 -60.63 31.51 31.99
CA GLU C 398 -60.73 30.08 31.76
C GLU C 398 -59.60 29.33 32.46
N ALA C 399 -58.42 29.95 32.54
CA ALA C 399 -57.30 29.32 33.23
C ALA C 399 -57.62 29.08 34.69
N VAL C 400 -58.04 30.12 35.40
CA VAL C 400 -58.35 29.97 36.82
C VAL C 400 -59.58 29.07 37.01
N LYS C 401 -60.51 29.08 36.05
CA LYS C 401 -61.69 28.22 36.16
C LYS C 401 -61.29 26.75 36.05
N LEU C 402 -60.41 26.41 35.11
CA LEU C 402 -59.94 25.03 35.00
C LEU C 402 -59.04 24.66 36.18
N ILE C 403 -58.34 25.64 36.76
CA ILE C 403 -57.57 25.36 37.96
C ILE C 403 -58.50 25.08 39.14
N ARG C 404 -59.68 25.68 39.15
CA ARG C 404 -60.67 25.36 40.18
C ARG C 404 -61.05 23.88 40.14
N LYS C 405 -60.98 23.25 38.97
CA LYS C 405 -61.23 21.82 38.85
C LYS C 405 -60.05 21.04 39.45
N LYS C 406 -60.19 19.72 39.47
CA LYS C 406 -59.23 18.79 40.07
C LYS C 406 -59.02 19.05 41.56
N ILE C 407 -59.83 19.91 42.17
CA ILE C 407 -59.73 20.23 43.59
C ILE C 407 -61.07 19.87 44.23
N GLY C 408 -61.00 19.26 45.40
CA GLY C 408 -62.19 18.73 46.05
C GLY C 408 -62.46 17.29 45.70
N THR C 409 -62.34 16.95 44.40
CA THR C 409 -62.46 15.57 43.95
C THR C 409 -61.14 14.83 43.97
N ASN C 410 -60.02 15.54 43.83
CA ASN C 410 -58.68 14.95 43.87
C ASN C 410 -57.73 15.93 44.54
N PRO C 411 -57.82 16.07 45.87
CA PRO C 411 -56.97 17.05 46.57
C PRO C 411 -55.49 16.70 46.55
N ASN C 412 -55.12 15.48 46.17
CA ASN C 412 -53.73 15.03 46.20
C ASN C 412 -53.02 15.25 44.86
N TRP C 413 -53.60 16.06 43.98
CA TRP C 413 -53.02 16.23 42.65
C TRP C 413 -51.71 17.01 42.71
N VAL C 414 -51.74 18.20 43.34
CA VAL C 414 -50.55 19.05 43.38
C VAL C 414 -49.41 18.33 44.10
N LYS C 415 -49.74 17.57 45.15
CA LYS C 415 -48.71 16.85 45.88
C LYS C 415 -48.03 15.80 45.00
N ASN C 416 -48.83 15.03 44.26
CA ASN C 416 -48.25 14.02 43.36
C ASN C 416 -47.39 14.68 42.28
N CYS C 417 -47.90 15.74 41.66
CA CYS C 417 -47.14 16.42 40.62
C CYS C 417 -45.88 17.09 41.16
N SER C 418 -45.86 17.44 42.44
CA SER C 418 -44.66 18.05 43.03
C SER C 418 -43.64 16.98 43.41
N LYS C 419 -44.09 15.84 43.91
CA LYS C 419 -43.19 14.77 44.31
C LYS C 419 -42.80 13.85 43.16
N ILE C 420 -43.37 14.05 41.97
CA ILE C 420 -43.00 13.23 40.82
C ILE C 420 -41.85 13.84 40.03
N LEU C 421 -41.54 15.12 40.22
CA LEU C 421 -40.45 15.78 39.51
C LEU C 421 -39.12 15.65 40.23
N GLU C 422 -39.07 14.92 41.34
CA GLU C 422 -37.83 14.67 42.06
C GLU C 422 -37.28 13.28 41.83
N ARG C 423 -38.10 12.25 42.00
CA ARG C 423 -37.70 10.88 41.72
C ARG C 423 -38.19 10.47 40.34
N SER C 424 -37.39 9.63 39.67
CA SER C 424 -37.68 9.19 38.30
C SER C 424 -37.90 10.38 37.38
N HIS C 425 -37.11 11.42 37.58
CA HIS C 425 -37.21 12.66 36.82
C HIS C 425 -35.81 13.21 36.59
N PRO C 426 -35.64 14.09 35.61
CA PRO C 426 -34.32 14.69 35.39
C PRO C 426 -33.78 15.44 36.60
N GLU C 427 -34.68 15.94 37.47
CA GLU C 427 -34.31 16.64 38.70
C GLU C 427 -33.45 17.87 38.44
N ILE C 428 -33.52 18.43 37.24
CA ILE C 428 -32.79 19.65 36.88
C ILE C 428 -33.85 20.69 36.57
N TRP C 429 -34.14 21.56 37.54
CA TRP C 429 -35.19 22.56 37.38
C TRP C 429 -34.94 23.69 38.36
N HIS C 430 -35.34 24.89 37.95
CA HIS C 430 -35.24 26.09 38.77
C HIS C 430 -36.55 26.41 39.47
N HIS C 431 -37.50 25.48 39.49
CA HIS C 431 -38.83 25.70 40.06
C HIS C 431 -38.73 25.49 41.58
N LEU C 432 -38.08 26.44 42.25
CA LEU C 432 -37.88 26.32 43.69
C LEU C 432 -39.16 26.62 44.45
N SER C 433 -39.92 27.63 44.03
CA SER C 433 -41.16 28.00 44.70
C SER C 433 -42.34 28.19 43.76
N THR C 434 -42.12 28.35 42.46
CA THR C 434 -43.22 28.57 41.52
C THR C 434 -44.00 27.30 41.20
N LEU C 435 -43.57 26.15 41.72
CA LEU C 435 -44.21 24.87 41.43
C LEU C 435 -45.10 24.39 42.56
N ILE C 436 -44.55 24.29 43.78
CA ILE C 436 -45.30 23.74 44.91
C ILE C 436 -46.28 24.72 45.53
N LYS C 437 -46.37 25.95 45.00
CA LYS C 437 -47.27 26.94 45.55
C LYS C 437 -48.70 26.70 45.09
N GLN C 438 -49.64 26.78 46.02
CA GLN C 438 -51.05 26.66 45.69
C GLN C 438 -51.52 27.95 45.03
N PRO C 439 -52.17 27.88 43.86
CA PRO C 439 -52.60 29.11 43.19
C PRO C 439 -53.66 29.88 43.97
N ASP C 440 -53.28 31.06 44.47
CA ASP C 440 -54.24 31.92 45.14
C ASP C 440 -55.17 32.57 44.12
N PHE C 441 -56.46 32.24 44.20
CA PHE C 441 -57.42 32.63 43.18
C PHE C 441 -57.84 34.09 43.27
N ASN C 442 -57.75 34.70 44.46
CA ASN C 442 -58.16 36.09 44.62
C ASN C 442 -57.28 37.02 43.79
N SER C 443 -55.97 36.78 43.79
CA SER C 443 -55.06 37.61 43.01
C SER C 443 -55.31 37.43 41.52
N LEU C 444 -55.58 36.20 41.08
CA LEU C 444 -55.90 35.97 39.68
C LEU C 444 -57.20 36.67 39.29
N ILE C 445 -58.19 36.66 40.17
CA ILE C 445 -59.43 37.38 39.89
C ILE C 445 -59.19 38.87 39.81
N SER C 446 -58.32 39.41 40.70
CA SER C 446 -57.99 40.82 40.64
C SER C 446 -57.29 41.17 39.32
N ILE C 447 -56.37 40.32 38.88
CA ILE C 447 -55.70 40.55 37.61
C ILE C 447 -56.70 40.48 36.45
N ALA C 448 -57.66 39.57 36.54
CA ALA C 448 -58.67 39.44 35.49
C ALA C 448 -59.57 40.68 35.45
N GLN C 449 -59.86 41.26 36.61
CA GLN C 449 -60.65 42.48 36.65
C GLN C 449 -59.83 43.72 36.30
N HIS C 450 -58.50 43.63 36.34
CA HIS C 450 -57.66 44.75 35.94
C HIS C 450 -57.85 45.07 34.47
N LEU C 451 -57.67 44.08 33.60
CA LEU C 451 -57.81 44.24 32.16
C LEU C 451 -59.12 43.60 31.71
N VAL C 452 -59.91 44.35 30.95
CA VAL C 452 -61.24 43.92 30.55
C VAL C 452 -61.13 43.07 29.28
N SER C 453 -62.14 42.22 29.06
CA SER C 453 -62.13 41.32 27.92
C SER C 453 -62.24 42.08 26.61
N ASP C 454 -61.30 41.83 25.71
CA ASP C 454 -61.29 42.42 24.37
C ASP C 454 -60.90 41.35 23.35
N ARG C 455 -61.51 40.19 23.46
CA ARG C 455 -61.10 39.01 22.69
C ARG C 455 -61.27 39.26 21.18
N PRO C 456 -60.50 38.56 20.36
CA PRO C 456 -60.67 38.67 18.90
C PRO C 456 -62.01 38.13 18.44
N ILE C 457 -62.27 38.27 17.14
CA ILE C 457 -63.58 37.96 16.59
C ILE C 457 -63.49 36.85 15.53
N MET C 458 -62.34 36.75 14.86
CA MET C 458 -62.08 35.72 13.84
C MET C 458 -63.12 35.80 12.71
N ARG C 459 -63.04 36.91 11.98
CA ARG C 459 -63.97 37.16 10.88
C ARG C 459 -63.82 36.10 9.79
N TYR C 460 -64.80 35.20 9.71
CA TYR C 460 -64.79 34.13 8.71
C TYR C 460 -65.44 34.62 7.41
N SER C 461 -65.49 33.73 6.43
CA SER C 461 -66.09 34.02 5.12
C SER C 461 -65.48 35.25 4.47
N LYS C 468 -67.33 49.58 1.30
CA LYS C 468 -67.22 49.71 -0.15
C LYS C 468 -66.41 50.94 -0.52
N ILE C 469 -66.26 51.86 0.42
CA ILE C 469 -65.50 53.07 0.18
C ILE C 469 -64.02 52.71 0.08
N CYS C 470 -63.33 53.29 -0.91
CA CYS C 470 -61.94 52.98 -1.21
C CYS C 470 -61.06 54.16 -0.87
N ARG C 471 -60.18 53.99 0.11
CA ARG C 471 -59.19 55.01 0.49
C ARG C 471 -57.87 54.25 0.72
N HIS C 472 -57.05 54.16 -0.32
CA HIS C 472 -55.83 53.36 -0.27
C HIS C 472 -54.61 54.15 -0.74
N LYS C 473 -54.61 55.47 -0.50
CA LYS C 473 -53.47 56.36 -0.63
C LYS C 473 -52.99 56.55 -2.07
N LEU C 474 -53.58 55.85 -3.05
CA LEU C 474 -53.19 55.98 -4.45
C LEU C 474 -51.70 55.66 -4.62
N PHE C 475 -51.39 54.38 -4.41
CA PHE C 475 -50.04 53.82 -4.39
C PHE C 475 -49.11 54.45 -5.43
N GLN C 476 -49.64 54.76 -6.61
CA GLN C 476 -48.82 55.31 -7.68
C GLN C 476 -48.14 56.62 -7.30
N GLU C 477 -48.64 57.34 -6.30
CA GLU C 477 -48.10 58.64 -5.93
C GLU C 477 -47.72 58.67 -4.45
N MET C 478 -47.06 57.62 -3.97
CA MET C 478 -46.56 57.58 -2.60
C MET C 478 -45.07 57.83 -2.57
N SER C 479 -44.55 58.04 -1.37
CA SER C 479 -43.13 58.28 -1.19
C SER C 479 -42.33 56.99 -1.37
N SER C 480 -41.01 57.13 -1.41
CA SER C 480 -40.11 56.00 -1.60
C SER C 480 -39.78 55.27 -0.31
N PHE C 481 -40.58 55.45 0.74
CA PHE C 481 -40.34 54.80 2.02
C PHE C 481 -41.44 53.84 2.44
N GLU C 482 -42.69 54.07 2.02
CA GLU C 482 -43.79 53.19 2.41
C GLU C 482 -43.80 51.88 1.64
N GLN C 483 -43.23 51.86 0.43
CA GLN C 483 -43.20 50.61 -0.33
C GLN C 483 -42.17 49.65 0.23
N MET C 484 -41.00 50.15 0.61
CA MET C 484 -40.02 49.31 1.29
C MET C 484 -40.58 48.79 2.60
N ARG C 485 -41.37 49.61 3.30
CA ARG C 485 -42.03 49.16 4.52
C ARG C 485 -43.09 48.10 4.22
N LEU C 486 -43.79 48.23 3.09
CA LEU C 486 -44.72 47.19 2.67
C LEU C 486 -43.99 45.86 2.47
N PHE C 487 -42.85 45.91 1.78
CA PHE C 487 -42.07 44.69 1.56
C PHE C 487 -41.58 44.11 2.88
N LYS C 488 -41.12 44.97 3.79
CA LYS C 488 -40.67 44.51 5.11
C LYS C 488 -41.81 43.83 5.87
N THR C 489 -42.99 44.43 5.84
CA THR C 489 -44.14 43.84 6.53
C THR C 489 -44.54 42.51 5.92
N LEU C 490 -44.48 42.42 4.58
CA LEU C 490 -44.79 41.15 3.92
C LEU C 490 -43.78 40.08 4.32
N SER C 491 -42.50 40.44 4.42
CA SER C 491 -41.49 39.49 4.86
C SER C 491 -41.76 39.04 6.29
N SER C 492 -42.08 39.98 7.19
CA SER C 492 -42.39 39.62 8.57
C SER C 492 -43.61 38.71 8.65
N ILE C 493 -44.61 38.98 7.81
CA ILE C 493 -45.82 38.16 7.83
C ILE C 493 -45.53 36.75 7.32
N SER C 494 -44.70 36.64 6.28
CA SER C 494 -44.32 35.32 5.78
C SER C 494 -43.53 34.55 6.84
N LEU C 495 -42.64 35.23 7.54
CA LEU C 495 -41.89 34.59 8.63
C LEU C 495 -42.84 34.11 9.73
N SER C 496 -43.82 34.95 10.09
CA SER C 496 -44.80 34.54 11.07
C SER C 496 -45.62 33.34 10.60
N LEU C 497 -45.93 33.28 9.30
CA LEU C 497 -46.70 32.16 8.78
C LEU C 497 -45.91 30.87 8.84
N ILE C 498 -44.67 30.89 8.38
CA ILE C 498 -43.87 29.65 8.44
C ILE C 498 -43.53 29.31 9.89
N ASN C 499 -43.55 30.29 10.79
CA ASN C 499 -43.36 29.98 12.21
C ASN C 499 -44.60 29.33 12.80
N SER C 500 -45.80 29.78 12.39
CA SER C 500 -47.02 29.07 12.75
C SER C 500 -47.01 27.65 12.19
N MET C 501 -46.35 27.46 11.04
CA MET C 501 -46.21 26.13 10.47
C MET C 501 -45.46 25.18 11.38
N LYS C 502 -44.59 25.69 12.27
CA LYS C 502 -43.76 24.85 13.12
C LYS C 502 -44.50 24.25 14.30
N THR C 503 -45.78 24.60 14.50
CA THR C 503 -46.51 24.12 15.66
C THR C 503 -46.56 22.59 15.66
N SER C 504 -46.43 22.01 16.85
CA SER C 504 -46.40 20.56 16.97
C SER C 504 -47.72 19.95 16.52
N PHE C 505 -47.66 18.67 16.16
CA PHE C 505 -48.83 17.97 15.62
C PHE C 505 -49.63 17.25 16.71
N SER C 506 -48.92 16.56 17.61
CA SER C 506 -49.58 15.84 18.71
C SER C 506 -49.94 16.82 19.84
N SER C 507 -50.81 17.77 19.50
CA SER C 507 -51.25 18.79 20.43
C SER C 507 -52.76 18.94 20.35
N ARG C 508 -53.42 18.90 21.50
CA ARG C 508 -54.87 19.06 21.58
C ARG C 508 -55.20 20.16 22.57
N LEU C 509 -56.12 21.04 22.19
CA LEU C 509 -56.51 22.14 23.04
C LEU C 509 -57.31 21.63 24.25
N LEU C 510 -57.48 22.52 25.23
CA LEU C 510 -58.22 22.15 26.43
C LEU C 510 -59.71 21.98 26.14
N VAL C 511 -60.32 22.98 25.50
CA VAL C 511 -61.72 22.95 25.13
C VAL C 511 -61.84 23.13 23.63
N ASN C 512 -62.76 22.38 23.02
CA ASN C 512 -62.99 22.48 21.59
C ASN C 512 -63.93 23.65 21.28
N GLU C 513 -64.20 23.85 20.00
CA GLU C 513 -65.09 24.93 19.57
C GLU C 513 -66.44 24.38 19.12
N PHE C 520 -68.75 29.15 12.41
CA PHE C 520 -69.71 29.79 11.53
C PHE C 520 -69.09 30.98 10.82
N GLY C 521 -69.43 32.19 11.26
CA GLY C 521 -68.90 33.39 10.66
C GLY C 521 -68.07 34.21 11.63
N ASN C 522 -68.38 34.09 12.92
CA ASN C 522 -67.65 34.79 13.97
C ASN C 522 -67.54 33.88 15.17
N VAL C 523 -66.31 33.62 15.62
CA VAL C 523 -66.04 32.73 16.73
C VAL C 523 -65.28 33.52 17.79
N ARG C 524 -65.77 33.51 19.02
CA ARG C 524 -65.10 34.17 20.13
C ARG C 524 -63.93 33.30 20.58
N LEU C 525 -62.72 33.67 20.18
CA LEU C 525 -61.53 32.89 20.48
C LEU C 525 -61.12 33.05 21.94
N ARG C 526 -60.76 31.93 22.56
CA ARG C 526 -60.23 31.91 23.91
C ARG C 526 -59.02 31.01 24.10
N GLU C 527 -58.81 30.02 23.24
CA GLU C 527 -57.72 29.05 23.39
C GLU C 527 -57.05 28.80 22.04
N CYS C 528 -56.81 29.86 21.28
CA CYS C 528 -56.24 29.74 19.94
C CYS C 528 -54.72 29.84 19.98
N TYR C 529 -54.09 29.23 18.99
CA TYR C 529 -52.64 29.36 18.84
C TYR C 529 -52.29 30.73 18.26
N ALA C 530 -51.15 31.27 18.70
CA ALA C 530 -50.75 32.61 18.32
C ALA C 530 -49.25 32.70 18.15
N GLN C 531 -48.82 33.49 17.17
CA GLN C 531 -47.43 33.81 16.93
C GLN C 531 -47.24 35.33 17.02
N ARG C 532 -46.01 35.74 17.29
CA ARG C 532 -45.70 37.15 17.47
C ARG C 532 -44.59 37.58 16.53
N PHE C 533 -44.64 38.84 16.11
CA PHE C 533 -43.56 39.42 15.32
C PHE C 533 -43.38 40.88 15.70
N TYR C 534 -42.11 41.29 15.84
CA TYR C 534 -41.78 42.64 16.23
C TYR C 534 -41.65 43.54 15.01
N LEU C 535 -42.13 44.77 15.15
CA LEU C 535 -42.11 45.72 14.04
C LEU C 535 -41.44 47.03 14.43
N ALA C 536 -41.59 47.42 15.70
CA ALA C 536 -41.06 48.69 16.17
C ALA C 536 -40.62 48.52 17.62
N GLU C 537 -40.39 49.63 18.31
CA GLU C 537 -39.90 49.59 19.69
C GLU C 537 -40.99 49.19 20.68
N SER C 538 -42.24 49.54 20.40
CA SER C 538 -43.34 49.26 21.32
C SER C 538 -44.42 48.37 20.73
N LEU C 539 -44.79 48.58 19.47
CA LEU C 539 -45.87 47.84 18.86
C LEU C 539 -45.39 46.51 18.29
N VAL C 540 -46.18 45.46 18.48
CA VAL C 540 -45.91 44.14 17.94
C VAL C 540 -47.16 43.67 17.19
N GLY C 541 -47.00 42.59 16.45
CA GLY C 541 -48.09 42.02 15.68
C GLY C 541 -48.35 40.57 16.07
N PHE C 542 -49.63 40.25 16.23
CA PHE C 542 -50.07 38.93 16.66
C PHE C 542 -50.80 38.23 15.54
N LEU C 543 -50.53 36.93 15.39
CA LEU C 543 -51.11 36.08 14.36
C LEU C 543 -51.85 34.95 15.05
N PHE C 544 -53.18 34.95 14.94
CA PHE C 544 -54.03 33.99 15.61
C PHE C 544 -54.58 32.98 14.61
N TYR C 545 -54.56 31.70 15.01
CA TYR C 545 -55.09 30.62 14.20
C TYR C 545 -55.55 29.50 15.14
N GLN C 546 -56.23 28.51 14.57
CA GLN C 546 -56.83 27.45 15.36
C GLN C 546 -56.41 26.04 14.97
N LYS C 547 -55.78 25.84 13.82
CA LYS C 547 -55.44 24.51 13.34
C LYS C 547 -53.93 24.36 13.24
N THR C 548 -53.49 23.09 13.17
CA THR C 548 -52.09 22.75 13.07
C THR C 548 -51.88 21.85 11.86
N GLY C 549 -50.61 21.66 11.50
CA GLY C 549 -50.26 20.84 10.37
C GLY C 549 -49.70 21.63 9.21
N GLU C 550 -49.83 21.11 7.99
CA GLU C 550 -49.34 21.78 6.79
C GLU C 550 -50.47 22.17 5.84
N ARG C 551 -51.73 21.99 6.25
CA ARG C 551 -52.85 22.33 5.39
C ARG C 551 -53.03 23.85 5.32
N SER C 552 -53.90 24.29 4.43
CA SER C 552 -54.26 25.70 4.34
C SER C 552 -55.22 26.06 5.46
N ARG C 553 -54.98 27.22 6.08
CA ARG C 553 -55.76 27.64 7.23
C ARG C 553 -56.30 29.05 7.00
N CYS C 554 -57.04 29.53 7.99
CA CYS C 554 -57.55 30.89 8.05
C CYS C 554 -56.94 31.58 9.25
N TYR C 555 -56.29 32.70 9.02
CA TYR C 555 -55.53 33.40 10.03
C TYR C 555 -56.14 34.78 10.30
N SER C 556 -55.84 35.33 11.48
CA SER C 556 -56.26 36.67 11.84
C SER C 556 -55.07 37.44 12.40
N VAL C 557 -54.84 38.65 11.87
CA VAL C 557 -53.71 39.48 12.27
C VAL C 557 -54.23 40.66 13.07
N TYR C 558 -53.61 40.87 14.24
CA TYR C 558 -53.89 41.99 15.13
C TYR C 558 -52.60 42.73 15.43
N LEU C 559 -52.72 43.94 15.96
CA LEU C 559 -51.58 44.73 16.39
C LEU C 559 -51.69 45.03 17.89
N SER C 560 -50.58 45.51 18.45
CA SER C 560 -50.56 45.91 19.86
C SER C 560 -49.51 47.01 20.01
N ASP C 561 -49.98 48.25 20.17
CA ASP C 561 -49.06 49.39 20.27
C ASP C 561 -48.48 49.51 21.67
N ASN C 562 -49.32 49.74 22.67
CA ASN C 562 -48.89 49.88 24.05
C ASN C 562 -49.82 49.10 24.98
N GLY C 563 -50.31 47.96 24.50
CA GLY C 563 -51.24 47.13 25.24
C GLY C 563 -52.64 47.13 24.70
N VAL C 564 -53.04 48.20 24.01
CA VAL C 564 -54.36 48.27 23.38
C VAL C 564 -54.32 47.41 22.12
N MET C 565 -54.97 46.25 22.18
CA MET C 565 -54.97 45.31 21.06
C MET C 565 -55.99 45.76 20.03
N SER C 566 -55.50 46.21 18.87
CA SER C 566 -56.36 46.65 17.78
C SER C 566 -56.59 45.49 16.82
N GLU C 567 -57.42 45.73 15.81
CA GLU C 567 -57.75 44.74 14.79
C GLU C 567 -57.17 45.18 13.46
N GLN C 568 -56.40 44.29 12.83
CA GLN C 568 -55.84 44.55 11.51
C GLN C 568 -56.56 43.81 10.40
N GLY C 569 -56.95 42.57 10.61
CA GLY C 569 -57.79 41.89 9.65
C GLY C 569 -57.67 40.38 9.76
N SER C 570 -58.12 39.71 8.69
CA SER C 570 -58.08 38.26 8.61
C SER C 570 -57.96 37.85 7.15
N PHE C 571 -57.47 36.63 6.93
CA PHE C 571 -57.28 36.11 5.58
C PHE C 571 -57.31 34.59 5.65
N TYR C 572 -57.17 33.95 4.49
CA TYR C 572 -57.18 32.49 4.38
C TYR C 572 -56.15 32.09 3.35
N CYS C 573 -55.10 31.40 3.78
CA CYS C 573 -54.00 31.03 2.88
C CYS C 573 -53.35 29.74 3.34
N ASP C 574 -52.40 29.26 2.52
CA ASP C 574 -51.58 28.09 2.79
C ASP C 574 -50.19 28.53 3.21
N PRO C 575 -49.66 28.02 4.33
CA PRO C 575 -48.39 28.53 4.84
C PRO C 575 -47.18 28.12 4.02
N LYS C 576 -47.22 26.99 3.32
CA LYS C 576 -46.06 26.47 2.61
C LYS C 576 -45.90 27.08 1.22
N ARG C 577 -46.51 28.24 0.97
CA ARG C 577 -46.38 28.92 -0.32
C ARG C 577 -45.87 30.34 -0.17
N PHE C 578 -45.24 30.65 0.96
CA PHE C 578 -44.70 31.98 1.21
C PHE C 578 -43.26 31.91 1.71
N PHE C 579 -42.51 30.90 1.26
CA PHE C 579 -41.15 30.72 1.73
C PHE C 579 -40.17 31.67 1.05
N LEU C 580 -40.50 32.16 -0.15
CA LEU C 580 -39.59 33.04 -0.87
C LEU C 580 -39.35 34.37 -0.15
N PRO C 581 -40.38 35.12 0.28
CA PRO C 581 -40.11 36.46 0.82
C PRO C 581 -39.76 36.48 2.30
N VAL C 582 -39.37 35.34 2.86
CA VAL C 582 -39.11 35.26 4.30
C VAL C 582 -38.04 36.27 4.72
N PHE C 583 -37.01 36.45 3.89
CA PHE C 583 -35.99 37.44 4.17
C PHE C 583 -35.56 38.21 2.93
N SER C 584 -36.20 38.00 1.78
CA SER C 584 -35.83 38.68 0.55
C SER C 584 -36.65 39.96 0.43
N ASP C 585 -36.28 40.93 1.28
CA ASP C 585 -36.87 42.25 1.23
C ASP C 585 -35.96 43.29 0.59
N GLU C 586 -34.68 42.98 0.45
CA GLU C 586 -33.72 43.85 -0.22
C GLU C 586 -33.30 43.35 -1.58
N VAL C 587 -33.37 42.04 -1.82
CA VAL C 587 -33.02 41.49 -3.13
C VAL C 587 -34.04 41.92 -4.17
N LEU C 588 -35.33 41.82 -3.83
CA LEU C 588 -36.37 42.22 -4.78
C LEU C 588 -36.29 43.71 -5.09
N ALA C 589 -36.04 44.54 -4.08
CA ALA C 589 -35.90 45.97 -4.30
C ALA C 589 -34.76 46.26 -5.26
N GLY C 590 -33.60 45.63 -5.05
CA GLY C 590 -32.48 45.86 -5.93
C GLY C 590 -32.73 45.40 -7.35
N MET C 591 -33.34 44.22 -7.50
CA MET C 591 -33.56 43.69 -8.84
C MET C 591 -34.58 44.55 -9.60
N CYS C 592 -35.64 45.01 -8.93
CA CYS C 592 -36.60 45.86 -9.64
C CYS C 592 -36.01 47.23 -9.93
N GLU C 593 -35.19 47.77 -9.02
CA GLU C 593 -34.51 49.03 -9.29
C GLU C 593 -33.62 48.92 -10.53
N GLU C 594 -32.86 47.83 -10.63
CA GLU C 594 -32.00 47.65 -11.79
C GLU C 594 -32.81 47.43 -13.06
N MET C 595 -33.89 46.64 -12.97
CA MET C 595 -34.71 46.41 -14.14
C MET C 595 -35.35 47.69 -14.63
N THR C 596 -35.70 48.61 -13.71
CA THR C 596 -36.26 49.88 -14.13
C THR C 596 -35.18 50.80 -14.70
N SER C 597 -33.99 50.81 -14.10
CA SER C 597 -32.90 51.64 -14.62
C SER C 597 -32.40 51.13 -15.97
N TRP C 598 -32.73 49.88 -16.34
CA TRP C 598 -32.44 49.41 -17.69
C TRP C 598 -33.01 50.35 -18.75
N LEU C 599 -34.10 51.05 -18.43
CA LEU C 599 -34.79 51.91 -19.39
C LEU C 599 -34.47 53.39 -19.17
N ASP C 600 -33.22 53.69 -18.83
CA ASP C 600 -32.79 55.06 -18.59
C ASP C 600 -32.53 55.84 -19.87
N PHE C 601 -32.85 55.28 -21.04
CA PHE C 601 -32.62 55.97 -22.30
C PHE C 601 -33.61 57.10 -22.55
N ASP C 602 -34.75 57.10 -21.85
CA ASP C 602 -35.76 58.15 -22.00
C ASP C 602 -36.21 58.57 -20.61
N THR C 603 -35.85 59.78 -20.21
CA THR C 603 -36.23 60.31 -18.90
C THR C 603 -37.73 60.63 -18.92
N GLY C 604 -38.53 59.75 -18.34
CA GLY C 604 -39.96 59.92 -18.31
C GLY C 604 -40.71 58.62 -18.53
N LEU C 605 -40.02 57.62 -19.08
CA LEU C 605 -40.62 56.31 -19.31
C LEU C 605 -40.46 55.40 -18.10
N MET C 606 -39.32 55.47 -17.41
CA MET C 606 -39.10 54.62 -16.24
C MET C 606 -39.91 55.11 -15.04
N ASN C 607 -40.19 56.41 -14.98
CA ASN C 607 -40.98 56.96 -13.87
C ASN C 607 -42.40 56.40 -13.85
N ASP C 608 -42.92 55.99 -15.00
CA ASP C 608 -44.26 55.41 -15.08
C ASP C 608 -44.25 53.90 -14.91
N THR C 609 -43.15 53.23 -15.23
CA THR C 609 -43.08 51.79 -15.16
C THR C 609 -42.54 51.27 -13.84
N GLY C 610 -41.82 52.09 -13.09
CA GLY C 610 -41.25 51.70 -11.82
C GLY C 610 -42.28 51.27 -10.80
N PRO C 611 -43.14 52.21 -10.38
CA PRO C 611 -44.20 51.84 -9.41
C PRO C 611 -45.14 50.78 -9.93
N ILE C 612 -45.45 50.78 -11.23
CA ILE C 612 -46.28 49.73 -11.80
C ILE C 612 -45.61 48.37 -11.65
N LEU C 613 -44.32 48.30 -11.96
CA LEU C 613 -43.58 47.06 -11.83
C LEU C 613 -43.55 46.59 -10.38
N ARG C 614 -43.31 47.52 -9.45
CA ARG C 614 -43.23 47.13 -8.04
C ARG C 614 -44.58 46.65 -7.52
N LEU C 615 -45.66 47.33 -7.91
CA LEU C 615 -46.99 46.89 -7.50
C LEU C 615 -47.34 45.54 -8.10
N LEU C 616 -46.94 45.31 -9.35
CA LEU C 616 -47.18 44.00 -9.97
C LEU C 616 -46.43 42.91 -9.22
N VAL C 617 -45.16 43.15 -8.89
CA VAL C 617 -44.39 42.15 -8.14
C VAL C 617 -45.04 41.89 -6.79
N LEU C 618 -45.45 42.96 -6.09
CA LEU C 618 -46.09 42.80 -4.79
C LEU C 618 -47.36 41.96 -4.92
N ALA C 619 -48.21 42.28 -5.89
CA ALA C 619 -49.44 41.52 -6.07
C ALA C 619 -49.15 40.07 -6.43
N ILE C 620 -48.04 39.82 -7.13
CA ILE C 620 -47.68 38.44 -7.46
C ILE C 620 -47.28 37.68 -6.19
N LEU C 621 -46.50 38.32 -5.30
CA LEU C 621 -46.08 37.63 -4.08
C LEU C 621 -47.26 37.34 -3.17
N CYS C 622 -48.21 38.26 -3.05
CA CYS C 622 -49.34 38.08 -2.16
C CYS C 622 -50.40 37.13 -2.72
N SER C 623 -50.21 36.60 -3.92
CA SER C 623 -51.20 35.70 -4.53
C SER C 623 -50.48 34.64 -5.34
N PRO C 624 -50.07 33.54 -4.72
CA PRO C 624 -49.44 32.44 -5.46
C PRO C 624 -50.50 31.54 -6.09
N SER C 625 -50.39 31.32 -7.39
CA SER C 625 -51.32 30.47 -8.11
C SER C 625 -50.70 30.03 -9.43
N LYS C 626 -51.19 28.90 -9.94
CA LYS C 626 -50.70 28.40 -11.22
C LYS C 626 -51.22 29.22 -12.38
N ARG C 627 -52.40 29.81 -12.24
CA ARG C 627 -52.98 30.60 -13.32
C ARG C 627 -52.12 31.80 -13.65
N ASN C 628 -51.52 32.43 -12.64
CA ASN C 628 -50.60 33.54 -12.89
C ASN C 628 -49.40 33.10 -13.69
N GLN C 629 -48.83 31.94 -13.34
CA GLN C 629 -47.68 31.43 -14.09
C GLN C 629 -48.05 31.14 -15.54
N THR C 630 -49.22 30.54 -15.75
CA THR C 630 -49.67 30.28 -17.12
C THR C 630 -49.88 31.58 -17.88
N PHE C 631 -50.41 32.61 -17.22
CA PHE C 631 -50.63 33.88 -17.88
C PHE C 631 -49.31 34.54 -18.27
N LEU C 632 -48.31 34.48 -17.40
CA LEU C 632 -47.02 35.07 -17.74
C LEU C 632 -46.30 34.28 -18.83
N GLN C 633 -46.46 32.95 -18.85
CA GLN C 633 -45.91 32.17 -19.95
C GLN C 633 -46.59 32.52 -21.26
N GLY C 634 -47.91 32.71 -21.24
CA GLY C 634 -48.61 33.16 -22.43
C GLY C 634 -48.14 34.53 -22.88
N LEU C 635 -47.84 35.41 -21.94
CA LEU C 635 -47.31 36.72 -22.30
C LEU C 635 -45.92 36.60 -22.93
N ARG C 636 -45.10 35.67 -22.42
CA ARG C 636 -43.80 35.43 -23.03
C ARG C 636 -43.95 34.96 -24.48
N TYR C 637 -44.85 34.00 -24.71
CA TYR C 637 -45.08 33.53 -26.06
C TYR C 637 -45.64 34.64 -26.95
N PHE C 638 -46.47 35.51 -26.38
CA PHE C 638 -46.99 36.65 -27.13
C PHE C 638 -45.86 37.56 -27.56
N LEU C 639 -44.95 37.87 -26.65
CA LEU C 639 -43.81 38.72 -27.01
C LEU C 639 -42.95 38.06 -28.07
N MET C 640 -42.74 36.75 -27.95
CA MET C 640 -41.93 36.04 -28.94
C MET C 640 -42.58 36.10 -30.32
N ALA C 641 -43.90 35.96 -30.38
CA ALA C 641 -44.59 36.06 -31.67
C ALA C 641 -44.63 37.50 -32.16
N PHE C 642 -44.61 38.47 -31.26
CA PHE C 642 -44.67 39.87 -31.65
C PHE C 642 -43.36 40.34 -32.24
N ALA C 643 -42.24 39.82 -31.73
CA ALA C 643 -40.94 40.26 -32.22
C ALA C 643 -40.71 39.85 -33.67
N ASN C 644 -41.19 38.68 -34.06
CA ASN C 644 -40.95 38.14 -35.38
C ASN C 644 -42.03 38.63 -36.36
N GLN C 645 -42.08 38.01 -37.55
CA GLN C 645 -42.93 38.49 -38.63
C GLN C 645 -44.10 37.58 -38.97
N ILE C 646 -43.99 36.28 -38.72
CA ILE C 646 -45.06 35.33 -39.02
C ILE C 646 -45.36 34.53 -37.77
N HIS C 647 -46.64 34.24 -37.54
CA HIS C 647 -47.05 33.47 -36.38
C HIS C 647 -48.28 32.65 -36.71
N HIS C 648 -48.53 31.64 -35.87
CA HIS C 648 -49.64 30.72 -36.10
C HIS C 648 -50.98 31.44 -35.97
N ILE C 649 -52.00 30.88 -36.62
CA ILE C 649 -53.33 31.47 -36.62
C ILE C 649 -54.13 31.15 -35.37
N ASP C 650 -53.63 30.25 -34.52
CA ASP C 650 -54.31 29.84 -33.30
C ASP C 650 -53.54 30.27 -32.06
N LEU C 651 -52.99 31.49 -32.10
CA LEU C 651 -52.12 31.95 -31.02
C LEU C 651 -52.93 32.56 -29.88
N THR C 652 -53.88 33.44 -30.20
CA THR C 652 -54.62 34.17 -29.17
C THR C 652 -55.51 33.28 -28.32
N SER C 653 -55.75 32.04 -28.74
CA SER C 653 -56.56 31.11 -27.97
C SER C 653 -55.74 30.35 -26.92
N LYS C 654 -54.42 30.45 -26.96
CA LYS C 654 -53.55 29.81 -25.99
C LYS C 654 -53.06 30.76 -24.92
N LEU C 655 -53.52 32.01 -24.93
CA LEU C 655 -53.09 33.01 -23.96
C LEU C 655 -54.13 33.29 -22.89
N VAL C 656 -55.41 33.01 -23.16
CA VAL C 656 -56.46 33.32 -22.22
C VAL C 656 -56.53 32.24 -21.15
N VAL C 657 -56.76 32.67 -19.91
CA VAL C 657 -56.90 31.77 -18.78
C VAL C 657 -58.09 32.23 -17.94
N GLU C 658 -58.88 31.28 -17.46
CA GLU C 658 -60.04 31.62 -16.64
C GLU C 658 -59.57 32.08 -15.26
N CYS C 659 -59.94 33.29 -14.88
CA CYS C 659 -59.56 33.87 -13.60
C CYS C 659 -60.68 33.69 -12.59
N LYS C 660 -60.31 33.38 -11.35
CA LYS C 660 -61.26 33.20 -10.27
C LYS C 660 -60.83 34.02 -9.06
N SER C 661 -61.74 34.11 -8.09
CA SER C 661 -61.47 34.74 -6.80
C SER C 661 -61.19 36.24 -6.93
N SER C 662 -61.38 36.79 -8.13
CA SER C 662 -61.20 38.21 -8.42
C SER C 662 -59.79 38.71 -8.10
N SER C 663 -58.84 37.80 -7.90
CA SER C 663 -57.47 38.18 -7.58
C SER C 663 -56.55 38.22 -8.78
N GLU C 664 -56.84 37.44 -9.82
CA GLU C 664 -56.04 37.45 -11.04
C GLU C 664 -56.36 38.63 -11.94
N VAL C 665 -57.53 39.26 -11.75
CA VAL C 665 -57.92 40.39 -12.60
C VAL C 665 -56.90 41.51 -12.49
N VAL C 666 -56.51 41.84 -11.25
CA VAL C 666 -55.63 42.99 -11.05
C VAL C 666 -54.24 42.72 -11.61
N VAL C 667 -53.71 41.52 -11.40
CA VAL C 667 -52.37 41.23 -11.90
C VAL C 667 -52.36 41.15 -13.43
N GLN C 668 -53.43 40.59 -14.02
CA GLN C 668 -53.52 40.56 -15.47
C GLN C 668 -53.64 41.96 -16.04
N ARG C 669 -54.43 42.82 -15.39
CA ARG C 669 -54.56 44.20 -15.84
C ARG C 669 -53.23 44.94 -15.74
N LEU C 670 -52.49 44.73 -14.65
CA LEU C 670 -51.19 45.37 -14.50
C LEU C 670 -50.22 44.93 -15.59
N ALA C 671 -50.16 43.61 -15.83
CA ALA C 671 -49.26 43.11 -16.86
C ALA C 671 -49.65 43.64 -18.24
N VAL C 672 -50.95 43.67 -18.55
CA VAL C 672 -51.40 44.16 -19.85
C VAL C 672 -51.10 45.64 -19.99
N GLY C 673 -51.33 46.42 -18.93
CA GLY C 673 -51.02 47.84 -18.99
C GLY C 673 -49.53 48.10 -19.17
N LEU C 674 -48.70 47.31 -18.52
CA LEU C 674 -47.25 47.46 -18.70
C LEU C 674 -46.85 47.12 -20.13
N PHE C 675 -47.37 46.02 -20.67
CA PHE C 675 -47.05 45.62 -22.03
C PHE C 675 -47.50 46.68 -23.03
N ILE C 676 -48.68 47.27 -22.80
CA ILE C 676 -49.17 48.31 -23.71
C ILE C 676 -48.32 49.57 -23.59
N ARG C 677 -48.02 49.99 -22.36
CA ARG C 677 -47.22 51.19 -22.16
C ARG C 677 -45.84 51.05 -22.77
N LEU C 678 -45.30 49.83 -22.83
CA LEU C 678 -43.99 49.65 -23.43
C LEU C 678 -44.05 49.41 -24.93
N LEU C 679 -45.13 48.85 -25.45
CA LEU C 679 -45.21 48.47 -26.86
C LEU C 679 -46.01 49.44 -27.72
N SER C 680 -47.02 50.10 -27.15
CA SER C 680 -47.87 50.97 -27.96
C SER C 680 -47.09 52.18 -28.46
N GLY C 681 -47.63 52.81 -29.48
CA GLY C 681 -47.01 53.95 -30.12
C GLY C 681 -47.12 53.83 -31.63
N GLU C 682 -47.11 54.99 -32.30
CA GLU C 682 -47.27 55.03 -33.74
C GLU C 682 -45.92 55.01 -34.47
N SER C 683 -45.09 56.01 -34.20
CA SER C 683 -43.79 56.14 -34.85
C SER C 683 -42.63 56.01 -33.89
N ASP C 684 -42.63 56.79 -32.80
CA ASP C 684 -41.53 56.77 -31.83
C ASP C 684 -41.88 55.83 -30.69
N ALA C 685 -41.95 54.54 -31.03
CA ALA C 685 -42.22 53.48 -30.07
C ALA C 685 -41.14 52.41 -30.05
N SER C 686 -40.10 52.54 -30.88
CA SER C 686 -39.04 51.55 -30.97
C SER C 686 -37.68 52.24 -31.03
N LEU C 687 -37.50 53.27 -30.21
CA LEU C 687 -36.22 53.97 -30.18
C LEU C 687 -35.11 53.05 -29.68
N PHE C 688 -35.41 52.23 -28.67
CA PHE C 688 -34.47 51.22 -28.16
C PHE C 688 -35.29 49.95 -27.94
N PHE C 689 -35.35 49.10 -28.97
CA PHE C 689 -36.19 47.92 -28.90
C PHE C 689 -35.53 46.76 -28.15
N SER C 690 -34.20 46.72 -28.11
CA SER C 690 -33.53 45.66 -27.37
C SER C 690 -33.80 45.77 -25.87
N ARG C 691 -33.72 46.99 -25.33
CA ARG C 691 -34.04 47.19 -23.92
C ARG C 691 -35.48 46.84 -23.62
N ARG C 692 -36.40 47.25 -24.52
CA ARG C 692 -37.81 46.95 -24.32
C ARG C 692 -38.05 45.45 -24.32
N PHE C 693 -37.44 44.74 -25.27
CA PHE C 693 -37.61 43.29 -25.35
C PHE C 693 -37.04 42.61 -24.11
N LYS C 694 -35.87 43.05 -23.64
CA LYS C 694 -35.28 42.47 -22.45
C LYS C 694 -36.16 42.69 -21.23
N TYR C 695 -36.67 43.92 -21.08
CA TYR C 695 -37.54 44.24 -19.95
C TYR C 695 -38.81 43.40 -19.98
N LEU C 696 -39.47 43.33 -21.15
CA LEU C 696 -40.70 42.56 -21.25
C LEU C 696 -40.44 41.07 -21.03
N LEU C 697 -39.31 40.56 -21.48
CA LEU C 697 -39.00 39.15 -21.26
C LEU C 697 -38.78 38.87 -19.77
N ASN C 698 -38.04 39.74 -19.09
CA ASN C 698 -37.82 39.55 -17.66
C ASN C 698 -39.13 39.71 -16.88
N VAL C 699 -40.04 40.55 -17.37
CA VAL C 699 -41.35 40.69 -16.72
C VAL C 699 -42.18 39.44 -16.91
N SER C 700 -42.19 38.89 -18.13
CA SER C 700 -42.93 37.67 -18.39
C SER C 700 -42.35 36.48 -17.63
N TYR C 701 -41.04 36.49 -17.39
CA TYR C 701 -40.39 35.41 -16.66
C TYR C 701 -40.55 35.52 -15.14
N LEU C 702 -41.41 36.42 -14.66
CA LEU C 702 -41.64 36.54 -13.23
C LEU C 702 -42.42 35.37 -12.65
N CYS C 703 -42.85 34.42 -13.51
CA CYS C 703 -43.59 33.26 -13.03
C CYS C 703 -42.72 32.32 -12.19
N HIS C 704 -41.40 32.42 -12.31
CA HIS C 704 -40.53 31.59 -11.49
C HIS C 704 -40.54 32.01 -10.03
N LEU C 705 -41.06 33.20 -9.71
CA LEU C 705 -41.15 33.63 -8.33
C LEU C 705 -42.17 32.78 -7.56
N ILE C 706 -43.34 32.56 -8.16
CA ILE C 706 -44.33 31.67 -7.55
C ILE C 706 -43.83 30.24 -7.62
N THR C 707 -43.88 29.54 -6.50
CA THR C 707 -43.34 28.20 -6.42
C THR C 707 -44.27 27.20 -7.11
N LYS C 708 -43.78 25.98 -7.28
CA LYS C 708 -44.50 24.90 -7.95
C LYS C 708 -44.53 23.70 -7.03
N GLU C 709 -45.47 23.68 -6.08
CA GLU C 709 -45.52 22.63 -5.06
C GLU C 709 -46.91 22.02 -4.98
N THR C 710 -47.55 21.79 -6.14
CA THR C 710 -48.79 21.03 -6.31
C THR C 710 -49.84 21.41 -5.25
N PRO C 711 -50.49 22.57 -5.42
CA PRO C 711 -51.45 23.06 -4.42
C PRO C 711 -52.40 22.00 -3.86
N ASP C 712 -52.73 21.00 -4.66
CA ASP C 712 -53.51 19.87 -4.19
C ASP C 712 -53.06 18.61 -4.93
N ARG C 713 -52.90 17.51 -4.19
CA ARG C 713 -52.37 16.29 -4.77
C ARG C 713 -53.45 15.48 -5.50
N LEU C 714 -54.61 15.33 -4.86
CA LEU C 714 -55.67 14.52 -5.46
C LEU C 714 -56.18 15.16 -6.75
N THR C 715 -56.40 16.48 -6.75
CA THR C 715 -56.86 17.14 -7.96
C THR C 715 -55.81 17.05 -9.07
N ASP C 716 -54.54 17.15 -8.72
CA ASP C 716 -53.48 17.04 -9.73
C ASP C 716 -53.42 15.63 -10.31
N GLN C 717 -53.59 14.60 -9.46
CA GLN C 717 -53.60 13.24 -9.96
C GLN C 717 -54.81 13.01 -10.87
N ILE C 718 -55.97 13.54 -10.49
CA ILE C 718 -57.16 13.41 -11.33
C ILE C 718 -56.95 14.09 -12.68
N LYS C 719 -56.39 15.30 -12.67
CA LYS C 719 -56.16 16.02 -13.92
C LYS C 719 -55.13 15.30 -14.78
N CYS C 720 -54.12 14.70 -14.16
CA CYS C 720 -53.14 13.92 -14.90
C CYS C 720 -53.79 12.72 -15.57
N PHE C 721 -54.66 12.02 -14.83
CA PHE C 721 -55.38 10.89 -15.42
C PHE C 721 -56.27 11.34 -16.57
N GLU C 722 -56.92 12.50 -16.41
CA GLU C 722 -57.73 13.06 -17.49
C GLU C 722 -56.88 13.28 -18.74
N LYS C 723 -55.78 14.02 -18.59
CA LYS C 723 -54.93 14.35 -19.72
C LYS C 723 -54.30 13.10 -20.34
N PHE C 724 -54.12 12.05 -19.54
CA PHE C 724 -53.56 10.81 -20.07
C PHE C 724 -54.58 10.03 -20.89
N ILE C 725 -55.79 9.84 -20.34
CA ILE C 725 -56.76 8.93 -20.94
C ILE C 725 -57.70 9.61 -21.91
N GLU C 726 -57.65 10.95 -22.03
CA GLU C 726 -58.56 11.62 -22.95
C GLU C 726 -58.25 11.32 -24.41
N PRO C 727 -57.01 11.47 -24.90
CA PRO C 727 -56.77 11.20 -26.32
C PRO C 727 -57.05 9.76 -26.74
N LYS C 728 -56.85 8.80 -25.83
CA LYS C 728 -57.11 7.41 -26.18
C LYS C 728 -58.61 7.13 -26.28
N VAL C 729 -59.42 7.77 -25.43
CA VAL C 729 -60.87 7.63 -25.56
C VAL C 729 -61.36 8.36 -26.80
N LYS C 730 -60.75 9.51 -27.14
CA LYS C 730 -61.13 10.22 -28.35
C LYS C 730 -60.78 9.43 -29.61
N PHE C 731 -59.67 8.70 -29.56
CA PHE C 731 -59.26 7.90 -30.72
C PHE C 731 -60.14 6.66 -30.86
N GLY C 732 -60.39 5.96 -29.75
CA GLY C 732 -61.25 4.81 -29.77
C GLY C 732 -60.51 3.48 -29.77
N CYS C 733 -59.45 3.39 -28.95
CA CYS C 733 -58.67 2.16 -28.88
C CYS C 733 -58.27 1.80 -27.45
N ALA C 734 -58.90 2.39 -26.44
CA ALA C 734 -58.57 2.09 -25.04
C ALA C 734 -59.33 0.84 -24.62
N VAL C 735 -58.61 -0.28 -24.47
CA VAL C 735 -59.22 -1.53 -24.06
C VAL C 735 -59.38 -1.55 -22.55
N VAL C 736 -60.05 -2.56 -22.03
CA VAL C 736 -60.34 -2.69 -20.60
C VAL C 736 -59.42 -3.77 -20.07
N ASN C 737 -59.43 -3.98 -18.74
CA ASN C 737 -58.48 -4.81 -17.99
C ASN C 737 -58.14 -6.10 -18.72
N PRO C 738 -56.89 -6.28 -19.15
CA PRO C 738 -56.50 -7.54 -19.80
C PRO C 738 -56.22 -8.65 -18.80
N SER C 739 -55.75 -9.80 -19.28
CA SER C 739 -55.45 -10.93 -18.41
C SER C 739 -54.10 -10.79 -17.72
N LEU C 740 -53.29 -9.80 -18.09
CA LEU C 740 -51.96 -9.57 -17.52
C LEU C 740 -51.04 -10.78 -17.68
N ASN C 741 -51.30 -11.63 -18.67
CA ASN C 741 -50.50 -12.82 -18.91
C ASN C 741 -50.12 -13.02 -20.36
N GLY C 742 -50.66 -12.22 -21.28
CA GLY C 742 -50.37 -12.39 -22.69
C GLY C 742 -51.43 -13.18 -23.40
N LYS C 743 -52.69 -13.01 -22.97
CA LYS C 743 -53.82 -13.71 -23.57
C LYS C 743 -54.96 -12.70 -23.72
N LEU C 744 -55.25 -12.33 -24.97
CA LEU C 744 -56.28 -11.36 -25.27
C LEU C 744 -57.52 -12.06 -25.83
N THR C 745 -58.69 -11.53 -25.50
CA THR C 745 -59.93 -12.07 -26.02
C THR C 745 -60.08 -11.66 -27.49
N VAL C 746 -61.15 -12.15 -28.12
CA VAL C 746 -61.37 -11.86 -29.54
C VAL C 746 -61.70 -10.38 -29.74
N ASP C 747 -62.48 -9.79 -28.82
CA ASP C 747 -62.84 -8.38 -28.97
C ASP C 747 -61.64 -7.47 -28.73
N GLN C 748 -60.75 -7.83 -27.80
CA GLN C 748 -59.57 -7.02 -27.54
C GLN C 748 -58.67 -6.96 -28.76
N GLU C 749 -58.35 -8.13 -29.33
CA GLU C 749 -57.52 -8.14 -30.53
C GLU C 749 -58.23 -7.50 -31.72
N ASP C 750 -59.55 -7.65 -31.80
CA ASP C 750 -60.30 -7.00 -32.87
C ASP C 750 -60.17 -5.49 -32.80
N ILE C 751 -60.39 -4.91 -31.62
CA ILE C 751 -60.30 -3.46 -31.50
C ILE C 751 -58.86 -2.99 -31.63
N MET C 752 -57.89 -3.82 -31.21
CA MET C 752 -56.49 -3.45 -31.39
C MET C 752 -56.13 -3.38 -32.88
N ILE C 753 -56.56 -4.37 -33.65
CA ILE C 753 -56.31 -4.36 -35.09
C ILE C 753 -57.06 -3.22 -35.76
N ASN C 754 -58.27 -2.91 -35.29
CA ASN C 754 -59.00 -1.78 -35.84
C ASN C 754 -58.27 -0.47 -35.59
N GLY C 755 -57.73 -0.28 -34.39
CA GLY C 755 -56.95 0.91 -34.12
C GLY C 755 -55.67 0.97 -34.93
N LEU C 756 -55.01 -0.18 -35.10
CA LEU C 756 -53.79 -0.22 -35.92
C LEU C 756 -54.10 0.15 -37.37
N LYS C 757 -55.23 -0.32 -37.89
CA LYS C 757 -55.61 0.04 -39.26
C LYS C 757 -55.97 1.52 -39.36
N LYS C 758 -56.71 2.04 -38.38
CA LYS C 758 -57.06 3.45 -38.38
C LYS C 758 -55.82 4.34 -38.27
N PHE C 759 -54.76 3.83 -37.63
CA PHE C 759 -53.54 4.61 -37.50
C PHE C 759 -52.85 4.79 -38.85
N PHE C 760 -52.87 3.77 -39.70
CA PHE C 760 -52.21 3.80 -41.00
C PHE C 760 -53.20 3.94 -42.14
N SER C 761 -54.27 4.72 -41.96
CA SER C 761 -55.31 4.88 -42.96
C SER C 761 -55.52 6.36 -43.28
N LYS C 762 -54.41 7.08 -43.49
CA LYS C 762 -54.45 8.47 -43.87
C LYS C 762 -53.92 8.65 -45.29
N SER C 763 -54.63 9.45 -46.08
CA SER C 763 -54.25 9.71 -47.46
C SER C 763 -53.47 11.01 -47.56
N LEU C 764 -52.95 11.28 -48.75
CA LEU C 764 -52.09 12.43 -48.99
C LEU C 764 -52.84 13.62 -49.58
N ARG C 765 -54.15 13.51 -49.76
CA ARG C 765 -54.92 14.59 -50.39
C ARG C 765 -56.04 15.14 -49.51
N ASP C 766 -56.66 14.31 -48.68
CA ASP C 766 -57.76 14.77 -47.83
C ASP C 766 -57.21 15.71 -46.75
N THR C 767 -57.77 16.90 -46.68
CA THR C 767 -57.36 17.90 -45.70
C THR C 767 -58.20 17.86 -44.43
N GLU C 768 -59.06 16.85 -44.28
CA GLU C 768 -59.89 16.75 -43.09
C GLU C 768 -59.12 16.18 -41.90
N ASP C 769 -58.18 15.27 -42.14
CA ASP C 769 -57.39 14.66 -41.07
C ASP C 769 -56.04 15.36 -41.01
N VAL C 770 -56.02 16.49 -40.30
CA VAL C 770 -54.79 17.23 -40.07
C VAL C 770 -54.53 17.47 -38.59
N GLN C 771 -55.41 17.01 -37.71
CA GLN C 771 -55.22 17.16 -36.28
C GLN C 771 -55.36 15.86 -35.51
N THR C 772 -55.68 14.75 -36.19
CA THR C 772 -55.81 13.44 -35.58
C THR C 772 -54.55 12.62 -35.80
N PRO C 773 -54.17 11.78 -34.83
CA PRO C 773 -52.95 10.98 -34.98
C PRO C 773 -53.04 10.03 -36.17
N GLY C 774 -51.87 9.62 -36.65
CA GLY C 774 -51.77 8.75 -37.80
C GLY C 774 -50.75 9.21 -38.80
N VAL C 775 -50.33 8.32 -39.70
CA VAL C 775 -49.31 8.62 -40.70
C VAL C 775 -49.66 7.92 -42.00
N CYS C 776 -49.28 8.54 -43.11
CA CYS C 776 -49.49 7.96 -44.43
C CYS C 776 -48.30 7.08 -44.81
N LYS C 777 -48.59 5.95 -45.44
CA LYS C 777 -47.53 5.01 -45.79
C LYS C 777 -46.74 5.46 -47.02
N GLU C 778 -47.34 6.28 -47.88
CA GLU C 778 -46.65 6.72 -49.09
C GLU C 778 -45.47 7.62 -48.76
N LEU C 779 -45.71 8.63 -47.91
CA LEU C 779 -44.61 9.52 -47.52
C LEU C 779 -43.57 8.80 -46.69
N LEU C 780 -43.99 7.81 -45.89
CA LEU C 780 -43.04 7.03 -45.11
C LEU C 780 -42.13 6.21 -46.04
N ASN C 781 -42.73 5.56 -47.04
CA ASN C 781 -41.92 4.82 -48.02
C ASN C 781 -41.00 5.76 -48.78
N TYR C 782 -41.47 6.96 -49.11
CA TYR C 782 -40.63 7.94 -49.79
C TYR C 782 -39.42 8.29 -48.94
N CYS C 783 -39.65 8.66 -47.67
CA CYS C 783 -38.54 9.05 -46.80
C CYS C 783 -37.58 7.89 -46.59
N VAL C 784 -38.10 6.66 -46.46
CA VAL C 784 -37.25 5.51 -46.26
C VAL C 784 -36.36 5.28 -47.48
N SER C 785 -36.97 5.24 -48.67
CA SER C 785 -36.20 5.00 -49.89
C SER C 785 -35.22 6.14 -50.16
N LEU C 786 -35.54 7.35 -49.70
CA LEU C 786 -34.62 8.47 -49.88
C LEU C 786 -33.46 8.42 -48.89
N PHE C 787 -33.69 7.93 -47.67
CA PHE C 787 -32.62 7.81 -46.70
C PHE C 787 -31.70 6.63 -47.00
N ASN C 788 -32.25 5.55 -47.57
CA ASN C 788 -31.43 4.37 -47.83
C ASN C 788 -30.33 4.65 -48.85
N ARG C 789 -30.65 5.39 -49.90
CA ARG C 789 -29.69 5.61 -50.98
C ARG C 789 -28.88 6.89 -50.77
N GLY C 790 -28.32 7.05 -49.57
CA GLY C 790 -27.41 8.13 -49.22
C GLY C 790 -27.73 9.50 -49.79
N LYS C 791 -29.00 9.90 -49.73
CA LYS C 791 -29.42 11.20 -50.28
C LYS C 791 -29.56 12.28 -49.23
N LEU C 792 -29.95 11.93 -48.01
CA LEU C 792 -30.08 12.91 -46.94
C LEU C 792 -28.72 13.24 -46.35
N LYS C 793 -28.70 14.12 -45.35
CA LYS C 793 -27.47 14.46 -44.65
C LYS C 793 -27.01 13.35 -43.72
N VAL C 794 -27.81 12.31 -43.53
CA VAL C 794 -27.50 11.19 -42.66
C VAL C 794 -27.69 9.90 -43.45
N SER C 795 -26.99 8.86 -43.02
CA SER C 795 -27.04 7.58 -43.73
C SER C 795 -26.83 6.45 -42.73
N GLY C 796 -26.99 5.22 -43.21
CA GLY C 796 -26.78 4.06 -42.37
C GLY C 796 -25.35 3.54 -42.42
N GLU C 797 -24.39 4.43 -42.18
CA GLU C 797 -22.98 4.10 -42.18
C GLU C 797 -22.41 4.12 -40.76
N LEU C 798 -23.24 3.70 -39.81
CA LEU C 798 -22.89 3.81 -38.39
C LEU C 798 -21.65 2.98 -38.05
N LYS C 799 -20.90 3.45 -37.08
CA LYS C 799 -19.75 2.73 -36.53
C LYS C 799 -20.12 2.20 -35.15
N ASN C 800 -19.14 1.57 -34.49
CA ASN C 800 -19.27 0.99 -33.16
C ASN C 800 -20.59 0.24 -32.98
N ASN C 801 -20.73 -0.89 -33.68
CA ASN C 801 -21.93 -1.72 -33.74
C ASN C 801 -22.61 -1.83 -32.38
N PRO C 802 -23.88 -1.40 -32.27
CA PRO C 802 -24.54 -1.36 -30.95
C PRO C 802 -24.69 -2.72 -30.30
N PHE C 803 -24.65 -3.81 -31.07
CA PHE C 803 -24.76 -5.15 -30.50
C PHE C 803 -23.45 -5.49 -29.82
N ARG C 804 -23.29 -4.97 -28.61
CA ARG C 804 -22.09 -5.16 -27.82
C ARG C 804 -21.94 -6.62 -27.38
N ILE C 822 -39.38 -2.42 -2.71
CA ILE C 822 -40.23 -2.97 -3.76
C ILE C 822 -41.59 -2.27 -3.74
N PRO C 823 -41.73 -1.23 -4.55
CA PRO C 823 -42.98 -0.44 -4.55
C PRO C 823 -44.06 -1.06 -5.44
N LYS C 824 -45.29 -0.62 -5.19
CA LYS C 824 -46.43 -1.03 -5.99
C LYS C 824 -46.69 0.01 -7.08
N LEU C 825 -47.21 -0.47 -8.22
CA LEU C 825 -47.43 0.38 -9.37
C LEU C 825 -48.74 1.15 -9.31
N ASP C 826 -49.67 0.76 -8.45
CA ASP C 826 -50.97 1.39 -8.34
C ASP C 826 -50.98 2.60 -7.41
N GLU C 827 -49.82 3.00 -6.88
CA GLU C 827 -49.77 4.12 -5.95
C GLU C 827 -48.37 4.73 -6.03
N LEU C 828 -48.27 5.86 -6.73
CA LEU C 828 -47.02 6.61 -6.88
C LEU C 828 -47.23 7.99 -6.29
N GLY C 829 -46.55 8.28 -5.19
CA GLY C 829 -46.73 9.54 -4.49
C GLY C 829 -46.99 9.33 -3.02
N ASN C 830 -47.50 8.15 -2.68
CA ASN C 830 -47.71 7.80 -1.28
C ASN C 830 -46.37 7.58 -0.60
N ILE C 831 -46.27 8.06 0.65
CA ILE C 831 -45.03 7.90 1.40
C ILE C 831 -44.83 6.46 1.83
N LEU C 832 -45.89 5.66 1.85
CA LEU C 832 -45.81 4.28 2.31
C LEU C 832 -46.83 3.44 1.56
N SER C 833 -46.36 2.36 0.94
CA SER C 833 -47.25 1.44 0.26
C SER C 833 -47.74 0.36 1.22
N THR C 834 -48.83 -0.31 0.82
CA THR C 834 -49.44 -1.32 1.68
C THR C 834 -48.47 -2.46 1.98
N TYR C 835 -47.62 -2.82 1.01
CA TYR C 835 -46.64 -3.88 1.23
C TYR C 835 -45.69 -3.53 2.36
N ASP C 836 -45.23 -2.28 2.41
CA ASP C 836 -44.27 -1.88 3.43
C ASP C 836 -44.93 -1.83 4.81
N LYS C 837 -46.16 -1.31 4.88
CA LYS C 837 -46.89 -1.32 6.14
C LYS C 837 -47.06 -2.74 6.65
N GLU C 838 -47.44 -3.66 5.76
CA GLU C 838 -47.68 -5.04 6.16
C GLU C 838 -46.40 -5.71 6.61
N LYS C 839 -45.31 -5.51 5.87
CA LYS C 839 -44.03 -6.07 6.29
C LYS C 839 -43.60 -5.53 7.64
N LEU C 840 -43.78 -4.23 7.88
CA LEU C 840 -43.38 -3.64 9.15
C LEU C 840 -44.20 -4.21 10.30
N VAL C 841 -45.52 -4.27 10.13
CA VAL C 841 -46.36 -4.76 11.22
C VAL C 841 -46.09 -6.24 11.49
N SER C 842 -45.81 -7.01 10.43
CA SER C 842 -45.50 -8.42 10.62
C SER C 842 -44.17 -8.59 11.36
N ALA C 843 -43.14 -7.84 10.96
CA ALA C 843 -41.86 -7.91 11.64
C ALA C 843 -41.99 -7.50 13.10
N CYS C 844 -42.78 -6.46 13.38
CA CYS C 844 -42.90 -5.98 14.74
C CYS C 844 -43.65 -6.97 15.62
N VAL C 845 -44.75 -7.54 15.11
CA VAL C 845 -45.48 -8.51 15.90
C VAL C 845 -44.67 -9.79 16.06
N SER C 846 -43.83 -10.13 15.08
CA SER C 846 -42.97 -11.31 15.24
C SER C 846 -41.91 -11.07 16.30
N SER C 847 -41.31 -9.88 16.32
CA SER C 847 -40.34 -9.56 17.36
C SER C 847 -41.00 -9.57 18.74
N MET C 848 -42.23 -9.05 18.84
CA MET C 848 -42.91 -9.04 20.12
C MET C 848 -43.31 -10.44 20.57
N ALA C 849 -43.64 -11.33 19.63
CA ALA C 849 -43.95 -12.70 20.00
C ALA C 849 -42.68 -13.45 20.41
N GLU C 850 -41.56 -13.17 19.74
CA GLU C 850 -40.29 -13.78 20.14
C GLU C 850 -39.84 -13.28 21.49
N ARG C 851 -40.16 -12.03 21.84
CA ARG C 851 -39.76 -11.48 23.13
C ARG C 851 -40.50 -12.15 24.28
N PHE C 852 -41.73 -12.59 24.05
CA PHE C 852 -42.57 -13.18 25.11
C PHE C 852 -42.18 -14.64 25.29
N LYS C 853 -41.14 -14.86 26.10
CA LYS C 853 -40.67 -16.21 26.40
C LYS C 853 -40.40 -16.36 27.90
N ASN C 859 -48.11 -12.12 30.05
CA ASN C 859 -46.85 -11.40 29.88
C ASN C 859 -47.03 -9.92 30.23
N LEU C 860 -46.10 -9.09 29.74
CA LEU C 860 -46.15 -7.65 30.01
C LEU C 860 -45.39 -6.93 28.91
N ASP C 861 -45.89 -5.76 28.54
CA ASP C 861 -45.22 -4.95 27.52
C ASP C 861 -45.50 -3.46 27.75
N PRO C 862 -44.46 -2.66 27.95
CA PRO C 862 -44.66 -1.21 28.08
C PRO C 862 -44.80 -0.54 26.73
N ASP C 863 -44.86 0.79 26.72
CA ASP C 863 -44.93 1.53 25.47
C ASP C 863 -43.63 1.45 24.67
N SER C 864 -42.61 0.75 25.17
CA SER C 864 -41.35 0.61 24.43
C SER C 864 -41.55 -0.07 23.08
N THR C 865 -42.62 -0.84 22.90
CA THR C 865 -42.91 -1.41 21.60
C THR C 865 -43.09 -0.32 20.55
N ASP C 866 -43.69 0.81 20.95
CA ASP C 866 -43.78 1.95 20.04
C ASP C 866 -42.39 2.41 19.60
N TYR C 867 -41.42 2.35 20.52
CA TYR C 867 -40.04 2.65 20.16
C TYR C 867 -39.59 1.80 18.98
N LEU C 868 -39.98 0.52 18.96
CA LEU C 868 -39.64 -0.34 17.83
C LEU C 868 -40.16 0.24 16.52
N ILE C 869 -41.37 0.79 16.53
CA ILE C 869 -41.91 1.40 15.31
C ILE C 869 -41.00 2.53 14.87
N LEU C 870 -40.45 3.29 15.82
CA LEU C 870 -39.56 4.39 15.47
C LEU C 870 -38.18 3.91 15.05
N LYS C 871 -37.83 2.66 15.34
CA LYS C 871 -36.49 2.17 15.02
C LYS C 871 -36.39 1.66 13.59
N ASN C 872 -37.45 1.04 13.09
CA ASN C 872 -37.43 0.45 11.76
C ASN C 872 -38.00 1.35 10.68
N LEU C 873 -38.57 2.50 11.05
CA LEU C 873 -39.14 3.41 10.06
C LEU C 873 -38.18 4.52 9.68
N THR C 874 -37.29 4.93 10.59
CA THR C 874 -36.34 5.99 10.30
C THR C 874 -34.98 5.70 10.93
N THR C 886 -35.10 6.12 27.59
CA THR C 886 -34.88 6.35 26.17
C THR C 886 -35.88 7.33 25.59
N GLN C 887 -36.46 8.16 26.47
CA GLN C 887 -37.45 9.14 26.04
C GLN C 887 -36.84 10.19 25.12
N GLU C 888 -35.56 10.52 25.32
CA GLU C 888 -34.92 11.53 24.49
C GLU C 888 -34.78 11.06 23.04
N GLU C 889 -34.28 9.84 22.86
CA GLU C 889 -34.15 9.28 21.51
C GLU C 889 -35.53 9.07 20.89
N LEU C 890 -36.52 8.69 21.71
CA LEU C 890 -37.88 8.54 21.19
C LEU C 890 -38.42 9.87 20.67
N SER C 891 -38.22 10.95 21.43
CA SER C 891 -38.68 12.26 20.97
C SER C 891 -37.91 12.72 19.74
N LEU C 892 -36.61 12.44 19.69
CA LEU C 892 -35.81 12.85 18.54
C LEU C 892 -36.22 12.10 17.27
N MET C 893 -36.58 10.82 17.41
CA MET C 893 -37.04 10.05 16.26
C MET C 893 -38.50 10.33 15.91
N TYR C 894 -39.29 10.85 16.86
CA TYR C 894 -40.68 11.16 16.60
C TYR C 894 -40.89 12.57 16.05
N GLU C 895 -39.97 13.51 16.33
CA GLU C 895 -40.14 14.88 15.85
C GLU C 895 -39.95 14.98 14.34
N ALA C 896 -39.22 14.06 13.74
CA ALA C 896 -38.85 14.15 12.33
C ALA C 896 -39.96 13.68 11.39
N LEU C 897 -41.18 13.47 11.88
CA LEU C 897 -42.28 13.02 11.05
C LEU C 897 -43.18 14.19 10.66
N THR C 898 -43.83 14.06 9.51
CA THR C 898 -44.78 15.05 9.02
C THR C 898 -46.20 14.68 9.49
N GLU C 899 -47.18 15.49 9.10
CA GLU C 899 -48.56 15.26 9.51
C GLU C 899 -49.10 13.96 8.92
N GLU C 900 -48.94 13.77 7.61
CA GLU C 900 -49.31 12.49 7.02
C GLU C 900 -48.44 11.36 7.58
N GLN C 901 -47.17 11.65 7.86
CA GLN C 901 -46.30 10.63 8.44
C GLN C 901 -46.75 10.26 9.84
N VAL C 902 -47.14 11.24 10.66
CA VAL C 902 -47.59 10.91 12.01
C VAL C 902 -48.94 10.20 11.97
N GLU C 903 -49.79 10.52 10.99
CA GLU C 903 -51.03 9.78 10.84
C GLU C 903 -50.78 8.33 10.46
N SER C 904 -49.86 8.09 9.52
CA SER C 904 -49.52 6.72 9.16
C SER C 904 -48.87 5.99 10.34
N PHE C 905 -48.06 6.69 11.13
CA PHE C 905 -47.45 6.07 12.30
C PHE C 905 -48.51 5.69 13.33
N ASN C 906 -49.52 6.55 13.51
CA ASN C 906 -50.61 6.21 14.42
C ASN C 906 -51.41 5.01 13.91
N GLU C 907 -51.61 4.94 12.59
CA GLU C 907 -52.28 3.78 12.01
C GLU C 907 -51.49 2.50 12.28
N ILE C 908 -50.18 2.55 12.05
CA ILE C 908 -49.34 1.37 12.28
C ILE C 908 -49.34 0.99 13.75
N LYS C 909 -49.30 1.99 14.65
CA LYS C 909 -49.37 1.73 16.07
C LYS C 909 -50.67 1.05 16.44
N HIS C 910 -51.79 1.54 15.89
CA HIS C 910 -53.08 0.92 16.15
C HIS C 910 -53.10 -0.53 15.67
N ASP C 911 -52.57 -0.79 14.48
CA ASP C 911 -52.53 -2.15 13.96
C ASP C 911 -51.70 -3.07 14.86
N VAL C 912 -50.51 -2.61 15.25
CA VAL C 912 -49.64 -3.43 16.09
C VAL C 912 -50.30 -3.70 17.44
N GLN C 913 -50.95 -2.67 18.02
CA GLN C 913 -51.56 -2.85 19.34
C GLN C 913 -52.77 -3.77 19.28
N VAL C 914 -53.60 -3.65 18.23
CA VAL C 914 -54.74 -4.55 18.15
C VAL C 914 -54.27 -5.97 17.88
N ALA C 915 -53.18 -6.13 17.10
CA ALA C 915 -52.64 -7.46 16.86
C ALA C 915 -52.13 -8.08 18.16
N LEU C 916 -51.41 -7.30 18.97
CA LEU C 916 -50.94 -7.81 20.26
C LEU C 916 -52.10 -8.11 21.20
N ALA C 917 -53.16 -7.31 21.16
CA ALA C 917 -54.32 -7.57 22.01
C ALA C 917 -55.02 -8.86 21.61
N LYS C 918 -55.21 -9.07 20.31
CA LYS C 918 -55.82 -10.32 19.86
C LYS C 918 -54.90 -11.51 20.12
N MET C 919 -53.58 -11.30 20.11
CA MET C 919 -52.67 -12.36 20.51
C MET C 919 -52.79 -12.67 21.99
N ALA C 920 -53.10 -11.66 22.81
CA ALA C 920 -53.20 -11.86 24.25
C ALA C 920 -54.35 -12.79 24.62
N ASP C 921 -55.40 -12.82 23.80
CA ASP C 921 -56.54 -13.69 24.07
C ASP C 921 -56.23 -15.14 23.71
N VAL C 962 -74.05 1.85 13.89
CA VAL C 962 -73.11 0.81 14.28
C VAL C 962 -73.19 -0.36 13.31
N SER C 963 -74.41 -0.77 12.99
CA SER C 963 -74.64 -1.90 12.09
C SER C 963 -74.41 -1.54 10.63
N LEU C 964 -74.12 -0.28 10.32
CA LEU C 964 -73.88 0.14 8.94
C LEU C 964 -72.48 -0.22 8.44
N HIS C 965 -71.65 -0.83 9.27
CA HIS C 965 -70.31 -1.21 8.87
C HIS C 965 -70.22 -2.61 8.29
N GLU C 966 -71.20 -3.48 8.59
CA GLU C 966 -71.17 -4.84 8.04
C GLU C 966 -71.46 -4.83 6.56
N VAL C 967 -72.50 -4.10 6.13
CA VAL C 967 -72.82 -4.03 4.71
C VAL C 967 -71.77 -3.23 3.96
N LYS C 968 -71.22 -2.21 4.60
CA LYS C 968 -70.13 -1.43 4.02
C LYS C 968 -68.80 -2.13 4.33
N ASP C 969 -67.69 -1.45 4.10
CA ASP C 969 -66.38 -1.99 4.44
C ASP C 969 -66.30 -2.27 5.94
N PHE C 970 -66.04 -3.53 6.29
CA PHE C 970 -66.01 -3.97 7.67
C PHE C 970 -64.77 -3.50 8.42
N ASP C 971 -63.91 -2.72 7.78
CA ASP C 971 -62.70 -2.24 8.45
C ASP C 971 -63.07 -1.13 9.42
N PRO C 972 -62.84 -1.30 10.73
CA PRO C 972 -63.22 -0.26 11.69
C PRO C 972 -62.24 0.90 11.77
N ASP C 973 -61.03 0.75 11.25
CA ASP C 973 -60.02 1.80 11.33
C ASP C 973 -60.28 2.95 10.37
N VAL C 974 -61.23 2.80 9.44
CA VAL C 974 -61.46 3.78 8.39
C VAL C 974 -62.86 4.38 8.49
N LEU C 975 -63.55 4.18 9.60
CA LEU C 975 -64.88 4.75 9.76
C LEU C 975 -64.78 6.27 9.86
N PRO C 976 -65.37 7.02 8.94
CA PRO C 976 -65.18 8.47 8.92
C PRO C 976 -66.03 9.16 9.98
N PRO C 977 -65.53 10.25 10.58
CA PRO C 977 -66.34 11.03 11.50
C PRO C 977 -67.32 11.98 10.82
N GLU C 978 -67.25 12.10 9.49
CA GLU C 978 -68.12 13.01 8.75
C GLU C 978 -69.50 12.45 8.49
N VAL C 979 -69.79 11.24 8.97
CA VAL C 979 -71.11 10.63 8.80
C VAL C 979 -71.95 10.71 10.07
N TYR C 980 -71.34 10.97 11.22
CA TYR C 980 -72.06 11.08 12.49
C TYR C 980 -71.75 12.43 13.13
N LYS C 981 -72.66 12.88 13.98
CA LYS C 981 -72.45 14.12 14.71
C LYS C 981 -71.39 13.93 15.79
N GLU C 982 -70.98 15.04 16.40
CA GLU C 982 -70.00 14.99 17.48
C GLU C 982 -70.63 14.86 18.86
N LEU C 983 -71.85 15.38 19.03
CA LEU C 983 -72.52 15.25 20.32
C LEU C 983 -72.86 13.81 20.63
N CYS C 984 -73.31 13.06 19.61
CA CYS C 984 -73.62 11.65 19.82
C CYS C 984 -72.37 10.86 20.19
N ASP C 985 -71.26 11.13 19.49
CA ASP C 985 -70.01 10.44 19.83
C ASP C 985 -69.51 10.82 21.21
N ALA C 986 -69.73 12.07 21.63
CA ALA C 986 -69.28 12.49 22.94
C ALA C 986 -70.16 11.93 24.06
N VAL C 987 -71.43 11.69 23.79
CA VAL C 987 -72.32 11.21 24.84
C VAL C 987 -72.41 9.68 24.89
N TYR C 988 -72.13 8.99 23.78
CA TYR C 988 -72.23 7.54 23.77
C TYR C 988 -71.01 6.89 24.40
N LYS C 989 -69.82 7.44 24.17
CA LYS C 989 -68.61 6.87 24.75
C LYS C 989 -68.54 7.05 26.25
N SER C 990 -69.34 7.96 26.82
CA SER C 990 -69.35 8.23 28.25
C SER C 990 -70.49 7.50 28.97
N SER C 991 -70.91 6.36 28.44
CA SER C 991 -72.05 5.63 28.98
C SER C 991 -71.59 4.61 30.03
N GLU C 992 -72.51 3.74 30.43
CA GLU C 992 -72.23 2.72 31.42
C GLU C 992 -71.42 1.59 30.78
N LYS C 993 -70.26 1.30 31.36
CA LYS C 993 -69.44 0.17 30.92
C LYS C 993 -68.74 -0.42 32.14
N CYS C 994 -69.01 -1.70 32.41
CA CYS C 994 -68.47 -2.35 33.60
C CYS C 994 -67.16 -3.08 33.30
N ASN C 995 -67.17 -3.98 32.32
CA ASN C 995 -66.01 -4.79 31.99
C ASN C 995 -65.25 -4.28 30.76
N PHE C 996 -65.58 -3.08 30.29
CA PHE C 996 -64.90 -2.52 29.13
C PHE C 996 -63.80 -1.54 29.53
N PHE C 997 -63.98 -0.83 30.64
CA PHE C 997 -62.95 0.02 31.21
C PHE C 997 -62.40 -0.62 32.49
N LEU C 998 -61.30 -0.05 32.98
CA LEU C 998 -60.72 -0.50 34.24
C LEU C 998 -60.16 0.70 34.98
N GLU C 999 -59.99 0.54 36.29
CA GLU C 999 -59.56 1.63 37.15
C GLU C 999 -58.05 1.81 37.07
N GLY C 1000 -57.62 3.06 36.88
CA GLY C 1000 -56.21 3.39 36.84
C GLY C 1000 -55.67 3.47 35.43
N VAL C 1001 -54.46 4.03 35.32
CA VAL C 1001 -53.80 4.12 34.02
C VAL C 1001 -52.99 2.86 33.71
N LEU C 1002 -52.46 2.19 34.74
CA LEU C 1002 -51.79 0.90 34.60
C LEU C 1002 -50.63 0.99 33.59
N ASP C 1003 -49.61 1.75 34.00
CA ASP C 1003 -48.48 2.03 33.12
C ASP C 1003 -47.72 0.77 32.73
N VAL C 1004 -47.78 -0.28 33.54
CA VAL C 1004 -47.00 -1.48 33.25
C VAL C 1004 -47.58 -2.23 32.05
N CYS C 1005 -48.90 -2.20 31.86
CA CYS C 1005 -49.59 -2.80 30.72
C CYS C 1005 -49.23 -4.26 30.51
N PRO C 1006 -49.68 -5.17 31.37
CA PRO C 1006 -49.48 -6.60 31.10
C PRO C 1006 -50.37 -7.08 29.95
N LEU C 1007 -50.01 -8.25 29.41
CA LEU C 1007 -50.80 -8.82 28.33
C LEU C 1007 -52.13 -9.34 28.84
N GLY C 1008 -53.15 -9.25 27.98
CA GLY C 1008 -54.48 -9.70 28.31
C GLY C 1008 -55.47 -8.59 28.57
N LEU C 1009 -55.00 -7.40 28.96
CA LEU C 1009 -55.88 -6.29 29.29
C LEU C 1009 -55.51 -5.02 28.53
N LEU C 1010 -54.73 -5.13 27.46
CA LEU C 1010 -54.29 -3.95 26.72
C LEU C 1010 -55.48 -3.18 26.14
N LEU C 1011 -56.55 -3.89 25.80
CA LEU C 1011 -57.75 -3.24 25.25
C LEU C 1011 -58.36 -2.28 26.28
N LYS C 1012 -58.53 -2.74 27.51
CA LYS C 1012 -59.11 -1.88 28.55
C LYS C 1012 -58.17 -0.72 28.86
N ASN C 1013 -56.86 -0.97 28.86
CA ASN C 1013 -55.89 0.10 29.09
C ASN C 1013 -56.01 1.18 28.01
N LEU C 1014 -56.13 0.76 26.75
CA LEU C 1014 -56.25 1.71 25.66
C LEU C 1014 -57.53 2.52 25.79
N THR C 1015 -58.66 1.87 26.09
CA THR C 1015 -59.90 2.61 26.26
C THR C 1015 -59.81 3.61 27.41
N THR C 1016 -59.20 3.22 28.53
CA THR C 1016 -59.10 4.13 29.65
C THR C 1016 -58.17 5.30 29.35
N SER C 1017 -57.04 5.04 28.68
CA SER C 1017 -56.12 6.12 28.34
C SER C 1017 -56.71 7.05 27.31
N SER C 1018 -57.61 6.56 26.45
CA SER C 1018 -58.29 7.44 25.50
C SER C 1018 -59.44 8.20 26.16
N TYR C 1019 -60.05 7.60 27.18
CA TYR C 1019 -61.17 8.25 27.86
C TYR C 1019 -60.69 9.37 28.77
N VAL C 1020 -59.57 9.16 29.46
CA VAL C 1020 -59.05 10.18 30.37
C VAL C 1020 -58.61 11.42 29.59
N ASP C 1021 -58.25 11.25 28.32
CA ASP C 1021 -57.87 12.36 27.47
C ASP C 1021 -59.12 13.08 26.97
N GLU C 1022 -58.94 14.04 26.06
CA GLU C 1022 -60.07 14.81 25.56
C GLU C 1022 -60.74 14.13 24.37
N GLU C 1023 -59.95 13.48 23.52
CA GLU C 1023 -60.51 12.87 22.32
C GLU C 1023 -61.31 11.61 22.66
N TYR C 1024 -62.49 11.49 22.04
CA TYR C 1024 -63.37 10.35 22.27
C TYR C 1024 -63.54 9.47 21.03
N PHE C 1025 -63.00 9.86 19.88
CA PHE C 1025 -63.15 9.06 18.67
C PHE C 1025 -62.38 7.74 18.80
N MET C 1026 -61.11 7.82 19.22
CA MET C 1026 -60.34 6.60 19.46
C MET C 1026 -61.01 5.73 20.52
N CYS C 1027 -61.60 6.37 21.53
CA CYS C 1027 -62.37 5.63 22.53
C CYS C 1027 -63.51 4.86 21.88
N PHE C 1028 -64.22 5.49 20.95
CA PHE C 1028 -65.32 4.82 20.28
C PHE C 1028 -64.81 3.69 19.38
N LYS C 1029 -63.66 3.89 18.73
CA LYS C 1029 -63.11 2.83 17.88
C LYS C 1029 -62.72 1.62 18.72
N TYR C 1030 -62.06 1.85 19.85
CA TYR C 1030 -61.68 0.75 20.74
C TYR C 1030 -62.92 0.07 21.32
N LEU C 1031 -63.93 0.87 21.68
CA LEU C 1031 -65.19 0.34 22.20
C LEU C 1031 -65.89 -0.53 21.16
N LEU C 1032 -65.78 -0.17 19.88
CA LEU C 1032 -66.40 -0.97 18.83
C LEU C 1032 -65.64 -2.26 18.58
N ILE C 1033 -64.31 -2.18 18.50
CA ILE C 1033 -63.55 -3.41 18.21
C ILE C 1033 -63.58 -4.34 19.42
N GLN C 1034 -63.90 -3.82 20.60
CA GLN C 1034 -64.06 -4.68 21.78
C GLN C 1034 -65.40 -5.42 21.76
N GLY C 1035 -66.46 -4.76 21.30
CA GLY C 1035 -67.78 -5.33 21.32
C GLY C 1035 -68.03 -6.46 20.35
N HIS C 1036 -66.97 -6.93 19.68
CA HIS C 1036 -67.04 -8.08 18.78
C HIS C 1036 -68.06 -7.85 17.67
N PHE C 1037 -68.12 -6.61 17.16
CA PHE C 1037 -69.07 -6.21 16.14
C PHE C 1037 -68.47 -6.29 14.74
N ASP C 1038 -67.49 -7.16 14.54
CA ASP C 1038 -66.88 -7.36 13.23
C ASP C 1038 -67.21 -8.71 12.61
N GLN C 1039 -67.74 -9.65 13.38
CA GLN C 1039 -68.09 -10.97 12.87
C GLN C 1039 -69.37 -10.92 12.03
N PHE C 1086 -45.57 -40.13 -13.02
CA PHE C 1086 -44.75 -39.14 -12.34
C PHE C 1086 -44.49 -37.93 -13.24
N THR C 1087 -45.44 -37.01 -13.27
CA THR C 1087 -45.30 -35.81 -14.09
C THR C 1087 -44.32 -34.83 -13.44
N ASN C 1088 -43.44 -34.24 -14.24
CA ASN C 1088 -42.45 -33.29 -13.77
C ASN C 1088 -42.75 -31.87 -14.24
N ALA C 1089 -44.02 -31.51 -14.34
CA ALA C 1089 -44.43 -30.18 -14.77
C ALA C 1089 -45.51 -29.55 -13.90
N ALA C 1090 -46.12 -30.28 -12.99
CA ALA C 1090 -47.17 -29.76 -12.13
C ALA C 1090 -46.82 -29.85 -10.65
N LEU C 1091 -46.22 -30.95 -10.21
CA LEU C 1091 -45.89 -31.16 -8.80
C LEU C 1091 -44.43 -30.84 -8.49
N ARG C 1092 -43.73 -30.18 -9.41
CA ARG C 1092 -42.33 -29.83 -9.22
C ARG C 1092 -42.06 -28.34 -9.30
N ASN C 1093 -43.08 -27.51 -9.51
CA ASN C 1093 -42.92 -26.08 -9.64
C ASN C 1093 -43.44 -25.32 -8.42
N LEU C 1094 -43.31 -25.91 -7.22
CA LEU C 1094 -43.83 -25.31 -6.00
C LEU C 1094 -42.80 -25.14 -4.90
N CYS C 1095 -41.63 -25.76 -5.00
CA CYS C 1095 -40.63 -25.71 -3.93
C CYS C 1095 -39.65 -24.56 -4.16
N PHE C 1096 -38.84 -24.67 -5.22
CA PHE C 1096 -37.93 -23.58 -5.58
C PHE C 1096 -37.82 -23.40 -7.09
N TYR C 1097 -38.71 -23.99 -7.88
CA TYR C 1097 -38.61 -23.93 -9.33
C TYR C 1097 -39.03 -22.55 -9.82
N SER C 1098 -38.13 -21.87 -10.53
CA SER C 1098 -38.42 -20.57 -11.12
C SER C 1098 -39.23 -20.79 -12.40
N GLU C 1099 -40.55 -20.96 -12.21
CA GLU C 1099 -41.43 -21.24 -13.35
C GLU C 1099 -41.61 -20.03 -14.23
N ASP C 1100 -41.55 -18.82 -13.67
CA ASP C 1100 -41.77 -17.59 -14.41
C ASP C 1100 -40.53 -17.10 -15.16
N SER C 1101 -39.54 -17.97 -15.38
CA SER C 1101 -38.36 -17.56 -16.13
C SER C 1101 -38.67 -17.54 -17.63
N PRO C 1102 -38.19 -16.52 -18.35
CA PRO C 1102 -38.51 -16.41 -19.79
C PRO C 1102 -37.76 -17.45 -20.61
N THR C 1103 -38.52 -18.36 -21.22
CA THR C 1103 -37.93 -19.37 -22.10
C THR C 1103 -38.64 -19.38 -23.46
N GLU C 1104 -39.94 -19.09 -23.45
CA GLU C 1104 -40.72 -19.01 -24.68
C GLU C 1104 -41.62 -17.78 -24.61
N PHE C 1105 -41.56 -16.94 -25.64
CA PHE C 1105 -42.32 -15.71 -25.67
C PHE C 1105 -43.24 -15.68 -26.88
N THR C 1106 -44.21 -14.78 -26.82
CA THR C 1106 -45.15 -14.53 -27.92
C THR C 1106 -44.97 -13.10 -28.42
N SER C 1107 -45.76 -12.73 -29.42
CA SER C 1107 -45.67 -11.41 -30.01
C SER C 1107 -46.31 -10.33 -29.15
N ILE C 1108 -46.85 -10.69 -27.99
CA ILE C 1108 -47.49 -9.71 -27.10
C ILE C 1108 -46.95 -9.75 -25.68
N SER C 1109 -46.27 -10.81 -25.25
CA SER C 1109 -45.77 -10.91 -23.89
C SER C 1109 -44.46 -11.69 -23.92
N SER C 1110 -43.98 -12.07 -22.73
CA SER C 1110 -42.72 -12.80 -22.62
C SER C 1110 -42.79 -13.93 -21.60
N ASN C 1111 -43.99 -14.44 -21.32
CA ASN C 1111 -44.24 -15.50 -20.34
C ASN C 1111 -43.82 -15.09 -18.92
N SER C 1112 -43.53 -13.81 -18.70
CA SER C 1112 -43.14 -13.33 -17.37
C SER C 1112 -43.78 -11.98 -17.07
N GLY C 1113 -44.95 -11.71 -17.65
CA GLY C 1113 -45.66 -10.47 -17.45
C GLY C 1113 -46.03 -9.85 -18.78
N ASN C 1114 -46.52 -8.60 -18.72
CA ASN C 1114 -46.93 -7.88 -19.92
C ASN C 1114 -46.41 -6.45 -19.90
N LEU C 1115 -45.24 -6.23 -19.31
CA LEU C 1115 -44.60 -4.92 -19.24
C LEU C 1115 -45.51 -3.90 -18.55
N LYS C 1116 -45.81 -4.17 -17.28
CA LYS C 1116 -46.69 -3.32 -16.51
C LYS C 1116 -46.00 -1.99 -16.17
N PHE C 1117 -46.81 -0.93 -16.09
CA PHE C 1117 -46.29 0.39 -15.77
C PHE C 1117 -47.12 1.07 -14.70
N GLY C 1118 -46.73 2.28 -14.31
CA GLY C 1118 -47.44 3.05 -13.32
C GLY C 1118 -47.40 4.53 -13.66
N LEU C 1119 -48.55 5.18 -13.51
CA LEU C 1119 -48.75 6.56 -13.93
C LEU C 1119 -48.55 7.51 -12.76
N SER C 1120 -47.96 8.67 -13.04
CA SER C 1120 -47.77 9.71 -12.03
C SER C 1120 -47.52 11.02 -12.74
N TYR C 1121 -47.40 12.09 -11.96
CA TYR C 1121 -47.16 13.42 -12.49
C TYR C 1121 -45.86 13.98 -11.94
N LYS C 1122 -45.32 14.96 -12.66
CA LYS C 1122 -44.10 15.64 -12.28
C LYS C 1122 -44.35 17.14 -12.29
N GLU C 1123 -43.78 17.83 -11.30
CA GLU C 1123 -44.08 19.24 -11.09
C GLU C 1123 -43.26 20.11 -12.03
N GLN C 1124 -43.94 21.05 -12.68
CA GLN C 1124 -43.29 22.01 -13.56
C GLN C 1124 -43.87 23.39 -13.28
N VAL C 1125 -43.34 24.40 -13.97
CA VAL C 1125 -43.78 25.77 -13.75
C VAL C 1125 -45.16 25.99 -14.36
N GLY C 1126 -45.28 25.80 -15.67
CA GLY C 1126 -46.53 26.02 -16.36
C GLY C 1126 -47.58 24.99 -16.05
N SER C 1127 -47.35 23.75 -16.48
CA SER C 1127 -48.29 22.66 -16.24
C SER C 1127 -47.50 21.40 -15.91
N ASN C 1128 -48.12 20.52 -15.13
CA ASN C 1128 -47.46 19.28 -14.72
C ASN C 1128 -47.24 18.38 -15.92
N ARG C 1129 -46.13 17.64 -15.88
CA ARG C 1129 -45.76 16.70 -16.92
C ARG C 1129 -46.13 15.29 -16.52
N GLU C 1130 -46.24 14.41 -17.51
CA GLU C 1130 -46.52 13.01 -17.23
C GLU C 1130 -45.29 12.30 -16.70
N LEU C 1131 -45.49 11.11 -16.15
CA LEU C 1131 -44.39 10.28 -15.67
C LEU C 1131 -44.84 8.83 -15.63
N TYR C 1132 -44.01 7.95 -16.17
CA TYR C 1132 -44.28 6.51 -16.20
C TYR C 1132 -43.12 5.79 -15.53
N VAL C 1133 -43.43 5.00 -14.50
CA VAL C 1133 -42.42 4.20 -13.80
C VAL C 1133 -42.78 2.74 -14.00
N GLY C 1134 -41.77 1.93 -14.36
CA GLY C 1134 -42.00 0.55 -14.73
C GLY C 1134 -41.45 -0.45 -13.72
N ASP C 1135 -41.83 -1.70 -13.94
CA ASP C 1135 -41.27 -2.82 -13.19
C ASP C 1135 -39.84 -3.05 -13.62
N LEU C 1136 -39.16 -4.02 -12.98
CA LEU C 1136 -37.74 -4.23 -13.24
C LEU C 1136 -37.52 -4.84 -14.61
N ASN C 1137 -38.36 -5.79 -15.03
CA ASN C 1137 -38.17 -6.43 -16.33
C ASN C 1137 -38.38 -5.44 -17.47
N THR C 1138 -39.51 -4.72 -17.46
CA THR C 1138 -39.75 -3.72 -18.48
C THR C 1138 -38.72 -2.59 -18.39
N LYS C 1139 -38.21 -2.31 -17.19
CA LYS C 1139 -37.14 -1.33 -17.07
C LYS C 1139 -35.88 -1.79 -17.80
N LEU C 1140 -35.52 -3.07 -17.65
CA LEU C 1140 -34.35 -3.59 -18.35
C LEU C 1140 -34.58 -3.59 -19.86
N MET C 1141 -35.79 -3.94 -20.31
CA MET C 1141 -36.08 -3.92 -21.73
C MET C 1141 -35.99 -2.50 -22.31
N THR C 1142 -36.59 -1.53 -21.61
CA THR C 1142 -36.49 -0.14 -22.04
C THR C 1142 -35.04 0.33 -22.01
N ARG C 1143 -34.25 -0.15 -21.05
CA ARG C 1143 -32.84 0.22 -20.99
C ARG C 1143 -32.08 -0.30 -22.19
N LEU C 1144 -32.32 -1.56 -22.56
CA LEU C 1144 -31.68 -2.11 -23.74
C LEU C 1144 -32.09 -1.34 -25.00
N VAL C 1145 -33.38 -1.06 -25.14
CA VAL C 1145 -33.86 -0.33 -26.32
C VAL C 1145 -33.24 1.05 -26.39
N GLU C 1146 -33.20 1.76 -25.26
CA GLU C 1146 -32.66 3.11 -25.27
C GLU C 1146 -31.15 3.12 -25.46
N ASP C 1147 -30.45 2.07 -25.00
CA ASP C 1147 -29.02 1.98 -25.28
C ASP C 1147 -28.77 1.77 -26.76
N PHE C 1148 -29.53 0.87 -27.38
CA PHE C 1148 -29.40 0.66 -28.82
C PHE C 1148 -29.68 1.95 -29.59
N SER C 1149 -30.78 2.62 -29.26
CA SER C 1149 -31.16 3.83 -29.98
C SER C 1149 -30.18 4.98 -29.73
N GLU C 1150 -29.62 5.07 -28.51
CA GLU C 1150 -28.66 6.13 -28.24
C GLU C 1150 -27.34 5.87 -28.92
N ALA C 1151 -26.97 4.59 -29.09
CA ALA C 1151 -25.79 4.28 -29.91
C ALA C 1151 -26.03 4.68 -31.36
N VAL C 1152 -27.21 4.35 -31.89
CA VAL C 1152 -27.54 4.73 -33.26
C VAL C 1152 -27.53 6.25 -33.41
N GLY C 1153 -28.01 6.97 -32.40
CA GLY C 1153 -28.02 8.41 -32.47
C GLY C 1153 -26.64 9.03 -32.34
N ASN C 1154 -25.80 8.45 -31.47
CA ASN C 1154 -24.42 8.92 -31.37
C ASN C 1154 -23.66 8.66 -32.65
N SER C 1155 -24.04 7.62 -33.41
CA SER C 1155 -23.47 7.44 -34.73
C SER C 1155 -23.91 8.56 -35.68
N MET C 1156 -25.04 9.20 -35.39
CA MET C 1156 -25.53 10.30 -36.21
C MET C 1156 -24.82 11.59 -35.82
N LYS C 1157 -25.13 12.67 -36.55
CA LYS C 1157 -24.44 13.94 -36.36
C LYS C 1157 -25.35 15.07 -35.91
N TYR C 1158 -26.45 15.31 -36.64
CA TYR C 1158 -27.19 16.55 -36.46
C TYR C 1158 -27.98 16.60 -35.16
N THR C 1159 -28.38 15.45 -34.61
CA THR C 1159 -29.17 15.45 -33.39
C THR C 1159 -28.32 15.91 -32.20
N CYS C 1160 -28.92 16.73 -31.33
CA CYS C 1160 -28.24 17.27 -30.15
C CYS C 1160 -29.13 17.07 -28.92
N LEU C 1161 -29.01 15.91 -28.30
CA LEU C 1161 -29.68 15.61 -27.04
C LEU C 1161 -28.71 15.12 -25.97
N ASN C 1162 -27.69 14.36 -26.35
CA ASN C 1162 -26.65 13.89 -25.45
C ASN C 1162 -25.27 14.21 -26.01
N SER C 1163 -25.18 15.34 -26.70
CA SER C 1163 -23.91 15.76 -27.32
C SER C 1163 -23.83 17.28 -27.20
N GLU C 1164 -22.96 17.76 -26.32
CA GLU C 1164 -22.85 19.20 -26.11
C GLU C 1164 -22.13 19.89 -27.26
N LYS C 1165 -21.30 19.15 -28.00
CA LYS C 1165 -20.60 19.74 -29.14
C LYS C 1165 -21.58 20.18 -30.22
N GLU C 1166 -22.52 19.30 -30.57
CA GLU C 1166 -23.53 19.67 -31.56
C GLU C 1166 -24.45 20.76 -31.02
N PHE C 1167 -24.66 20.80 -29.70
CA PHE C 1167 -25.45 21.87 -29.11
C PHE C 1167 -24.75 23.22 -29.28
N GLU C 1168 -23.44 23.26 -29.02
CA GLU C 1168 -22.68 24.49 -29.24
C GLU C 1168 -22.66 24.86 -30.72
N ARG C 1169 -22.57 23.86 -31.60
CA ARG C 1169 -22.59 24.15 -33.03
C ARG C 1169 -23.92 24.78 -33.44
N ALA C 1170 -25.03 24.22 -32.96
CA ALA C 1170 -26.33 24.82 -33.25
C ALA C 1170 -26.42 26.23 -32.68
N ILE C 1171 -25.86 26.44 -31.48
CA ILE C 1171 -25.90 27.76 -30.86
C ILE C 1171 -25.18 28.79 -31.74
N CYS C 1172 -23.95 28.46 -32.16
CA CYS C 1172 -23.19 29.43 -32.94
C CYS C 1172 -23.79 29.62 -34.33
N ASP C 1173 -24.36 28.56 -34.93
CA ASP C 1173 -25.04 28.72 -36.21
C ASP C 1173 -26.24 29.65 -36.08
N MET C 1174 -27.03 29.47 -35.01
CA MET C 1174 -28.19 30.34 -34.79
C MET C 1174 -27.75 31.78 -34.55
N LYS C 1175 -26.67 31.97 -33.79
CA LYS C 1175 -26.17 33.32 -33.55
C LYS C 1175 -25.72 33.98 -34.84
N MET C 1176 -24.98 33.25 -35.67
CA MET C 1176 -24.52 33.81 -36.94
C MET C 1176 -25.69 34.12 -37.87
N ALA C 1177 -26.72 33.26 -37.88
CA ALA C 1177 -27.88 33.52 -38.72
C ALA C 1177 -28.64 34.75 -38.25
N VAL C 1178 -28.81 34.91 -36.94
CA VAL C 1178 -29.48 36.10 -36.42
C VAL C 1178 -28.66 37.36 -36.72
N ASN C 1179 -27.33 37.26 -36.65
CA ASN C 1179 -26.50 38.42 -36.95
C ASN C 1179 -26.49 38.73 -38.44
N ASN C 1180 -26.71 37.74 -39.29
CA ASN C 1180 -26.74 37.95 -40.73
C ASN C 1180 -28.13 38.21 -41.28
N GLY C 1181 -29.17 37.65 -40.66
CA GLY C 1181 -30.53 37.91 -41.10
C GLY C 1181 -31.16 36.79 -41.90
N ASP C 1182 -30.95 35.55 -41.47
CA ASP C 1182 -31.58 34.41 -42.12
C ASP C 1182 -32.94 34.12 -41.49
N LEU C 1183 -33.68 33.22 -42.12
CA LEU C 1183 -35.02 32.88 -41.65
C LEU C 1183 -34.90 31.84 -40.53
N SER C 1184 -35.15 32.27 -39.29
CA SER C 1184 -35.11 31.39 -38.14
C SER C 1184 -36.52 30.98 -37.78
N CYS C 1185 -36.75 29.67 -37.68
CA CYS C 1185 -38.06 29.13 -37.34
C CYS C 1185 -37.91 28.18 -36.17
N SER C 1186 -38.51 28.55 -35.03
CA SER C 1186 -38.53 27.70 -33.84
C SER C 1186 -39.85 26.95 -33.81
N TYR C 1187 -39.81 25.64 -33.98
CA TYR C 1187 -41.00 24.80 -34.06
C TYR C 1187 -41.12 23.97 -32.79
N ASP C 1188 -42.10 24.31 -31.96
CA ASP C 1188 -42.49 23.47 -30.84
C ASP C 1188 -43.68 22.62 -31.26
N HIS C 1189 -43.67 21.34 -30.87
CA HIS C 1189 -44.72 20.40 -31.23
C HIS C 1189 -45.59 20.06 -30.03
N SER C 1190 -46.89 19.99 -30.26
CA SER C 1190 -47.86 19.74 -29.21
C SER C 1190 -48.15 18.25 -29.11
N LYS C 1191 -48.28 17.76 -27.88
CA LYS C 1191 -48.60 16.36 -27.63
C LYS C 1191 -47.64 15.42 -28.35
N TRP C 1192 -46.36 15.55 -27.99
CA TRP C 1192 -45.36 14.65 -28.56
C TRP C 1192 -45.42 13.27 -27.91
N GLY C 1193 -45.63 13.22 -26.60
CA GLY C 1193 -45.70 11.99 -25.86
C GLY C 1193 -46.96 11.17 -26.15
N PRO C 1194 -48.12 11.69 -25.76
CA PRO C 1194 -49.36 10.88 -25.86
C PRO C 1194 -49.84 10.62 -27.28
N THR C 1195 -49.11 11.04 -28.31
CA THR C 1195 -49.53 10.82 -29.69
C THR C 1195 -48.73 9.75 -30.40
N MET C 1196 -47.41 9.68 -30.16
CA MET C 1196 -46.59 8.68 -30.82
C MET C 1196 -47.00 7.27 -30.40
N SER C 1197 -46.67 6.30 -31.24
CA SER C 1197 -47.03 4.91 -31.02
C SER C 1197 -45.84 4.03 -31.37
N PRO C 1198 -45.64 2.93 -30.64
CA PRO C 1198 -44.54 2.01 -30.97
C PRO C 1198 -44.65 1.38 -32.34
N ALA C 1199 -45.86 1.33 -32.92
CA ALA C 1199 -46.01 0.75 -34.26
C ALA C 1199 -45.28 1.57 -35.31
N LEU C 1200 -45.21 2.89 -35.14
CA LEU C 1200 -44.47 3.73 -36.07
C LEU C 1200 -42.99 3.38 -36.05
N PHE C 1201 -42.41 3.26 -34.86
CA PHE C 1201 -41.01 2.86 -34.75
C PHE C 1201 -40.79 1.45 -35.28
N LEU C 1202 -41.77 0.56 -35.05
CA LEU C 1202 -41.68 -0.79 -35.61
C LEU C 1202 -41.58 -0.76 -37.12
N ALA C 1203 -42.49 -0.03 -37.77
CA ALA C 1203 -42.46 0.09 -39.23
C ALA C 1203 -41.16 0.73 -39.70
N LEU C 1204 -40.70 1.77 -39.00
CA LEU C 1204 -39.46 2.43 -39.37
C LEU C 1204 -38.28 1.47 -39.34
N LEU C 1205 -38.13 0.73 -38.24
CA LEU C 1205 -37.01 -0.21 -38.12
C LEU C 1205 -37.14 -1.37 -39.08
N GLN C 1206 -38.39 -1.74 -39.43
CA GLN C 1206 -38.59 -2.75 -40.47
C GLN C 1206 -38.13 -2.24 -41.83
N MET C 1207 -38.32 -0.95 -42.10
CA MET C 1207 -37.98 -0.38 -43.40
C MET C 1207 -36.52 0.01 -43.54
N LEU C 1208 -35.77 0.07 -42.44
CA LEU C 1208 -34.38 0.48 -42.48
C LEU C 1208 -33.46 -0.72 -42.77
N GLU C 1209 -32.18 -0.45 -42.93
CA GLU C 1209 -31.21 -1.51 -43.20
C GLU C 1209 -30.07 -1.54 -42.19
N LEU C 1210 -29.65 -0.40 -41.67
CA LEU C 1210 -28.59 -0.29 -40.65
C LEU C 1210 -27.32 -1.03 -41.10
N ARG C 1211 -26.74 -0.52 -42.17
CA ARG C 1211 -25.56 -1.14 -42.76
C ARG C 1211 -24.35 -0.99 -41.84
N THR C 1212 -23.58 -2.07 -41.71
CA THR C 1212 -22.37 -2.06 -40.91
C THR C 1212 -21.32 -1.16 -41.56
N PRO C 1213 -20.34 -0.67 -40.77
CA PRO C 1213 -19.34 0.24 -41.33
C PRO C 1213 -18.38 -0.44 -42.31
N VAL C 1214 -17.89 -1.63 -41.95
CA VAL C 1214 -16.89 -2.33 -42.75
C VAL C 1214 -17.38 -3.65 -43.29
N ASP C 1215 -18.49 -4.19 -42.80
CA ASP C 1215 -19.02 -5.46 -43.28
C ASP C 1215 -20.10 -5.31 -44.34
N ARG C 1216 -20.91 -4.25 -44.28
CA ARG C 1216 -22.06 -4.06 -45.16
C ARG C 1216 -22.95 -5.30 -45.13
N SER C 1217 -23.45 -5.60 -43.93
CA SER C 1217 -24.13 -6.86 -43.66
C SER C 1217 -25.64 -6.73 -43.47
N LYS C 1218 -26.18 -5.51 -43.38
CA LYS C 1218 -27.61 -5.30 -43.19
C LYS C 1218 -28.11 -5.99 -41.93
N ILE C 1219 -27.61 -5.51 -40.78
CA ILE C 1219 -27.91 -6.09 -39.49
C ILE C 1219 -29.40 -6.37 -39.35
N ASP C 1220 -29.73 -7.56 -38.88
CA ASP C 1220 -31.13 -7.94 -38.66
C ASP C 1220 -31.59 -7.41 -37.31
N LEU C 1221 -32.58 -6.52 -37.34
CA LEU C 1221 -33.12 -5.91 -36.12
C LEU C 1221 -34.30 -6.72 -35.60
N ASP C 1222 -34.03 -8.00 -35.33
CA ASP C 1222 -35.09 -8.93 -34.93
C ASP C 1222 -35.46 -8.74 -33.46
N SER C 1223 -34.45 -8.72 -32.58
CA SER C 1223 -34.72 -8.56 -31.15
C SER C 1223 -35.32 -7.20 -30.86
N VAL C 1224 -34.85 -6.16 -31.54
CA VAL C 1224 -35.39 -4.81 -31.31
C VAL C 1224 -36.87 -4.77 -31.69
N LYS C 1225 -37.22 -5.36 -32.84
CA LYS C 1225 -38.62 -5.43 -33.23
C LYS C 1225 -39.44 -6.26 -32.26
N SER C 1226 -38.85 -7.32 -31.70
CA SER C 1226 -39.58 -8.10 -30.71
C SER C 1226 -39.86 -7.29 -29.45
N ILE C 1227 -38.87 -6.54 -28.96
CA ILE C 1227 -39.08 -5.72 -27.77
C ILE C 1227 -40.08 -4.61 -28.06
N LEU C 1228 -40.07 -4.07 -29.28
CA LEU C 1228 -41.02 -3.03 -29.63
C LEU C 1228 -42.44 -3.59 -29.72
N LYS C 1229 -42.58 -4.81 -30.24
CA LYS C 1229 -43.89 -5.47 -30.24
C LYS C 1229 -44.36 -5.73 -28.82
N TRP C 1230 -43.44 -6.05 -27.92
CA TRP C 1230 -43.79 -6.19 -26.51
C TRP C 1230 -44.28 -4.86 -25.94
N HIS C 1231 -43.57 -3.78 -26.24
CA HIS C 1231 -43.96 -2.46 -25.74
C HIS C 1231 -45.30 -2.02 -26.30
N LEU C 1232 -45.62 -2.42 -27.53
CA LEU C 1232 -46.90 -2.03 -28.14
C LEU C 1232 -48.08 -2.55 -27.34
N HIS C 1233 -47.91 -3.63 -26.60
CA HIS C 1233 -48.96 -4.24 -25.78
C HIS C 1233 -48.70 -4.06 -24.29
N LYS C 1234 -48.15 -2.92 -23.91
CA LYS C 1234 -47.89 -2.66 -22.51
C LYS C 1234 -49.18 -2.32 -21.77
N VAL C 1235 -49.18 -2.55 -20.46
CA VAL C 1235 -50.33 -2.33 -19.60
C VAL C 1235 -50.02 -1.20 -18.65
N VAL C 1236 -50.82 -0.13 -18.71
CA VAL C 1236 -50.68 1.02 -17.83
C VAL C 1236 -51.75 0.92 -16.76
N GLU C 1237 -51.32 0.92 -15.49
CA GLU C 1237 -52.22 0.79 -14.35
C GLU C 1237 -52.60 2.17 -13.84
N VAL C 1238 -53.89 2.35 -13.57
CA VAL C 1238 -54.42 3.64 -13.13
C VAL C 1238 -54.17 3.82 -11.63
N PRO C 1239 -54.00 5.04 -11.15
CA PRO C 1239 -53.84 5.24 -9.71
C PRO C 1239 -55.10 4.87 -8.94
N ILE C 1240 -54.89 4.33 -7.73
CA ILE C 1240 -56.03 3.92 -6.92
C ILE C 1240 -56.77 5.13 -6.36
N ASN C 1241 -56.09 6.27 -6.22
CA ASN C 1241 -56.74 7.46 -5.67
C ASN C 1241 -57.82 7.98 -6.61
N VAL C 1242 -57.52 8.05 -7.91
CA VAL C 1242 -58.52 8.49 -8.88
C VAL C 1242 -59.68 7.49 -8.92
N ALA C 1243 -59.37 6.20 -8.79
CA ALA C 1243 -60.42 5.19 -8.78
C ALA C 1243 -61.37 5.38 -7.60
N GLU C 1244 -60.81 5.60 -6.41
CA GLU C 1244 -61.65 5.83 -5.24
C GLU C 1244 -62.44 7.13 -5.37
N ALA C 1245 -61.81 8.17 -5.92
CA ALA C 1245 -62.50 9.45 -6.08
C ALA C 1245 -63.66 9.34 -7.06
N TYR C 1246 -63.51 8.54 -8.11
CA TYR C 1246 -64.60 8.35 -9.07
C TYR C 1246 -65.62 7.33 -8.59
N CYS C 1247 -65.26 6.45 -7.65
CA CYS C 1247 -66.20 5.46 -7.16
C CYS C 1247 -67.08 6.04 -6.06
N ILE C 1248 -66.48 6.77 -5.11
CA ILE C 1248 -67.25 7.36 -4.02
C ILE C 1248 -68.19 8.43 -4.54
N GLY C 1249 -67.64 9.46 -5.18
CA GLY C 1249 -68.44 10.53 -5.73
C GLY C 1249 -69.06 11.42 -4.67
N SER C 1262 -70.46 19.63 -12.29
CA SER C 1262 -69.14 19.21 -12.74
C SER C 1262 -69.25 18.11 -13.79
N THR C 1263 -68.73 18.37 -14.98
CA THR C 1263 -68.73 17.42 -16.09
C THR C 1263 -67.31 17.16 -16.54
N SER C 1264 -66.97 15.88 -16.70
CA SER C 1264 -65.62 15.48 -17.09
C SER C 1264 -65.71 14.29 -18.04
N LEU C 1265 -64.95 14.35 -19.14
CA LEU C 1265 -65.00 13.29 -20.13
C LEU C 1265 -64.38 12.01 -19.60
N SER C 1266 -63.24 12.10 -18.93
CA SER C 1266 -62.63 10.90 -18.36
C SER C 1266 -63.45 10.33 -17.21
N GLU C 1267 -64.09 11.20 -16.42
CA GLU C 1267 -65.01 10.71 -15.41
C GLU C 1267 -66.22 10.02 -16.05
N GLU C 1268 -66.68 10.55 -17.19
CA GLU C 1268 -67.76 9.89 -17.91
C GLU C 1268 -67.33 8.52 -18.42
N PHE C 1269 -66.09 8.40 -18.91
CA PHE C 1269 -65.58 7.11 -19.36
C PHE C 1269 -65.43 6.15 -18.18
N PHE C 1270 -65.00 6.66 -17.03
CA PHE C 1270 -64.88 5.82 -15.85
C PHE C 1270 -66.23 5.29 -15.40
N HIS C 1271 -67.24 6.16 -15.36
CA HIS C 1271 -68.57 5.72 -14.95
C HIS C 1271 -69.23 4.83 -16.01
N GLN C 1272 -68.84 5.00 -17.27
CA GLN C 1272 -69.37 4.14 -18.32
C GLN C 1272 -68.71 2.77 -18.32
N THR C 1273 -67.45 2.69 -17.91
CA THR C 1273 -66.73 1.43 -17.78
C THR C 1273 -66.68 0.94 -16.34
N MET C 1274 -67.48 1.53 -15.45
CA MET C 1274 -67.48 1.11 -14.06
C MET C 1274 -68.08 -0.28 -13.90
N GLN C 1275 -69.34 -0.44 -14.28
CA GLN C 1275 -69.99 -1.74 -14.18
C GLN C 1275 -70.88 -2.06 -15.39
N LEU C 1276 -70.77 -1.31 -16.48
CA LEU C 1276 -71.60 -1.58 -17.65
C LEU C 1276 -71.04 -2.72 -18.49
N ASN C 1277 -69.81 -2.57 -18.98
CA ASN C 1277 -69.20 -3.62 -19.79
C ASN C 1277 -68.46 -4.63 -18.93
N GLY C 1278 -67.67 -4.15 -17.97
CA GLY C 1278 -66.93 -5.03 -17.08
C GLY C 1278 -66.91 -4.55 -15.65
N GLN C 1279 -65.73 -4.56 -15.04
CA GLN C 1279 -65.54 -4.11 -13.67
C GLN C 1279 -64.86 -2.74 -13.67
N ILE C 1280 -64.55 -2.26 -12.47
CA ILE C 1280 -63.93 -0.95 -12.32
C ILE C 1280 -62.59 -0.93 -13.06
N PRO C 1281 -62.31 0.07 -13.90
CA PRO C 1281 -61.08 0.05 -14.69
C PRO C 1281 -59.84 0.22 -13.81
N SER C 1282 -58.90 -0.71 -13.95
CA SER C 1282 -57.63 -0.64 -13.25
C SER C 1282 -56.43 -0.88 -14.16
N HIS C 1283 -56.63 -1.39 -15.38
CA HIS C 1283 -55.55 -1.62 -16.33
C HIS C 1283 -56.00 -1.14 -17.69
N ILE C 1284 -55.20 -0.28 -18.31
CA ILE C 1284 -55.55 0.34 -19.59
C ILE C 1284 -54.44 0.08 -20.58
N MET C 1285 -54.76 -0.61 -21.67
CA MET C 1285 -53.85 -0.82 -22.79
C MET C 1285 -54.42 -0.14 -24.03
N SER C 1286 -53.55 0.40 -24.87
CA SER C 1286 -53.98 1.08 -26.08
C SER C 1286 -52.86 1.00 -27.12
N VAL C 1287 -53.09 1.66 -28.26
CA VAL C 1287 -52.13 1.62 -29.35
C VAL C 1287 -51.07 2.70 -29.17
N LEU C 1288 -51.50 3.95 -29.07
CA LEU C 1288 -50.60 5.10 -29.05
C LEU C 1288 -50.48 5.63 -27.63
N ASP C 1289 -49.41 5.21 -26.94
CA ASP C 1289 -49.09 5.78 -25.63
C ASP C 1289 -47.73 6.47 -25.63
N MET C 1290 -46.66 5.75 -25.95
CA MET C 1290 -45.29 6.26 -25.97
C MET C 1290 -45.00 7.09 -24.71
N GLY C 1291 -44.97 6.39 -23.57
CA GLY C 1291 -44.75 7.01 -22.29
C GLY C 1291 -43.62 8.03 -22.25
N GLN C 1292 -43.90 9.21 -21.72
CA GLN C 1292 -42.92 10.29 -21.71
C GLN C 1292 -41.73 9.90 -20.84
N GLY C 1293 -40.55 9.84 -21.45
CA GLY C 1293 -39.36 9.41 -20.75
C GLY C 1293 -39.06 7.94 -20.84
N ILE C 1294 -39.54 7.27 -21.89
CA ILE C 1294 -39.34 5.84 -22.05
C ILE C 1294 -38.62 5.58 -23.38
N LEU C 1295 -39.23 6.01 -24.47
CA LEU C 1295 -38.67 5.84 -25.82
C LEU C 1295 -38.09 7.14 -26.36
N HIS C 1296 -37.41 7.90 -25.50
CA HIS C 1296 -36.93 9.24 -25.86
C HIS C 1296 -35.96 9.17 -27.03
N ASN C 1297 -35.02 8.23 -27.00
CA ASN C 1297 -33.99 8.18 -28.03
C ASN C 1297 -34.56 7.73 -29.38
N THR C 1298 -35.46 6.74 -29.36
CA THR C 1298 -36.08 6.30 -30.61
C THR C 1298 -36.91 7.42 -31.23
N SER C 1299 -37.68 8.13 -30.39
CA SER C 1299 -38.44 9.27 -30.88
C SER C 1299 -37.53 10.35 -31.43
N ASP C 1300 -36.39 10.59 -30.76
CA ASP C 1300 -35.43 11.56 -31.25
C ASP C 1300 -34.90 11.20 -32.62
N LEU C 1301 -34.51 9.94 -32.81
CA LEU C 1301 -33.95 9.52 -34.09
C LEU C 1301 -35.01 9.58 -35.18
N TYR C 1302 -36.25 9.16 -34.87
CA TYR C 1302 -37.33 9.23 -35.84
C TYR C 1302 -37.59 10.68 -36.25
N GLY C 1303 -37.69 11.57 -35.27
CA GLY C 1303 -37.87 12.98 -35.59
C GLY C 1303 -36.73 13.55 -36.40
N LEU C 1304 -35.51 13.10 -36.10
CA LEU C 1304 -34.35 13.57 -36.86
C LEU C 1304 -34.43 13.16 -38.32
N ILE C 1305 -34.73 11.89 -38.59
CA ILE C 1305 -34.80 11.44 -39.98
C ILE C 1305 -35.98 12.09 -40.70
N THR C 1306 -37.12 12.26 -40.01
CA THR C 1306 -38.25 12.92 -40.65
C THR C 1306 -37.93 14.37 -40.97
N GLU C 1307 -37.24 15.07 -40.07
CA GLU C 1307 -36.87 16.45 -40.34
C GLU C 1307 -35.82 16.55 -41.45
N GLN C 1308 -34.93 15.56 -41.55
CA GLN C 1308 -33.99 15.54 -42.67
C GLN C 1308 -34.71 15.36 -43.99
N PHE C 1309 -35.68 14.44 -44.03
CA PHE C 1309 -36.49 14.28 -45.23
C PHE C 1309 -37.24 15.56 -45.57
N LEU C 1310 -37.78 16.23 -44.56
CA LEU C 1310 -38.52 17.47 -44.79
C LEU C 1310 -37.60 18.57 -45.30
N CYS C 1311 -36.40 18.71 -44.74
CA CYS C 1311 -35.50 19.77 -45.20
C CYS C 1311 -35.00 19.47 -46.61
N TYR C 1312 -34.80 18.19 -46.93
CA TYR C 1312 -34.48 17.82 -48.31
C TYR C 1312 -35.61 18.23 -49.25
N ALA C 1313 -36.85 17.91 -48.87
CA ALA C 1313 -37.99 18.27 -49.72
C ALA C 1313 -38.09 19.78 -49.92
N LEU C 1314 -37.89 20.55 -48.84
CA LEU C 1314 -37.94 22.01 -48.95
C LEU C 1314 -36.80 22.54 -49.82
N ASP C 1315 -35.60 21.98 -49.66
CA ASP C 1315 -34.48 22.38 -50.50
C ASP C 1315 -34.76 22.11 -51.98
N LEU C 1316 -35.39 20.97 -52.28
CA LEU C 1316 -35.66 20.62 -53.67
C LEU C 1316 -36.81 21.43 -54.24
N LEU C 1317 -37.78 21.83 -53.41
CA LEU C 1317 -38.96 22.51 -53.92
C LEU C 1317 -38.78 24.02 -54.00
N TYR C 1318 -38.32 24.66 -52.92
CA TYR C 1318 -38.26 26.11 -52.86
C TYR C 1318 -36.83 26.65 -52.98
N ASP C 1319 -35.90 25.84 -53.50
CA ASP C 1319 -34.51 26.22 -53.77
C ASP C 1319 -33.89 27.07 -52.67
N VAL C 1320 -34.15 26.73 -51.42
CA VAL C 1320 -33.56 27.42 -50.28
C VAL C 1320 -32.55 26.48 -49.62
N ILE C 1321 -31.80 27.02 -48.65
CA ILE C 1321 -30.80 26.25 -47.94
C ILE C 1321 -31.25 26.07 -46.50
N PRO C 1322 -31.92 24.96 -46.15
CA PRO C 1322 -32.33 24.75 -44.76
C PRO C 1322 -31.34 23.91 -43.96
N VAL C 1323 -31.18 24.23 -42.68
CA VAL C 1323 -30.42 23.40 -41.74
C VAL C 1323 -31.23 23.32 -40.46
N SER C 1324 -31.45 22.09 -39.99
CA SER C 1324 -32.36 21.83 -38.87
C SER C 1324 -31.63 21.20 -37.71
N TYR C 1325 -31.96 21.63 -36.50
CA TYR C 1325 -31.45 21.02 -35.28
C TYR C 1325 -32.63 20.60 -34.41
N THR C 1326 -32.56 19.39 -33.88
CA THR C 1326 -33.68 18.77 -33.17
C THR C 1326 -33.31 18.47 -31.72
N SER C 1327 -34.35 18.31 -30.90
CA SER C 1327 -34.18 17.95 -29.49
C SER C 1327 -35.24 16.96 -29.02
N SER C 1328 -35.88 16.23 -29.94
CA SER C 1328 -36.88 15.20 -29.67
C SER C 1328 -38.20 15.78 -29.18
N ASP C 1329 -38.22 17.08 -28.91
CA ASP C 1329 -39.46 17.76 -28.56
C ASP C 1329 -39.68 19.02 -29.37
N ASP C 1330 -38.63 19.76 -29.69
CA ASP C 1330 -38.72 20.97 -30.49
C ASP C 1330 -37.53 21.04 -31.42
N GLN C 1331 -37.68 21.83 -32.48
CA GLN C 1331 -36.64 21.97 -33.49
C GLN C 1331 -36.43 23.44 -33.82
N ILE C 1332 -35.29 23.72 -34.44
CA ILE C 1332 -34.97 25.03 -34.96
C ILE C 1332 -34.44 24.88 -36.38
N THR C 1333 -35.02 25.63 -37.31
CA THR C 1333 -34.63 25.56 -38.71
C THR C 1333 -34.11 26.92 -39.14
N LEU C 1334 -32.88 26.93 -39.66
CA LEU C 1334 -32.24 28.12 -40.20
C LEU C 1334 -32.27 28.00 -41.71
N ILE C 1335 -32.99 28.91 -42.37
CA ILE C 1335 -33.19 28.86 -43.81
C ILE C 1335 -32.48 30.07 -44.42
N LYS C 1336 -31.56 29.80 -45.34
CA LYS C 1336 -30.90 30.83 -46.13
C LYS C 1336 -31.59 30.90 -47.48
N THR C 1337 -32.14 32.07 -47.81
CA THR C 1337 -32.88 32.29 -49.05
C THR C 1337 -32.01 33.03 -50.06
N PRO C 1338 -32.23 32.81 -51.36
CA PRO C 1338 -31.47 33.54 -52.37
C PRO C 1338 -31.90 34.99 -52.48
N SER C 1339 -31.28 35.74 -53.40
CA SER C 1339 -31.57 37.15 -53.61
C SER C 1339 -31.43 37.96 -52.33
N ASP C 1347 -40.14 42.05 -47.49
CA ASP C 1347 -39.08 41.22 -48.03
C ASP C 1347 -39.35 39.74 -47.77
N ALA C 1348 -39.79 39.42 -46.55
CA ALA C 1348 -40.08 38.06 -46.15
C ALA C 1348 -41.57 37.76 -46.15
N ALA C 1349 -42.32 38.41 -47.04
CA ALA C 1349 -43.76 38.20 -47.16
C ALA C 1349 -44.12 37.17 -48.21
N GLU C 1350 -43.13 36.59 -48.89
CA GLU C 1350 -43.36 35.60 -49.94
C GLU C 1350 -42.94 34.21 -49.53
N TRP C 1351 -42.89 33.93 -48.22
CA TRP C 1351 -42.50 32.63 -47.70
C TRP C 1351 -43.60 31.98 -46.87
N LEU C 1352 -44.82 32.51 -46.94
CA LEU C 1352 -45.92 31.93 -46.19
C LEU C 1352 -46.32 30.57 -46.77
N GLU C 1353 -46.33 30.47 -48.10
CA GLU C 1353 -46.70 29.21 -48.74
C GLU C 1353 -45.69 28.12 -48.40
N MET C 1354 -44.40 28.47 -48.32
CA MET C 1354 -43.38 27.50 -47.98
C MET C 1354 -43.60 26.93 -46.58
N ILE C 1355 -43.81 27.81 -45.60
CA ILE C 1355 -43.95 27.35 -44.22
C ILE C 1355 -45.27 26.62 -44.01
N CYS C 1356 -46.34 27.03 -44.70
CA CYS C 1356 -47.59 26.29 -44.52
C CYS C 1356 -47.52 24.93 -45.21
N PHE C 1357 -46.83 24.83 -46.35
CA PHE C 1357 -46.62 23.53 -46.96
C PHE C 1357 -45.79 22.63 -46.06
N HIS C 1358 -44.77 23.20 -45.41
CA HIS C 1358 -43.96 22.42 -44.47
C HIS C 1358 -44.82 21.94 -43.29
N GLU C 1359 -45.68 22.82 -42.77
CA GLU C 1359 -46.56 22.43 -41.67
C GLU C 1359 -47.52 21.32 -42.12
N PHE C 1360 -48.03 21.42 -43.34
CA PHE C 1360 -48.93 20.38 -43.84
C PHE C 1360 -48.21 19.05 -43.96
N LEU C 1361 -46.98 19.07 -44.47
CA LEU C 1361 -46.21 17.83 -44.61
C LEU C 1361 -45.88 17.23 -43.25
N SER C 1362 -45.58 18.08 -42.26
CA SER C 1362 -45.30 17.56 -40.92
C SER C 1362 -46.56 16.99 -40.29
N SER C 1363 -47.72 17.62 -40.52
CA SER C 1363 -48.97 17.08 -40.00
C SER C 1363 -49.35 15.78 -40.71
N LYS C 1364 -48.89 15.59 -41.95
CA LYS C 1364 -49.08 14.30 -42.61
C LYS C 1364 -48.35 13.19 -41.85
N LEU C 1365 -47.26 13.53 -41.18
CA LEU C 1365 -46.60 12.62 -40.26
C LEU C 1365 -47.18 12.82 -38.87
N ASN C 1366 -46.62 12.14 -37.87
CA ASN C 1366 -47.03 12.33 -36.47
C ASN C 1366 -46.21 13.42 -35.80
N LYS C 1367 -46.15 14.59 -36.43
CA LYS C 1367 -45.34 15.72 -35.98
C LYS C 1367 -46.16 17.00 -36.00
N PHE C 1368 -47.35 16.94 -35.40
CA PHE C 1368 -48.21 18.12 -35.33
C PHE C 1368 -47.48 19.27 -34.64
N VAL C 1369 -47.53 20.44 -35.26
CA VAL C 1369 -46.83 21.62 -34.77
C VAL C 1369 -47.76 22.40 -33.87
N SER C 1370 -47.21 22.94 -32.78
CA SER C 1370 -47.99 23.71 -31.82
C SER C 1370 -48.15 25.16 -32.30
N PRO C 1371 -49.23 25.83 -31.89
CA PRO C 1371 -49.41 27.24 -32.25
C PRO C 1371 -48.36 28.15 -31.63
N LYS C 1372 -47.53 27.66 -30.71
CA LYS C 1372 -46.48 28.47 -30.12
C LYS C 1372 -45.24 28.56 -30.99
N SER C 1373 -45.18 27.79 -32.08
CA SER C 1373 -44.03 27.86 -32.98
C SER C 1373 -44.03 29.19 -33.72
N VAL C 1374 -42.83 29.76 -33.89
CA VAL C 1374 -42.69 31.10 -34.46
C VAL C 1374 -41.70 31.05 -35.61
N ILE C 1375 -41.90 31.93 -36.58
CA ILE C 1375 -41.03 32.07 -37.75
C ILE C 1375 -40.72 33.54 -37.94
N GLY C 1376 -39.45 33.87 -38.08
CA GLY C 1376 -39.09 35.26 -38.26
C GLY C 1376 -37.64 35.42 -38.64
N THR C 1377 -37.14 36.65 -38.48
CA THR C 1377 -35.74 36.96 -38.75
C THR C 1377 -35.15 37.94 -37.74
N PHE C 1378 -35.69 38.00 -36.53
CA PHE C 1378 -35.22 38.99 -35.56
C PHE C 1378 -34.81 38.35 -34.24
N VAL C 1379 -35.45 37.24 -33.88
CA VAL C 1379 -35.17 36.57 -32.61
C VAL C 1379 -35.32 35.07 -32.80
N ALA C 1380 -34.42 34.31 -32.18
CA ALA C 1380 -34.44 32.86 -32.27
C ALA C 1380 -34.44 32.27 -30.87
N GLU C 1381 -35.01 31.07 -30.74
CA GLU C 1381 -35.11 30.40 -29.46
C GLU C 1381 -34.79 28.93 -29.63
N PHE C 1382 -34.06 28.38 -28.65
CA PHE C 1382 -33.77 26.94 -28.63
C PHE C 1382 -33.39 26.55 -27.21
N LYS C 1383 -34.14 25.63 -26.61
CA LYS C 1383 -33.91 25.16 -25.25
C LYS C 1383 -33.91 26.33 -24.26
N SER C 1384 -34.90 27.21 -24.41
CA SER C 1384 -35.06 28.39 -23.58
C SER C 1384 -33.77 29.21 -23.53
N ARG C 1385 -33.26 29.52 -24.71
CA ARG C 1385 -32.05 30.34 -24.87
C ARG C 1385 -32.29 31.28 -26.04
N PHE C 1386 -32.66 32.52 -25.73
CA PHE C 1386 -33.13 33.48 -26.72
C PHE C 1386 -31.96 34.28 -27.26
N PHE C 1387 -31.81 34.31 -28.58
CA PHE C 1387 -30.76 35.06 -29.25
C PHE C 1387 -31.39 36.15 -30.10
N VAL C 1388 -30.91 37.38 -29.93
CA VAL C 1388 -31.39 38.53 -30.69
C VAL C 1388 -30.17 39.14 -31.39
N MET C 1389 -30.43 40.14 -32.24
CA MET C 1389 -29.38 40.79 -33.01
C MET C 1389 -28.37 41.49 -32.11
N GLY C 1390 -27.14 40.98 -32.07
CA GLY C 1390 -26.07 41.65 -31.36
C GLY C 1390 -25.62 40.99 -30.09
N GLU C 1391 -26.55 40.51 -29.27
CA GLU C 1391 -26.21 39.94 -27.97
C GLU C 1391 -27.25 38.87 -27.62
N GLU C 1392 -27.26 38.47 -26.35
CA GLU C 1392 -28.15 37.46 -25.83
C GLU C 1392 -28.84 37.99 -24.58
N THR C 1393 -30.10 37.60 -24.39
CA THR C 1393 -30.85 38.04 -23.22
C THR C 1393 -30.27 37.41 -21.96
N PRO C 1394 -30.09 38.18 -20.88
CA PRO C 1394 -29.41 37.64 -19.69
C PRO C 1394 -30.26 36.72 -18.84
N LEU C 1395 -31.59 36.92 -18.87
CA LEU C 1395 -32.53 36.14 -18.06
C LEU C 1395 -32.21 36.29 -16.57
N LEU C 1396 -32.34 37.53 -16.08
CA LEU C 1396 -31.99 37.85 -14.71
C LEU C 1396 -32.95 37.20 -13.72
N THR C 1397 -34.25 37.46 -13.88
CA THR C 1397 -35.22 37.08 -12.87
C THR C 1397 -35.32 35.57 -12.71
N LYS C 1398 -35.06 34.81 -13.77
CA LYS C 1398 -35.07 33.35 -13.66
C LYS C 1398 -34.00 32.87 -12.68
N PHE C 1399 -32.77 33.34 -12.87
CA PHE C 1399 -31.69 32.97 -11.96
C PHE C 1399 -31.94 33.52 -10.56
N VAL C 1400 -32.53 34.72 -10.45
CA VAL C 1400 -32.81 35.27 -9.14
C VAL C 1400 -33.80 34.39 -8.38
N ALA C 1401 -34.88 33.98 -9.05
CA ALA C 1401 -35.87 33.12 -8.41
C ALA C 1401 -35.30 31.73 -8.12
N ALA C 1402 -34.41 31.24 -8.98
CA ALA C 1402 -33.76 29.96 -8.70
C ALA C 1402 -32.86 30.05 -7.48
N ALA C 1403 -32.21 31.20 -7.29
CA ALA C 1403 -31.36 31.39 -6.11
C ALA C 1403 -32.20 31.51 -4.85
N LEU C 1404 -33.29 32.27 -4.90
CA LEU C 1404 -34.14 32.43 -3.73
C LEU C 1404 -34.87 31.14 -3.36
N HIS C 1405 -35.08 30.25 -4.32
CA HIS C 1405 -35.77 28.99 -4.09
C HIS C 1405 -34.74 27.90 -3.77
N ASN C 1406 -35.22 26.65 -3.78
CA ASN C 1406 -34.40 25.44 -3.62
C ASN C 1406 -33.38 25.57 -2.49
N VAL C 1407 -33.88 25.93 -1.31
CA VAL C 1407 -33.05 25.99 -0.11
C VAL C 1407 -33.14 24.62 0.54
N LYS C 1408 -32.31 23.70 0.07
CA LYS C 1408 -32.22 22.35 0.62
C LYS C 1408 -30.98 22.29 1.51
N CYS C 1409 -31.21 22.22 2.82
CA CYS C 1409 -30.14 22.29 3.81
C CYS C 1409 -30.13 21.04 4.66
N LYS C 1410 -29.04 20.28 4.58
CA LYS C 1410 -28.74 19.23 5.55
C LYS C 1410 -27.67 19.65 6.54
N THR C 1411 -26.66 20.39 6.08
CA THR C 1411 -25.66 21.05 6.89
C THR C 1411 -25.45 22.44 6.30
N PRO C 1412 -25.06 23.42 7.13
CA PRO C 1412 -24.83 24.76 6.58
C PRO C 1412 -23.76 24.81 5.50
N THR C 1413 -22.80 23.89 5.54
CA THR C 1413 -21.73 23.89 4.54
C THR C 1413 -22.25 23.53 3.15
N GLN C 1414 -23.10 22.51 3.06
CA GLN C 1414 -23.63 22.13 1.75
C GLN C 1414 -24.57 23.18 1.21
N LEU C 1415 -25.32 23.86 2.08
CA LEU C 1415 -26.14 24.98 1.64
C LEU C 1415 -25.28 26.12 1.11
N SER C 1416 -24.18 26.41 1.83
CA SER C 1416 -23.27 27.44 1.35
C SER C 1416 -22.69 27.08 -0.01
N GLU C 1417 -22.33 25.81 -0.21
CA GLU C 1417 -21.77 25.40 -1.49
C GLU C 1417 -22.81 25.48 -2.62
N THR C 1418 -24.05 25.07 -2.33
CA THR C 1418 -25.11 25.15 -3.33
C THR C 1418 -25.36 26.61 -3.73
N ILE C 1419 -25.48 27.49 -2.73
CA ILE C 1419 -25.66 28.91 -3.02
C ILE C 1419 -24.46 29.47 -3.77
N ASP C 1420 -23.26 28.96 -3.47
CA ASP C 1420 -22.08 29.40 -4.19
C ASP C 1420 -22.19 29.07 -5.67
N THR C 1421 -22.50 27.82 -5.98
CA THR C 1421 -22.66 27.41 -7.38
C THR C 1421 -23.75 28.22 -8.08
N ILE C 1422 -24.86 28.44 -7.38
CA ILE C 1422 -25.99 29.13 -8.00
C ILE C 1422 -25.63 30.59 -8.27
N CYS C 1423 -25.00 31.27 -7.30
CA CYS C 1423 -24.59 32.65 -7.52
C CYS C 1423 -23.52 32.75 -8.58
N ASP C 1424 -22.64 31.76 -8.69
CA ASP C 1424 -21.64 31.77 -9.76
C ASP C 1424 -22.30 31.69 -11.12
N GLN C 1425 -23.18 30.70 -11.32
CA GLN C 1425 -23.86 30.56 -12.60
C GLN C 1425 -24.83 31.71 -12.86
N CYS C 1426 -25.23 32.44 -11.82
CA CYS C 1426 -26.08 33.61 -12.00
C CYS C 1426 -25.26 34.82 -12.45
N ILE C 1427 -24.18 35.13 -11.74
CA ILE C 1427 -23.33 36.25 -12.11
C ILE C 1427 -22.60 35.98 -13.42
N ALA C 1428 -22.55 34.73 -13.87
CA ALA C 1428 -21.98 34.44 -15.18
C ALA C 1428 -22.77 35.15 -16.29
N ASN C 1429 -24.09 35.23 -16.15
CA ASN C 1429 -24.94 35.86 -17.15
C ASN C 1429 -25.20 37.33 -16.82
N GLY C 1430 -24.13 38.07 -16.54
CA GLY C 1430 -24.18 39.51 -16.33
C GLY C 1430 -25.36 40.06 -15.57
N VAL C 1431 -25.57 39.61 -14.34
CA VAL C 1431 -26.72 40.05 -13.56
C VAL C 1431 -26.39 41.34 -12.83
N SER C 1432 -25.46 41.27 -11.88
CA SER C 1432 -25.02 42.41 -11.09
C SER C 1432 -23.95 41.94 -10.12
N THR C 1433 -23.35 42.89 -9.41
CA THR C 1433 -22.50 42.60 -8.27
C THR C 1433 -23.09 43.09 -6.95
N LYS C 1434 -24.19 43.82 -6.98
CA LYS C 1434 -24.83 44.32 -5.77
C LYS C 1434 -26.00 43.45 -5.31
N ILE C 1435 -26.44 42.50 -6.13
CA ILE C 1435 -27.57 41.65 -5.80
C ILE C 1435 -27.06 40.37 -5.16
N VAL C 1436 -25.89 39.89 -5.61
CA VAL C 1436 -25.31 38.68 -5.05
C VAL C 1436 -24.94 38.91 -3.59
N THR C 1437 -24.49 40.12 -3.25
CA THR C 1437 -24.22 40.44 -1.85
C THR C 1437 -25.48 40.31 -1.01
N ARG C 1438 -26.62 40.70 -1.57
CA ARG C 1438 -27.87 40.61 -0.82
C ARG C 1438 -28.31 39.16 -0.64
N ILE C 1439 -28.06 38.32 -1.64
CA ILE C 1439 -28.37 36.90 -1.50
C ILE C 1439 -27.48 36.25 -0.46
N SER C 1440 -26.20 36.65 -0.43
CA SER C 1440 -25.29 36.11 0.58
C SER C 1440 -25.71 36.55 1.98
N LYS C 1441 -26.10 37.82 2.13
CA LYS C 1441 -26.61 38.28 3.42
C LYS C 1441 -27.89 37.54 3.80
N ARG C 1442 -28.73 37.24 2.82
CA ARG C 1442 -29.96 36.51 3.10
C ARG C 1442 -29.67 35.11 3.62
N VAL C 1443 -28.77 34.39 2.95
CA VAL C 1443 -28.48 33.03 3.40
C VAL C 1443 -27.73 33.05 4.73
N ASN C 1444 -26.93 34.09 4.97
CA ASN C 1444 -26.30 34.25 6.28
C ASN C 1444 -27.35 34.44 7.37
N GLN C 1445 -28.36 35.27 7.10
CA GLN C 1445 -29.42 35.46 8.09
C GLN C 1445 -30.25 34.21 8.27
N LEU C 1446 -30.43 33.42 7.21
CA LEU C 1446 -31.14 32.14 7.32
C LEU C 1446 -30.38 31.16 8.21
N ILE C 1447 -29.07 31.04 8.01
CA ILE C 1447 -28.32 30.09 8.84
C ILE C 1447 -28.19 30.62 10.27
N ARG C 1448 -28.22 31.95 10.45
CA ARG C 1448 -28.17 32.50 11.80
C ARG C 1448 -29.49 32.30 12.54
N TYR C 1449 -30.61 32.44 11.84
CA TYR C 1449 -31.92 32.30 12.48
C TYR C 1449 -32.16 30.87 12.95
N SER C 1450 -31.50 29.88 12.34
CA SER C 1450 -31.68 28.50 12.73
C SER C 1450 -31.05 28.16 14.08
N GLY C 1451 -30.27 29.07 14.65
CA GLY C 1451 -29.63 28.82 15.93
C GLY C 1451 -28.21 28.31 15.84
N TYR C 1452 -27.59 28.35 14.66
CA TYR C 1452 -26.22 27.85 14.52
C TYR C 1452 -25.19 28.91 14.88
N GLY C 1453 -25.54 30.18 14.77
CA GLY C 1453 -24.60 31.25 14.99
C GLY C 1453 -23.64 31.43 13.83
N GLU C 1454 -23.13 32.64 13.69
CA GLU C 1454 -22.23 32.97 12.60
C GLU C 1454 -20.87 32.34 12.81
N THR C 1455 -20.31 31.79 11.73
CA THR C 1455 -19.00 31.17 11.73
C THR C 1455 -18.08 31.90 10.75
N PRO C 1456 -16.77 31.79 10.93
CA PRO C 1456 -15.85 32.49 10.01
C PRO C 1456 -16.06 32.14 8.55
N PHE C 1457 -16.30 30.86 8.23
CA PHE C 1457 -16.59 30.49 6.86
C PHE C 1457 -18.04 30.76 6.51
N GLY C 1458 -18.97 30.09 7.21
CA GLY C 1458 -20.39 30.33 7.03
C GLY C 1458 -20.83 30.20 5.59
N ALA C 1459 -21.69 31.11 5.17
CA ALA C 1459 -22.18 31.17 3.80
C ALA C 1459 -21.23 32.03 2.96
N ILE C 1460 -21.68 32.39 1.76
CA ILE C 1460 -20.84 33.19 0.86
C ILE C 1460 -20.53 34.54 1.49
N GLU C 1461 -19.29 34.99 1.30
CA GLU C 1461 -18.83 36.25 1.86
C GLU C 1461 -19.63 37.41 1.29
N ASP C 1462 -19.61 38.52 2.03
CA ASP C 1462 -20.22 39.76 1.60
C ASP C 1462 -19.16 40.72 1.09
N GLN C 1463 -19.62 41.74 0.37
CA GLN C 1463 -18.72 42.72 -0.26
C GLN C 1463 -17.74 42.01 -1.18
N ASP C 1464 -18.28 41.25 -2.13
CA ASP C 1464 -17.46 40.60 -3.13
C ASP C 1464 -17.20 41.57 -4.28
N VAL C 1465 -16.60 41.07 -5.36
CA VAL C 1465 -16.26 41.87 -6.52
C VAL C 1465 -16.44 40.99 -7.76
N LYS C 1466 -16.15 41.56 -8.94
CA LYS C 1466 -16.32 40.83 -10.20
C LYS C 1466 -15.32 39.69 -10.36
N ASP C 1467 -14.52 39.36 -9.35
CA ASP C 1467 -13.49 38.33 -9.46
C ASP C 1467 -14.03 36.94 -9.18
N TRP C 1468 -15.32 36.71 -9.39
CA TRP C 1468 -15.81 35.34 -9.47
C TRP C 1468 -15.12 34.59 -10.60
N VAL C 1469 -14.72 35.31 -11.65
CA VAL C 1469 -13.84 34.73 -12.65
C VAL C 1469 -12.47 34.48 -12.04
N ASP C 1470 -11.74 33.53 -12.62
CA ASP C 1470 -10.45 33.06 -12.14
C ASP C 1470 -10.41 32.95 -10.62
N GLY C 1471 -11.48 32.42 -10.04
CA GLY C 1471 -11.57 32.27 -8.60
C GLY C 1471 -12.57 31.20 -8.18
N SER C 1472 -12.15 30.30 -7.31
CA SER C 1472 -12.97 29.20 -6.86
C SER C 1472 -13.46 29.45 -5.43
N ARG C 1473 -14.13 28.45 -4.85
CA ARG C 1473 -14.65 28.59 -3.49
C ARG C 1473 -13.52 28.85 -2.49
N GLY C 1474 -12.37 28.20 -2.68
CA GLY C 1474 -11.24 28.46 -1.82
C GLY C 1474 -10.78 29.90 -1.87
N TYR C 1475 -10.81 30.50 -3.07
CA TYR C 1475 -10.35 31.88 -3.21
C TYR C 1475 -11.27 32.84 -2.48
N ARG C 1476 -12.60 32.63 -2.59
CA ARG C 1476 -13.51 33.53 -1.90
C ARG C 1476 -13.51 33.30 -0.39
N LEU C 1477 -13.28 32.06 0.05
CA LEU C 1477 -13.10 31.83 1.48
C LEU C 1477 -11.86 32.55 1.99
N GLN C 1478 -10.75 32.50 1.24
CA GLN C 1478 -9.55 33.24 1.60
C GLN C 1478 -9.82 34.74 1.62
N ARG C 1479 -10.61 35.22 0.66
CA ARG C 1479 -10.95 36.64 0.62
C ARG C 1479 -11.76 37.04 1.86
N LYS C 1480 -12.69 36.20 2.28
CA LYS C 1480 -13.47 36.48 3.49
C LYS C 1480 -12.57 36.52 4.70
N ILE C 1481 -11.68 35.54 4.84
CA ILE C 1481 -10.79 35.49 6.00
C ILE C 1481 -9.86 36.70 6.01
N GLU C 1482 -9.42 37.14 4.82
CA GLU C 1482 -8.59 38.32 4.73
C GLU C 1482 -9.38 39.57 5.09
N ALA C 1483 -10.66 39.63 4.71
CA ALA C 1483 -11.49 40.76 5.05
C ALA C 1483 -11.80 40.81 6.54
N ILE C 1484 -11.71 39.68 7.24
CA ILE C 1484 -11.89 39.70 8.69
C ILE C 1484 -10.87 40.63 9.34
N PHE C 1485 -9.61 40.56 8.88
CA PHE C 1485 -8.56 41.41 9.42
C PHE C 1485 -8.42 42.68 8.60
N HIS C 1486 -8.32 43.82 9.29
CA HIS C 1486 -8.24 45.10 8.59
C HIS C 1486 -6.85 45.35 8.02
N ASP C 1487 -5.84 45.40 8.88
CA ASP C 1487 -4.45 45.53 8.45
C ASP C 1487 -3.73 44.19 8.54
N ASP C 1488 -3.82 43.43 7.45
CA ASP C 1488 -3.27 42.09 7.42
C ASP C 1488 -1.77 42.07 7.68
N LYS C 1489 -1.39 41.60 8.86
CA LYS C 1489 0.00 41.32 9.20
C LYS C 1489 0.22 39.87 9.59
N GLU C 1490 -0.78 39.24 10.23
CA GLU C 1490 -0.71 37.82 10.53
C GLU C 1490 -0.99 36.98 9.30
N THR C 1491 -2.03 37.33 8.54
CA THR C 1491 -2.33 36.59 7.33
C THR C 1491 -1.27 36.82 6.25
N SER C 1492 -0.68 38.02 6.21
CA SER C 1492 0.42 38.24 5.27
C SER C 1492 1.63 37.39 5.64
N PHE C 1493 1.92 37.27 6.95
CA PHE C 1493 3.02 36.41 7.39
C PHE C 1493 2.72 34.95 7.08
N ILE C 1494 1.46 34.53 7.23
CA ILE C 1494 1.09 33.16 6.91
C ILE C 1494 1.21 32.91 5.41
N ARG C 1495 0.85 33.90 4.59
CA ARG C 1495 1.02 33.77 3.15
C ARG C 1495 2.49 33.71 2.78
N ASN C 1496 3.34 34.46 3.48
CA ASN C 1496 4.77 34.38 3.24
C ASN C 1496 5.32 33.01 3.60
N CYS C 1497 4.85 32.44 4.72
CA CYS C 1497 5.29 31.10 5.09
C CYS C 1497 4.81 30.07 4.08
N ALA C 1498 3.58 30.21 3.58
CA ALA C 1498 3.08 29.30 2.57
C ALA C 1498 3.87 29.42 1.27
N ARG C 1499 4.25 30.65 0.89
CA ARG C 1499 5.08 30.85 -0.28
C ARG C 1499 6.46 30.23 -0.09
N LYS C 1500 7.02 30.31 1.12
CA LYS C 1500 8.30 29.67 1.39
C LYS C 1500 8.20 28.16 1.28
N VAL C 1501 7.14 27.58 1.84
CA VAL C 1501 6.92 26.14 1.72
C VAL C 1501 6.76 25.75 0.26
N PHE C 1502 6.03 26.56 -0.51
CA PHE C 1502 5.81 26.27 -1.92
C PHE C 1502 7.11 26.33 -2.71
N ASN C 1503 7.96 27.32 -2.42
CA ASN C 1503 9.24 27.42 -3.13
C ASN C 1503 10.15 26.26 -2.75
N ASP C 1504 10.22 25.91 -1.47
CA ASP C 1504 11.13 24.85 -1.06
C ASP C 1504 10.61 23.47 -1.48
N ILE C 1505 9.30 23.34 -1.73
CA ILE C 1505 8.76 22.08 -2.22
C ILE C 1505 8.78 22.00 -3.75
N LYS C 1506 8.86 23.13 -4.45
CA LYS C 1506 8.89 23.12 -5.90
C LYS C 1506 10.25 23.51 -6.45
N ARG C 1507 10.78 24.67 -6.07
CA ARG C 1507 12.09 25.08 -6.55
C ARG C 1507 13.20 24.29 -5.86
N GLY C 1508 13.23 24.32 -4.52
CA GLY C 1508 14.13 23.45 -3.79
C GLY C 1508 13.77 22.00 -3.95
N ARG C 1509 12.47 21.69 -4.03
CA ARG C 1509 11.97 20.39 -4.45
C ARG C 1509 12.42 19.26 -3.53
N ILE C 1510 12.56 19.53 -2.23
CA ILE C 1510 12.81 18.50 -1.23
C ILE C 1510 11.72 18.62 -0.17
N PHE C 1511 10.58 18.00 -0.45
CA PHE C 1511 9.47 17.80 0.49
C PHE C 1511 8.49 16.77 -0.06
N GLU C 1512 8.30 15.66 0.66
CA GLU C 1512 7.20 14.77 0.30
C GLU C 1512 6.90 13.78 1.42
N GLU C 1513 5.61 13.61 1.73
CA GLU C 1513 5.14 12.57 2.63
C GLU C 1513 5.61 12.77 4.07
N ASN C 1514 6.41 13.80 4.30
CA ASN C 1514 6.71 14.23 5.66
C ASN C 1514 5.70 15.26 6.16
N LEU C 1515 5.26 16.16 5.28
CA LEU C 1515 4.12 17.01 5.59
C LEU C 1515 2.86 16.19 5.82
N ILE C 1516 2.75 15.02 5.19
CA ILE C 1516 1.64 14.12 5.48
C ILE C 1516 1.72 13.64 6.92
N ASN C 1517 2.93 13.27 7.36
CA ASN C 1517 3.10 12.83 8.74
C ASN C 1517 2.93 13.97 9.74
N LEU C 1518 3.19 15.20 9.34
CA LEU C 1518 3.08 16.35 10.22
C LEU C 1518 1.67 16.93 10.27
N ILE C 1519 0.86 16.70 9.25
CA ILE C 1519 -0.47 17.32 9.16
C ILE C 1519 -1.53 16.44 9.81
N GLY C 1520 -1.39 15.12 9.69
CA GLY C 1520 -2.39 14.19 10.22
C GLY C 1520 -2.67 14.33 11.70
N ARG C 1521 -1.81 15.02 12.45
CA ARG C 1521 -2.04 15.20 13.88
C ARG C 1521 -3.25 16.10 14.12
N GLY C 1522 -3.25 17.30 13.53
CA GLY C 1522 -4.34 18.24 13.72
C GLY C 1522 -4.03 19.62 13.18
N GLY C 1523 -4.48 20.65 13.89
CA GLY C 1523 -4.27 22.01 13.45
C GLY C 1523 -3.20 22.76 14.22
N ASP C 1524 -3.14 22.53 15.53
CA ASP C 1524 -2.21 23.29 16.37
C ASP C 1524 -0.77 22.89 16.11
N GLU C 1525 -0.42 21.63 16.37
CA GLU C 1525 0.96 21.18 16.22
C GLU C 1525 1.42 21.25 14.77
N ALA C 1526 0.50 21.03 13.82
CA ALA C 1526 0.85 21.12 12.41
C ALA C 1526 1.26 22.53 12.03
N LEU C 1527 0.55 23.53 12.55
CA LEU C 1527 0.86 24.92 12.19
C LEU C 1527 2.21 25.34 12.74
N THR C 1528 2.47 25.03 14.02
CA THR C 1528 3.77 25.38 14.59
C THR C 1528 4.90 24.57 13.98
N GLY C 1529 4.62 23.34 13.53
CA GLY C 1529 5.63 22.58 12.81
C GLY C 1529 5.97 23.20 11.48
N PHE C 1530 4.96 23.60 10.70
CA PHE C 1530 5.20 24.32 9.46
C PHE C 1530 5.95 25.62 9.72
N LEU C 1531 5.61 26.30 10.82
CA LEU C 1531 6.26 27.57 11.13
C LEU C 1531 7.73 27.37 11.45
N GLN C 1532 8.05 26.40 12.31
CA GLN C 1532 9.45 26.13 12.64
C GLN C 1532 10.20 25.54 11.46
N TYR C 1533 9.50 24.93 10.50
CA TYR C 1533 10.14 24.55 9.25
C TYR C 1533 10.51 25.78 8.43
N ALA C 1534 9.58 26.73 8.30
CA ALA C 1534 9.90 28.01 7.69
C ALA C 1534 10.87 28.80 8.58
N GLY C 1535 10.46 29.08 9.81
CA GLY C 1535 11.31 29.78 10.76
C GLY C 1535 10.50 30.71 11.65
N CYS C 1536 10.72 30.63 12.95
CA CYS C 1536 9.95 31.40 13.93
C CYS C 1536 10.63 31.25 15.29
N SER C 1537 9.96 31.72 16.33
CA SER C 1537 10.38 31.52 17.71
C SER C 1537 9.13 31.23 18.53
N GLU C 1538 9.29 31.17 19.86
CA GLU C 1538 8.14 30.98 20.72
C GLU C 1538 7.20 32.18 20.67
N GLN C 1539 7.74 33.36 20.34
CA GLN C 1539 6.90 34.54 20.19
C GLN C 1539 5.83 34.32 19.13
N GLU C 1540 6.23 33.84 17.95
CA GLU C 1540 5.26 33.57 16.90
C GLU C 1540 4.29 32.46 17.31
N VAL C 1541 4.79 31.46 18.04
CA VAL C 1541 3.93 30.36 18.46
C VAL C 1541 2.82 30.86 19.36
N ASN C 1542 3.15 31.74 20.32
CA ASN C 1542 2.11 32.25 21.21
C ASN C 1542 1.31 33.40 20.59
N ARG C 1543 1.80 34.01 19.51
CA ARG C 1543 1.08 35.11 18.88
C ARG C 1543 0.07 34.62 17.85
N VAL C 1544 0.55 33.87 16.85
CA VAL C 1544 -0.33 33.45 15.77
C VAL C 1544 -1.40 32.49 16.27
N LEU C 1545 -1.05 31.60 17.20
CA LEU C 1545 -1.97 30.58 17.67
C LEU C 1545 -2.95 31.09 18.72
N ASN C 1546 -3.08 32.41 18.88
CA ASN C 1546 -4.01 32.98 19.84
C ASN C 1546 -5.42 33.14 19.26
N TYR C 1547 -5.53 33.46 17.98
CA TYR C 1547 -6.82 33.63 17.35
C TYR C 1547 -7.52 32.29 17.22
N ARG C 1548 -8.68 32.15 17.88
CA ARG C 1548 -9.42 30.90 17.88
C ARG C 1548 -10.87 31.17 17.49
N TRP C 1549 -11.48 30.15 16.88
CA TRP C 1549 -12.91 30.18 16.56
C TRP C 1549 -13.54 28.87 17.01
N VAL C 1550 -14.84 28.92 17.27
CA VAL C 1550 -15.57 27.79 17.84
C VAL C 1550 -16.04 26.89 16.70
N ASN C 1551 -15.59 25.63 16.70
CA ASN C 1551 -16.01 24.64 15.72
C ASN C 1551 -16.87 23.60 16.44
N LEU C 1552 -18.18 23.67 16.20
CA LEU C 1552 -19.10 22.79 16.91
C LEU C 1552 -19.01 21.34 16.41
N SER C 1553 -18.62 21.13 15.15
CA SER C 1553 -18.44 19.79 14.61
C SER C 1553 -16.96 19.38 14.66
N SER C 1554 -16.45 19.29 15.88
CA SER C 1554 -15.05 18.96 16.12
C SER C 1554 -14.85 17.47 16.39
N PHE C 1555 -15.69 16.87 17.23
CA PHE C 1555 -15.63 15.45 17.52
C PHE C 1555 -16.55 14.62 16.62
N GLY C 1556 -16.84 15.13 15.42
CA GLY C 1556 -17.71 14.45 14.50
C GLY C 1556 -18.60 15.41 13.72
N ASP C 1557 -19.83 15.02 13.45
CA ASP C 1557 -20.77 15.87 12.74
C ASP C 1557 -22.03 16.03 13.59
N LEU C 1558 -22.79 17.07 13.29
CA LEU C 1558 -24.04 17.36 14.00
C LEU C 1558 -25.04 16.25 13.73
N ARG C 1559 -25.45 15.54 14.79
CA ARG C 1559 -26.47 14.51 14.66
C ARG C 1559 -27.84 15.15 14.52
N LEU C 1560 -28.63 14.63 13.59
CA LEU C 1560 -29.93 15.21 13.29
C LEU C 1560 -30.70 14.28 12.37
N VAL C 1561 -32.02 14.24 12.53
CA VAL C 1561 -32.92 13.48 11.67
C VAL C 1561 -33.92 14.46 11.08
N LEU C 1562 -33.82 14.71 9.77
CA LEU C 1562 -34.66 15.69 9.11
C LEU C 1562 -35.83 15.02 8.40
N ARG C 1563 -36.63 15.84 7.71
CA ARG C 1563 -37.83 15.38 7.02
C ARG C 1563 -37.42 14.66 5.74
N THR C 1564 -37.01 13.41 5.90
CA THR C 1564 -36.68 12.54 4.77
C THR C 1564 -37.87 11.64 4.46
N LYS C 1565 -37.71 10.84 3.41
CA LYS C 1565 -38.76 9.89 3.07
C LYS C 1565 -38.69 8.68 3.98
N LEU C 1566 -39.79 7.93 4.02
CA LEU C 1566 -39.89 6.81 4.94
C LEU C 1566 -38.97 5.67 4.49
N MET C 1567 -38.69 4.77 5.42
CA MET C 1567 -37.82 3.61 5.18
C MET C 1567 -36.42 4.05 4.77
N THR C 1568 -35.78 4.81 5.68
CA THR C 1568 -34.42 5.31 5.48
C THR C 1568 -34.26 6.06 4.16
N VAL C 1578 -15.78 9.40 9.09
CA VAL C 1578 -15.48 9.21 7.67
C VAL C 1578 -15.51 10.55 6.95
N PRO C 1579 -14.39 10.95 6.36
CA PRO C 1579 -14.34 12.22 5.63
C PRO C 1579 -15.19 12.18 4.39
N THR C 1580 -15.54 13.38 3.90
CA THR C 1580 -16.42 13.52 2.76
C THR C 1580 -15.75 13.16 1.44
N LEU C 1581 -14.42 13.21 1.39
CA LEU C 1581 -13.73 12.86 0.15
C LEU C 1581 -13.98 11.42 -0.25
N ILE C 1582 -14.05 10.52 0.75
CA ILE C 1582 -14.36 9.13 0.46
C ILE C 1582 -15.75 9.00 -0.15
N LYS C 1583 -16.72 9.77 0.35
CA LYS C 1583 -18.07 9.71 -0.19
C LYS C 1583 -18.12 10.27 -1.61
N THR C 1584 -17.39 11.36 -1.86
CA THR C 1584 -17.35 11.90 -3.22
C THR C 1584 -16.72 10.92 -4.19
N LEU C 1585 -15.64 10.25 -3.76
CA LEU C 1585 -15.01 9.26 -4.63
C LEU C 1585 -15.93 8.06 -4.86
N GLN C 1586 -16.67 7.64 -3.83
CA GLN C 1586 -17.61 6.55 -3.99
C GLN C 1586 -18.72 6.93 -4.96
N SER C 1587 -19.17 8.18 -4.92
CA SER C 1587 -20.18 8.64 -5.88
C SER C 1587 -19.60 8.72 -7.28
N LYS C 1588 -18.32 9.07 -7.42
CA LYS C 1588 -17.72 9.18 -8.74
C LYS C 1588 -17.52 7.80 -9.37
N LEU C 1589 -17.03 6.84 -8.60
CA LEU C 1589 -16.80 5.50 -9.13
C LEU C 1589 -18.12 4.80 -9.44
N SER C 1590 -19.07 4.86 -8.51
CA SER C 1590 -20.37 4.24 -8.73
C SER C 1590 -21.12 4.99 -9.82
N ARG C 1591 -21.36 4.31 -10.94
CA ARG C 1591 -22.06 4.89 -12.09
C ARG C 1591 -21.36 6.16 -12.58
N GLN C 1611 -40.68 15.82 -4.04
CA GLN C 1611 -42.04 15.82 -3.53
C GLN C 1611 -42.12 16.58 -2.21
N SER C 1612 -40.99 16.74 -1.55
CA SER C 1612 -40.93 17.48 -0.30
C SER C 1612 -40.81 18.97 -0.57
N SER C 1613 -41.40 19.76 0.32
CA SER C 1613 -41.39 21.21 0.18
C SER C 1613 -40.14 21.81 0.82
N VAL C 1614 -39.81 23.03 0.40
CA VAL C 1614 -38.65 23.72 0.95
C VAL C 1614 -38.98 24.32 2.30
N ALA C 1615 -40.21 24.81 2.47
CA ALA C 1615 -40.61 25.42 3.74
C ALA C 1615 -40.60 24.39 4.86
N SER C 1616 -41.22 23.23 4.64
CA SER C 1616 -41.23 22.19 5.65
C SER C 1616 -39.82 21.68 5.94
N GLY C 1617 -38.98 21.61 4.90
CA GLY C 1617 -37.60 21.20 5.11
C GLY C 1617 -36.85 22.15 6.01
N PHE C 1618 -36.96 23.45 5.73
CA PHE C 1618 -36.29 24.43 6.58
C PHE C 1618 -36.87 24.46 7.99
N ILE C 1619 -38.17 24.22 8.11
CA ILE C 1619 -38.78 24.19 9.45
C ILE C 1619 -38.24 23.02 10.25
N GLY C 1620 -38.18 21.84 9.64
CA GLY C 1620 -37.56 20.71 10.31
C GLY C 1620 -36.10 20.94 10.62
N PHE C 1621 -35.39 21.68 9.74
CA PHE C 1621 -33.99 22.01 10.00
C PHE C 1621 -33.86 22.87 11.26
N CYS C 1622 -34.62 23.96 11.32
CA CYS C 1622 -34.58 24.84 12.48
C CYS C 1622 -35.03 24.13 13.74
N LYS C 1623 -35.95 23.17 13.62
CA LYS C 1623 -36.43 22.46 14.81
C LYS C 1623 -35.41 21.44 15.30
N SER C 1624 -34.74 20.74 14.39
CA SER C 1624 -33.73 19.76 14.77
C SER C 1624 -32.43 20.43 15.21
N MET C 1625 -32.24 21.71 14.88
CA MET C 1625 -31.09 22.44 15.38
C MET C 1625 -31.33 23.05 16.77
N GLY C 1626 -32.27 22.49 17.53
CA GLY C 1626 -32.55 22.99 18.87
C GLY C 1626 -32.45 21.93 19.94
N SER C 1627 -32.23 20.69 19.53
CA SER C 1627 -32.11 19.56 20.46
C SER C 1627 -30.64 19.28 20.75
N LYS C 1628 -30.37 18.18 21.44
CA LYS C 1628 -29.01 17.77 21.75
C LYS C 1628 -28.34 17.29 20.47
N CYS C 1629 -27.48 18.14 19.89
CA CYS C 1629 -26.88 17.87 18.60
C CYS C 1629 -25.36 17.76 18.66
N VAL C 1630 -24.68 18.71 19.29
CA VAL C 1630 -23.22 18.70 19.33
C VAL C 1630 -22.74 17.54 20.19
N ARG C 1631 -21.72 16.84 19.72
CA ARG C 1631 -21.22 15.64 20.37
C ARG C 1631 -19.91 15.91 21.10
N ASP C 1632 -19.63 15.08 22.10
CA ASP C 1632 -18.39 15.15 22.84
C ASP C 1632 -18.13 13.81 23.51
N GLY C 1633 -16.86 13.55 23.80
CA GLY C 1633 -16.47 12.30 24.44
C GLY C 1633 -16.69 11.09 23.56
N GLY C 1636 -21.38 11.49 24.47
CA GLY C 1636 -22.45 12.34 24.98
C GLY C 1636 -22.81 13.47 24.03
N PHE C 1637 -23.97 14.07 24.27
CA PHE C 1637 -24.45 15.17 23.43
C PHE C 1637 -25.03 16.26 24.32
N LEU C 1638 -25.11 17.47 23.77
CA LEU C 1638 -25.59 18.63 24.50
C LEU C 1638 -26.07 19.67 23.50
N TYR C 1639 -26.41 20.85 24.01
CA TYR C 1639 -26.99 21.90 23.21
C TYR C 1639 -25.92 22.82 22.63
N ILE C 1640 -26.34 23.67 21.70
CA ILE C 1640 -25.45 24.68 21.14
C ILE C 1640 -25.38 25.90 22.05
N LYS C 1641 -26.53 26.34 22.57
CA LYS C 1641 -26.53 27.45 23.51
C LYS C 1641 -25.81 27.10 24.80
N GLU C 1642 -25.79 25.82 25.17
CA GLU C 1642 -25.05 25.40 26.36
C GLU C 1642 -23.55 25.59 26.14
N VAL C 1643 -23.06 25.33 24.93
CA VAL C 1643 -21.66 25.56 24.63
C VAL C 1643 -21.38 27.05 24.53
N TYR C 1644 -22.24 27.80 23.85
CA TYR C 1644 -22.02 29.23 23.68
C TYR C 1644 -22.24 30.02 24.96
N SER C 1645 -22.83 29.42 25.99
CA SER C 1645 -23.00 30.09 27.27
C SER C 1645 -21.78 29.96 28.18
N GLY C 1646 -20.84 29.08 27.84
CA GLY C 1646 -19.65 28.89 28.63
C GLY C 1646 -18.49 29.80 28.28
N VAL C 1647 -18.58 30.54 27.17
CA VAL C 1647 -17.52 31.46 26.82
C VAL C 1647 -17.51 32.62 27.80
N SER C 1648 -16.31 33.08 28.15
CA SER C 1648 -16.11 34.18 29.07
C SER C 1648 -15.93 35.48 28.29
N ALA C 1649 -16.69 36.51 28.67
CA ALA C 1649 -16.61 37.82 28.00
C ALA C 1649 -15.42 38.59 28.56
N CYS C 1650 -14.23 38.18 28.12
CA CYS C 1650 -13.00 38.83 28.58
C CYS C 1650 -12.87 40.23 28.00
N THR C 1651 -13.05 40.36 26.69
CA THR C 1651 -12.93 41.65 25.98
C THR C 1651 -11.56 42.27 26.21
N CYS C 1652 -10.53 41.57 25.73
CA CYS C 1652 -9.15 41.98 25.93
C CYS C 1652 -8.56 42.65 24.69
N GLU C 1653 -9.38 43.42 23.96
CA GLU C 1653 -8.96 44.21 22.80
C GLU C 1653 -8.47 43.37 21.64
N ILE C 1654 -8.57 42.05 21.72
CA ILE C 1654 -8.22 41.19 20.60
C ILE C 1654 -9.36 40.27 20.18
N CYS C 1655 -10.34 40.01 21.04
CA CYS C 1655 -11.51 39.22 20.69
C CYS C 1655 -12.73 40.08 20.43
N ALA C 1656 -12.53 41.35 20.09
CA ALA C 1656 -13.62 42.29 19.82
C ALA C 1656 -13.63 42.83 18.41
N LEU C 1657 -12.64 42.47 17.57
CA LEU C 1657 -12.63 42.94 16.19
C LEU C 1657 -13.76 42.33 15.37
N LYS C 1658 -14.30 41.19 15.79
CA LYS C 1658 -15.43 40.57 15.13
C LYS C 1658 -16.15 39.66 16.13
N PRO C 1659 -17.19 40.17 16.79
CA PRO C 1659 -17.85 39.38 17.85
C PRO C 1659 -18.50 38.12 17.28
N LYS C 1660 -18.58 37.10 18.14
CA LYS C 1660 -19.19 35.81 17.81
C LYS C 1660 -18.50 35.12 16.64
N ILE C 1661 -17.30 35.57 16.26
CA ILE C 1661 -16.56 34.96 15.16
C ILE C 1661 -15.17 34.58 15.62
N ILE C 1662 -14.42 35.55 16.15
CA ILE C 1662 -13.02 35.36 16.54
C ILE C 1662 -12.90 35.61 18.03
N TYR C 1663 -12.27 34.68 18.73
CA TYR C 1663 -11.99 34.80 20.16
C TYR C 1663 -10.49 34.63 20.39
N CYS C 1664 -10.09 34.86 21.64
CA CYS C 1664 -8.73 34.60 22.09
C CYS C 1664 -8.69 33.25 22.80
N ASN C 1665 -7.50 32.89 23.30
CA ASN C 1665 -7.33 31.57 23.90
C ASN C 1665 -7.96 31.50 25.29
N ASN C 1666 -7.62 32.46 26.15
CA ASN C 1666 -8.12 32.44 27.53
C ASN C 1666 -9.63 32.68 27.62
N SER C 1667 -10.26 33.14 26.54
CA SER C 1667 -11.71 33.31 26.55
C SER C 1667 -12.46 32.00 26.40
N LEU C 1668 -11.77 30.91 26.10
CA LEU C 1668 -12.38 29.60 25.93
C LEU C 1668 -11.80 28.58 26.91
N ASN C 1669 -11.44 29.04 28.11
CA ASN C 1669 -10.91 28.12 29.10
C ASN C 1669 -11.98 27.19 29.64
N LYS C 1670 -13.22 27.67 29.73
CA LYS C 1670 -14.31 26.81 30.20
C LYS C 1670 -14.61 25.69 29.21
N VAL C 1671 -14.63 26.01 27.92
CA VAL C 1671 -14.85 25.03 26.86
C VAL C 1671 -13.69 25.16 25.88
N SER C 1672 -12.75 24.22 25.93
CA SER C 1672 -11.57 24.24 25.08
C SER C 1672 -11.55 23.11 24.07
N GLN C 1673 -12.48 22.15 24.14
CA GLN C 1673 -12.51 21.09 23.15
C GLN C 1673 -12.87 21.62 21.77
N PHE C 1674 -13.79 22.58 21.70
CA PHE C 1674 -14.19 23.20 20.44
C PHE C 1674 -13.47 24.54 20.34
N SER C 1675 -12.20 24.47 19.94
CA SER C 1675 -11.39 25.67 19.76
C SER C 1675 -10.26 25.34 18.81
N LYS C 1676 -10.30 25.90 17.60
CA LYS C 1676 -9.29 25.62 16.60
C LYS C 1676 -8.79 26.94 16.00
N PRO C 1677 -7.51 27.02 15.66
CA PRO C 1677 -6.98 28.26 15.09
C PRO C 1677 -7.50 28.49 13.68
N ILE C 1678 -7.79 29.75 13.37
CA ILE C 1678 -8.21 30.12 12.03
C ILE C 1678 -7.03 30.37 11.10
N LEU C 1679 -5.87 30.73 11.64
CA LEU C 1679 -4.71 30.95 10.79
C LEU C 1679 -4.23 29.66 10.14
N TRP C 1680 -4.43 28.51 10.81
CA TRP C 1680 -4.12 27.24 10.18
C TRP C 1680 -5.02 26.99 8.97
N ASP C 1681 -6.30 27.29 9.10
CA ASP C 1681 -7.21 27.16 7.96
C ASP C 1681 -6.83 28.13 6.85
N TYR C 1682 -6.38 29.34 7.21
CA TYR C 1682 -5.93 30.29 6.19
C TYR C 1682 -4.70 29.78 5.46
N PHE C 1683 -3.75 29.20 6.20
CA PHE C 1683 -2.57 28.59 5.58
C PHE C 1683 -2.98 27.48 4.64
N SER C 1684 -3.88 26.61 5.09
CA SER C 1684 -4.33 25.50 4.24
C SER C 1684 -5.01 26.02 2.98
N LEU C 1685 -5.82 27.08 3.11
CA LEU C 1685 -6.51 27.62 1.95
C LEU C 1685 -5.55 28.29 0.98
N VAL C 1686 -4.52 28.95 1.49
CA VAL C 1686 -3.53 29.58 0.61
C VAL C 1686 -2.76 28.51 -0.14
N LEU C 1687 -2.32 27.47 0.56
CA LEU C 1687 -1.60 26.38 -0.11
C LEU C 1687 -2.50 25.66 -1.11
N THR C 1688 -3.79 25.52 -0.78
CA THR C 1688 -4.72 24.86 -1.69
C THR C 1688 -4.97 25.70 -2.94
N ASN C 1689 -5.07 27.02 -2.79
CA ASN C 1689 -5.20 27.86 -3.96
C ASN C 1689 -3.92 27.84 -4.79
N ALA C 1690 -2.76 27.71 -4.14
CA ALA C 1690 -1.51 27.57 -4.88
C ALA C 1690 -1.48 26.29 -5.69
N CYS C 1691 -1.89 25.16 -5.10
CA CYS C 1691 -1.89 23.92 -5.86
C CYS C 1691 -3.01 23.90 -6.90
N GLU C 1692 -4.01 24.78 -6.74
CA GLU C 1692 -5.13 24.81 -7.67
C GLU C 1692 -4.88 25.71 -8.89
N LEU C 1693 -4.67 27.00 -8.67
CA LEU C 1693 -4.76 27.97 -9.75
C LEU C 1693 -3.60 28.96 -9.73
N GLY C 1694 -2.40 28.50 -9.37
CA GLY C 1694 -1.21 29.30 -9.53
C GLY C 1694 -0.82 30.04 -8.26
N GLU C 1695 0.30 30.77 -8.37
CA GLU C 1695 0.91 31.45 -7.25
C GLU C 1695 0.64 32.96 -7.26
N TRP C 1696 -0.33 33.42 -8.02
CA TRP C 1696 -0.62 34.85 -8.09
C TRP C 1696 -1.41 35.35 -6.89
N VAL C 1697 -1.62 34.52 -5.88
CA VAL C 1697 -2.38 34.89 -4.69
C VAL C 1697 -1.48 35.08 -3.47
N PHE C 1698 -0.18 35.29 -3.69
CA PHE C 1698 0.74 35.55 -2.59
C PHE C 1698 1.08 37.02 -2.43
N SER C 1699 0.70 37.86 -3.37
CA SER C 1699 1.01 39.29 -3.31
C SER C 1699 0.02 40.01 -2.41
N THR C 1700 0.11 41.33 -2.36
CA THR C 1700 -0.79 42.15 -1.57
C THR C 1700 -1.82 42.81 -2.47
N VAL C 1701 -3.01 43.03 -1.91
CA VAL C 1701 -4.12 43.62 -2.66
C VAL C 1701 -3.92 45.12 -2.76
N LYS C 1702 -3.99 45.66 -3.97
CA LYS C 1702 -3.92 47.09 -4.21
C LYS C 1702 -5.19 47.56 -4.90
N GLU C 1703 -5.58 48.79 -4.60
CA GLU C 1703 -6.82 49.30 -5.17
C GLU C 1703 -6.54 50.23 -6.35
N PRO C 1704 -7.41 50.23 -7.35
CA PRO C 1704 -7.22 51.12 -8.50
C PRO C 1704 -7.46 52.57 -8.13
N GLN C 1705 -7.11 53.45 -9.06
CA GLN C 1705 -7.27 54.89 -8.86
C GLN C 1705 -8.42 55.44 -9.69
N ASN C 1711 -19.92 53.21 -15.69
CA ASN C 1711 -19.87 53.43 -17.14
C ASN C 1711 -21.23 53.18 -17.78
N ASN C 1712 -22.21 53.99 -17.39
CA ASN C 1712 -23.59 53.98 -17.87
C ASN C 1712 -24.35 52.72 -17.48
N GLN C 1713 -23.72 51.78 -16.78
CA GLN C 1713 -24.36 50.56 -16.29
C GLN C 1713 -24.98 49.72 -17.39
N ASN C 1714 -24.54 49.90 -18.63
CA ASN C 1714 -25.08 49.14 -19.75
C ASN C 1714 -24.05 48.64 -20.75
N PHE C 1715 -22.76 48.86 -20.49
CA PHE C 1715 -21.70 48.38 -21.38
C PHE C 1715 -21.30 46.98 -20.94
N PHE C 1716 -21.87 45.98 -21.61
CA PHE C 1716 -21.59 44.58 -21.31
C PHE C 1716 -20.53 44.04 -22.25
N TRP C 1717 -19.78 43.06 -21.77
CA TRP C 1717 -18.78 42.39 -22.59
C TRP C 1717 -18.36 41.09 -21.93
N ALA C 1718 -17.75 40.22 -22.72
CA ALA C 1718 -17.36 38.89 -22.27
C ALA C 1718 -15.91 38.89 -21.81
N VAL C 1719 -15.63 38.07 -20.79
CA VAL C 1719 -14.29 37.87 -20.26
C VAL C 1719 -14.05 36.38 -20.09
N LYS C 1720 -12.77 36.00 -20.16
CA LYS C 1720 -12.31 34.64 -20.00
C LYS C 1720 -11.44 34.51 -18.75
N PRO C 1721 -11.49 33.38 -18.06
CA PRO C 1721 -10.63 33.20 -16.89
C PRO C 1721 -9.15 33.25 -17.25
N LYS C 1722 -8.35 33.78 -16.33
CA LYS C 1722 -6.92 33.93 -16.51
C LYS C 1722 -6.14 33.04 -15.55
N VAL C 1723 -6.61 31.82 -15.35
CA VAL C 1723 -5.97 30.89 -14.40
C VAL C 1723 -4.76 30.26 -15.06
N VAL C 1724 -3.81 29.85 -14.22
CA VAL C 1724 -2.63 29.10 -14.64
C VAL C 1724 -2.41 27.96 -13.65
N ARG C 1725 -2.52 26.73 -14.13
CA ARG C 1725 -2.41 25.56 -13.27
C ARG C 1725 -1.00 24.97 -13.33
N GLN C 1726 -0.54 24.49 -12.17
CA GLN C 1726 0.75 23.83 -12.05
C GLN C 1726 0.59 22.45 -11.43
N ILE C 1727 -0.53 21.79 -11.72
CA ILE C 1727 -0.93 20.58 -11.02
C ILE C 1727 -1.20 19.46 -12.02
N GLU C 1728 -0.46 19.45 -13.13
CA GLU C 1728 -0.63 18.44 -14.18
C GLU C 1728 -2.04 18.54 -14.76
N ASP C 1729 -2.23 19.65 -15.51
CA ASP C 1729 -3.50 20.17 -15.98
C ASP C 1729 -4.52 19.11 -16.38
N GLN C 1730 -4.07 18.02 -17.02
CA GLN C 1730 -5.00 16.97 -17.44
C GLN C 1730 -5.76 16.43 -16.23
N LEU C 1731 -5.04 15.79 -15.30
CA LEU C 1731 -5.60 15.36 -14.01
C LEU C 1731 -6.91 14.59 -14.22
N GLY C 1732 -6.81 13.31 -14.60
CA GLY C 1732 -7.98 12.45 -14.80
C GLY C 1732 -8.14 11.51 -13.61
N MET C 1733 -8.63 10.28 -13.84
CA MET C 1733 -8.77 9.36 -12.72
C MET C 1733 -7.51 8.51 -12.58
N ASN C 1734 -7.57 7.55 -11.65
CA ASN C 1734 -6.47 6.61 -11.38
C ASN C 1734 -5.21 7.34 -10.95
N HIS C 1735 -5.36 8.55 -10.42
CA HIS C 1735 -4.27 9.28 -9.81
C HIS C 1735 -4.53 9.58 -8.35
N VAL C 1736 -5.75 10.00 -8.00
CA VAL C 1736 -6.12 10.16 -6.61
C VAL C 1736 -6.20 8.81 -5.92
N LEU C 1737 -6.63 7.78 -6.66
CA LEU C 1737 -6.75 6.44 -6.09
C LEU C 1737 -5.37 5.90 -5.69
N GLN C 1738 -4.36 6.08 -6.56
CA GLN C 1738 -3.02 5.63 -6.21
C GLN C 1738 -2.47 6.41 -5.03
N SER C 1739 -2.73 7.72 -4.98
CA SER C 1739 -2.24 8.53 -3.87
C SER C 1739 -2.87 8.10 -2.56
N ILE C 1740 -4.16 7.74 -2.59
CA ILE C 1740 -4.83 7.26 -1.38
C ILE C 1740 -4.28 5.89 -0.97
N ARG C 1741 -4.04 5.02 -1.96
CA ARG C 1741 -3.46 3.71 -1.67
C ARG C 1741 -2.09 3.84 -1.04
N ARG C 1742 -1.29 4.80 -1.51
CA ARG C 1742 0.05 4.98 -0.98
C ARG C 1742 0.02 5.61 0.41
N ASN C 1743 -0.68 6.74 0.56
CA ASN C 1743 -0.65 7.48 1.81
C ASN C 1743 -1.50 6.81 2.89
N TYR C 1744 -2.72 6.39 2.54
CA TYR C 1744 -3.67 5.82 3.50
C TYR C 1744 -4.00 4.39 3.08
N PRO C 1745 -3.16 3.42 3.46
CA PRO C 1745 -3.43 2.04 3.05
C PRO C 1745 -4.68 1.45 3.69
N VAL C 1746 -4.86 1.63 5.00
CA VAL C 1746 -6.03 1.08 5.66
C VAL C 1746 -7.30 1.79 5.20
N LEU C 1747 -7.20 3.10 4.93
CA LEU C 1747 -8.33 3.84 4.40
C LEU C 1747 -8.59 3.54 2.94
N PHE C 1748 -7.60 3.01 2.22
CA PHE C 1748 -7.81 2.54 0.85
C PHE C 1748 -8.40 1.14 0.80
N ASP C 1749 -8.07 0.30 1.77
CA ASP C 1749 -8.64 -1.04 1.82
C ASP C 1749 -10.09 -1.00 2.27
N GLU C 1750 -10.34 -0.46 3.46
CA GLU C 1750 -11.69 -0.33 3.98
C GLU C 1750 -12.32 0.97 3.50
N HIS C 1751 -13.64 0.94 3.31
CA HIS C 1751 -14.45 2.06 2.82
C HIS C 1751 -14.12 2.43 1.38
N LEU C 1752 -13.21 1.73 0.71
CA LEU C 1752 -12.81 2.09 -0.64
C LEU C 1752 -12.43 0.84 -1.40
N THR C 1753 -12.78 0.82 -2.68
CA THR C 1753 -12.48 -0.23 -3.65
C THR C 1753 -12.98 -1.63 -3.26
N PRO C 1754 -14.24 -1.82 -2.84
CA PRO C 1754 -14.82 -3.17 -2.93
C PRO C 1754 -15.47 -3.37 -4.29
N PHE C 1755 -15.98 -2.28 -4.85
CA PHE C 1755 -16.65 -2.29 -6.15
C PHE C 1755 -15.68 -1.81 -7.24
N MET C 1756 -14.62 -2.60 -7.43
CA MET C 1756 -13.63 -2.23 -8.42
C MET C 1756 -12.96 -3.49 -8.94
N ASN C 1757 -12.74 -3.54 -10.27
CA ASN C 1757 -12.06 -4.66 -10.90
C ASN C 1757 -10.84 -4.20 -11.68
N ASP C 1758 -10.44 -2.94 -11.56
CA ASP C 1758 -9.32 -2.38 -12.31
C ASP C 1758 -8.23 -1.92 -11.35
N LEU C 1759 -7.96 -2.70 -10.31
CA LEU C 1759 -6.93 -2.34 -9.34
C LEU C 1759 -5.53 -2.48 -9.91
N GLN C 1760 -5.35 -3.27 -10.98
CA GLN C 1760 -4.03 -3.49 -11.52
C GLN C 1760 -3.42 -2.20 -12.08
N VAL C 1761 -4.22 -1.39 -12.78
CA VAL C 1761 -3.68 -0.16 -13.34
C VAL C 1761 -3.47 0.88 -12.25
N SER C 1762 -4.33 0.91 -11.23
CA SER C 1762 -4.13 1.83 -10.12
C SER C 1762 -2.99 1.39 -9.21
N ARG C 1763 -2.49 0.17 -9.38
CA ARG C 1763 -1.38 -0.32 -8.56
C ARG C 1763 -0.04 -0.28 -9.29
N THR C 1764 -0.02 -0.40 -10.61
CA THR C 1764 1.24 -0.44 -11.35
C THR C 1764 1.75 0.96 -11.68
N MET C 1765 1.78 1.83 -10.68
CA MET C 1765 2.40 3.16 -10.74
C MET C 1765 2.05 3.90 -12.04
N ASP C 1766 0.75 4.11 -12.23
CA ASP C 1766 0.31 4.88 -13.40
C ASP C 1766 0.59 6.37 -13.20
N SER C 1767 1.77 6.81 -13.64
CA SER C 1767 2.25 8.16 -13.41
C SER C 1767 2.21 8.52 -11.92
N GLY C 1768 2.91 7.71 -11.14
CA GLY C 1768 2.90 7.90 -9.69
C GLY C 1768 3.65 9.15 -9.28
N ARG C 1769 3.37 9.59 -8.05
CA ARG C 1769 4.02 10.75 -7.43
C ARG C 1769 3.81 12.00 -8.29
N LEU C 1770 2.55 12.43 -8.37
CA LEU C 1770 2.20 13.67 -9.02
C LEU C 1770 2.93 14.85 -8.36
N LYS C 1771 2.99 15.99 -9.04
CA LYS C 1771 3.77 17.11 -8.55
C LYS C 1771 3.22 17.62 -7.21
N PHE C 1772 1.90 17.76 -7.11
CA PHE C 1772 1.28 18.30 -5.89
C PHE C 1772 0.12 17.49 -5.37
N LEU C 1773 -0.46 16.58 -6.15
CA LEU C 1773 -1.55 15.74 -5.67
C LEU C 1773 -1.20 14.99 -4.40
N ASP C 1774 0.10 14.83 -4.11
CA ASP C 1774 0.50 14.17 -2.87
C ASP C 1774 0.13 15.01 -1.65
N VAL C 1775 0.54 16.28 -1.64
CA VAL C 1775 0.31 17.15 -0.50
C VAL C 1775 -0.99 17.95 -0.62
N CYS C 1776 -1.44 18.25 -1.83
CA CYS C 1776 -2.70 18.96 -2.05
C CYS C 1776 -3.91 18.07 -1.81
N ILE C 1777 -3.72 16.83 -1.37
CA ILE C 1777 -4.83 15.93 -1.08
C ILE C 1777 -5.01 15.68 0.42
N ALA C 1778 -3.96 15.83 1.23
CA ALA C 1778 -4.08 15.54 2.65
C ALA C 1778 -4.76 16.66 3.42
N LEU C 1779 -4.63 17.90 2.97
CA LEU C 1779 -5.37 19.00 3.57
C LEU C 1779 -6.86 18.89 3.32
N ASP C 1780 -7.27 18.17 2.26
CA ASP C 1780 -8.68 18.08 1.91
C ASP C 1780 -9.41 17.08 2.80
N MET C 1781 -8.74 16.00 3.22
CA MET C 1781 -9.40 14.97 3.99
C MET C 1781 -9.58 15.36 5.45
N MET C 1782 -8.64 16.12 6.02
CA MET C 1782 -8.74 16.52 7.41
C MET C 1782 -9.68 17.71 7.60
N ASN C 1783 -9.55 18.74 6.77
CA ASN C 1783 -10.45 19.88 6.82
C ASN C 1783 -11.77 19.51 6.16
N GLU C 1784 -12.88 19.81 6.84
CA GLU C 1784 -14.20 19.41 6.38
C GLU C 1784 -14.84 20.40 5.42
N ASN C 1785 -14.15 21.50 5.07
CA ASN C 1785 -14.78 22.52 4.26
C ASN C 1785 -13.89 23.04 3.14
N LEU C 1786 -12.84 22.30 2.76
CA LEU C 1786 -12.03 22.72 1.61
C LEU C 1786 -12.67 22.28 0.29
N GLY C 1787 -12.81 20.97 0.10
CA GLY C 1787 -13.45 20.44 -1.08
C GLY C 1787 -12.79 20.84 -2.39
N ILE C 1788 -11.56 20.37 -2.61
CA ILE C 1788 -10.83 20.67 -3.83
C ILE C 1788 -10.62 19.44 -4.70
N ILE C 1789 -10.46 18.25 -4.11
CA ILE C 1789 -10.32 17.02 -4.89
C ILE C 1789 -11.62 16.72 -5.63
N SER C 1790 -12.77 16.96 -5.01
CA SER C 1790 -14.04 16.84 -5.71
C SER C 1790 -14.26 17.97 -6.72
N HIS C 1791 -13.43 19.00 -6.70
CA HIS C 1791 -13.51 20.13 -7.63
C HIS C 1791 -12.53 20.01 -8.78
N LEU C 1792 -11.34 19.44 -8.54
CA LEU C 1792 -10.37 19.30 -9.61
C LEU C 1792 -10.86 18.37 -10.71
N LEU C 1793 -11.65 17.36 -10.36
CA LEU C 1793 -12.22 16.44 -11.33
C LEU C 1793 -13.54 16.95 -11.87
N LYS C 1794 -13.53 18.18 -12.37
CA LYS C 1794 -14.74 18.81 -12.87
C LYS C 1794 -14.35 19.96 -13.78
N THR C 1795 -15.24 20.29 -14.72
CA THR C 1795 -15.00 21.33 -15.70
C THR C 1795 -15.48 22.67 -15.16
N ARG C 1796 -15.10 23.74 -15.86
CA ARG C 1796 -15.47 25.09 -15.42
C ARG C 1796 -16.98 25.32 -15.56
N ASP C 1797 -17.60 24.71 -16.56
CA ASP C 1797 -19.05 24.73 -16.79
C ASP C 1797 -19.53 26.10 -17.26
N ASN C 1798 -18.64 27.10 -17.26
CA ASN C 1798 -18.98 28.42 -17.78
C ASN C 1798 -18.14 28.79 -18.99
N SER C 1799 -16.82 28.78 -18.87
CA SER C 1799 -15.84 29.05 -19.93
C SER C 1799 -15.90 30.47 -20.46
N VAL C 1800 -16.85 31.28 -20.00
CA VAL C 1800 -17.00 32.66 -20.46
C VAL C 1800 -17.94 33.37 -19.49
N TYR C 1801 -17.68 34.64 -19.22
CA TYR C 1801 -18.47 35.41 -18.26
C TYR C 1801 -18.84 36.76 -18.86
N ILE C 1802 -20.14 37.01 -19.00
CA ILE C 1802 -20.61 38.32 -19.42
C ILE C 1802 -20.68 39.22 -18.20
N VAL C 1803 -20.03 40.38 -18.27
CA VAL C 1803 -20.00 41.32 -17.15
C VAL C 1803 -20.07 42.74 -17.69
N LYS C 1804 -20.51 43.67 -16.86
CA LYS C 1804 -20.54 45.07 -17.21
C LYS C 1804 -19.19 45.71 -16.95
N GLN C 1805 -18.90 46.78 -17.68
CA GLN C 1805 -17.63 47.48 -17.54
C GLN C 1805 -17.53 48.22 -16.20
N SER C 1806 -18.65 48.58 -15.59
CA SER C 1806 -18.61 49.33 -14.34
C SER C 1806 -18.03 48.50 -13.20
N ASP C 1807 -18.17 47.18 -13.26
CA ASP C 1807 -17.60 46.30 -12.25
C ASP C 1807 -16.16 45.92 -12.53
N CYS C 1808 -15.74 45.96 -13.80
CA CYS C 1808 -14.36 45.63 -14.15
C CYS C 1808 -13.39 46.73 -13.74
N ALA C 1809 -13.84 47.97 -13.65
CA ALA C 1809 -12.98 49.08 -13.30
C ALA C 1809 -12.86 49.30 -11.79
N LEU C 1810 -13.68 48.63 -10.99
CA LEU C 1810 -13.66 48.78 -9.54
C LEU C 1810 -13.12 47.52 -8.84
N ALA C 1811 -12.52 46.60 -9.57
CA ALA C 1811 -12.01 45.37 -8.98
C ALA C 1811 -10.66 45.61 -8.32
N HIS C 1812 -10.21 44.62 -7.55
CA HIS C 1812 -8.93 44.66 -6.89
C HIS C 1812 -7.87 44.07 -7.80
N ILE C 1813 -6.73 44.75 -7.91
CA ILE C 1813 -5.63 44.31 -8.77
C ILE C 1813 -4.71 43.46 -7.91
N ARG C 1814 -4.86 42.14 -7.99
CA ARG C 1814 -4.02 41.20 -7.28
C ARG C 1814 -3.30 40.34 -8.31
N GLN C 1815 -2.13 40.80 -8.76
CA GLN C 1815 -1.27 40.02 -9.63
C GLN C 1815 0.12 40.01 -8.98
N SER C 1816 0.64 38.81 -8.76
CA SER C 1816 1.87 38.66 -7.99
C SER C 1816 3.09 38.76 -8.89
N SER C 1817 4.09 39.49 -8.42
CA SER C 1817 5.40 39.43 -9.03
C SER C 1817 6.09 38.12 -8.62
N TYR C 1818 7.17 37.80 -9.31
CA TYR C 1818 7.89 36.57 -9.02
C TYR C 1818 8.46 36.62 -7.61
N THR C 1819 8.16 35.59 -6.82
CA THR C 1819 8.61 35.53 -5.43
C THR C 1819 10.12 35.61 -5.32
N ASP C 1820 10.85 35.18 -6.35
CA ASP C 1820 12.30 35.25 -6.37
C ASP C 1820 12.81 36.66 -6.65
N TRP C 1821 11.92 37.64 -6.79
CA TRP C 1821 12.29 39.03 -7.04
C TRP C 1821 13.09 39.17 -8.34
N GLU C 1822 12.71 38.39 -9.34
CA GLU C 1822 13.32 38.45 -10.67
C GLU C 1822 14.82 38.17 -10.60
N LEU C 1823 15.25 37.45 -9.57
CA LEU C 1823 16.67 37.24 -9.30
C LEU C 1823 17.16 35.85 -9.66
N GLY C 1824 16.28 34.94 -10.07
CA GLY C 1824 16.69 33.56 -10.25
C GLY C 1824 17.69 33.31 -11.37
N LEU C 1825 17.24 33.38 -12.61
CA LEU C 1825 18.14 33.11 -13.74
C LEU C 1825 18.01 34.08 -14.90
N SER C 1826 16.97 34.92 -14.96
CA SER C 1826 16.75 35.82 -16.08
C SER C 1826 16.78 35.05 -17.40
N PRO C 1827 15.69 34.32 -17.74
CA PRO C 1827 15.73 33.31 -18.81
C PRO C 1827 16.49 33.69 -20.08
N GLN C 1828 16.68 34.99 -20.35
CA GLN C 1828 17.61 35.38 -21.40
C GLN C 1828 19.01 34.83 -21.13
N GLN C 1829 19.44 34.90 -19.86
CA GLN C 1829 20.72 34.30 -19.50
C GLN C 1829 20.68 32.80 -19.63
N ILE C 1830 19.56 32.17 -19.28
CA ILE C 1830 19.39 30.73 -19.52
C ILE C 1830 19.66 30.41 -20.98
N CYS C 1831 19.02 31.15 -21.89
CA CYS C 1831 19.14 30.88 -23.31
C CYS C 1831 20.57 31.08 -23.80
N THR C 1832 21.19 32.21 -23.42
CA THR C 1832 22.52 32.51 -23.93
C THR C 1832 23.57 31.58 -23.34
N ASN C 1833 23.43 31.19 -22.07
CA ASN C 1833 24.37 30.24 -21.48
C ASN C 1833 24.20 28.85 -22.08
N PHE C 1834 22.96 28.45 -22.37
CA PHE C 1834 22.72 27.17 -23.02
C PHE C 1834 23.35 27.15 -24.41
N LYS C 1835 23.19 28.25 -25.17
CA LYS C 1835 23.79 28.32 -26.50
C LYS C 1835 25.30 28.33 -26.42
N THR C 1836 25.86 29.03 -25.44
CA THR C 1836 27.32 29.05 -25.27
C THR C 1836 27.85 27.66 -24.95
N GLN C 1837 27.19 26.96 -24.01
CA GLN C 1837 27.59 25.59 -23.70
C GLN C 1837 27.51 24.71 -24.93
N LEU C 1838 26.44 24.83 -25.72
CA LEU C 1838 26.29 24.01 -26.91
C LEU C 1838 27.39 24.28 -27.92
N VAL C 1839 27.72 25.55 -28.15
CA VAL C 1839 28.71 25.85 -29.18
C VAL C 1839 30.12 25.44 -28.72
N LEU C 1840 30.43 25.64 -27.43
CA LEU C 1840 31.74 25.25 -26.94
C LEU C 1840 31.89 23.75 -26.79
N SER C 1841 30.78 23.03 -26.62
CA SER C 1841 30.82 21.57 -26.58
C SER C 1841 30.88 20.99 -27.99
N SER C 1842 30.30 21.68 -28.97
CA SER C 1842 30.42 21.23 -30.36
C SER C 1842 31.79 21.53 -30.93
N MET C 1843 32.45 22.59 -30.46
CA MET C 1843 33.78 22.92 -30.97
C MET C 1843 34.88 22.22 -30.17
N VAL C 1844 34.73 20.91 -29.95
CA VAL C 1844 35.85 20.07 -29.51
C VAL C 1844 35.85 18.79 -30.32
N ASN C 1845 34.72 18.49 -30.96
CA ASN C 1845 34.52 17.29 -31.75
C ASN C 1845 33.18 17.36 -32.48
N PRO C 1846 33.04 16.71 -33.63
CA PRO C 1846 31.77 16.78 -34.37
C PRO C 1846 30.70 15.91 -33.72
N LEU C 1847 29.51 16.49 -33.55
CA LEU C 1847 28.37 15.78 -32.99
C LEU C 1847 27.16 15.96 -33.90
N VAL C 1848 26.26 14.99 -33.86
CA VAL C 1848 25.02 15.04 -34.66
C VAL C 1848 24.03 15.97 -33.99
N LEU C 1849 23.18 16.59 -34.80
CA LEU C 1849 22.20 17.57 -34.30
C LEU C 1849 20.86 16.90 -34.02
N SER C 1850 20.91 15.87 -33.19
CA SER C 1850 19.72 15.13 -32.79
C SER C 1850 19.33 15.50 -31.36
N THR C 1851 18.28 14.86 -30.86
CA THR C 1851 17.90 15.03 -29.47
C THR C 1851 18.93 14.44 -28.51
N SER C 1852 19.89 13.67 -29.01
CA SER C 1852 20.95 13.13 -28.16
C SER C 1852 21.97 14.19 -27.78
N CYS C 1853 22.09 15.25 -28.57
CA CYS C 1853 23.02 16.33 -28.30
C CYS C 1853 22.33 17.62 -27.90
N LEU C 1854 21.04 17.57 -27.62
CA LEU C 1854 20.26 18.72 -27.16
C LEU C 1854 19.63 18.48 -25.79
N LYS C 1855 19.07 17.29 -25.58
CA LYS C 1855 18.52 16.95 -24.27
C LYS C 1855 19.59 16.51 -23.28
N SER C 1856 20.75 16.08 -23.76
CA SER C 1856 21.85 15.60 -22.91
C SER C 1856 22.69 16.74 -22.34
N PHE C 1857 22.17 17.96 -22.30
CA PHE C 1857 22.89 19.10 -21.75
C PHE C 1857 22.11 19.65 -20.56
N PHE C 1858 22.85 20.03 -19.51
CA PHE C 1858 22.21 20.43 -18.25
C PHE C 1858 21.44 21.73 -18.41
N TRP C 1859 22.00 22.71 -19.11
CA TRP C 1859 21.35 23.99 -19.27
C TRP C 1859 20.16 23.96 -20.22
N PHE C 1860 19.73 22.78 -20.65
CA PHE C 1860 18.53 22.65 -21.49
C PHE C 1860 17.30 22.75 -20.57
N ASN C 1861 17.13 23.94 -19.99
CA ASN C 1861 15.95 24.26 -19.20
C ASN C 1861 14.84 24.87 -20.05
N GLU C 1862 14.96 24.78 -21.37
CA GLU C 1862 13.94 25.32 -22.26
C GLU C 1862 12.64 24.54 -22.14
N VAL C 1863 12.71 23.26 -21.77
CA VAL C 1863 11.50 22.50 -21.47
C VAL C 1863 10.79 23.06 -20.25
N LEU C 1864 11.54 23.68 -19.32
CA LEU C 1864 10.95 24.42 -18.23
C LEU C 1864 10.57 25.82 -18.74
N GLU C 1865 10.26 26.74 -17.83
CA GLU C 1865 9.89 28.11 -18.17
C GLU C 1865 8.64 28.10 -19.07
N LEU C 1866 7.53 27.68 -18.48
CA LEU C 1866 6.24 27.50 -19.15
C LEU C 1866 5.95 28.59 -20.16
N GLU C 1867 6.28 29.84 -19.83
CA GLU C 1867 6.18 30.92 -20.80
C GLU C 1867 7.30 30.79 -21.83
N ASP C 1868 7.02 30.11 -22.94
CA ASP C 1868 8.01 29.81 -23.97
C ASP C 1868 7.89 30.76 -25.16
N ASP C 1869 7.56 32.03 -24.90
CA ASP C 1869 7.39 32.99 -25.99
C ASP C 1869 8.70 33.28 -26.70
N SER C 1870 9.83 33.18 -26.01
CA SER C 1870 11.13 33.50 -26.57
C SER C 1870 12.02 32.26 -26.52
N GLN C 1871 12.57 31.88 -27.66
CA GLN C 1871 13.50 30.75 -27.74
C GLN C 1871 14.92 31.27 -27.78
N ILE C 1872 15.89 30.37 -27.97
CA ILE C 1872 17.30 30.67 -27.73
C ILE C 1872 17.85 31.63 -28.78
N GLU C 1873 18.06 31.15 -30.00
CA GLU C 1873 18.33 32.05 -31.12
C GLU C 1873 17.58 31.63 -32.37
N LEU C 1874 17.54 30.33 -32.65
CA LEU C 1874 17.10 29.81 -33.93
C LEU C 1874 16.27 28.54 -33.84
N ALA C 1875 16.20 27.88 -32.69
CA ALA C 1875 15.69 26.51 -32.59
C ALA C 1875 14.21 26.46 -32.21
N GLU C 1876 13.41 27.40 -32.72
CA GLU C 1876 11.97 27.41 -32.49
C GLU C 1876 11.32 26.08 -32.87
N LEU C 1877 11.62 25.59 -34.08
CA LEU C 1877 10.94 24.41 -34.60
C LEU C 1877 11.22 23.18 -33.75
N THR C 1878 12.49 22.93 -33.42
CA THR C 1878 12.80 21.74 -32.64
C THR C 1878 12.31 21.85 -31.21
N ASP C 1879 12.21 23.07 -30.67
CA ASP C 1879 11.64 23.23 -29.34
C ASP C 1879 10.14 22.93 -29.35
N PHE C 1880 9.43 23.49 -30.33
CA PHE C 1880 8.01 23.19 -30.47
C PHE C 1880 7.78 21.71 -30.72
N ALA C 1881 8.73 21.05 -31.38
CA ALA C 1881 8.62 19.61 -31.59
C ALA C 1881 8.84 18.83 -30.30
N LEU C 1882 9.82 19.25 -29.50
CA LEU C 1882 10.09 18.57 -28.23
C LEU C 1882 8.95 18.78 -27.23
N MET C 1883 8.26 19.92 -27.32
CA MET C 1883 7.06 20.11 -26.50
C MET C 1883 6.01 19.06 -26.81
N VAL C 1884 6.02 18.51 -28.03
CA VAL C 1884 5.19 17.36 -28.38
C VAL C 1884 5.93 16.04 -28.22
N LYS C 1885 7.16 16.07 -27.69
CA LYS C 1885 8.00 14.89 -27.51
C LYS C 1885 8.25 14.19 -28.85
N ASN C 1886 8.96 14.92 -29.72
CA ASN C 1886 9.32 14.40 -31.02
C ASN C 1886 10.46 13.40 -30.92
N GLN C 1887 10.54 12.50 -31.90
CA GLN C 1887 11.61 11.52 -32.01
C GLN C 1887 12.49 11.77 -33.22
N ASN C 1888 12.57 13.03 -33.66
CA ASN C 1888 13.28 13.38 -34.88
C ASN C 1888 14.80 13.31 -34.64
N VAL C 1889 15.54 13.35 -35.75
CA VAL C 1889 17.01 13.29 -35.68
C VAL C 1889 17.62 14.54 -36.29
N SER C 1890 17.42 14.74 -37.59
CA SER C 1890 18.07 15.85 -38.27
C SER C 1890 17.39 16.11 -39.62
N ARG C 1891 17.33 17.38 -40.00
CA ARG C 1891 16.87 17.79 -41.31
C ARG C 1891 17.31 19.24 -41.52
N ALA C 1892 16.95 19.79 -42.69
CA ALA C 1892 17.33 21.15 -43.05
C ALA C 1892 16.42 22.12 -42.30
N MET C 1893 16.82 22.47 -41.08
CA MET C 1893 16.07 23.43 -40.26
C MET C 1893 16.56 24.83 -40.59
N PHE C 1894 16.05 25.36 -41.70
CA PHE C 1894 16.43 26.67 -42.23
C PHE C 1894 15.19 27.53 -42.44
N VAL C 1895 14.33 27.60 -41.41
CA VAL C 1895 13.08 28.32 -41.50
C VAL C 1895 13.26 29.80 -41.81
N GLU C 1896 14.48 30.34 -41.62
CA GLU C 1896 14.76 31.71 -42.04
C GLU C 1896 14.38 31.92 -43.50
N ASP C 1897 14.78 30.99 -44.36
CA ASP C 1897 14.25 30.89 -45.71
C ASP C 1897 13.01 29.99 -45.62
N ILE C 1898 11.83 30.59 -45.73
CA ILE C 1898 10.58 29.91 -45.40
C ILE C 1898 10.38 28.67 -46.27
N ALA C 1899 10.41 27.51 -45.65
CA ALA C 1899 10.15 26.25 -46.35
C ALA C 1899 8.68 25.90 -46.38
N MET C 1900 7.88 26.45 -45.47
CA MET C 1900 6.45 26.22 -45.48
C MET C 1900 5.73 27.13 -46.47
N GLY C 1901 6.27 28.32 -46.71
CA GLY C 1901 5.72 29.22 -47.69
C GLY C 1901 6.55 29.25 -48.97
N TYR C 1902 5.92 29.77 -50.04
CA TYR C 1902 6.55 29.88 -51.35
C TYR C 1902 7.05 28.52 -51.85
N VAL C 1903 6.09 27.62 -52.05
CA VAL C 1903 6.36 26.25 -52.46
C VAL C 1903 5.69 26.01 -53.81
N VAL C 1904 6.39 25.30 -54.70
CA VAL C 1904 5.85 25.00 -56.01
C VAL C 1904 4.61 24.13 -55.87
N SER C 1905 3.61 24.38 -56.72
CA SER C 1905 2.33 23.68 -56.63
C SER C 1905 2.08 22.83 -57.86
N ASN C 1906 3.08 22.07 -58.31
CA ASN C 1906 2.95 21.19 -59.46
C ASN C 1906 2.13 19.97 -59.05
N PHE C 1907 0.81 20.13 -59.08
CA PHE C 1907 -0.11 19.10 -58.63
C PHE C 1907 -0.80 18.45 -59.83
N GLU C 1908 -1.11 17.17 -59.68
CA GLU C 1908 -1.75 16.39 -60.73
C GLU C 1908 -2.40 15.17 -60.09
N GLY C 1909 -2.91 14.26 -60.92
CA GLY C 1909 -3.55 13.05 -60.44
C GLY C 1909 -3.31 11.90 -61.39
N VAL C 1910 -3.80 10.72 -61.00
CA VAL C 1910 -3.64 9.49 -61.75
C VAL C 1910 -5.00 8.80 -61.87
N ARG C 1911 -5.00 7.62 -62.47
CA ARG C 1911 -6.22 6.84 -62.66
C ARG C 1911 -6.59 6.17 -61.33
N ILE C 1912 -7.60 5.29 -61.37
CA ILE C 1912 -8.12 4.64 -60.18
C ILE C 1912 -8.09 3.13 -60.37
N SER C 1913 -8.35 2.41 -59.28
CA SER C 1913 -8.40 0.95 -59.28
C SER C 1913 -9.55 0.52 -58.38
N LEU C 1914 -10.61 -0.01 -58.98
CA LEU C 1914 -11.81 -0.35 -58.23
C LEU C 1914 -11.58 -1.60 -57.38
N SER C 1915 -11.96 -1.51 -56.11
CA SER C 1915 -11.97 -2.69 -55.24
C SER C 1915 -13.22 -3.52 -55.55
N ASN C 1916 -13.41 -4.59 -54.78
CA ASN C 1916 -14.46 -5.58 -55.04
C ASN C 1916 -14.36 -6.06 -56.49
N VAL C 1917 -13.24 -6.73 -56.76
CA VAL C 1917 -12.77 -6.94 -58.12
C VAL C 1917 -13.84 -7.64 -58.96
N MET C 1918 -14.33 -6.93 -59.97
CA MET C 1918 -15.15 -7.52 -61.02
C MET C 1918 -14.73 -7.05 -62.40
N VAL C 1919 -13.66 -6.25 -62.50
CA VAL C 1919 -13.25 -5.67 -63.77
C VAL C 1919 -12.29 -6.56 -64.55
N ASP C 1920 -11.58 -7.47 -63.88
CA ASP C 1920 -10.66 -8.36 -64.59
C ASP C 1920 -11.38 -9.27 -65.57
N GLY C 1921 -12.67 -9.51 -65.36
CA GLY C 1921 -13.45 -10.31 -66.30
C GLY C 1921 -14.02 -9.54 -67.46
N VAL C 1922 -13.98 -8.21 -67.41
CA VAL C 1922 -14.53 -7.37 -68.48
C VAL C 1922 -13.48 -6.42 -69.05
N GLN C 1923 -12.21 -6.58 -68.66
CA GLN C 1923 -11.15 -5.72 -69.17
C GLN C 1923 -10.56 -6.24 -70.48
N LEU C 1924 -10.23 -7.53 -70.52
CA LEU C 1924 -9.63 -8.15 -71.70
C LEU C 1924 -10.60 -8.42 -72.85
N PRO C 1925 -11.87 -8.78 -72.62
CA PRO C 1925 -12.76 -9.07 -73.76
C PRO C 1925 -12.91 -7.90 -74.72
N PRO C 1926 -12.77 -6.63 -74.29
CA PRO C 1926 -12.57 -5.57 -75.29
C PRO C 1926 -11.25 -5.75 -76.04
N GLN C 1927 -11.35 -6.05 -77.34
CA GLN C 1927 -10.16 -6.26 -78.16
C GLN C 1927 -10.46 -5.97 -79.62
N ASP C 1932 -16.26 -4.94 -76.15
CA ASP C 1932 -15.58 -3.67 -76.40
C ASP C 1932 -16.03 -2.64 -75.36
N ILE C 1933 -15.70 -1.37 -75.58
CA ILE C 1933 -16.16 -0.33 -74.66
C ILE C 1933 -17.66 -0.11 -74.80
N GLY C 1934 -18.23 -0.48 -75.94
CA GLY C 1934 -19.66 -0.28 -76.14
C GLY C 1934 -20.51 -1.10 -75.19
N GLU C 1935 -20.17 -2.38 -75.03
CA GLU C 1935 -20.92 -3.22 -74.10
C GLU C 1935 -20.73 -2.77 -72.66
N LEU C 1936 -19.54 -2.24 -72.33
CA LEU C 1936 -19.31 -1.70 -70.99
C LEU C 1936 -20.17 -0.47 -70.74
N PHE C 1937 -20.24 0.42 -71.73
CA PHE C 1937 -21.09 1.61 -71.58
C PHE C 1937 -22.56 1.21 -71.50
N GLY C 1938 -22.98 0.20 -72.25
CA GLY C 1938 -24.35 -0.28 -72.15
C GLY C 1938 -24.65 -0.90 -70.79
N LEU C 1939 -23.67 -1.61 -70.22
CA LEU C 1939 -23.83 -2.16 -68.88
C LEU C 1939 -23.93 -1.04 -67.85
N LYS C 1940 -23.15 0.02 -68.03
CA LYS C 1940 -23.22 1.17 -67.13
C LYS C 1940 -24.41 2.07 -67.40
N ALA C 1941 -25.16 1.82 -68.47
CA ALA C 1941 -26.35 2.61 -68.80
C ALA C 1941 -27.61 1.91 -68.34
N GLY C 1947 -33.01 -5.06 -62.95
CA GLY C 1947 -32.82 -4.31 -61.73
C GLY C 1947 -31.64 -3.35 -61.79
N LEU C 1948 -31.59 -2.43 -60.83
CA LEU C 1948 -30.51 -1.45 -60.76
C LEU C 1948 -29.35 -2.04 -59.98
N VAL C 1949 -28.12 -1.77 -60.43
CA VAL C 1949 -26.95 -2.47 -59.94
C VAL C 1949 -25.92 -1.46 -59.43
N VAL C 1950 -26.40 -0.34 -58.88
CA VAL C 1950 -25.50 0.68 -58.33
C VAL C 1950 -25.00 0.18 -56.98
N GLN C 1951 -23.81 -0.38 -56.96
CA GLN C 1951 -23.17 -0.83 -55.73
C GLN C 1951 -22.25 0.26 -55.21
N ILE C 1952 -21.43 -0.07 -54.20
CA ILE C 1952 -20.47 0.90 -53.69
C ILE C 1952 -19.35 1.11 -54.72
N ASP C 1953 -18.69 2.25 -54.61
CA ASP C 1953 -17.60 2.63 -55.50
C ASP C 1953 -16.33 2.84 -54.69
N HIS C 1954 -15.22 2.32 -55.19
CA HIS C 1954 -13.94 2.42 -54.52
C HIS C 1954 -12.99 3.20 -55.41
N VAL C 1955 -12.52 4.35 -54.92
CA VAL C 1955 -11.62 5.22 -55.66
C VAL C 1955 -10.24 5.15 -55.04
N ARG C 1956 -9.23 4.95 -55.88
CA ARG C 1956 -7.84 4.86 -55.44
C ARG C 1956 -7.02 5.86 -56.24
N MET C 1957 -6.32 6.75 -55.55
CA MET C 1957 -5.54 7.79 -56.20
C MET C 1957 -4.15 7.83 -55.59
N SER C 1958 -3.15 8.16 -56.43
CA SER C 1958 -1.75 8.29 -56.02
C SER C 1958 -1.24 9.60 -56.61
N THR C 1959 -1.32 10.67 -55.82
CA THR C 1959 -0.98 12.02 -56.28
C THR C 1959 0.43 12.35 -55.78
N LYS C 1960 1.37 12.52 -56.73
CA LYS C 1960 2.77 12.79 -56.41
C LYS C 1960 3.10 14.22 -56.81
N PHE C 1961 3.70 14.96 -55.87
CA PHE C 1961 4.10 16.34 -56.07
C PHE C 1961 5.58 16.48 -55.72
N LYS C 1962 6.14 17.64 -56.10
CA LYS C 1962 7.56 17.92 -55.94
C LYS C 1962 7.77 19.19 -55.13
N LEU C 1963 7.11 19.28 -53.98
CA LEU C 1963 7.15 20.47 -53.13
C LEU C 1963 8.59 20.88 -52.82
N LYS C 1964 8.96 22.08 -53.24
CA LYS C 1964 10.28 22.64 -52.99
C LYS C 1964 10.23 23.57 -51.78
N ARG C 1965 11.32 24.29 -51.54
CA ARG C 1965 11.41 25.23 -50.42
C ARG C 1965 12.18 26.46 -50.88
N LYS C 1966 12.27 27.44 -49.98
CA LYS C 1966 12.99 28.67 -50.29
C LYS C 1966 14.50 28.44 -50.31
N MET C 1967 15.02 27.78 -49.28
CA MET C 1967 16.44 27.45 -49.25
C MET C 1967 16.75 26.37 -50.27
N VAL C 1968 18.04 26.07 -50.42
CA VAL C 1968 18.48 25.07 -51.37
C VAL C 1968 18.11 23.68 -50.86
N TYR C 1969 17.04 23.11 -51.41
CA TYR C 1969 16.54 21.81 -50.99
C TYR C 1969 15.48 21.36 -51.98
N SER C 1970 15.02 20.12 -51.81
CA SER C 1970 14.00 19.55 -52.66
C SER C 1970 13.30 18.43 -51.91
N PHE C 1971 12.11 18.07 -52.38
CA PHE C 1971 11.30 17.05 -51.71
C PHE C 1971 10.27 16.52 -52.69
N SER C 1972 10.04 15.21 -52.63
CA SER C 1972 9.06 14.53 -53.46
C SER C 1972 8.08 13.80 -52.55
N LEU C 1973 6.80 14.17 -52.63
CA LEU C 1973 5.80 13.69 -51.68
C LEU C 1973 4.59 13.16 -52.43
N GLU C 1974 4.22 11.91 -52.18
CA GLU C 1974 3.09 11.28 -52.83
C GLU C 1974 2.06 10.85 -51.79
N CYS C 1975 0.79 11.02 -52.11
CA CYS C 1975 -0.32 10.72 -51.22
C CYS C 1975 -1.22 9.67 -51.87
N ILE C 1976 -1.55 8.63 -51.10
CA ILE C 1976 -2.51 7.60 -51.51
C ILE C 1976 -3.85 7.92 -50.88
N MET C 1977 -4.89 7.97 -51.71
CA MET C 1977 -6.24 8.32 -51.28
C MET C 1977 -7.17 7.18 -51.63
N ASP C 1978 -7.81 6.60 -50.62
CA ASP C 1978 -8.84 5.58 -50.84
C ASP C 1978 -10.18 6.12 -50.37
N VAL C 1979 -11.13 6.19 -51.29
CA VAL C 1979 -12.44 6.79 -51.05
C VAL C 1979 -13.50 5.71 -51.24
N GLY C 1980 -14.32 5.50 -50.21
CA GLY C 1980 -15.47 4.62 -50.32
C GLY C 1980 -16.74 5.44 -50.50
N GLU C 1981 -17.28 5.44 -51.71
CA GLU C 1981 -18.43 6.25 -52.07
C GLU C 1981 -19.55 5.35 -52.56
N ILE C 1982 -20.64 5.95 -53.02
CA ILE C 1982 -21.78 5.23 -53.57
C ILE C 1982 -21.97 5.65 -55.02
N GLN C 1983 -22.10 4.66 -55.91
CA GLN C 1983 -22.33 4.96 -57.31
C GLN C 1983 -23.68 5.67 -57.49
N ASN C 1984 -23.73 6.54 -58.47
CA ASN C 1984 -24.91 7.36 -58.75
C ASN C 1984 -25.70 6.77 -59.92
N LYS C 1985 -26.95 7.22 -60.02
CA LYS C 1985 -27.78 6.83 -61.15
C LYS C 1985 -27.35 7.56 -62.41
N GLU C 1986 -27.52 8.88 -62.44
CA GLU C 1986 -27.16 9.66 -63.62
C GLU C 1986 -26.42 10.96 -63.36
N VAL C 1987 -26.55 11.60 -62.19
CA VAL C 1987 -26.18 13.01 -62.12
C VAL C 1987 -24.70 13.22 -61.81
N ILE C 1988 -24.28 12.92 -60.57
CA ILE C 1988 -22.86 13.07 -60.27
C ILE C 1988 -22.26 11.85 -59.57
N LEU C 1989 -22.62 11.66 -58.30
CA LEU C 1989 -22.05 10.62 -57.45
C LEU C 1989 -22.62 10.72 -56.04
N LYS C 1990 -22.30 9.76 -55.18
CA LYS C 1990 -22.66 9.82 -53.77
C LYS C 1990 -21.48 9.30 -52.95
N VAL C 1991 -21.19 9.96 -51.83
CA VAL C 1991 -19.96 9.71 -51.08
C VAL C 1991 -20.31 9.23 -49.67
N VAL C 1992 -19.41 8.42 -49.10
CA VAL C 1992 -19.54 7.95 -47.72
C VAL C 1992 -18.33 8.36 -46.89
N ALA C 1993 -17.15 7.87 -47.25
CA ALA C 1993 -15.97 8.09 -46.42
C ALA C 1993 -14.72 8.19 -47.28
N VAL C 1994 -13.66 8.72 -46.68
CA VAL C 1994 -12.38 8.94 -47.35
C VAL C 1994 -11.27 8.60 -46.37
N ASP C 1995 -10.10 8.26 -46.91
CA ASP C 1995 -8.91 8.05 -46.09
C ASP C 1995 -7.68 8.41 -46.90
N GLN C 1996 -6.70 9.01 -46.23
CA GLN C 1996 -5.48 9.49 -46.86
C GLN C 1996 -4.26 8.89 -46.17
N SER C 1997 -3.18 8.74 -46.95
CA SER C 1997 -1.92 8.24 -46.42
C SER C 1997 -0.79 8.91 -47.19
N VAL C 1998 -0.04 9.79 -46.52
CA VAL C 1998 1.06 10.51 -47.15
C VAL C 1998 2.28 9.59 -47.20
N SER C 1999 3.27 9.95 -48.01
CA SER C 1999 4.52 9.20 -48.12
C SER C 1999 5.48 10.03 -48.95
N GLY C 2000 6.74 9.61 -48.94
CA GLY C 2000 7.78 10.27 -49.73
C GLY C 2000 8.74 11.05 -48.85
N SER C 2001 9.74 11.63 -49.52
CA SER C 2001 10.80 12.37 -48.84
C SER C 2001 10.41 13.84 -48.78
N GLY C 2002 10.21 14.34 -47.57
CA GLY C 2002 9.85 15.73 -47.36
C GLY C 2002 9.92 16.14 -45.91
N GLY C 2003 10.33 17.39 -45.66
CA GLY C 2003 10.42 17.90 -44.31
C GLY C 2003 9.06 18.10 -43.68
N ASN C 2004 9.08 18.50 -42.41
CA ASN C 2004 7.83 18.74 -41.69
C ASN C 2004 7.04 19.87 -42.33
N HIS C 2005 7.72 20.98 -42.64
CA HIS C 2005 7.03 22.09 -43.29
C HIS C 2005 6.56 21.70 -44.69
N MET C 2006 7.33 20.86 -45.39
CA MET C 2006 6.95 20.44 -46.73
C MET C 2006 5.66 19.62 -46.70
N LEU C 2007 5.62 18.60 -45.83
CA LEU C 2007 4.40 17.79 -45.73
C LEU C 2007 3.24 18.60 -45.17
N LEU C 2008 3.52 19.57 -44.29
CA LEU C 2008 2.46 20.44 -43.79
C LEU C 2008 1.84 21.24 -44.92
N ASP C 2009 2.68 21.87 -45.76
CA ASP C 2009 2.18 22.60 -46.92
C ASP C 2009 1.38 21.68 -47.83
N GLY C 2010 1.91 20.49 -48.10
CA GLY C 2010 1.23 19.57 -49.00
C GLY C 2010 -0.13 19.15 -48.48
N VAL C 2011 -0.20 18.76 -47.21
CA VAL C 2011 -1.46 18.29 -46.64
C VAL C 2011 -2.44 19.45 -46.47
N SER C 2012 -1.94 20.68 -46.31
CA SER C 2012 -2.84 21.82 -46.21
C SER C 2012 -3.42 22.17 -47.57
N VAL C 2013 -2.61 22.11 -48.62
CA VAL C 2013 -3.11 22.49 -49.94
C VAL C 2013 -3.96 21.39 -50.56
N VAL C 2014 -3.70 20.12 -50.24
CA VAL C 2014 -4.54 19.06 -50.80
C VAL C 2014 -5.93 19.08 -50.17
N ALA C 2015 -6.07 19.67 -48.98
CA ALA C 2015 -7.37 19.85 -48.34
C ALA C 2015 -8.01 21.19 -48.66
N SER C 2016 -7.28 22.10 -49.30
CA SER C 2016 -7.80 23.42 -49.68
C SER C 2016 -7.46 23.71 -51.13
N LEU C 2017 -7.71 22.75 -52.00
CA LEU C 2017 -7.40 22.83 -53.42
C LEU C 2017 -8.67 22.95 -54.24
N PRO C 2018 -8.56 23.37 -55.52
CA PRO C 2018 -9.73 23.30 -56.41
C PRO C 2018 -10.24 21.89 -56.68
N LEU C 2019 -9.73 20.89 -55.95
CA LEU C 2019 -10.16 19.51 -56.11
C LEU C 2019 -11.53 19.29 -55.48
N PHE C 2020 -11.88 18.02 -55.29
CA PHE C 2020 -13.22 17.54 -54.94
C PHE C 2020 -13.99 18.50 -54.03
N THR C 2021 -13.34 19.06 -53.01
CA THR C 2021 -13.98 20.08 -52.21
C THR C 2021 -14.14 21.36 -53.02
N GLY C 2022 -15.29 21.51 -53.67
CA GLY C 2022 -15.53 22.65 -54.54
C GLY C 2022 -15.99 22.24 -55.93
N GLN C 2023 -15.45 22.88 -56.97
CA GLN C 2023 -15.76 22.52 -58.34
C GLN C 2023 -15.17 21.17 -58.73
N ALA C 2024 -14.23 20.65 -57.93
CA ALA C 2024 -13.66 19.30 -58.05
C ALA C 2024 -12.70 19.16 -59.23
N SER C 2025 -12.66 20.17 -60.10
CA SER C 2025 -11.76 20.20 -61.27
C SER C 2025 -11.63 18.84 -61.94
N PHE C 2026 -12.75 18.12 -62.07
CA PHE C 2026 -12.73 16.72 -62.48
C PHE C 2026 -12.81 16.62 -63.99
N ASP C 2027 -11.84 15.95 -64.60
CA ASP C 2027 -11.79 15.72 -66.05
C ASP C 2027 -11.98 14.23 -66.29
N LEU C 2028 -13.24 13.79 -66.41
CA LEU C 2028 -13.52 12.38 -66.62
C LEU C 2028 -13.24 12.01 -68.07
N ALA C 2029 -14.01 12.57 -69.01
CA ALA C 2029 -13.84 12.38 -70.45
C ALA C 2029 -13.70 10.91 -70.85
N ALA C 2030 -14.22 10.00 -70.02
CA ALA C 2030 -14.06 8.56 -70.22
C ALA C 2030 -12.59 8.20 -70.44
N MET C 2031 -11.70 8.88 -69.71
CA MET C 2031 -10.26 8.73 -69.91
C MET C 2031 -9.67 7.69 -68.96
N LEU C 2032 -9.81 7.90 -67.65
CA LEU C 2032 -9.24 6.95 -66.70
C LEU C 2032 -9.97 5.62 -66.74
N ILE C 2033 -11.25 5.61 -67.14
CA ILE C 2033 -11.92 4.34 -67.38
C ILE C 2033 -11.29 3.61 -68.56
N GLU C 2034 -10.91 4.36 -69.60
CA GLU C 2034 -10.24 3.75 -70.74
C GLU C 2034 -8.88 3.17 -70.36
N SER C 2035 -8.24 3.71 -69.32
CA SER C 2035 -6.97 3.15 -68.86
C SER C 2035 -7.20 1.94 -67.97
N ASN C 2036 -8.14 2.02 -67.03
CA ASN C 2036 -8.47 0.87 -66.21
C ASN C 2036 -9.14 -0.22 -67.04
N LEU C 2037 -10.28 0.09 -67.63
CA LEU C 2037 -10.94 -0.81 -68.58
C LEU C 2037 -10.25 -0.62 -69.93
N ALA C 2038 -9.36 -1.54 -70.27
CA ALA C 2038 -8.52 -1.40 -71.45
C ALA C 2038 -9.37 -1.28 -72.71
N GLY C 2039 -9.29 -0.14 -73.38
CA GLY C 2039 -10.02 0.10 -74.59
C GLY C 2039 -9.56 1.34 -75.33
N SER C 2040 -9.66 1.32 -76.66
CA SER C 2040 -9.25 2.44 -77.50
C SER C 2040 -10.41 2.91 -78.37
N ASN C 2041 -11.61 2.96 -77.80
CA ASN C 2041 -12.79 3.39 -78.53
C ASN C 2041 -13.61 4.31 -77.64
N ASP C 2042 -14.44 5.12 -78.28
CA ASP C 2042 -15.31 6.07 -77.58
C ASP C 2042 -16.73 5.93 -78.10
N ASN C 2043 -17.71 6.20 -77.22
CA ASN C 2043 -19.12 6.08 -77.56
C ASN C 2043 -19.83 7.43 -77.53
N PHE C 2044 -19.08 8.53 -77.68
CA PHE C 2044 -19.62 9.89 -77.77
C PHE C 2044 -20.43 10.27 -76.53
N LEU C 2045 -20.14 9.67 -75.39
CA LEU C 2045 -20.86 9.97 -74.15
C LEU C 2045 -19.86 9.86 -72.99
N MET C 2046 -19.45 11.01 -72.46
CA MET C 2046 -18.50 11.01 -71.35
C MET C 2046 -19.19 10.80 -70.01
N ARG C 2047 -20.30 11.51 -69.79
CA ARG C 2047 -21.06 11.44 -68.54
C ARG C 2047 -20.17 11.77 -67.34
N ASN C 2048 -19.67 13.01 -67.35
CA ASN C 2048 -18.72 13.43 -66.33
C ASN C 2048 -19.32 13.36 -64.94
N VAL C 2049 -18.48 12.99 -63.97
CA VAL C 2049 -18.88 12.83 -62.59
C VAL C 2049 -18.05 13.77 -61.72
N THR C 2050 -18.57 14.06 -60.53
CA THR C 2050 -17.88 14.89 -59.57
C THR C 2050 -18.13 14.39 -58.16
N LEU C 2051 -17.10 14.47 -57.33
CA LEU C 2051 -17.17 14.03 -55.94
C LEU C 2051 -17.66 15.17 -55.05
N ASP C 2052 -18.29 14.80 -53.93
CA ASP C 2052 -18.75 15.74 -52.91
C ASP C 2052 -18.23 15.29 -51.55
N LEU C 2053 -16.91 15.10 -51.46
CA LEU C 2053 -16.24 14.57 -50.29
C LEU C 2053 -16.59 15.33 -49.02
N GLY C 2054 -16.48 14.65 -47.88
CA GLY C 2054 -16.93 15.24 -46.63
C GLY C 2054 -16.07 16.39 -46.16
N GLY C 2055 -14.76 16.20 -46.15
CA GLY C 2055 -13.85 17.23 -45.69
C GLY C 2055 -13.05 16.82 -44.48
N PHE C 2056 -12.73 15.53 -44.38
CA PHE C 2056 -11.92 15.03 -43.28
C PHE C 2056 -10.57 15.73 -43.25
N SER C 2057 -9.95 15.73 -42.06
CA SER C 2057 -8.71 16.46 -41.81
C SER C 2057 -7.62 15.49 -41.37
N PRO C 2058 -6.86 14.92 -42.31
CA PRO C 2058 -5.71 14.06 -41.96
C PRO C 2058 -4.40 14.85 -41.82
N GLU C 2059 -4.30 15.59 -40.71
CA GLU C 2059 -3.15 16.47 -40.47
C GLU C 2059 -2.49 16.15 -39.13
N LEU C 2060 -2.23 14.87 -38.87
CA LEU C 2060 -1.82 14.42 -37.54
C LEU C 2060 -0.37 13.95 -37.48
N SER C 2061 0.44 14.22 -38.51
CA SER C 2061 1.86 13.85 -38.47
C SER C 2061 2.74 14.99 -37.99
N ASP C 2062 2.76 16.10 -38.74
CA ASP C 2062 3.48 17.33 -38.36
C ASP C 2062 4.90 17.06 -37.86
N LYS C 2063 5.53 16.00 -38.34
CA LYS C 2063 6.85 15.59 -37.86
C LYS C 2063 7.75 15.33 -39.06
N TYR C 2064 9.00 14.94 -38.77
CA TYR C 2064 9.90 14.47 -39.82
C TYR C 2064 9.50 13.10 -40.36
N SER C 2065 8.55 12.43 -39.71
CA SER C 2065 8.14 11.10 -40.14
C SER C 2065 7.58 11.14 -41.55
N TYR C 2066 7.95 10.13 -42.34
CA TYR C 2066 7.55 10.02 -43.73
C TYR C 2066 6.17 9.39 -43.91
N ARG C 2067 5.35 9.39 -42.84
CA ARG C 2067 3.98 8.89 -42.85
C ARG C 2067 3.94 7.41 -43.26
N LEU C 2068 4.52 6.61 -42.37
CA LEU C 2068 4.36 5.14 -42.32
C LEU C 2068 4.77 4.41 -43.58
N SER C 2069 5.35 5.10 -44.55
CA SER C 2069 5.83 4.45 -45.77
C SER C 2069 6.72 5.41 -46.53
N GLY C 2070 7.69 4.86 -47.25
CA GLY C 2070 8.59 5.64 -48.07
C GLY C 2070 9.82 4.86 -48.47
N PRO C 2071 10.26 5.02 -49.72
CA PRO C 2071 11.48 4.33 -50.18
C PRO C 2071 12.77 4.91 -49.63
N GLU C 2072 12.72 6.10 -49.02
CA GLU C 2072 13.91 6.79 -48.52
C GLU C 2072 13.71 7.13 -47.06
N ASN C 2073 14.59 6.63 -46.20
CA ASN C 2073 14.56 6.93 -44.77
C ASN C 2073 15.98 7.08 -44.24
N GLN C 2074 16.10 7.87 -43.16
CA GLN C 2074 17.29 7.97 -42.31
C GLN C 2074 18.55 8.28 -43.13
N GLU C 2075 18.53 9.45 -43.74
CA GLU C 2075 19.72 10.01 -44.40
C GLU C 2075 19.78 11.51 -44.11
N ASP C 2076 20.80 12.15 -44.68
CA ASP C 2076 21.07 13.58 -44.54
C ASP C 2076 21.27 13.94 -43.06
N PRO C 2077 22.36 13.51 -42.43
CA PRO C 2077 22.56 13.83 -41.02
C PRO C 2077 23.21 15.19 -40.82
N LEU C 2078 22.68 15.94 -39.85
CA LEU C 2078 23.20 17.25 -39.51
C LEU C 2078 24.26 17.13 -38.43
N VAL C 2079 25.44 17.70 -38.69
CA VAL C 2079 26.55 17.67 -37.75
C VAL C 2079 27.00 19.09 -37.49
N LEU C 2080 27.89 19.24 -36.50
CA LEU C 2080 28.35 20.55 -36.07
C LEU C 2080 29.80 20.45 -35.65
N LYS C 2081 30.66 21.26 -36.26
CA LYS C 2081 32.08 21.25 -35.95
C LYS C 2081 32.57 22.58 -35.40
N ASP C 2082 32.27 23.70 -36.06
CA ASP C 2082 32.77 25.01 -35.67
C ASP C 2082 31.65 26.03 -35.60
N GLY C 2083 30.56 25.69 -34.91
CA GLY C 2083 29.43 26.60 -34.81
C GLY C 2083 28.70 26.84 -36.11
N ALA C 2084 28.91 26.00 -37.11
CA ALA C 2084 28.31 26.14 -38.43
C ALA C 2084 27.60 24.85 -38.81
N PHE C 2085 26.34 24.95 -39.23
CA PHE C 2085 25.57 23.79 -39.64
C PHE C 2085 26.19 23.14 -40.87
N TYR C 2086 26.50 21.85 -40.76
CA TYR C 2086 27.07 21.07 -41.86
C TYR C 2086 26.05 20.00 -42.24
N VAL C 2087 25.38 20.19 -43.37
CA VAL C 2087 24.41 19.20 -43.84
C VAL C 2087 25.11 17.94 -44.34
N GLY C 2088 26.18 18.11 -45.12
CA GLY C 2088 26.98 16.99 -45.59
C GLY C 2088 28.45 17.33 -45.65
N GLY C 2089 28.79 18.54 -45.24
CA GLY C 2089 30.16 19.02 -45.31
C GLY C 2089 30.23 20.46 -45.74
N GLU C 2090 29.09 21.01 -46.16
CA GLU C 2090 28.99 22.40 -46.60
C GLU C 2090 28.49 23.28 -45.46
N ARG C 2091 29.09 24.46 -45.33
CA ARG C 2091 28.73 25.38 -44.26
C ARG C 2091 27.47 26.16 -44.62
N LEU C 2092 26.46 26.07 -43.75
CA LEU C 2092 25.24 26.85 -43.97
C LEU C 2092 25.39 28.27 -43.44
N SER C 2093 25.60 28.42 -42.14
CA SER C 2093 25.75 29.71 -41.50
C SER C 2093 26.18 29.48 -40.05
N THR C 2094 26.48 30.58 -39.36
CA THR C 2094 26.85 30.54 -37.95
C THR C 2094 25.95 31.49 -37.18
N TYR C 2095 25.30 30.99 -36.14
CA TYR C 2095 24.46 31.81 -35.28
C TYR C 2095 25.32 32.47 -34.21
N LYS C 2096 24.99 33.72 -33.90
CA LYS C 2096 25.80 34.49 -32.97
C LYS C 2096 25.55 34.05 -31.54
N VAL C 2097 26.63 33.92 -30.77
CA VAL C 2097 26.57 33.49 -29.37
C VAL C 2097 27.57 34.32 -28.58
N GLU C 2098 27.09 34.91 -27.48
CA GLU C 2098 27.93 35.74 -26.62
C GLU C 2098 28.31 34.98 -25.35
N PHE C 2099 29.50 35.28 -24.84
CA PHE C 2099 30.02 34.63 -23.64
C PHE C 2099 30.58 35.60 -22.60
N THR C 2100 30.96 36.83 -22.98
CA THR C 2100 31.40 37.87 -22.06
C THR C 2100 32.61 37.43 -21.23
N GLY C 2101 33.43 36.52 -21.75
CA GLY C 2101 34.68 36.17 -21.07
C GLY C 2101 34.59 35.27 -19.86
N ASP C 2102 33.74 35.61 -18.89
CA ASP C 2102 33.65 34.79 -17.69
C ASP C 2102 33.06 33.42 -17.99
N LEU C 2103 32.12 33.35 -18.94
CA LEU C 2103 31.45 32.09 -19.22
C LEU C 2103 32.41 31.10 -19.90
N VAL C 2104 33.27 31.58 -20.79
CA VAL C 2104 34.17 30.67 -21.51
C VAL C 2104 35.19 30.05 -20.54
N VAL C 2105 35.71 30.85 -19.61
CA VAL C 2105 36.63 30.27 -18.62
C VAL C 2105 35.89 29.41 -17.62
N LYS C 2106 34.65 29.77 -17.28
CA LYS C 2106 33.84 28.93 -16.42
C LYS C 2106 33.60 27.56 -17.04
N ALA C 2107 33.53 27.50 -18.37
CA ALA C 2107 33.42 26.21 -19.04
C ALA C 2107 34.77 25.52 -19.17
N LEU C 2108 35.83 26.28 -19.42
CA LEU C 2108 37.17 25.72 -19.53
C LEU C 2108 37.68 25.15 -18.22
N GLY C 2109 37.08 25.54 -17.09
CA GLY C 2109 37.50 25.05 -15.79
C GLY C 2109 37.59 23.54 -15.67
N ALA C 2110 36.46 22.85 -15.83
CA ALA C 2110 36.40 21.40 -15.68
C ALA C 2110 36.13 20.78 -17.04
N LEU C 2111 37.16 20.18 -17.64
CA LEU C 2111 37.01 19.49 -18.91
C LEU C 2111 37.59 18.08 -18.81
N GLU C 2112 37.67 17.37 -19.94
CA GLU C 2112 38.08 15.97 -19.92
C GLU C 2112 39.59 15.84 -19.70
N ASP C 2113 40.38 16.38 -20.61
CA ASP C 2113 41.83 16.28 -20.53
C ASP C 2113 42.45 17.51 -21.18
N ASP C 2114 43.77 17.44 -21.43
CA ASP C 2114 44.49 18.62 -21.92
C ASP C 2114 44.19 18.88 -23.39
N GLU C 2115 44.21 17.83 -24.21
CA GLU C 2115 44.01 18.01 -25.65
C GLU C 2115 42.62 18.53 -25.98
N SER C 2116 41.63 18.23 -25.13
CA SER C 2116 40.30 18.78 -25.34
C SER C 2116 40.30 20.30 -25.17
N VAL C 2117 40.96 20.77 -24.10
CA VAL C 2117 41.09 22.22 -23.91
C VAL C 2117 41.88 22.83 -25.05
N VAL C 2118 42.90 22.12 -25.53
CA VAL C 2118 43.69 22.61 -26.66
C VAL C 2118 42.80 22.82 -27.88
N SER C 2119 42.01 21.81 -28.23
CA SER C 2119 41.11 21.93 -29.36
C SER C 2119 40.10 23.05 -29.17
N MET C 2120 39.53 23.16 -27.97
CA MET C 2120 38.53 24.19 -27.72
C MET C 2120 39.11 25.59 -27.87
N LEU C 2121 40.27 25.84 -27.26
CA LEU C 2121 40.86 27.17 -27.31
C LEU C 2121 41.48 27.48 -28.67
N HIS C 2122 41.83 26.45 -29.46
CA HIS C 2122 42.29 26.70 -30.81
C HIS C 2122 41.13 26.97 -31.76
N GLN C 2123 39.96 26.40 -31.49
CA GLN C 2123 38.78 26.60 -32.32
C GLN C 2123 37.94 27.79 -31.88
N LEU C 2124 38.23 28.38 -30.71
CA LEU C 2124 37.43 29.50 -30.23
C LEU C 2124 37.54 30.72 -31.13
N TRP C 2125 38.76 31.23 -31.32
CA TRP C 2125 38.92 32.45 -32.12
C TRP C 2125 38.49 32.29 -33.58
N PRO C 2126 38.66 31.15 -34.24
CA PRO C 2126 38.01 30.99 -35.55
C PRO C 2126 36.50 31.17 -35.50
N TYR C 2127 35.86 30.81 -34.38
CA TYR C 2127 34.45 31.11 -34.21
C TYR C 2127 34.23 32.56 -33.81
N LEU C 2128 35.19 33.17 -33.13
CA LEU C 2128 35.13 34.59 -32.84
C LEU C 2128 35.17 35.43 -34.10
N LYS C 2129 35.79 34.92 -35.17
CA LYS C 2129 35.79 35.64 -36.44
C LYS C 2129 34.38 35.77 -37.01
N ALA C 2130 33.51 34.80 -36.73
CA ALA C 2130 32.13 34.83 -37.19
C ALA C 2130 31.19 35.49 -36.19
N THR C 2131 31.71 36.02 -35.08
CA THR C 2131 30.91 36.70 -34.07
C THR C 2131 31.54 38.06 -33.79
N SER C 2132 30.93 38.81 -32.88
CA SER C 2132 31.42 40.12 -32.47
C SER C 2132 31.25 40.22 -30.95
N GLN C 2133 32.34 39.96 -30.22
CA GLN C 2133 32.30 39.99 -28.76
C GLN C 2133 33.69 40.35 -28.25
N VAL C 2134 33.87 41.63 -27.90
CA VAL C 2134 35.07 42.11 -27.23
C VAL C 2134 34.77 42.50 -25.79
N ILE C 2135 33.53 42.27 -25.34
CA ILE C 2135 33.15 42.57 -23.97
C ILE C 2135 33.86 41.67 -22.96
N LEU C 2136 34.46 40.59 -23.43
CA LEU C 2136 35.26 39.73 -22.57
C LEU C 2136 36.32 40.55 -21.83
N PHE C 2137 36.17 40.64 -20.52
CA PHE C 2137 37.00 41.53 -19.72
C PHE C 2137 38.46 41.12 -19.76
N GLN C 2138 39.32 42.03 -20.22
CA GLN C 2138 40.76 41.80 -20.24
C GLN C 2138 41.38 42.31 -18.95
N GLN C 2139 41.17 41.54 -17.89
CA GLN C 2139 41.64 41.90 -16.55
C GLN C 2139 41.99 40.61 -15.82
N GLU C 2140 41.99 40.67 -14.48
CA GLU C 2140 42.37 39.56 -13.61
C GLU C 2140 41.77 38.23 -14.04
N ASP C 2141 40.59 38.27 -14.65
CA ASP C 2141 40.00 37.05 -15.21
C ASP C 2141 40.90 36.44 -16.28
N PHE C 2142 41.55 37.29 -17.08
CA PHE C 2142 42.50 36.78 -18.06
C PHE C 2142 43.71 36.16 -17.38
N THR C 2143 44.15 36.73 -16.25
CA THR C 2143 45.23 36.12 -15.48
C THR C 2143 44.81 34.77 -14.91
N ILE C 2144 43.51 34.59 -14.66
CA ILE C 2144 43.01 33.28 -14.23
C ILE C 2144 43.00 32.30 -15.40
N VAL C 2145 42.56 32.76 -16.58
CA VAL C 2145 42.62 31.92 -17.77
C VAL C 2145 44.07 31.53 -18.08
N HIS C 2146 45.02 32.37 -17.68
CA HIS C 2146 46.44 32.07 -17.87
C HIS C 2146 46.87 30.77 -17.20
N ASP C 2147 46.02 30.17 -16.35
CA ASP C 2147 46.36 28.87 -15.77
C ASP C 2147 46.57 27.83 -16.86
N LEU C 2148 45.82 27.91 -17.95
CA LEU C 2148 46.00 27.03 -19.10
C LEU C 2148 46.98 27.68 -20.05
N TYR C 2149 48.26 27.34 -19.91
CA TYR C 2149 49.33 27.96 -20.68
C TYR C 2149 49.30 27.40 -22.10
N LYS C 2150 48.55 28.07 -22.97
CA LYS C 2150 48.34 27.66 -24.36
C LYS C 2150 48.61 28.83 -25.30
N LYS C 2151 49.78 29.45 -25.14
CA LYS C 2151 50.14 30.62 -25.94
C LYS C 2151 50.07 30.34 -27.44
N GLN C 2152 50.36 29.11 -27.85
CA GLN C 2152 50.30 28.77 -29.27
C GLN C 2152 48.89 28.90 -29.81
N LEU C 2153 47.88 28.53 -29.02
CA LEU C 2153 46.50 28.59 -29.49
C LEU C 2153 46.04 30.04 -29.66
N THR C 2154 46.44 30.93 -28.74
CA THR C 2154 46.04 32.32 -28.85
C THR C 2154 46.91 33.11 -29.80
N LYS C 2155 48.06 32.57 -30.21
CA LYS C 2155 48.94 33.24 -31.15
C LYS C 2155 48.85 32.65 -32.55
N SER C 2156 48.09 31.57 -32.74
CA SER C 2156 47.97 30.98 -34.08
C SER C 2156 47.01 31.76 -34.96
N ILE C 2157 45.91 32.26 -34.39
CA ILE C 2157 44.95 33.00 -35.20
C ILE C 2157 45.50 34.37 -35.59
N GLU C 2158 46.24 35.02 -34.69
CA GLU C 2158 46.86 36.32 -34.96
C GLU C 2158 45.83 37.36 -35.38
N LEU D 33 -16.96 43.55 -43.38
CA LEU D 33 -18.34 43.75 -43.79
C LEU D 33 -19.19 44.24 -42.63
N TYR D 34 -20.11 45.17 -42.92
CA TYR D 34 -21.00 45.72 -41.90
C TYR D 34 -22.15 44.75 -41.66
N GLY D 35 -23.18 45.22 -40.96
CA GLY D 35 -24.31 44.38 -40.62
C GLY D 35 -25.23 44.07 -41.78
N ARG D 36 -26.51 43.88 -41.51
CA ARG D 36 -27.49 43.49 -42.52
C ARG D 36 -28.36 44.66 -42.98
N TYR D 37 -27.80 45.87 -43.01
CA TYR D 37 -28.49 47.05 -43.54
C TYR D 37 -29.79 47.33 -42.77
N ASN D 38 -29.63 47.63 -41.49
CA ASN D 38 -30.77 47.97 -40.63
C ASN D 38 -30.36 49.06 -39.66
N CYS D 39 -31.38 49.73 -39.10
CA CYS D 39 -31.12 50.83 -38.18
C CYS D 39 -30.44 50.37 -36.91
N LYS D 40 -30.65 49.12 -36.50
CA LYS D 40 -30.17 48.52 -35.27
C LYS D 40 -30.80 49.12 -34.02
N CYS D 41 -31.67 50.12 -34.18
CA CYS D 41 -32.42 50.69 -33.07
C CYS D 41 -33.92 50.46 -33.17
N CYS D 42 -34.47 50.50 -34.38
CA CYS D 42 -35.89 50.25 -34.61
C CYS D 42 -36.16 49.06 -35.52
N TRP D 43 -35.14 48.57 -36.24
CA TRP D 43 -35.18 47.29 -36.97
C TRP D 43 -36.09 47.34 -38.19
N PHE D 44 -36.81 48.44 -38.40
CA PHE D 44 -37.81 48.50 -39.45
C PHE D 44 -37.56 49.61 -40.46
N ALA D 45 -36.45 50.34 -40.34
CA ALA D 45 -36.13 51.44 -41.25
C ALA D 45 -34.83 51.11 -41.98
N ASP D 46 -34.94 50.78 -43.27
CA ASP D 46 -33.78 50.54 -44.12
C ASP D 46 -33.95 51.38 -45.38
N THR D 47 -33.65 52.67 -45.27
CA THR D 47 -33.75 53.62 -46.38
C THR D 47 -32.66 54.66 -46.19
N ASN D 48 -31.74 54.73 -47.15
CA ASN D 48 -30.61 55.68 -47.16
C ASN D 48 -30.03 55.84 -45.76
N LEU D 49 -29.60 54.73 -45.20
CA LEU D 49 -29.10 54.68 -43.83
C LEU D 49 -27.70 55.31 -43.74
N ILE D 50 -27.25 55.54 -42.51
CA ILE D 50 -25.97 56.16 -42.22
C ILE D 50 -25.14 55.22 -41.38
N THR D 51 -23.87 55.07 -41.74
CA THR D 51 -22.97 54.16 -41.02
C THR D 51 -22.41 54.84 -39.78
N CYS D 52 -22.49 54.16 -38.64
CA CYS D 52 -21.91 54.60 -37.38
C CYS D 52 -20.62 53.83 -37.09
N ASN D 53 -19.89 53.51 -38.15
CA ASN D 53 -18.62 52.79 -38.09
C ASN D 53 -18.81 51.34 -37.66
N ASP D 54 -20.03 50.97 -37.29
CA ASP D 54 -20.33 49.58 -36.94
C ASP D 54 -21.66 49.07 -37.47
N HIS D 55 -22.59 49.93 -37.88
CA HIS D 55 -23.93 49.49 -38.25
C HIS D 55 -24.49 50.45 -39.30
N TYR D 56 -25.80 50.41 -39.49
CA TYR D 56 -26.47 51.20 -40.51
C TYR D 56 -27.58 52.05 -39.90
N LEU D 57 -27.23 52.78 -38.83
CA LEU D 57 -28.19 53.66 -38.15
C LEU D 57 -28.90 54.57 -39.15
N CYS D 58 -30.20 54.77 -38.91
CA CYS D 58 -31.03 55.54 -39.83
C CYS D 58 -30.85 57.03 -39.57
N LEU D 59 -31.75 57.85 -40.12
CA LEU D 59 -31.63 59.29 -40.03
C LEU D 59 -32.24 59.83 -38.74
N ARG D 60 -33.50 59.49 -38.47
CA ARG D 60 -34.20 60.08 -37.33
C ARG D 60 -33.62 59.60 -36.00
N CYS D 61 -33.27 58.32 -35.91
CA CYS D 61 -32.62 57.82 -34.70
C CYS D 61 -31.29 58.52 -34.47
N HIS D 62 -30.53 58.74 -35.56
CA HIS D 62 -29.26 59.46 -35.45
C HIS D 62 -29.47 60.87 -34.93
N GLN D 63 -30.45 61.58 -35.50
CA GLN D 63 -30.71 62.95 -35.06
C GLN D 63 -31.14 63.00 -33.60
N THR D 64 -31.98 62.04 -33.19
CA THR D 64 -32.45 62.01 -31.81
C THR D 64 -31.30 61.73 -30.85
N MET D 65 -30.45 60.75 -31.17
CA MET D 65 -29.34 60.43 -30.28
C MET D 65 -28.25 61.50 -30.31
N LEU D 66 -28.17 62.30 -31.37
CA LEU D 66 -27.25 63.43 -31.38
C LEU D 66 -27.79 64.59 -30.55
N ARG D 67 -29.10 64.83 -30.61
CA ARG D 67 -29.71 65.85 -29.77
C ARG D 67 -29.67 65.45 -28.30
N ASN D 68 -29.69 64.16 -28.01
CA ASN D 68 -29.65 63.69 -26.63
C ASN D 68 -28.31 64.02 -25.99
N SER D 69 -27.22 63.50 -26.55
CA SER D 69 -25.89 63.72 -26.01
C SER D 69 -24.88 63.51 -27.14
N GLU D 70 -23.60 63.42 -26.78
CA GLU D 70 -22.54 63.22 -27.75
C GLU D 70 -22.23 61.75 -28.00
N LEU D 71 -22.61 60.86 -27.09
CA LEU D 71 -22.35 59.44 -27.26
C LEU D 71 -23.39 58.82 -28.18
N CYS D 72 -23.14 57.58 -28.57
CA CYS D 72 -24.02 56.86 -29.48
C CYS D 72 -25.05 55.99 -28.77
N HIS D 73 -24.71 55.43 -27.61
CA HIS D 73 -25.58 54.62 -26.75
C HIS D 73 -25.96 53.28 -27.38
N ILE D 74 -25.52 53.00 -28.61
CA ILE D 74 -25.73 51.69 -29.22
C ILE D 74 -24.43 51.02 -29.65
N CYS D 75 -23.37 51.79 -29.89
CA CYS D 75 -22.05 51.24 -30.13
C CYS D 75 -20.98 51.86 -29.25
N TRP D 76 -21.32 52.89 -28.46
CA TRP D 76 -20.39 53.52 -27.52
C TRP D 76 -19.16 54.07 -28.25
N LYS D 77 -19.42 54.84 -29.30
CA LYS D 77 -18.40 55.45 -30.12
C LYS D 77 -18.83 56.87 -30.44
N PRO D 78 -17.88 57.75 -30.78
CA PRO D 78 -18.25 59.12 -31.16
C PRO D 78 -19.12 59.12 -32.41
N LEU D 79 -20.25 59.81 -32.31
CA LEU D 79 -21.21 59.83 -33.41
C LEU D 79 -20.64 60.58 -34.61
N PRO D 80 -20.98 60.16 -35.83
CA PRO D 80 -20.52 60.88 -37.02
C PRO D 80 -21.16 62.25 -37.12
N THR D 81 -20.71 63.01 -38.12
CA THR D 81 -21.21 64.36 -38.35
C THR D 81 -22.03 64.42 -39.63
MN MN E . 45.58 -15.07 24.23
ZN ZN F . 66.50 -39.78 -1.30
ZN ZN G . 29.08 -12.56 -34.23
ZN ZN H . 71.87 -2.29 16.64
ZN ZN I . 66.37 5.50 10.49
MN MN J . -38.15 25.22 -28.20
ZN ZN K . -58.87 50.35 -2.90
ZN ZN L . -10.44 38.44 24.28
ZN ZN M . -34.38 54.03 -36.77
ZN ZN N . -23.56 53.56 -33.40
#